data_4XQK
#
_entry.id   4XQK
#
_cell.length_a   62.880
_cell.length_b   112.660
_cell.length_c   146.210
_cell.angle_alpha   103.30
_cell.angle_beta   90.88
_cell.angle_gamma   105.79
#
_symmetry.space_group_name_H-M   'P 1'
#
loop_
_entity.id
_entity.type
_entity.pdbx_description
1 polymer LlaBIII
2 polymer 'DNA (28-MER)'
3 polymer 'DNA (28-MER)'
4 non-polymer 'POTASSIUM ION'
5 water water
#
loop_
_entity_poly.entity_id
_entity_poly.type
_entity_poly.pdbx_seq_one_letter_code
_entity_poly.pdbx_strand_id
1 'polypeptide(L)'
;MVAFWKECKMTKQTFDDLINQINTVSNDVQRERGTLFEKLTLAYLKNEPTYKALYQNVWLLSEVPESYGIPKKDTGVDLV
AEQKNGDLVAIQAKFYTNKVGKSEINSFVAELGKSYYQRGLIVSTMDDWNSNARETIDQNEKGIEIIGLSDLRNSQIDWS
QFNFERPENVVVKKPKKLRDYQQTAKENALAHFKENDRGQLIMAPGTGKTFTSLKISEALSKDKDGPFKVLYLVPSIQLL
TQTLRGWNNDTELTMTSMAVTSDRDASRGTDGTEDIKASDIGYPATTSSKKILQNWHDFESLPKQTDMLVVFSTYQSIEV
IGEAQKEGFPEFDFIISDEAHRTTGAHEAAKEASAFSKVHSNNNVKGLKRMYQTATPKIYGESAKKNAKDKSILLSSMDD
ESKYGEVFFRMGFGQAVSRDILTDYKVMVLAVDEAAIQKDMQRTLADPENGLNIDDVGRIVGIWNGMMRRNGYKNPIKNS
PYDGAPLERAIAFTRTIEESKKVSSQFEEVVNEYISEAIEDESIHLSMRHADGQMNALQKGEVLDWLANPNKPADEARIV
SNVRFLTEGIDIPTLDAVIFLSPKKSQVDIVQAVGRIMRKAEGKDYGYIILPIVIPTGEKPETILDNNKNYETVWQVINA
LRSVDERFEAMIDKLNMAKPKQLKVIGVGSSPDQVNDQDKTTENTPVQTELEFEWDKFEGAIFGKIVQKVGDRKYLENWS
KDVAKIAERQINWIKNKLSDKKDPISLEFKKFVSSLQHNINDSIDEKQAAEMLSQHLITKPIFEALFSEYSFVNQNPVSQ
AMESIVSELEKAGFAKEQENLEPLYESVRMRAEGIEKAEDKQKIIVTLYDKFFKTAFKATTERLGIVFTPIEVVDFIVHS
VDDVLKKHFGKSLASKDVHILDPFTGTGTFIVRTLTYLKEQMDAGEISLADITRKFMKELHANEIVLLSYYIAAINIEST
FDEINGDEEGYVPFEGIVLTDTFESTETEDTLDDDYFGTNDERLKRQQKVPITVIMGNPPYSAKQKNEDGNQIRTTYEKL
DASLQNSWVETSTATNKNNLFDSYIRAMRWSSDRISDNGVIGFITNNSFIDGNAMDGMRQSLLEEFSDIYVLNLKGGIRG
KTKDQSALEGGNIFDIMTGVTIIMLIKKSDYTVEGRIHYLDIGNNLDKYQKLEKLKNWKSLNGATSEFQNIIPNEKGDWI
NQRNSNFDELISLGNKKGSDSLFIDYTGGLKTGRDNWSWNFSKEQVELSMKSSIDYYNQYLGDTNIYKEDVPDISWTRSL
KQRFERRETQSWQGERMYLGMYRPFTKKHVYYAQAWIDRQYQMTKVLPSSTSSNLMISLSNKTGGKQFSTLIVDVLPDVN
LFTGGSQNLPKYLYRNNDTGNLFDNSEKYSAIRHEVLNKLPNLSEEDAMYYVYGLFHSIQYGKVYYEDLAKSFPKIPNVK
HKEKYIKIGKELADLHLNYENQPICEGIDVQISELNYRVKKMKHPKKGVLDTIIYNESITIKNIPEKAYEYVVNGRPAIE
WIINQYQVKTDKKSGITDDPNEFSDDPKYILNLLLSVITVSMRTLELIDELPEFEIQE
;
A,B
2 'polydeoxyribonucleotide'
;(DC)(DA)(DC)(DC)(DT)(DC)(DG)(DG)(DC)(DT)(DC)(DA)(DG)(DT)(DC)(DT)(DA)(DT)(DT)(DA)
(DG)(DC)(DT)(DA)(DG)(DA)(DG)(DC)
;
C,E
3 'polydeoxyribonucleotide'
;(DG)(DC)(DT)(DC)(DT)(DA)(DG)(DC)(DT)(DA)(DA)(DT)(DA)(DG)(DA)(DC)(DT)(DG)(DA)(DG)
(DC)(DC)(DG)(DA)(DG)(DG)(DT)(DG)
;
D,F
#
# COMPACT_ATOMS: atom_id res chain seq x y z
N LYS A 12 33.60 -40.05 24.96
CA LYS A 12 32.58 -39.30 24.25
C LYS A 12 31.40 -38.96 25.16
N GLN A 13 31.69 -38.29 26.27
CA GLN A 13 30.62 -37.92 27.21
C GLN A 13 29.77 -36.82 26.59
N THR A 14 28.51 -36.76 27.00
CA THR A 14 27.58 -35.77 26.50
C THR A 14 27.01 -34.94 27.64
N PHE A 15 26.14 -33.99 27.31
CA PHE A 15 25.53 -33.14 28.32
C PHE A 15 24.61 -33.98 29.21
N ASP A 16 24.03 -35.03 28.64
CA ASP A 16 23.15 -35.92 29.39
C ASP A 16 23.93 -36.64 30.49
N ASP A 17 25.18 -36.97 30.21
CA ASP A 17 26.02 -37.67 31.17
C ASP A 17 26.35 -36.78 32.36
N LEU A 18 26.60 -35.50 32.11
CA LEU A 18 26.88 -34.55 33.17
C LEU A 18 25.67 -34.43 34.10
N ILE A 19 24.50 -34.29 33.51
CA ILE A 19 23.27 -34.07 34.27
C ILE A 19 22.89 -35.31 35.09
N ASN A 20 23.10 -36.48 34.52
CA ASN A 20 22.82 -37.74 35.23
C ASN A 20 23.83 -37.97 36.34
N GLN A 21 24.92 -37.19 36.34
CA GLN A 21 25.91 -37.26 37.40
C GLN A 21 25.48 -36.40 38.58
N ILE A 22 24.89 -35.24 38.28
CA ILE A 22 24.40 -34.34 39.33
C ILE A 22 23.20 -34.99 40.03
N ASN A 23 22.45 -35.79 39.29
CA ASN A 23 21.30 -36.50 39.84
C ASN A 23 21.71 -37.46 40.95
N THR A 24 22.70 -38.29 40.68
CA THR A 24 23.16 -39.28 41.65
C THR A 24 23.87 -38.60 42.82
N GLY A 34 23.41 -29.37 43.49
CA GLY A 34 23.74 -28.28 44.40
C GLY A 34 24.73 -27.33 43.77
N THR A 35 25.94 -27.32 44.30
CA THR A 35 27.00 -26.45 43.79
C THR A 35 27.48 -26.90 42.43
N LEU A 36 27.29 -28.18 42.12
CA LEU A 36 27.73 -28.71 40.84
C LEU A 36 26.89 -28.15 39.70
N PHE A 37 25.65 -27.78 40.00
CA PHE A 37 24.80 -27.12 39.01
C PHE A 37 25.17 -25.65 38.95
N GLU A 38 25.55 -25.09 40.09
CA GLU A 38 26.02 -23.71 40.14
C GLU A 38 27.30 -23.55 39.32
N LYS A 39 28.01 -24.65 39.12
CA LYS A 39 29.24 -24.63 38.35
C LYS A 39 28.98 -24.69 36.85
N LEU A 40 28.07 -25.55 36.43
CA LEU A 40 27.69 -25.64 35.02
C LEU A 40 27.14 -24.30 34.55
N THR A 41 26.35 -23.66 35.41
CA THR A 41 25.76 -22.37 35.09
C THR A 41 26.83 -21.29 35.00
N LEU A 42 27.85 -21.40 35.85
CA LEU A 42 28.93 -20.43 35.89
C LEU A 42 29.87 -20.64 34.71
N ALA A 43 30.08 -21.91 34.35
CA ALA A 43 30.86 -22.25 33.17
C ALA A 43 30.15 -21.73 31.92
N TYR A 44 28.83 -21.77 31.95
CA TYR A 44 28.01 -21.34 30.83
C TYR A 44 27.97 -19.82 30.69
N LEU A 45 27.77 -19.13 31.82
CA LEU A 45 27.54 -17.69 31.80
C LEU A 45 28.80 -16.87 31.52
N LYS A 46 29.96 -17.49 31.64
CA LYS A 46 31.23 -16.79 31.45
C LYS A 46 31.88 -17.10 30.10
N ASN A 47 31.36 -18.11 29.40
CA ASN A 47 31.99 -18.59 28.17
C ASN A 47 31.05 -18.65 26.98
N GLU A 48 29.76 -18.83 27.22
CA GLU A 48 28.77 -18.75 26.14
C GLU A 48 28.86 -17.36 25.51
N PRO A 49 29.33 -17.27 24.25
CA PRO A 49 29.69 -16.00 23.61
C PRO A 49 28.74 -14.83 23.85
N THR A 50 27.44 -15.07 23.84
CA THR A 50 26.47 -13.98 23.93
C THR A 50 26.40 -13.40 25.35
N TYR A 51 26.78 -14.20 26.34
CA TYR A 51 26.77 -13.75 27.73
C TYR A 51 28.15 -13.29 28.17
N LYS A 52 29.17 -13.66 27.40
CA LYS A 52 30.49 -13.11 27.58
C LYS A 52 30.49 -11.63 27.18
N ALA A 53 29.58 -11.29 26.27
CA ALA A 53 29.49 -9.94 25.73
C ALA A 53 28.46 -9.10 26.49
N LEU A 54 27.68 -9.74 27.36
CA LEU A 54 26.68 -9.04 28.15
C LEU A 54 27.23 -8.68 29.52
N TYR A 55 27.87 -9.66 30.17
CA TYR A 55 28.35 -9.49 31.53
C TYR A 55 29.84 -9.18 31.58
N GLN A 56 30.21 -8.23 32.45
CA GLN A 56 31.62 -7.88 32.63
C GLN A 56 32.32 -8.95 33.46
N ASN A 57 31.65 -9.39 34.54
CA ASN A 57 32.14 -10.51 35.34
C ASN A 57 31.00 -11.20 36.10
N VAL A 58 31.18 -12.48 36.37
CA VAL A 58 30.16 -13.29 37.02
C VAL A 58 30.80 -14.17 38.10
N TRP A 59 30.00 -14.57 39.09
CA TRP A 59 30.55 -15.18 40.30
C TRP A 59 29.47 -15.78 41.20
N LEU A 60 29.85 -16.70 42.07
CA LEU A 60 28.95 -17.20 43.10
C LEU A 60 28.70 -16.08 44.10
N LEU A 61 27.58 -16.14 44.82
CA LEU A 61 27.30 -15.12 45.83
C LEU A 61 27.97 -15.51 47.15
N SER A 62 29.28 -15.72 47.08
CA SER A 62 30.12 -15.75 48.26
C SER A 62 31.36 -14.91 47.95
N GLU A 63 31.75 -14.92 46.68
CA GLU A 63 32.90 -14.17 46.22
C GLU A 63 32.51 -12.83 45.61
N VAL A 64 31.25 -12.44 45.74
CA VAL A 64 30.82 -11.13 45.26
C VAL A 64 31.51 -10.05 46.10
N PRO A 65 32.24 -9.12 45.44
CA PRO A 65 32.93 -8.05 46.16
C PRO A 65 32.02 -7.28 47.14
N GLU A 66 32.62 -6.66 48.15
CA GLU A 66 31.86 -6.01 49.21
C GLU A 66 31.43 -4.58 48.85
N SER A 67 31.96 -4.06 47.74
CA SER A 67 31.72 -2.66 47.37
C SER A 67 30.28 -2.36 46.98
N TYR A 68 29.47 -3.40 46.84
CA TYR A 68 28.08 -3.23 46.43
C TYR A 68 27.19 -4.39 46.87
N GLY A 69 26.00 -4.04 47.35
CA GLY A 69 24.96 -5.00 47.65
C GLY A 69 24.85 -5.41 49.11
N ILE A 70 23.98 -6.37 49.35
CA ILE A 70 23.62 -6.82 50.69
C ILE A 70 23.71 -8.35 50.74
N PRO A 71 24.42 -8.91 51.74
CA PRO A 71 24.81 -10.31 51.84
C PRO A 71 24.49 -11.19 50.62
N VAL A 77 18.95 -16.34 45.84
CA VAL A 77 19.89 -16.15 44.73
C VAL A 77 21.12 -17.04 44.91
N ASP A 78 21.52 -17.71 43.83
CA ASP A 78 22.66 -18.63 43.85
C ASP A 78 23.86 -18.00 43.16
N LEU A 79 23.59 -17.22 42.12
CA LEU A 79 24.63 -16.53 41.39
C LEU A 79 24.33 -15.04 41.30
N VAL A 80 25.33 -14.25 40.96
CA VAL A 80 25.14 -12.83 40.68
C VAL A 80 25.95 -12.45 39.45
N ALA A 81 25.47 -11.46 38.70
CA ALA A 81 26.13 -11.05 37.47
C ALA A 81 26.10 -9.53 37.31
N GLU A 82 27.25 -8.96 36.95
CA GLU A 82 27.37 -7.54 36.67
C GLU A 82 27.53 -7.32 35.17
N GLN A 83 26.58 -6.61 34.56
CA GLN A 83 26.65 -6.32 33.14
C GLN A 83 27.29 -4.96 32.91
N LYS A 84 27.76 -4.73 31.70
CA LYS A 84 28.62 -3.60 31.40
C LYS A 84 27.89 -2.27 31.62
N ASN A 85 26.57 -2.33 31.69
CA ASN A 85 25.76 -1.16 32.02
C ASN A 85 26.11 -0.64 33.41
N GLY A 86 26.54 -1.55 34.27
CA GLY A 86 26.81 -1.24 35.66
C GLY A 86 25.73 -1.83 36.55
N ASP A 87 24.63 -2.23 35.94
CA ASP A 87 23.53 -2.84 36.67
C ASP A 87 23.87 -4.28 37.04
N LEU A 88 23.31 -4.75 38.15
CA LEU A 88 23.52 -6.11 38.62
C LEU A 88 22.29 -6.97 38.38
N VAL A 89 22.51 -8.28 38.23
CA VAL A 89 21.44 -9.22 37.90
C VAL A 89 21.43 -10.38 38.89
N ALA A 90 20.27 -10.66 39.46
CA ALA A 90 20.10 -11.75 40.41
C ALA A 90 19.78 -13.06 39.69
N ILE A 91 20.76 -13.96 39.65
CA ILE A 91 20.59 -15.24 38.97
C ILE A 91 20.23 -16.34 39.96
N GLN A 92 19.21 -17.13 39.62
CA GLN A 92 18.87 -18.33 40.39
C GLN A 92 19.33 -19.56 39.64
N ALA A 93 19.98 -20.48 40.36
CA ALA A 93 20.50 -21.71 39.78
C ALA A 93 19.84 -22.92 40.43
N LYS A 94 18.57 -23.13 40.12
CA LYS A 94 17.79 -24.19 40.75
C LYS A 94 18.10 -25.56 40.17
N PHE A 95 18.23 -26.55 41.05
CA PHE A 95 18.26 -27.94 40.64
C PHE A 95 17.12 -28.71 41.29
N TYR A 96 16.00 -28.79 40.59
CA TYR A 96 14.80 -29.47 41.07
C TYR A 96 14.53 -30.77 40.34
N THR A 97 13.56 -31.52 40.83
CA THR A 97 13.05 -32.71 40.17
C THR A 97 11.52 -32.68 40.29
N ASN A 98 10.98 -31.48 40.43
CA ASN A 98 9.56 -31.28 40.70
C ASN A 98 8.96 -30.16 39.86
N LYS A 99 7.63 -30.06 39.89
CA LYS A 99 6.92 -28.98 39.22
C LYS A 99 7.22 -27.65 39.89
N VAL A 100 7.61 -26.67 39.09
CA VAL A 100 7.93 -25.34 39.61
C VAL A 100 6.69 -24.64 40.12
N GLY A 101 6.63 -24.49 41.44
CA GLY A 101 5.55 -23.74 42.09
C GLY A 101 6.08 -22.40 42.54
N LYS A 102 5.20 -21.56 43.08
CA LYS A 102 5.61 -20.24 43.53
C LYS A 102 6.47 -20.34 44.79
N SER A 103 6.39 -21.48 45.47
CA SER A 103 7.25 -21.71 46.64
C SER A 103 8.71 -21.74 46.24
N GLU A 104 8.97 -22.28 45.05
CA GLU A 104 10.33 -22.35 44.52
C GLU A 104 10.82 -20.97 44.07
N ILE A 105 9.89 -20.08 43.77
CA ILE A 105 10.21 -18.79 43.16
C ILE A 105 10.10 -17.62 44.15
N ASN A 106 9.11 -17.68 45.04
CA ASN A 106 8.77 -16.54 45.89
C ASN A 106 9.93 -15.95 46.68
N SER A 107 10.90 -16.78 47.04
CA SER A 107 12.08 -16.28 47.74
C SER A 107 12.91 -15.39 46.83
N PHE A 108 13.22 -15.88 45.64
CA PHE A 108 14.09 -15.16 44.71
C PHE A 108 13.49 -13.84 44.25
N VAL A 109 12.19 -13.82 43.98
CA VAL A 109 11.54 -12.59 43.53
C VAL A 109 11.55 -11.54 44.62
N ALA A 110 11.52 -12.00 45.88
CA ALA A 110 11.61 -11.10 47.01
C ALA A 110 13.01 -10.51 47.12
N GLU A 111 14.02 -11.36 46.93
CA GLU A 111 15.39 -10.90 46.96
C GLU A 111 15.68 -9.97 45.78
N LEU A 112 14.97 -10.19 44.68
CA LEU A 112 15.10 -9.34 43.49
C LEU A 112 14.39 -8.01 43.68
N GLY A 113 13.59 -7.91 44.74
CA GLY A 113 12.81 -6.71 45.01
C GLY A 113 13.64 -5.47 45.31
N LYS A 114 14.90 -5.67 45.70
CA LYS A 114 15.75 -4.56 46.11
C LYS A 114 15.94 -3.51 45.02
N SER A 115 16.44 -2.35 45.42
CA SER A 115 16.68 -1.24 44.49
C SER A 115 17.95 -1.46 43.69
N TYR A 116 18.95 -2.11 44.29
CA TYR A 116 20.25 -2.26 43.65
C TYR A 116 20.23 -3.34 42.57
N TYR A 117 19.24 -4.22 42.61
CA TYR A 117 19.03 -5.17 41.53
C TYR A 117 18.24 -4.52 40.40
N GLN A 118 18.75 -4.67 39.18
CA GLN A 118 18.05 -4.15 38.00
C GLN A 118 17.10 -5.21 37.45
N ARG A 119 17.56 -6.45 37.44
CA ARG A 119 16.78 -7.55 36.91
C ARG A 119 17.19 -8.87 37.57
N GLY A 120 16.66 -9.96 37.04
CA GLY A 120 17.06 -11.29 37.46
C GLY A 120 17.01 -12.26 36.29
N LEU A 121 17.60 -13.44 36.47
CA LEU A 121 17.63 -14.44 35.40
C LEU A 121 17.60 -15.84 35.99
N ILE A 122 16.49 -16.54 35.77
CA ILE A 122 16.32 -17.89 36.30
C ILE A 122 16.86 -18.94 35.35
N VAL A 123 17.69 -19.84 35.87
CA VAL A 123 18.17 -20.99 35.11
C VAL A 123 17.41 -22.23 35.57
N SER A 124 16.31 -22.53 34.89
CA SER A 124 15.44 -23.61 35.30
C SER A 124 15.94 -24.96 34.78
N THR A 125 15.77 -26.00 35.57
CA THR A 125 16.13 -27.36 35.17
C THR A 125 14.89 -28.26 35.05
N MET A 126 13.72 -27.63 35.00
CA MET A 126 12.47 -28.37 34.80
C MET A 126 11.56 -27.58 33.87
N ASP A 127 11.07 -28.25 32.83
CA ASP A 127 10.36 -27.57 31.75
C ASP A 127 8.87 -27.40 32.04
N ASP A 128 8.36 -28.05 33.09
CA ASP A 128 6.96 -27.91 33.47
C ASP A 128 6.77 -26.75 34.44
N TRP A 129 5.91 -25.82 34.06
CA TRP A 129 5.65 -24.62 34.86
C TRP A 129 4.15 -24.38 35.01
N ASN A 130 3.71 -24.12 36.25
CA ASN A 130 2.31 -23.88 36.53
C ASN A 130 1.85 -22.50 36.02
N SER A 131 0.55 -22.31 35.99
CA SER A 131 -0.04 -21.06 35.50
C SER A 131 0.37 -19.87 36.35
N ASN A 132 0.58 -20.11 37.65
CA ASN A 132 0.97 -19.05 38.56
C ASN A 132 2.36 -18.50 38.22
N ALA A 133 3.34 -19.40 38.17
CA ALA A 133 4.73 -19.02 37.98
C ALA A 133 4.96 -18.23 36.69
N ARG A 134 4.20 -18.55 35.65
CA ARG A 134 4.36 -17.88 34.37
C ARG A 134 3.81 -16.47 34.41
N GLU A 135 2.69 -16.30 35.12
CA GLU A 135 2.04 -15.00 35.20
C GLU A 135 2.84 -14.00 36.03
N THR A 136 3.34 -14.46 37.18
CA THR A 136 4.10 -13.59 38.07
C THR A 136 5.38 -13.11 37.41
N ILE A 137 6.02 -13.99 36.66
CA ILE A 137 7.28 -13.66 35.97
C ILE A 137 7.02 -12.71 34.80
N ASP A 138 5.89 -12.92 34.12
CA ASP A 138 5.51 -12.06 33.01
C ASP A 138 5.19 -10.64 33.47
N GLN A 139 4.68 -10.53 34.70
CA GLN A 139 4.21 -9.26 35.22
C GLN A 139 5.28 -8.46 35.97
N ASN A 140 6.21 -9.17 36.61
CA ASN A 140 7.27 -8.53 37.40
C ASN A 140 7.94 -7.38 36.65
N GLU A 141 7.87 -6.20 37.24
CA GLU A 141 8.23 -4.95 36.57
C GLU A 141 9.69 -4.90 36.12
N LYS A 142 10.60 -5.35 36.98
CA LYS A 142 12.02 -5.27 36.70
C LYS A 142 12.39 -6.10 35.47
N GLY A 143 11.72 -7.24 35.31
CA GLY A 143 11.95 -8.12 34.17
C GLY A 143 12.79 -9.33 34.52
N ILE A 144 12.28 -10.51 34.15
CA ILE A 144 12.99 -11.76 34.38
C ILE A 144 13.05 -12.57 33.09
N GLU A 145 14.21 -13.18 32.84
CA GLU A 145 14.42 -14.05 31.68
C GLU A 145 14.78 -15.45 32.14
N ILE A 146 14.20 -16.46 31.48
CA ILE A 146 14.42 -17.85 31.87
C ILE A 146 15.29 -18.59 30.87
N ILE A 147 16.19 -19.42 31.40
CA ILE A 147 17.02 -20.32 30.61
C ILE A 147 16.75 -21.76 31.04
N GLY A 148 16.93 -22.70 30.12
CA GLY A 148 16.65 -24.11 30.39
C GLY A 148 17.79 -25.04 30.04
N LEU A 149 17.54 -26.34 30.15
CA LEU A 149 18.53 -27.36 29.83
C LEU A 149 18.97 -27.29 28.38
N SER A 150 18.00 -27.26 27.48
CA SER A 150 18.26 -27.29 26.04
C SER A 150 19.14 -26.13 25.63
N ASP A 151 18.99 -25.00 26.30
CA ASP A 151 19.82 -23.83 26.03
C ASP A 151 21.28 -24.13 26.36
N LEU A 152 21.49 -24.89 27.43
CA LEU A 152 22.83 -25.31 27.82
C LEU A 152 23.36 -26.37 26.87
N ARG A 153 22.49 -27.32 26.50
CA ARG A 153 22.84 -28.37 25.56
C ARG A 153 23.35 -27.80 24.24
N ASN A 154 22.52 -26.97 23.63
CA ASN A 154 22.81 -26.43 22.30
C ASN A 154 23.68 -25.18 22.37
N SER A 155 24.42 -25.02 23.46
CA SER A 155 25.32 -23.89 23.63
C SER A 155 26.59 -24.10 22.80
N GLN A 156 27.44 -23.08 22.76
CA GLN A 156 28.70 -23.16 22.03
C GLN A 156 29.78 -23.88 22.85
N ILE A 157 29.42 -24.29 24.07
CA ILE A 157 30.34 -25.02 24.92
C ILE A 157 30.42 -26.49 24.53
N ASP A 158 31.64 -27.03 24.53
CA ASP A 158 31.86 -28.45 24.29
C ASP A 158 31.82 -29.19 25.61
N TRP A 159 30.69 -29.81 25.91
CA TRP A 159 30.48 -30.49 27.18
C TRP A 159 31.20 -31.83 27.25
N SER A 160 31.74 -32.28 26.12
CA SER A 160 32.43 -33.56 26.07
C SER A 160 33.84 -33.45 26.64
N GLN A 161 34.39 -32.23 26.62
CA GLN A 161 35.75 -31.99 27.11
C GLN A 161 35.73 -31.21 28.43
N PHE A 162 34.53 -30.95 28.94
CA PHE A 162 34.35 -30.34 30.26
C PHE A 162 34.22 -31.44 31.30
N ASN A 163 34.85 -31.24 32.46
CA ASN A 163 34.91 -32.27 33.50
C ASN A 163 34.54 -31.75 34.88
N PHE A 164 34.00 -32.64 35.71
CA PHE A 164 33.56 -32.26 37.05
C PHE A 164 34.69 -32.42 38.06
N GLU A 165 35.90 -32.67 37.56
CA GLU A 165 37.08 -32.35 38.32
C GLU A 165 37.06 -30.84 38.53
N ARG A 166 36.29 -30.16 37.67
CA ARG A 166 36.03 -28.73 37.79
C ARG A 166 37.30 -27.89 37.75
N PRO A 167 38.11 -28.05 36.69
CA PRO A 167 39.22 -27.11 36.49
C PRO A 167 38.74 -25.68 36.26
N GLU A 168 37.48 -25.53 35.87
CA GLU A 168 36.88 -24.24 35.56
C GLU A 168 37.50 -23.64 34.28
N ASN A 169 38.09 -24.51 33.46
CA ASN A 169 38.49 -24.16 32.11
C ASN A 169 37.61 -24.93 31.12
N VAL A 170 36.96 -24.21 30.22
CA VAL A 170 36.03 -24.84 29.29
C VAL A 170 36.45 -24.63 27.84
N VAL A 171 36.05 -25.57 26.99
CA VAL A 171 36.36 -25.51 25.57
C VAL A 171 35.16 -25.04 24.77
N VAL A 172 35.26 -23.85 24.19
CA VAL A 172 34.19 -23.31 23.36
C VAL A 172 34.32 -23.86 21.94
N LYS A 173 33.22 -24.35 21.41
CA LYS A 173 33.21 -24.96 20.07
C LYS A 173 33.79 -24.03 19.01
N LYS A 174 34.41 -24.64 18.01
CA LYS A 174 35.03 -23.91 16.91
C LYS A 174 34.02 -23.00 16.20
N PRO A 175 34.30 -21.68 16.15
CA PRO A 175 33.34 -20.79 15.47
C PRO A 175 33.26 -21.04 13.97
N LYS A 176 32.23 -20.49 13.33
CA LYS A 176 31.98 -20.76 11.93
C LYS A 176 32.98 -20.07 11.00
N LYS A 177 33.47 -20.82 10.02
CA LYS A 177 34.37 -20.29 8.99
C LYS A 177 33.59 -20.05 7.70
N LEU A 178 33.78 -18.88 7.09
CA LEU A 178 33.08 -18.55 5.85
C LEU A 178 33.66 -19.36 4.68
N ARG A 179 32.80 -19.69 3.72
CA ARG A 179 33.21 -20.49 2.58
C ARG A 179 33.35 -19.61 1.34
N ASP A 180 33.75 -20.21 0.23
CA ASP A 180 34.02 -19.47 -1.01
C ASP A 180 32.80 -18.69 -1.49
N TYR A 181 31.63 -19.31 -1.47
CA TYR A 181 30.42 -18.66 -1.97
C TYR A 181 29.95 -17.55 -1.02
N GLN A 182 30.24 -17.71 0.26
CA GLN A 182 29.96 -16.66 1.24
C GLN A 182 30.94 -15.51 1.08
N GLN A 183 32.20 -15.86 0.79
CA GLN A 183 33.22 -14.86 0.53
C GLN A 183 32.86 -14.04 -0.70
N THR A 184 32.29 -14.69 -1.69
CA THR A 184 31.86 -14.02 -2.92
C THR A 184 30.73 -13.04 -2.62
N ALA A 185 29.79 -13.47 -1.79
CA ALA A 185 28.66 -12.63 -1.41
C ALA A 185 29.14 -11.38 -0.67
N LYS A 186 30.21 -11.54 0.11
CA LYS A 186 30.80 -10.42 0.84
C LYS A 186 31.46 -9.45 -0.13
N GLU A 187 32.20 -9.99 -1.09
CA GLU A 187 32.85 -9.18 -2.10
C GLU A 187 31.83 -8.39 -2.91
N ASN A 188 30.76 -9.07 -3.32
CA ASN A 188 29.71 -8.44 -4.11
C ASN A 188 28.94 -7.40 -3.31
N ALA A 189 28.76 -7.65 -2.02
CA ALA A 189 28.04 -6.73 -1.15
C ALA A 189 28.80 -5.41 -1.02
N LEU A 190 30.09 -5.51 -0.72
CA LEU A 190 30.95 -4.33 -0.61
C LEU A 190 30.92 -3.52 -1.91
N ALA A 191 31.19 -4.19 -3.01
CA ALA A 191 31.25 -3.54 -4.32
C ALA A 191 29.93 -2.85 -4.67
N HIS A 192 28.82 -3.51 -4.34
CA HIS A 192 27.51 -3.04 -4.75
C HIS A 192 27.00 -1.88 -3.89
N PHE A 193 27.39 -1.86 -2.61
CA PHE A 193 26.87 -0.86 -1.69
C PHE A 193 27.72 0.42 -1.69
N LYS A 194 28.63 0.54 -2.64
CA LYS A 194 29.35 1.79 -2.84
C LYS A 194 28.56 2.70 -3.79
N GLU A 195 27.82 2.08 -4.70
CA GLU A 195 27.08 2.82 -5.72
C GLU A 195 25.60 3.00 -5.37
N ASN A 196 25.03 2.04 -4.64
CA ASN A 196 23.61 2.06 -4.31
C ASN A 196 23.32 1.84 -2.83
N ASP A 197 22.11 2.23 -2.41
CA ASP A 197 21.71 2.15 -1.02
C ASP A 197 20.90 0.90 -0.72
N ARG A 198 20.46 0.21 -1.77
CA ARG A 198 19.61 -0.97 -1.63
C ARG A 198 20.09 -2.11 -2.51
N GLY A 199 20.16 -3.30 -1.93
CA GLY A 199 20.49 -4.51 -2.64
C GLY A 199 19.95 -5.70 -1.87
N GLN A 200 19.58 -6.76 -2.58
CA GLN A 200 18.99 -7.93 -1.92
C GLN A 200 19.87 -9.17 -2.05
N LEU A 201 19.82 -10.02 -1.02
CA LEU A 201 20.67 -11.19 -0.91
C LEU A 201 19.84 -12.47 -0.98
N ILE A 202 20.06 -13.26 -2.03
CA ILE A 202 19.31 -14.50 -2.22
C ILE A 202 20.20 -15.72 -1.95
N MET A 203 19.79 -16.53 -0.98
CA MET A 203 20.52 -17.74 -0.64
C MET A 203 19.55 -18.84 -0.20
N ALA A 204 19.73 -20.03 -0.75
CA ALA A 204 18.86 -21.17 -0.45
C ALA A 204 18.92 -21.50 1.04
N PRO A 205 17.90 -22.19 1.55
CA PRO A 205 17.86 -22.51 2.98
C PRO A 205 19.01 -23.41 3.42
N GLY A 206 19.59 -23.11 4.58
CA GLY A 206 20.63 -23.93 5.17
C GLY A 206 22.01 -23.69 4.59
N THR A 207 22.14 -22.68 3.75
CA THR A 207 23.42 -22.38 3.12
C THR A 207 24.24 -21.42 4.00
N GLY A 208 23.57 -20.51 4.70
CA GLY A 208 24.21 -19.69 5.72
C GLY A 208 24.00 -18.19 5.59
N LYS A 209 22.78 -17.76 5.27
CA LYS A 209 22.55 -16.35 5.00
C LYS A 209 22.40 -15.49 6.25
N THR A 210 22.26 -16.10 7.42
CA THR A 210 22.23 -15.33 8.67
C THR A 210 23.66 -15.08 9.13
N PHE A 211 24.53 -16.07 8.94
CA PHE A 211 25.95 -15.95 9.23
C PHE A 211 26.64 -15.08 8.19
N THR A 212 26.12 -15.13 6.96
CA THR A 212 26.70 -14.41 5.84
C THR A 212 26.49 -12.90 5.97
N SER A 213 25.32 -12.51 6.46
CA SER A 213 24.99 -11.09 6.60
C SER A 213 25.82 -10.44 7.70
N LEU A 214 26.26 -11.25 8.65
CA LEU A 214 27.15 -10.78 9.72
C LEU A 214 28.48 -10.35 9.12
N LYS A 215 29.05 -11.19 8.26
CA LYS A 215 30.34 -10.92 7.66
C LYS A 215 30.25 -9.78 6.65
N ILE A 216 29.05 -9.56 6.11
CA ILE A 216 28.81 -8.42 5.24
C ILE A 216 28.79 -7.14 6.08
N SER A 217 28.13 -7.20 7.23
CA SER A 217 28.09 -6.07 8.15
C SER A 217 29.46 -5.78 8.74
N GLU A 218 30.17 -6.84 9.12
CA GLU A 218 31.51 -6.70 9.69
C GLU A 218 32.49 -6.10 8.70
N ALA A 219 32.34 -6.47 7.43
CA ALA A 219 33.21 -5.95 6.38
C ALA A 219 32.94 -4.47 6.13
N LEU A 220 31.66 -4.12 6.07
CA LEU A 220 31.24 -2.73 5.90
C LEU A 220 31.71 -1.86 7.07
N SER A 221 31.91 -2.48 8.22
CA SER A 221 32.27 -1.76 9.43
C SER A 221 33.64 -1.08 9.33
N LYS A 222 34.51 -1.63 8.48
CA LYS A 222 35.87 -1.13 8.36
C LYS A 222 35.93 0.32 7.87
N ASP A 223 35.09 0.63 6.87
CA ASP A 223 35.06 1.98 6.31
C ASP A 223 34.62 3.00 7.36
N LYS A 224 33.64 2.63 8.17
CA LYS A 224 33.12 3.51 9.20
C LYS A 224 33.99 3.52 10.45
N ASP A 225 34.66 4.63 10.71
CA ASP A 225 35.37 4.82 11.97
C ASP A 225 34.36 5.23 13.03
N GLY A 226 34.48 4.63 14.22
CA GLY A 226 33.46 4.73 15.24
C GLY A 226 32.61 3.48 15.19
N PRO A 227 31.53 3.42 15.99
CA PRO A 227 30.73 2.20 16.02
C PRO A 227 29.80 2.06 14.82
N PHE A 228 29.57 0.82 14.39
CA PHE A 228 28.72 0.54 13.25
C PHE A 228 27.34 0.06 13.73
N LYS A 229 26.31 0.86 13.46
CA LYS A 229 24.97 0.58 13.96
C LYS A 229 24.12 -0.17 12.93
N VAL A 230 23.67 -1.36 13.30
CA VAL A 230 22.87 -2.21 12.42
C VAL A 230 21.48 -2.46 12.99
N LEU A 231 20.49 -2.57 12.10
CA LEU A 231 19.13 -2.92 12.50
C LEU A 231 18.71 -4.22 11.82
N TYR A 232 18.59 -5.28 12.61
CA TYR A 232 18.22 -6.60 12.09
C TYR A 232 16.74 -6.87 12.36
N LEU A 233 15.94 -6.86 11.30
CA LEU A 233 14.51 -7.10 11.41
C LEU A 233 14.18 -8.56 11.08
N VAL A 234 13.17 -9.10 11.75
CA VAL A 234 12.86 -10.52 11.63
C VAL A 234 11.44 -10.80 12.17
N PRO A 235 10.66 -11.64 11.47
CA PRO A 235 9.23 -11.76 11.82
C PRO A 235 8.93 -12.34 13.20
N SER A 236 9.70 -13.32 13.66
CA SER A 236 9.39 -14.03 14.90
C SER A 236 10.34 -13.66 16.05
N ILE A 237 9.97 -14.07 17.26
CA ILE A 237 10.81 -13.86 18.44
C ILE A 237 11.84 -14.98 18.56
N GLN A 238 11.42 -16.21 18.30
CA GLN A 238 12.33 -17.34 18.25
C GLN A 238 13.44 -17.05 17.26
N LEU A 239 13.06 -16.43 16.16
CA LEU A 239 14.00 -16.11 15.08
C LEU A 239 14.90 -14.95 15.48
N LEU A 240 14.46 -14.17 16.47
CA LEU A 240 15.27 -13.08 17.02
C LEU A 240 16.36 -13.63 17.93
N THR A 241 15.99 -14.61 18.75
CA THR A 241 16.92 -15.24 19.69
C THR A 241 18.08 -15.90 18.96
N GLN A 242 17.77 -16.62 17.90
CA GLN A 242 18.78 -17.36 17.14
C GLN A 242 19.73 -16.41 16.43
N THR A 243 19.20 -15.31 15.91
CA THR A 243 20.01 -14.32 15.22
C THR A 243 20.92 -13.59 16.20
N LEU A 244 20.37 -13.24 17.36
CA LEU A 244 21.14 -12.56 18.38
C LEU A 244 22.27 -13.45 18.90
N ARG A 245 21.90 -14.67 19.28
CA ARG A 245 22.88 -15.64 19.74
C ARG A 245 23.83 -16.02 18.61
N GLY A 246 23.27 -16.21 17.42
CA GLY A 246 24.04 -16.59 16.25
C GLY A 246 25.13 -15.58 15.91
N TRP A 247 24.79 -14.30 15.93
CA TRP A 247 25.75 -13.26 15.61
C TRP A 247 26.82 -13.15 16.69
N ASN A 248 26.42 -13.27 17.95
CA ASN A 248 27.38 -13.20 19.05
C ASN A 248 28.34 -14.39 19.02
N ASN A 249 27.86 -15.53 18.53
CA ASN A 249 28.69 -16.72 18.43
C ASN A 249 29.78 -16.58 17.37
N ASP A 250 29.42 -15.96 16.24
CA ASP A 250 30.27 -15.94 15.06
C ASP A 250 30.98 -14.61 14.83
N THR A 251 30.67 -13.60 15.63
CA THR A 251 31.29 -12.29 15.45
C THR A 251 32.77 -12.33 15.77
N GLU A 252 33.57 -11.68 14.93
CA GLU A 252 35.00 -11.58 15.15
C GLU A 252 35.34 -10.20 15.73
N LEU A 253 34.33 -9.35 15.84
CA LEU A 253 34.47 -8.04 16.45
C LEU A 253 33.70 -7.98 17.76
N THR A 254 33.97 -6.96 18.57
CA THR A 254 33.19 -6.72 19.78
C THR A 254 31.82 -6.17 19.39
N MET A 255 30.77 -6.62 20.07
CA MET A 255 29.41 -6.30 19.68
C MET A 255 28.52 -5.98 20.87
N THR A 256 27.70 -4.94 20.71
CA THR A 256 26.67 -4.59 21.69
C THR A 256 25.30 -4.88 21.09
N SER A 257 24.47 -5.61 21.82
CA SER A 257 23.21 -6.11 21.28
C SER A 257 21.99 -5.52 21.99
N MET A 258 20.89 -5.39 21.26
CA MET A 258 19.63 -4.91 21.79
C MET A 258 18.45 -5.69 21.21
N ALA A 259 17.72 -6.39 22.06
CA ALA A 259 16.57 -7.18 21.64
C ALA A 259 15.27 -6.42 21.88
N VAL A 260 14.74 -5.81 20.82
CA VAL A 260 13.53 -5.01 20.91
C VAL A 260 12.30 -5.84 20.52
N THR A 261 11.23 -5.71 21.30
CA THR A 261 9.99 -6.41 21.03
C THR A 261 8.79 -5.57 21.48
N SER A 262 7.67 -5.74 20.79
CA SER A 262 6.44 -5.01 21.11
C SER A 262 5.22 -5.93 21.06
N THR A 273 -1.17 -18.44 15.89
CA THR A 273 0.17 -17.89 15.68
C THR A 273 1.11 -18.35 16.80
N GLU A 274 1.36 -19.65 16.84
CA GLU A 274 2.23 -20.26 17.84
C GLU A 274 3.64 -19.67 17.78
N ASP A 275 4.03 -18.94 18.82
CA ASP A 275 5.34 -18.31 18.88
C ASP A 275 5.81 -18.11 20.32
N ILE A 276 7.13 -17.99 20.48
CA ILE A 276 7.76 -17.86 21.79
C ILE A 276 7.52 -16.48 22.40
N LYS A 277 7.49 -16.42 23.73
CA LYS A 277 7.30 -15.16 24.44
C LYS A 277 8.63 -14.46 24.70
N ALA A 278 8.57 -13.16 24.96
CA ALA A 278 9.77 -12.34 25.08
C ALA A 278 10.56 -12.62 26.36
N SER A 279 10.00 -13.42 27.25
CA SER A 279 10.70 -13.78 28.47
C SER A 279 11.67 -14.94 28.22
N ASP A 280 11.52 -15.59 27.07
CA ASP A 280 12.34 -16.75 26.73
C ASP A 280 13.55 -16.35 25.87
N ILE A 281 13.74 -15.06 25.66
CA ILE A 281 14.84 -14.59 24.83
C ILE A 281 16.18 -14.86 25.51
N GLY A 282 16.18 -14.87 26.84
CA GLY A 282 17.41 -15.05 27.59
C GLY A 282 18.28 -13.81 27.50
N TYR A 283 17.65 -12.69 27.15
CA TYR A 283 18.37 -11.44 27.00
C TYR A 283 17.47 -10.30 27.48
N PRO A 284 18.05 -9.28 28.13
CA PRO A 284 17.25 -8.14 28.59
C PRO A 284 16.40 -7.53 27.47
N ALA A 285 15.08 -7.74 27.56
CA ALA A 285 14.16 -7.24 26.55
C ALA A 285 13.98 -5.73 26.67
N THR A 286 13.86 -5.07 25.53
CA THR A 286 13.62 -3.63 25.48
C THR A 286 12.14 -3.35 25.25
N THR A 287 11.49 -2.75 26.24
CA THR A 287 10.04 -2.60 26.23
C THR A 287 9.56 -1.48 25.31
N SER A 288 10.11 -0.28 25.48
CA SER A 288 9.58 0.90 24.80
C SER A 288 10.67 1.77 24.18
N SER A 289 10.24 2.85 23.53
CA SER A 289 11.17 3.80 22.93
C SER A 289 11.98 4.53 24.00
N LYS A 290 11.41 4.65 25.18
CA LYS A 290 12.10 5.28 26.30
C LYS A 290 13.29 4.44 26.73
N LYS A 291 13.08 3.12 26.80
CA LYS A 291 14.13 2.19 27.19
C LYS A 291 15.23 2.14 26.13
N ILE A 292 14.83 2.25 24.87
CA ILE A 292 15.78 2.24 23.76
C ILE A 292 16.77 3.40 23.87
N LEU A 293 16.24 4.60 24.07
CA LEU A 293 17.07 5.79 24.21
C LEU A 293 17.96 5.70 25.44
N GLN A 294 17.45 5.08 26.49
CA GLN A 294 18.21 4.89 27.72
C GLN A 294 19.42 4.00 27.47
N ASN A 295 19.26 3.02 26.58
CA ASN A 295 20.33 2.09 26.27
C ASN A 295 21.45 2.72 25.46
N TRP A 296 21.12 3.71 24.63
CA TRP A 296 22.13 4.35 23.80
C TRP A 296 22.92 5.37 24.60
N HIS A 297 22.25 6.07 25.51
CA HIS A 297 22.91 7.03 26.37
C HIS A 297 23.94 6.31 27.26
N ASP A 298 23.61 5.06 27.62
CA ASP A 298 24.54 4.24 28.37
C ASP A 298 25.67 3.75 27.46
N PHE A 299 25.33 3.47 26.21
CA PHE A 299 26.32 3.06 25.22
C PHE A 299 27.25 4.22 24.89
N GLU A 300 26.69 5.43 24.88
CA GLU A 300 27.46 6.62 24.57
C GLU A 300 28.39 6.97 25.74
N SER A 301 27.93 6.69 26.96
CA SER A 301 28.70 7.01 28.17
C SER A 301 29.58 5.84 28.59
N LEU A 302 29.80 4.90 27.67
CA LEU A 302 30.66 3.76 27.93
C LEU A 302 32.12 4.17 27.71
N PRO A 303 33.03 3.78 28.62
CA PRO A 303 34.44 4.16 28.47
C PRO A 303 35.04 3.80 27.11
N LYS A 304 34.81 2.56 26.66
CA LYS A 304 35.30 2.12 25.36
C LYS A 304 34.16 1.55 24.52
N GLN A 305 33.75 2.30 23.50
CA GLN A 305 32.65 1.88 22.64
C GLN A 305 33.05 0.69 21.77
N THR A 306 32.08 -0.18 21.49
CA THR A 306 32.33 -1.39 20.73
C THR A 306 32.35 -1.13 19.23
N ASP A 307 32.85 -2.10 18.47
CA ASP A 307 32.92 -1.98 17.02
C ASP A 307 31.54 -1.90 16.38
N MET A 308 30.60 -2.67 16.92
CA MET A 308 29.25 -2.73 16.36
C MET A 308 28.16 -2.64 17.44
N LEU A 309 27.16 -1.80 17.17
CA LEU A 309 25.96 -1.73 17.99
C LEU A 309 24.76 -2.21 17.18
N VAL A 310 24.45 -3.50 17.30
CA VAL A 310 23.35 -4.10 16.55
C VAL A 310 22.11 -4.16 17.44
N VAL A 311 20.95 -3.90 16.83
CA VAL A 311 19.68 -4.01 17.52
C VAL A 311 18.77 -5.00 16.81
N PHE A 312 18.60 -6.17 17.43
CA PHE A 312 17.73 -7.20 16.88
C PHE A 312 16.28 -6.89 17.25
N SER A 313 15.46 -6.68 16.23
CA SER A 313 14.07 -6.26 16.43
C SER A 313 13.12 -7.06 15.58
N THR A 314 11.87 -7.13 15.99
CA THR A 314 10.82 -7.74 15.18
C THR A 314 10.24 -6.68 14.25
N TYR A 315 9.60 -7.11 13.19
CA TYR A 315 8.99 -6.18 12.24
C TYR A 315 7.85 -5.42 12.89
N GLN A 316 7.32 -5.95 13.99
CA GLN A 316 6.21 -5.32 14.69
C GLN A 316 6.64 -4.08 15.47
N SER A 317 7.88 -4.09 15.94
CA SER A 317 8.36 -3.02 16.83
C SER A 317 8.95 -1.84 16.08
N ILE A 318 8.80 -1.83 14.76
CA ILE A 318 9.33 -0.73 13.95
C ILE A 318 8.76 0.62 14.39
N GLU A 319 7.49 0.62 14.79
CA GLU A 319 6.86 1.81 15.35
C GLU A 319 7.66 2.35 16.53
N VAL A 320 8.00 1.47 17.46
CA VAL A 320 8.72 1.86 18.67
C VAL A 320 10.11 2.42 18.36
N ILE A 321 10.77 1.84 17.36
CA ILE A 321 12.10 2.31 16.97
C ILE A 321 11.99 3.64 16.24
N GLY A 322 10.88 3.84 15.52
CA GLY A 322 10.63 5.10 14.86
C GLY A 322 10.48 6.22 15.87
N GLU A 323 9.75 5.94 16.95
CA GLU A 323 9.57 6.91 18.01
C GLU A 323 10.89 7.24 18.69
N ALA A 324 11.78 6.25 18.74
CA ALA A 324 13.10 6.46 19.32
C ALA A 324 13.92 7.39 18.44
N GLN A 325 13.91 7.14 17.14
CA GLN A 325 14.61 8.00 16.19
C GLN A 325 13.98 9.39 16.15
N LYS A 326 12.69 9.45 16.43
CA LYS A 326 11.99 10.72 16.52
C LYS A 326 12.47 11.49 17.74
N GLU A 327 12.75 10.74 18.81
CA GLU A 327 13.20 11.33 20.07
C GLU A 327 14.72 11.51 20.12
N GLY A 328 15.37 11.31 18.97
CA GLY A 328 16.78 11.61 18.82
C GLY A 328 17.71 10.42 18.75
N PHE A 329 17.15 9.22 18.56
CA PHE A 329 17.99 8.04 18.36
C PHE A 329 18.68 8.17 16.99
N PRO A 330 20.00 7.89 16.93
CA PRO A 330 20.72 8.12 15.68
C PRO A 330 20.24 7.22 14.55
N GLU A 331 20.49 7.62 13.30
CA GLU A 331 20.12 6.80 12.15
C GLU A 331 21.04 5.60 12.07
N PHE A 332 20.61 4.56 11.35
CA PHE A 332 21.38 3.34 11.23
C PHE A 332 22.29 3.36 10.01
N ASP A 333 23.46 2.73 10.15
CA ASP A 333 24.39 2.60 9.04
C ASP A 333 23.99 1.45 8.13
N PHE A 334 23.21 0.51 8.67
CA PHE A 334 22.84 -0.70 7.92
C PHE A 334 21.55 -1.29 8.45
N ILE A 335 20.57 -1.46 7.57
CA ILE A 335 19.29 -2.07 7.94
C ILE A 335 19.08 -3.40 7.22
N ILE A 336 19.21 -4.49 7.96
CA ILE A 336 19.02 -5.82 7.40
C ILE A 336 17.56 -6.25 7.53
N SER A 337 16.99 -6.70 6.42
CA SER A 337 15.60 -7.16 6.39
C SER A 337 15.53 -8.65 6.10
N ASP A 338 15.43 -9.45 7.15
CA ASP A 338 15.38 -10.90 7.02
C ASP A 338 13.96 -11.35 6.69
N GLU A 339 13.84 -12.41 5.89
CA GLU A 339 12.56 -12.88 5.40
C GLU A 339 11.86 -11.76 4.64
N ALA A 340 12.57 -11.15 3.71
CA ALA A 340 12.11 -9.96 3.02
C ALA A 340 10.92 -10.22 2.10
N HIS A 341 10.67 -11.49 1.80
CA HIS A 341 9.59 -11.85 0.89
C HIS A 341 8.22 -11.58 1.53
N ARG A 342 8.21 -11.24 2.81
CA ARG A 342 6.98 -10.93 3.53
C ARG A 342 6.80 -9.43 3.70
N THR A 343 7.77 -8.66 3.20
CA THR A 343 7.76 -7.21 3.38
C THR A 343 6.87 -6.51 2.35
N THR A 344 6.15 -7.29 1.54
CA THR A 344 5.17 -6.72 0.64
C THR A 344 3.84 -6.61 1.38
N GLY A 345 3.64 -7.49 2.35
CA GLY A 345 2.56 -7.37 3.31
C GLY A 345 1.32 -8.20 3.03
N ALA A 346 1.28 -8.87 1.89
CA ALA A 346 0.07 -9.57 1.46
C ALA A 346 -0.10 -10.93 2.11
N HIS A 347 0.92 -11.42 2.81
CA HIS A 347 0.86 -12.74 3.43
C HIS A 347 0.40 -12.71 4.88
N GLU A 348 0.38 -11.52 5.48
CA GLU A 348 0.05 -11.37 6.89
C GLU A 348 -1.37 -10.88 7.12
N ALA A 349 -1.81 -10.93 8.37
CA ALA A 349 -3.09 -10.36 8.77
C ALA A 349 -3.02 -8.85 8.62
N ALA A 350 -4.17 -8.23 8.35
CA ALA A 350 -4.22 -6.80 8.04
C ALA A 350 -3.68 -5.93 9.18
N LYS A 351 -3.79 -6.42 10.41
CA LYS A 351 -3.29 -5.69 11.56
C LYS A 351 -1.77 -5.63 11.55
N GLU A 352 -1.14 -6.78 11.34
CA GLU A 352 0.32 -6.88 11.37
C GLU A 352 0.96 -6.54 10.03
N ALA A 353 0.17 -6.64 8.96
CA ALA A 353 0.70 -6.45 7.61
C ALA A 353 1.30 -5.08 7.41
N SER A 354 0.71 -4.06 8.04
CA SER A 354 1.19 -2.69 7.93
C SER A 354 2.63 -2.57 8.40
N ALA A 355 2.93 -3.23 9.51
CA ALA A 355 4.25 -3.16 10.13
C ALA A 355 5.34 -3.71 9.21
N PHE A 356 5.00 -4.74 8.44
CA PHE A 356 5.99 -5.41 7.60
C PHE A 356 6.50 -4.54 6.46
N SER A 357 5.64 -3.68 5.93
CA SER A 357 5.98 -2.88 4.75
C SER A 357 6.60 -1.53 5.12
N LYS A 358 6.63 -1.19 6.40
CA LYS A 358 7.07 0.12 6.84
C LYS A 358 8.59 0.29 6.79
N VAL A 359 9.31 -0.78 6.46
CA VAL A 359 10.77 -0.75 6.48
C VAL A 359 11.35 0.00 5.27
N HIS A 360 10.60 -0.01 4.16
CA HIS A 360 11.13 0.43 2.88
C HIS A 360 11.45 1.93 2.80
N SER A 361 10.90 2.72 3.72
CA SER A 361 11.08 4.18 3.70
C SER A 361 11.80 4.69 4.94
N ASN A 362 12.67 5.68 4.73
CA ASN A 362 13.37 6.33 5.83
C ASN A 362 12.42 7.11 6.73
N ASN A 363 11.21 7.34 6.24
CA ASN A 363 10.19 8.05 7.02
C ASN A 363 9.86 7.31 8.30
N ASN A 364 9.87 5.97 8.23
CA ASN A 364 9.58 5.15 9.39
C ASN A 364 10.84 4.85 10.19
N VAL A 365 11.90 4.43 9.50
CA VAL A 365 13.18 4.15 10.13
C VAL A 365 14.33 4.61 9.23
N LYS A 366 15.06 5.62 9.68
CA LYS A 366 16.15 6.18 8.88
C LYS A 366 17.37 5.27 8.85
N GLY A 367 17.89 5.03 7.66
CA GLY A 367 19.08 4.22 7.49
C GLY A 367 19.81 4.57 6.21
N LEU A 368 21.13 4.59 6.27
CA LEU A 368 21.95 4.94 5.11
C LEU A 368 21.82 3.90 4.01
N LYS A 369 21.93 2.63 4.39
CA LYS A 369 21.83 1.52 3.45
C LYS A 369 21.02 0.40 4.07
N ARG A 370 20.40 -0.43 3.24
CA ARG A 370 19.60 -1.54 3.74
C ARG A 370 19.63 -2.75 2.82
N MET A 371 19.81 -3.92 3.42
CA MET A 371 19.91 -5.18 2.68
C MET A 371 18.71 -6.08 2.96
N TYR A 372 18.08 -6.55 1.88
CA TYR A 372 16.94 -7.46 1.98
C TYR A 372 17.38 -8.89 1.67
N GLN A 373 17.35 -9.75 2.68
CA GLN A 373 17.79 -11.14 2.50
C GLN A 373 16.63 -12.11 2.63
N THR A 374 16.58 -13.08 1.70
CA THR A 374 15.53 -14.09 1.69
C THR A 374 16.01 -15.33 0.94
N ALA A 375 15.23 -16.41 1.03
CA ALA A 375 15.52 -17.65 0.32
C ALA A 375 14.56 -17.82 -0.85
N THR A 376 13.51 -17.00 -0.87
CA THR A 376 12.47 -17.09 -1.89
C THR A 376 11.94 -15.70 -2.25
N PRO A 377 12.62 -15.00 -3.17
CA PRO A 377 12.18 -13.65 -3.54
C PRO A 377 10.81 -13.63 -4.20
N LYS A 378 10.46 -14.73 -4.89
CA LYS A 378 9.15 -14.86 -5.51
C LYS A 378 8.35 -15.95 -4.81
N ILE A 379 7.13 -15.62 -4.39
CA ILE A 379 6.26 -16.57 -3.73
C ILE A 379 5.12 -17.00 -4.65
N TYR A 380 4.97 -18.32 -4.82
CA TYR A 380 3.91 -18.87 -5.64
C TYR A 380 2.85 -19.55 -4.77
N GLY A 381 1.65 -19.68 -5.30
CA GLY A 381 0.56 -20.29 -4.56
C GLY A 381 -0.70 -20.43 -5.36
N GLU A 382 -1.83 -20.54 -4.66
CA GLU A 382 -3.12 -20.75 -5.31
C GLU A 382 -3.89 -19.44 -5.44
N SER A 383 -4.64 -19.31 -6.53
CA SER A 383 -5.53 -18.17 -6.71
C SER A 383 -6.80 -18.37 -5.88
N ALA A 384 -7.56 -17.30 -5.70
CA ALA A 384 -8.80 -17.36 -4.91
C ALA A 384 -9.81 -18.28 -5.57
N LYS A 385 -9.87 -18.24 -6.90
CA LYS A 385 -10.81 -19.08 -7.64
C LYS A 385 -10.40 -20.55 -7.56
N LYS A 386 -11.36 -21.40 -7.22
CA LYS A 386 -11.12 -22.83 -7.09
C LYS A 386 -11.02 -23.51 -8.45
N ASN A 387 -11.86 -23.08 -9.39
CA ASN A 387 -11.98 -23.76 -10.67
C ASN A 387 -11.11 -23.15 -11.78
N ALA A 388 -10.06 -22.45 -11.38
CA ALA A 388 -9.13 -21.88 -12.35
C ALA A 388 -8.21 -22.95 -12.92
N LYS A 389 -7.83 -22.80 -14.19
CA LYS A 389 -6.98 -23.77 -14.86
C LYS A 389 -5.57 -23.74 -14.30
N ASP A 390 -5.10 -22.54 -13.94
CA ASP A 390 -3.76 -22.37 -13.41
C ASP A 390 -3.75 -22.51 -11.89
N LYS A 391 -2.97 -23.48 -11.40
CA LYS A 391 -2.89 -23.74 -9.97
C LYS A 391 -1.61 -23.18 -9.35
N SER A 392 -0.81 -22.50 -10.17
CA SER A 392 0.44 -21.92 -9.70
C SER A 392 0.61 -20.49 -10.21
N ILE A 393 0.33 -19.53 -9.34
CA ILE A 393 0.42 -18.12 -9.68
C ILE A 393 1.32 -17.36 -8.71
N LEU A 394 2.05 -16.39 -9.24
CA LEU A 394 2.93 -15.56 -8.42
C LEU A 394 2.15 -14.61 -7.52
N LEU A 395 2.24 -14.84 -6.21
CA LEU A 395 1.53 -14.02 -5.24
C LEU A 395 2.32 -12.75 -4.94
N SER A 396 3.56 -12.92 -4.50
CA SER A 396 4.43 -11.80 -4.16
C SER A 396 5.69 -11.83 -5.00
N SER A 397 6.40 -10.70 -5.03
CA SER A 397 7.68 -10.63 -5.71
C SER A 397 8.45 -9.38 -5.28
N MET A 398 9.77 -9.51 -5.24
CA MET A 398 10.65 -8.39 -4.90
C MET A 398 11.21 -7.80 -6.19
N ASP A 399 10.34 -7.68 -7.19
CA ASP A 399 10.73 -7.17 -8.50
C ASP A 399 10.73 -5.65 -8.55
N ASP A 400 10.18 -5.01 -7.53
CA ASP A 400 10.24 -3.57 -7.42
C ASP A 400 11.62 -3.15 -6.92
N GLU A 401 12.54 -2.99 -7.86
CA GLU A 401 13.95 -2.78 -7.51
C GLU A 401 14.23 -1.36 -7.03
N SER A 402 13.17 -0.57 -6.87
CA SER A 402 13.32 0.77 -6.31
C SER A 402 13.47 0.71 -4.80
N LYS A 403 12.64 -0.11 -4.17
CA LYS A 403 12.66 -0.25 -2.71
C LYS A 403 13.52 -1.44 -2.28
N TYR A 404 13.62 -2.45 -3.14
CA TYR A 404 14.35 -3.68 -2.81
C TYR A 404 15.76 -3.67 -3.36
N GLY A 405 16.04 -2.76 -4.29
CA GLY A 405 17.32 -2.74 -4.97
C GLY A 405 17.44 -3.95 -5.88
N GLU A 406 18.64 -4.18 -6.41
CA GLU A 406 18.90 -5.31 -7.30
C GLU A 406 19.64 -6.43 -6.57
N VAL A 407 19.57 -7.64 -7.11
CA VAL A 407 20.27 -8.77 -6.53
C VAL A 407 21.77 -8.67 -6.80
N PHE A 408 22.56 -8.58 -5.72
CA PHE A 408 24.02 -8.52 -5.85
C PHE A 408 24.64 -9.90 -5.62
N PHE A 409 23.83 -10.85 -5.17
CA PHE A 409 24.28 -12.23 -5.01
C PHE A 409 23.11 -13.20 -4.98
N ARG A 410 23.30 -14.35 -5.62
CA ARG A 410 22.25 -15.38 -5.66
C ARG A 410 22.85 -16.78 -5.66
N MET A 411 22.71 -17.47 -4.54
CA MET A 411 23.12 -18.87 -4.41
C MET A 411 21.90 -19.75 -4.50
N GLY A 412 21.62 -20.25 -5.70
CA GLY A 412 20.44 -21.06 -5.94
C GLY A 412 20.51 -22.40 -5.22
N PHE A 413 19.35 -23.00 -5.00
CA PHE A 413 19.28 -24.30 -4.36
C PHE A 413 19.95 -25.37 -5.22
N GLY A 414 19.63 -25.37 -6.50
CA GLY A 414 20.24 -26.30 -7.43
C GLY A 414 21.75 -26.12 -7.49
N GLN A 415 22.18 -24.86 -7.43
CA GLN A 415 23.60 -24.55 -7.42
C GLN A 415 24.25 -25.10 -6.15
N ALA A 416 23.51 -25.06 -5.04
CA ALA A 416 24.01 -25.54 -3.76
C ALA A 416 24.13 -27.06 -3.74
N VAL A 417 23.19 -27.73 -4.40
CA VAL A 417 23.23 -29.19 -4.50
C VAL A 417 24.34 -29.62 -5.45
N SER A 418 24.57 -28.83 -6.49
CA SER A 418 25.64 -29.11 -7.45
C SER A 418 27.01 -29.15 -6.77
N ARG A 419 27.25 -28.19 -5.89
CA ARG A 419 28.54 -28.07 -5.21
C ARG A 419 28.56 -28.82 -3.88
N ASP A 420 27.55 -29.67 -3.67
CA ASP A 420 27.52 -30.54 -2.50
C ASP A 420 27.42 -29.75 -1.20
N ILE A 421 26.77 -28.59 -1.26
CA ILE A 421 26.57 -27.77 -0.08
C ILE A 421 25.28 -28.20 0.63
N LEU A 422 24.28 -28.57 -0.15
CA LEU A 422 23.00 -29.05 0.38
C LEU A 422 22.69 -30.43 -0.19
N THR A 423 21.87 -31.18 0.54
CA THR A 423 21.36 -32.46 0.03
C THR A 423 20.16 -32.22 -0.87
N ASP A 424 20.06 -32.99 -1.94
CA ASP A 424 18.91 -32.90 -2.83
C ASP A 424 17.70 -33.55 -2.15
N TYR A 425 16.52 -32.99 -2.40
CA TYR A 425 15.30 -33.51 -1.79
C TYR A 425 14.63 -34.55 -2.68
N LYS A 426 13.65 -35.26 -2.12
CA LYS A 426 12.81 -36.16 -2.89
C LYS A 426 11.36 -36.04 -2.45
N VAL A 427 10.53 -35.47 -3.31
CA VAL A 427 9.10 -35.39 -3.06
C VAL A 427 8.47 -36.74 -3.37
N MET A 428 7.92 -37.39 -2.34
CA MET A 428 7.17 -38.61 -2.55
C MET A 428 5.70 -38.38 -2.19
N VAL A 429 4.88 -38.28 -3.22
CA VAL A 429 3.44 -38.32 -3.06
C VAL A 429 3.03 -39.79 -2.97
N LEU A 430 2.57 -40.23 -1.82
CA LEU A 430 2.10 -41.61 -1.69
C LEU A 430 0.60 -41.64 -1.49
N ALA A 431 -0.08 -42.11 -2.54
CA ALA A 431 -1.54 -42.15 -2.57
C ALA A 431 -2.03 -43.44 -1.94
N VAL A 432 -2.61 -43.33 -0.75
CA VAL A 432 -3.13 -44.51 -0.06
C VAL A 432 -4.51 -44.82 -0.63
N ASP A 433 -4.80 -46.11 -0.78
CA ASP A 433 -6.05 -46.54 -1.38
C ASP A 433 -7.14 -46.64 -0.31
N GLU A 434 -8.20 -45.85 -0.49
CA GLU A 434 -9.33 -45.86 0.45
C GLU A 434 -9.98 -47.24 0.47
N ALA A 435 -10.15 -47.82 -0.71
CA ALA A 435 -10.78 -49.13 -0.85
C ALA A 435 -10.02 -50.20 -0.08
N ALA A 436 -8.70 -50.12 -0.13
CA ALA A 436 -7.85 -51.12 0.53
C ALA A 436 -7.87 -50.94 2.05
N ILE A 437 -7.87 -49.69 2.51
CA ILE A 437 -7.87 -49.40 3.93
C ILE A 437 -9.21 -49.78 4.57
N GLN A 438 -10.30 -49.45 3.90
CA GLN A 438 -11.64 -49.66 4.44
C GLN A 438 -11.90 -51.14 4.74
N LYS A 439 -11.23 -52.02 4.01
CA LYS A 439 -11.32 -53.45 4.26
C LYS A 439 -10.59 -53.85 5.54
N ASP A 440 -9.29 -53.55 5.58
CA ASP A 440 -8.41 -54.08 6.62
C ASP A 440 -8.39 -53.25 7.90
N MET A 441 -8.76 -51.97 7.81
CA MET A 441 -8.73 -51.08 8.96
C MET A 441 -10.13 -50.87 9.54
N GLN A 442 -11.05 -51.77 9.21
CA GLN A 442 -12.44 -51.64 9.65
C GLN A 442 -12.56 -51.60 11.16
N ARG A 443 -11.62 -52.24 11.86
CA ARG A 443 -11.64 -52.25 13.32
C ARG A 443 -11.42 -50.84 13.86
N THR A 444 -10.43 -50.14 13.33
CA THR A 444 -10.12 -48.78 13.74
C THR A 444 -11.23 -47.83 13.31
N LEU A 445 -11.80 -48.09 12.14
CA LEU A 445 -12.89 -47.27 11.62
C LEU A 445 -14.13 -47.42 12.49
N ALA A 446 -14.31 -48.60 13.09
CA ALA A 446 -15.51 -48.92 13.84
C ALA A 446 -15.53 -48.24 15.21
N ASP A 447 -14.46 -48.42 15.98
CA ASP A 447 -14.39 -47.89 17.35
C ASP A 447 -14.57 -46.38 17.37
N PRO A 448 -15.67 -45.89 17.98
CA PRO A 448 -15.96 -44.46 17.96
C PRO A 448 -15.29 -43.70 19.10
N GLU A 449 -14.70 -44.42 20.06
CA GLU A 449 -13.91 -43.78 21.10
C GLU A 449 -12.76 -43.03 20.45
N ASN A 450 -12.31 -43.55 19.32
CA ASN A 450 -11.36 -42.84 18.48
C ASN A 450 -12.07 -41.72 17.71
N GLY A 451 -11.38 -40.59 17.54
CA GLY A 451 -11.91 -39.50 16.75
C GLY A 451 -11.41 -39.58 15.33
N LEU A 452 -11.12 -40.81 14.88
CA LEU A 452 -10.49 -41.04 13.58
C LEU A 452 -11.49 -41.39 12.49
N ASN A 453 -11.24 -40.90 11.28
CA ASN A 453 -12.00 -41.28 10.10
C ASN A 453 -11.08 -41.96 9.09
N ILE A 454 -11.51 -42.06 7.84
CA ILE A 454 -10.69 -42.66 6.80
C ILE A 454 -9.47 -41.78 6.51
N ASP A 455 -9.66 -40.47 6.62
CA ASP A 455 -8.58 -39.53 6.33
C ASP A 455 -7.49 -39.60 7.39
N ASP A 456 -7.89 -39.59 8.66
CA ASP A 456 -6.93 -39.62 9.76
C ASP A 456 -6.18 -40.94 9.79
N VAL A 457 -6.87 -42.03 9.44
CA VAL A 457 -6.24 -43.34 9.37
C VAL A 457 -5.39 -43.45 8.11
N GLY A 458 -5.86 -42.84 7.04
CA GLY A 458 -5.11 -42.80 5.79
C GLY A 458 -3.82 -42.03 5.96
N ARG A 459 -3.84 -41.04 6.85
CA ARG A 459 -2.66 -40.24 7.14
C ARG A 459 -1.64 -41.06 7.93
N ILE A 460 -2.11 -41.90 8.85
CA ILE A 460 -1.23 -42.70 9.69
C ILE A 460 -0.51 -43.77 8.87
N VAL A 461 -1.26 -44.52 8.07
CA VAL A 461 -0.65 -45.53 7.21
C VAL A 461 0.27 -44.85 6.21
N GLY A 462 -0.07 -43.63 5.84
CA GLY A 462 0.75 -42.86 4.92
C GLY A 462 2.09 -42.48 5.53
N ILE A 463 2.05 -42.06 6.80
CA ILE A 463 3.26 -41.74 7.53
C ILE A 463 4.14 -42.98 7.66
N TRP A 464 3.55 -44.09 8.08
CA TRP A 464 4.29 -45.33 8.26
C TRP A 464 4.94 -45.76 6.95
N ASN A 465 4.13 -45.87 5.90
CA ASN A 465 4.65 -46.28 4.60
C ASN A 465 5.64 -45.28 4.02
N GLY A 466 5.48 -44.01 4.38
CA GLY A 466 6.40 -42.98 3.95
C GLY A 466 7.74 -43.10 4.64
N MET A 467 7.70 -43.31 5.95
CA MET A 467 8.91 -43.43 6.76
C MET A 467 9.62 -44.76 6.47
N MET A 468 8.89 -45.72 5.93
CA MET A 468 9.46 -47.04 5.62
C MET A 468 10.00 -47.08 4.19
N ARG A 469 9.78 -46.01 3.44
CA ARG A 469 10.21 -45.95 2.03
C ARG A 469 9.63 -47.10 1.23
N ARG A 470 8.31 -47.26 1.30
CA ARG A 470 7.61 -48.31 0.58
C ARG A 470 7.61 -48.04 -0.92
N ASN A 471 7.71 -49.11 -1.70
CA ASN A 471 7.71 -49.00 -3.16
C ASN A 471 6.30 -48.93 -3.72
N GLY A 472 5.39 -49.67 -3.10
CA GLY A 472 3.98 -49.61 -3.46
C GLY A 472 3.61 -50.56 -4.58
N TYR A 473 2.67 -50.14 -5.42
CA TYR A 473 2.21 -50.94 -6.54
C TYR A 473 3.24 -50.88 -7.67
N LYS A 474 4.08 -51.91 -7.77
CA LYS A 474 5.12 -51.95 -8.77
C LYS A 474 4.54 -51.92 -10.19
N LYS A 478 10.25 -55.68 -8.15
CA LYS A 478 11.22 -56.39 -7.33
C LYS A 478 10.52 -57.13 -6.20
N ASN A 479 11.27 -57.98 -5.51
CA ASN A 479 10.72 -58.79 -4.42
C ASN A 479 10.54 -58.00 -3.14
N SER A 480 11.46 -57.07 -2.88
CA SER A 480 11.45 -56.32 -1.63
C SER A 480 10.35 -55.26 -1.63
N PRO A 481 9.68 -55.07 -0.47
CA PRO A 481 8.61 -54.08 -0.41
C PRO A 481 9.09 -52.64 -0.23
N TYR A 482 10.28 -52.47 0.35
CA TYR A 482 10.81 -51.13 0.63
C TYR A 482 11.97 -50.78 -0.30
N ASP A 483 12.21 -49.48 -0.47
CA ASP A 483 13.25 -49.00 -1.36
C ASP A 483 14.61 -48.98 -0.66
N GLY A 484 14.60 -48.90 0.67
CA GLY A 484 15.84 -48.89 1.44
C GLY A 484 15.59 -48.86 2.93
N ALA A 485 16.63 -48.50 3.69
CA ALA A 485 16.54 -48.44 5.14
C ALA A 485 15.60 -47.31 5.57
N PRO A 486 14.85 -47.52 6.66
CA PRO A 486 13.79 -46.58 7.06
C PRO A 486 14.32 -45.23 7.55
N LEU A 487 13.53 -44.18 7.37
CA LEU A 487 13.86 -42.86 7.89
C LEU A 487 13.69 -42.87 9.41
N GLU A 488 14.54 -42.12 10.12
CA GLU A 488 14.59 -42.19 11.58
C GLU A 488 14.03 -40.96 12.27
N ARG A 489 14.06 -39.81 11.61
CA ARG A 489 13.61 -38.56 12.20
C ARG A 489 12.75 -37.74 11.23
N ALA A 490 11.61 -37.27 11.71
CA ALA A 490 10.72 -36.47 10.86
C ALA A 490 9.85 -35.52 11.66
N ILE A 491 9.25 -34.56 10.95
CA ILE A 491 8.30 -33.62 11.53
C ILE A 491 7.04 -33.58 10.68
N ALA A 492 5.90 -33.83 11.31
CA ALA A 492 4.62 -33.82 10.63
C ALA A 492 3.90 -32.50 10.85
N PHE A 493 3.23 -32.01 9.80
CA PHE A 493 2.50 -30.75 9.86
C PHE A 493 1.02 -30.96 9.56
N THR A 494 0.17 -30.51 10.49
CA THR A 494 -1.28 -30.58 10.33
C THR A 494 -1.86 -29.16 10.30
N ARG A 495 -3.15 -29.05 10.07
CA ARG A 495 -3.82 -27.76 10.01
C ARG A 495 -4.28 -27.31 11.39
N THR A 496 -4.62 -28.28 12.24
CA THR A 496 -5.19 -27.97 13.56
C THR A 496 -4.46 -28.73 14.67
N ILE A 497 -4.55 -28.19 15.88
CA ILE A 497 -3.99 -28.84 17.07
C ILE A 497 -4.72 -30.15 17.35
N GLU A 498 -6.04 -30.13 17.14
CA GLU A 498 -6.87 -31.31 17.39
C GLU A 498 -6.42 -32.50 16.54
N GLU A 499 -6.17 -32.25 15.25
CA GLU A 499 -5.65 -33.26 14.35
C GLU A 499 -4.30 -33.78 14.80
N SER A 500 -3.36 -32.87 15.02
CA SER A 500 -2.02 -33.21 15.49
C SER A 500 -2.05 -34.10 16.73
N LYS A 501 -2.94 -33.79 17.67
CA LYS A 501 -3.11 -34.61 18.86
C LYS A 501 -3.76 -35.95 18.52
N LYS A 502 -4.73 -35.91 17.60
CA LYS A 502 -5.45 -37.11 17.19
C LYS A 502 -4.52 -38.16 16.60
N VAL A 503 -3.63 -37.74 15.70
CA VAL A 503 -2.74 -38.69 15.03
C VAL A 503 -1.76 -39.28 16.05
N SER A 504 -1.03 -38.39 16.73
CA SER A 504 0.05 -38.80 17.62
C SER A 504 -0.41 -39.67 18.80
N SER A 505 -1.53 -39.31 19.39
CA SER A 505 -2.01 -40.00 20.59
C SER A 505 -2.33 -41.47 20.32
N GLN A 506 -3.03 -41.72 19.23
CA GLN A 506 -3.48 -43.07 18.88
C GLN A 506 -2.63 -43.69 17.78
N PHE A 507 -1.49 -43.08 17.49
CA PHE A 507 -0.62 -43.56 16.41
C PHE A 507 -0.16 -45.00 16.66
N GLU A 508 0.37 -45.24 17.85
CA GLU A 508 0.94 -46.54 18.20
C GLU A 508 -0.07 -47.67 18.04
N GLU A 509 -1.33 -47.39 18.36
CA GLU A 509 -2.37 -48.40 18.30
C GLU A 509 -2.82 -48.67 16.87
N VAL A 510 -2.98 -47.60 16.08
CA VAL A 510 -3.46 -47.74 14.71
C VAL A 510 -2.48 -48.53 13.84
N VAL A 511 -1.19 -48.26 14.00
CA VAL A 511 -0.18 -48.92 13.18
C VAL A 511 -0.06 -50.41 13.51
N ASN A 512 -0.34 -50.76 14.77
CA ASN A 512 -0.30 -52.15 15.20
C ASN A 512 -1.33 -53.00 14.47
N GLU A 513 -2.54 -52.46 14.31
CA GLU A 513 -3.58 -53.14 13.55
C GLU A 513 -3.14 -53.29 12.09
N TYR A 514 -2.37 -52.33 11.61
CA TYR A 514 -1.90 -52.32 10.23
C TYR A 514 -0.68 -53.23 10.04
N ILE A 515 -0.13 -53.71 11.14
CA ILE A 515 1.09 -54.52 11.12
C ILE A 515 2.27 -53.67 10.63
N SER A 523 11.70 -55.45 12.04
CA SER A 523 11.42 -54.16 11.43
C SER A 523 11.77 -53.03 12.39
N ILE A 524 11.17 -51.86 12.20
CA ILE A 524 11.41 -50.71 13.05
C ILE A 524 10.18 -50.37 13.89
N HIS A 525 10.41 -49.89 15.11
CA HIS A 525 9.36 -49.37 15.96
C HIS A 525 9.49 -47.86 16.10
N LEU A 526 8.53 -47.12 15.55
CA LEU A 526 8.61 -45.66 15.55
C LEU A 526 7.51 -45.05 16.41
N SER A 527 7.87 -44.02 17.18
CA SER A 527 6.97 -43.36 18.12
C SER A 527 6.69 -41.93 17.69
N MET A 528 5.54 -41.40 18.12
CA MET A 528 5.14 -40.04 17.78
C MET A 528 5.03 -39.15 19.01
N ARG A 529 5.01 -37.84 18.77
CA ARG A 529 4.84 -36.84 19.83
C ARG A 529 4.01 -35.68 19.30
N HIS A 530 3.64 -34.77 20.19
CA HIS A 530 2.89 -33.58 19.83
C HIS A 530 3.51 -32.33 20.46
N ALA A 531 3.37 -31.20 19.77
CA ALA A 531 3.85 -29.92 20.28
C ALA A 531 2.93 -28.79 19.80
N ASP A 532 2.66 -27.84 20.68
CA ASP A 532 1.82 -26.69 20.35
C ASP A 532 2.29 -25.44 21.08
N GLY A 533 1.64 -24.31 20.79
CA GLY A 533 2.06 -23.03 21.32
C GLY A 533 1.80 -22.85 22.81
N GLN A 534 0.91 -23.67 23.36
CA GLN A 534 0.58 -23.58 24.78
C GLN A 534 1.74 -24.05 25.65
N MET A 535 2.71 -24.71 25.04
CA MET A 535 3.96 -25.04 25.73
C MET A 535 4.83 -23.80 25.82
N ASN A 536 5.83 -23.83 26.71
CA ASN A 536 6.80 -22.75 26.80
C ASN A 536 8.07 -23.11 26.04
N ALA A 537 9.01 -22.17 25.97
CA ALA A 537 10.23 -22.37 25.20
C ALA A 537 11.05 -23.54 25.70
N LEU A 538 10.92 -23.84 27.00
CA LEU A 538 11.70 -24.92 27.60
C LEU A 538 11.23 -26.28 27.11
N GLN A 539 9.91 -26.48 27.08
CA GLN A 539 9.33 -27.73 26.60
C GLN A 539 9.64 -27.93 25.12
N LYS A 540 9.47 -26.87 24.35
CA LYS A 540 9.80 -26.90 22.92
C LYS A 540 11.23 -27.35 22.70
N GLY A 541 12.16 -26.77 23.46
CA GLY A 541 13.56 -27.13 23.38
C GLY A 541 13.77 -28.58 23.77
N GLU A 542 12.86 -29.11 24.59
CA GLU A 542 12.96 -30.49 25.04
C GLU A 542 12.54 -31.47 23.95
N VAL A 543 11.43 -31.18 23.28
CA VAL A 543 10.90 -32.07 22.26
C VAL A 543 11.84 -32.13 21.06
N LEU A 544 12.48 -31.02 20.74
CA LEU A 544 13.40 -30.97 19.61
C LEU A 544 14.69 -31.72 19.93
N ASP A 545 15.11 -31.69 21.18
CA ASP A 545 16.27 -32.46 21.61
C ASP A 545 15.93 -33.95 21.61
N TRP A 546 14.69 -34.27 21.99
CA TRP A 546 14.21 -35.64 21.97
C TRP A 546 14.24 -36.20 20.56
N LEU A 547 13.83 -35.39 19.60
CA LEU A 547 13.83 -35.78 18.20
C LEU A 547 15.25 -35.93 17.66
N ALA A 548 16.12 -34.99 18.03
CA ALA A 548 17.46 -34.92 17.46
C ALA A 548 18.49 -35.72 18.24
N ASN A 549 18.08 -36.31 19.35
CA ASN A 549 18.99 -37.05 20.23
C ASN A 549 19.75 -38.16 19.48
N PRO A 550 21.07 -38.01 19.34
CA PRO A 550 21.83 -39.04 18.62
C PRO A 550 21.97 -40.35 19.40
N ASN A 551 21.84 -40.27 20.72
CA ASN A 551 21.90 -41.46 21.57
C ASN A 551 20.69 -42.36 21.34
N LYS A 552 19.73 -41.88 20.56
CA LYS A 552 18.59 -42.69 20.14
C LYS A 552 19.07 -44.02 19.56
N PRO A 553 18.48 -45.13 20.01
CA PRO A 553 18.93 -46.43 19.51
C PRO A 553 18.46 -46.69 18.09
N ALA A 554 19.06 -47.69 17.43
CA ALA A 554 18.53 -48.15 16.16
C ALA A 554 17.19 -48.83 16.43
N ASP A 555 16.48 -49.17 15.36
CA ASP A 555 15.14 -49.76 15.46
C ASP A 555 14.15 -48.82 16.16
N GLU A 556 14.54 -47.55 16.35
CA GLU A 556 13.63 -46.54 16.88
C GLU A 556 13.69 -45.27 16.05
N ALA A 557 12.58 -44.95 15.40
CA ALA A 557 12.43 -43.70 14.67
C ALA A 557 11.51 -42.77 15.46
N ARG A 558 11.61 -41.47 15.22
CA ARG A 558 10.88 -40.48 16.00
C ARG A 558 10.28 -39.38 15.14
N ILE A 559 8.98 -39.16 15.33
CA ILE A 559 8.25 -38.12 14.63
C ILE A 559 7.65 -37.15 15.64
N VAL A 560 7.47 -35.90 15.24
CA VAL A 560 6.83 -34.89 16.08
C VAL A 560 5.80 -34.11 15.27
N SER A 561 4.60 -34.01 15.81
CA SER A 561 3.50 -33.35 15.12
C SER A 561 3.22 -31.96 15.68
N ASN A 562 2.76 -31.06 14.81
CA ASN A 562 2.36 -29.73 15.23
C ASN A 562 1.57 -29.03 14.12
N VAL A 563 1.47 -27.71 14.22
CA VAL A 563 0.84 -26.89 13.19
C VAL A 563 1.83 -25.84 12.70
N ARG A 564 2.19 -24.91 13.58
CA ARG A 564 3.04 -23.78 13.22
C ARG A 564 4.09 -23.52 14.29
N PHE A 565 4.39 -24.54 15.08
CA PHE A 565 5.20 -24.36 16.27
C PHE A 565 6.70 -24.61 16.04
N LEU A 566 7.00 -25.64 15.25
CA LEU A 566 8.41 -26.01 14.97
C LEU A 566 8.83 -25.62 13.55
N THR A 567 8.02 -24.79 12.89
CA THR A 567 8.40 -24.23 11.60
C THR A 567 9.69 -23.44 11.76
N GLU A 568 9.77 -22.72 12.87
CA GLU A 568 10.97 -21.98 13.24
C GLU A 568 11.58 -22.64 14.47
N GLY A 569 12.90 -22.80 14.47
CA GLY A 569 13.58 -23.41 15.60
C GLY A 569 15.00 -23.86 15.30
N ILE A 570 15.54 -24.68 16.20
CA ILE A 570 16.92 -25.11 16.12
C ILE A 570 17.14 -26.04 14.92
N ASP A 571 18.14 -25.73 14.11
CA ASP A 571 18.49 -26.57 12.96
C ASP A 571 18.98 -27.93 13.43
N ILE A 572 18.41 -28.98 12.88
CA ILE A 572 18.87 -30.34 13.15
C ILE A 572 19.13 -31.02 11.79
N PRO A 573 20.42 -31.08 11.40
CA PRO A 573 20.77 -31.64 10.07
C PRO A 573 20.32 -33.09 9.86
N THR A 574 20.15 -33.83 10.93
CA THR A 574 19.82 -35.25 10.83
C THR A 574 18.35 -35.48 10.45
N LEU A 575 17.57 -34.41 10.44
CA LEU A 575 16.15 -34.48 10.11
C LEU A 575 15.94 -35.14 8.74
N ASP A 576 15.35 -36.33 8.74
CA ASP A 576 15.25 -37.12 7.51
C ASP A 576 14.07 -36.70 6.63
N ALA A 577 12.96 -36.29 7.24
CA ALA A 577 11.77 -36.00 6.45
C ALA A 577 10.86 -34.92 7.05
N VAL A 578 10.03 -34.33 6.18
CA VAL A 578 9.02 -33.37 6.58
C VAL A 578 7.67 -33.76 5.97
N ILE A 579 6.71 -34.11 6.83
CA ILE A 579 5.44 -34.63 6.37
C ILE A 579 4.34 -33.57 6.47
N PHE A 580 3.52 -33.48 5.42
CA PHE A 580 2.37 -32.58 5.41
C PHE A 580 1.08 -33.41 5.34
N LEU A 581 0.27 -33.31 6.39
CA LEU A 581 -0.91 -34.16 6.53
C LEU A 581 -2.20 -33.45 6.11
N SER A 582 -2.12 -32.14 5.90
CA SER A 582 -3.29 -31.38 5.48
C SER A 582 -2.90 -29.97 5.00
N PRO A 583 -3.81 -29.30 4.27
CA PRO A 583 -3.56 -27.95 3.78
C PRO A 583 -3.23 -26.94 4.88
N LYS A 584 -2.72 -25.78 4.50
CA LYS A 584 -2.35 -24.73 5.43
C LYS A 584 -2.93 -23.39 5.00
N LYS A 585 -3.17 -22.50 5.96
CA LYS A 585 -3.64 -21.15 5.66
C LYS A 585 -2.55 -20.34 4.99
N SER A 586 -1.39 -20.26 5.65
CA SER A 586 -0.28 -19.47 5.15
C SER A 586 0.69 -20.30 4.32
N GLN A 587 0.90 -19.90 3.07
CA GLN A 587 1.85 -20.56 2.20
C GLN A 587 3.28 -20.30 2.69
N VAL A 588 3.46 -19.17 3.37
CA VAL A 588 4.76 -18.79 3.91
C VAL A 588 5.26 -19.82 4.92
N ASP A 589 4.32 -20.47 5.61
CA ASP A 589 4.67 -21.52 6.56
C ASP A 589 5.16 -22.78 5.83
N ILE A 590 4.57 -23.07 4.68
CA ILE A 590 4.96 -24.22 3.88
C ILE A 590 6.40 -24.04 3.38
N VAL A 591 6.70 -22.84 2.89
CA VAL A 591 8.03 -22.53 2.39
C VAL A 591 9.07 -22.64 3.51
N GLN A 592 8.67 -22.27 4.72
CA GLN A 592 9.56 -22.36 5.88
C GLN A 592 9.80 -23.81 6.28
N ALA A 593 8.73 -24.60 6.29
CA ALA A 593 8.81 -26.00 6.72
C ALA A 593 9.66 -26.84 5.76
N VAL A 594 9.51 -26.58 4.46
CA VAL A 594 10.23 -27.32 3.43
C VAL A 594 11.75 -27.14 3.58
N GLY A 595 12.16 -25.99 4.09
CA GLY A 595 13.57 -25.67 4.20
C GLY A 595 14.25 -26.28 5.42
N ARG A 596 13.53 -27.12 6.14
CA ARG A 596 14.06 -27.72 7.38
C ARG A 596 14.90 -28.97 7.13
N ILE A 597 14.88 -29.47 5.89
CA ILE A 597 15.58 -30.72 5.55
C ILE A 597 16.80 -30.50 4.64
N MET A 598 17.13 -29.25 4.37
CA MET A 598 18.20 -28.94 3.42
C MET A 598 19.59 -29.30 3.94
N ARG A 599 19.83 -29.05 5.22
CA ARG A 599 21.16 -29.22 5.82
C ARG A 599 21.75 -30.60 5.62
N LYS A 600 23.08 -30.66 5.55
CA LYS A 600 23.79 -31.90 5.32
C LYS A 600 24.03 -32.70 6.59
N ALA A 601 23.83 -34.02 6.50
CA ALA A 601 24.18 -34.94 7.57
C ALA A 601 24.97 -36.10 6.98
N GLU A 602 25.85 -36.69 7.78
CA GLU A 602 26.74 -37.74 7.32
C GLU A 602 25.98 -38.94 6.73
N GLY A 603 24.80 -39.21 7.28
CA GLY A 603 24.01 -40.35 6.87
C GLY A 603 22.97 -40.04 5.81
N LYS A 604 22.60 -38.77 5.70
CA LYS A 604 21.52 -38.37 4.79
C LYS A 604 21.99 -38.31 3.34
N ASP A 605 21.41 -39.18 2.51
CA ASP A 605 21.65 -39.14 1.07
C ASP A 605 20.67 -38.17 0.43
N TYR A 606 19.44 -38.16 0.94
CA TYR A 606 18.39 -37.29 0.44
C TYR A 606 17.48 -36.81 1.57
N GLY A 607 16.98 -35.59 1.42
CA GLY A 607 15.91 -35.10 2.27
C GLY A 607 14.61 -35.54 1.63
N TYR A 608 13.61 -35.85 2.45
CA TYR A 608 12.32 -36.32 1.96
C TYR A 608 11.21 -35.40 2.44
N ILE A 609 10.23 -35.13 1.58
CA ILE A 609 9.01 -34.48 2.02
C ILE A 609 7.82 -35.32 1.55
N ILE A 610 7.05 -35.79 2.52
CA ILE A 610 6.04 -36.83 2.28
C ILE A 610 4.64 -36.25 2.34
N LEU A 611 3.81 -36.64 1.38
CA LEU A 611 2.44 -36.13 1.27
C LEU A 611 1.42 -37.26 1.29
N PRO A 612 1.06 -37.74 2.50
CA PRO A 612 0.00 -38.72 2.66
C PRO A 612 -1.32 -38.25 2.06
N ILE A 613 -1.84 -38.98 1.09
CA ILE A 613 -3.08 -38.60 0.42
C ILE A 613 -3.94 -39.83 0.21
N VAL A 614 -5.22 -39.71 0.55
CA VAL A 614 -6.19 -40.76 0.30
C VAL A 614 -6.95 -40.47 -0.98
N ILE A 615 -7.04 -41.47 -1.84
CA ILE A 615 -7.81 -41.34 -3.07
C ILE A 615 -9.22 -41.85 -2.79
N PRO A 616 -10.24 -40.98 -2.94
CA PRO A 616 -11.60 -41.49 -2.70
C PRO A 616 -11.96 -42.56 -3.72
N THR A 617 -12.31 -43.77 -3.25
CA THR A 617 -12.56 -44.89 -4.14
C THR A 617 -13.62 -44.52 -5.18
N GLY A 618 -13.30 -44.78 -6.44
CA GLY A 618 -14.15 -44.37 -7.55
C GLY A 618 -13.63 -43.11 -8.23
N GLU A 619 -12.43 -42.68 -7.84
CA GLU A 619 -11.81 -41.50 -8.44
C GLU A 619 -11.40 -41.77 -9.88
N LYS A 620 -11.59 -40.78 -10.74
CA LYS A 620 -11.20 -40.89 -12.14
C LYS A 620 -9.86 -40.19 -12.38
N PRO A 621 -9.10 -40.66 -13.40
CA PRO A 621 -7.78 -40.10 -13.66
C PRO A 621 -7.83 -38.70 -14.27
N GLU A 622 -8.95 -38.35 -14.88
CA GLU A 622 -9.10 -37.05 -15.52
C GLU A 622 -9.39 -35.96 -14.48
N THR A 623 -9.88 -36.37 -13.32
CA THR A 623 -10.27 -35.44 -12.26
C THR A 623 -9.46 -35.65 -10.99
N ILE A 624 -8.36 -36.39 -11.08
CA ILE A 624 -7.71 -36.93 -9.90
C ILE A 624 -7.12 -35.90 -8.93
N LEU A 625 -6.53 -34.82 -9.42
CA LEU A 625 -5.74 -33.94 -8.54
C LEU A 625 -6.25 -32.50 -8.37
N ASP A 626 -7.38 -32.16 -8.98
CA ASP A 626 -7.84 -30.77 -8.99
C ASP A 626 -9.18 -30.54 -8.28
N ASN A 627 -10.00 -31.58 -8.18
CA ASN A 627 -11.41 -31.41 -7.86
C ASN A 627 -11.81 -31.67 -6.40
N ASN A 628 -10.87 -31.56 -5.46
CA ASN A 628 -11.16 -31.92 -4.08
C ASN A 628 -10.15 -31.33 -3.09
N LYS A 629 -10.65 -31.07 -1.88
CA LYS A 629 -9.89 -30.34 -0.85
C LYS A 629 -8.63 -31.07 -0.40
N ASN A 630 -8.68 -32.40 -0.39
CA ASN A 630 -7.54 -33.20 0.04
C ASN A 630 -6.28 -32.92 -0.78
N TYR A 631 -6.47 -32.66 -2.07
CA TYR A 631 -5.34 -32.50 -2.98
C TYR A 631 -4.71 -31.12 -2.90
N GLU A 632 -5.30 -30.24 -2.10
CA GLU A 632 -4.78 -28.88 -1.96
C GLU A 632 -3.34 -28.88 -1.46
N THR A 633 -3.02 -29.81 -0.57
CA THR A 633 -1.71 -29.85 0.06
C THR A 633 -0.60 -30.15 -0.94
N VAL A 634 -0.94 -30.84 -2.03
CA VAL A 634 0.03 -31.16 -3.07
C VAL A 634 0.46 -29.90 -3.82
N TRP A 635 -0.52 -29.06 -4.15
CA TRP A 635 -0.26 -27.86 -4.93
C TRP A 635 0.48 -26.81 -4.10
N GLN A 636 0.28 -26.84 -2.78
CA GLN A 636 1.00 -25.94 -1.89
C GLN A 636 2.48 -26.28 -1.89
N VAL A 637 2.80 -27.57 -1.84
CA VAL A 637 4.18 -28.03 -1.85
C VAL A 637 4.83 -27.76 -3.19
N ILE A 638 4.10 -28.03 -4.27
CA ILE A 638 4.59 -27.74 -5.62
C ILE A 638 4.93 -26.26 -5.76
N ASN A 639 4.04 -25.40 -5.26
CA ASN A 639 4.28 -23.95 -5.30
C ASN A 639 5.43 -23.53 -4.38
N ALA A 640 5.64 -24.28 -3.31
CA ALA A 640 6.73 -23.99 -2.38
C ALA A 640 8.08 -24.26 -3.03
N LEU A 641 8.14 -25.30 -3.85
CA LEU A 641 9.37 -25.67 -4.53
C LEU A 641 9.66 -24.71 -5.68
N ARG A 642 8.59 -24.25 -6.33
CA ARG A 642 8.71 -23.26 -7.39
C ARG A 642 9.38 -22.00 -6.87
N SER A 643 9.16 -21.73 -5.58
CA SER A 643 9.74 -20.56 -4.93
C SER A 643 11.18 -20.83 -4.51
N VAL A 644 11.44 -22.05 -4.05
CA VAL A 644 12.73 -22.41 -3.49
C VAL A 644 13.70 -22.91 -4.56
N ASP A 645 13.23 -23.81 -5.40
CA ASP A 645 14.08 -24.48 -6.38
C ASP A 645 13.96 -23.85 -7.77
N GLU A 646 15.08 -23.37 -8.30
CA GLU A 646 15.07 -22.66 -9.57
C GLU A 646 14.95 -23.58 -10.78
N ARG A 647 15.31 -24.86 -10.59
CA ARG A 647 15.25 -25.83 -11.67
C ARG A 647 13.97 -26.66 -11.59
N PHE A 648 12.96 -26.11 -10.92
CA PHE A 648 11.69 -26.81 -10.73
C PHE A 648 10.82 -26.71 -11.97
N GLU A 649 10.87 -25.55 -12.64
CA GLU A 649 10.16 -25.37 -13.90
C GLU A 649 10.69 -26.34 -14.95
N ALA A 650 12.01 -26.53 -14.96
CA ALA A 650 12.64 -27.47 -15.86
C ALA A 650 12.28 -28.90 -15.49
N MET A 651 12.09 -29.13 -14.19
CA MET A 651 11.76 -30.47 -13.70
C MET A 651 10.40 -30.93 -14.22
N ILE A 652 9.52 -29.97 -14.48
CA ILE A 652 8.17 -30.26 -14.94
C ILE A 652 8.12 -30.38 -16.46
N ASP A 653 8.93 -29.57 -17.14
CA ASP A 653 9.07 -29.69 -18.59
C ASP A 653 9.69 -31.04 -18.96
N LYS A 654 10.40 -31.64 -18.02
CA LYS A 654 11.02 -32.94 -18.24
C LYS A 654 10.03 -34.07 -18.06
N LEU A 655 8.99 -33.84 -17.27
CA LEU A 655 7.99 -34.87 -17.00
C LEU A 655 7.35 -35.42 -18.28
N ASN A 656 7.44 -34.65 -19.36
CA ASN A 656 6.92 -35.08 -20.64
C ASN A 656 7.56 -36.38 -21.13
N MET A 657 8.89 -36.45 -21.05
CA MET A 657 9.64 -37.56 -21.65
C MET A 657 10.28 -38.48 -20.61
N ALA A 658 10.34 -38.04 -19.36
CA ALA A 658 10.97 -38.85 -18.32
C ALA A 658 10.56 -38.43 -16.91
N LYS A 659 10.54 -39.38 -15.98
CA LYS A 659 10.19 -39.12 -14.59
C LYS A 659 11.43 -38.88 -13.73
N PRO A 660 11.62 -37.65 -13.23
CA PRO A 660 12.85 -37.33 -12.49
C PRO A 660 12.95 -38.03 -11.13
N LYS A 661 14.15 -38.00 -10.55
CA LYS A 661 14.42 -38.69 -9.29
C LYS A 661 13.79 -37.99 -8.10
N GLN A 662 13.64 -36.67 -8.21
CA GLN A 662 13.14 -35.87 -7.09
C GLN A 662 11.64 -36.05 -6.85
N LEU A 663 10.94 -36.55 -7.87
CA LEU A 663 9.51 -36.83 -7.74
C LEU A 663 9.25 -38.34 -7.73
N LYS A 664 8.27 -38.74 -6.92
CA LYS A 664 7.89 -40.15 -6.82
C LYS A 664 6.44 -40.30 -6.39
N VAL A 665 5.64 -40.98 -7.21
CA VAL A 665 4.25 -41.25 -6.88
C VAL A 665 4.09 -42.71 -6.51
N ILE A 666 3.68 -42.98 -5.27
CA ILE A 666 3.65 -44.32 -4.70
C ILE A 666 2.23 -44.78 -4.40
N GLY A 667 1.89 -45.96 -4.89
CA GLY A 667 0.58 -46.54 -4.65
C GLY A 667 0.58 -47.47 -3.45
N VAL A 668 -0.04 -47.01 -2.36
CA VAL A 668 -0.02 -47.73 -1.10
C VAL A 668 -1.37 -48.38 -0.80
N GLY A 669 -1.34 -49.69 -0.56
CA GLY A 669 -2.52 -50.43 -0.17
C GLY A 669 -2.37 -50.95 1.25
N SER A 670 -2.62 -52.24 1.43
CA SER A 670 -2.43 -52.87 2.74
C SER A 670 -0.94 -53.12 2.98
N SER A 671 -0.59 -53.46 4.22
CA SER A 671 0.79 -53.74 4.58
C SER A 671 1.32 -54.95 3.82
N PRO A 672 2.64 -55.22 3.93
CA PRO A 672 3.21 -56.40 3.29
C PRO A 672 2.60 -57.72 3.77
N ASP A 673 3.10 -58.84 3.25
CA ASP A 673 2.59 -60.18 3.58
C ASP A 673 2.25 -60.35 5.06
N THR A 689 -7.27 -56.22 -5.77
CA THR A 689 -6.89 -55.34 -6.86
C THR A 689 -8.07 -54.48 -7.30
N GLU A 690 -7.94 -53.17 -7.10
CA GLU A 690 -8.98 -52.22 -7.51
C GLU A 690 -8.34 -50.94 -8.06
N LEU A 691 -7.35 -50.43 -7.35
CA LEU A 691 -6.57 -49.30 -7.82
C LEU A 691 -5.19 -49.80 -8.22
N GLU A 692 -4.86 -51.00 -7.77
CA GLU A 692 -3.65 -51.68 -8.21
C GLU A 692 -3.70 -51.91 -9.72
N PHE A 693 -4.87 -52.27 -10.21
CA PHE A 693 -5.07 -52.59 -11.62
C PHE A 693 -4.70 -51.44 -12.54
N GLU A 694 -5.37 -50.30 -12.35
CA GLU A 694 -5.22 -49.14 -13.23
C GLU A 694 -4.16 -48.17 -12.73
N TRP A 695 -3.29 -48.63 -11.84
CA TRP A 695 -2.29 -47.77 -11.20
C TRP A 695 -1.41 -47.04 -12.22
N ASP A 696 -1.05 -47.72 -13.30
CA ASP A 696 -0.20 -47.12 -14.31
C ASP A 696 -0.86 -45.91 -14.95
N LYS A 697 -2.18 -45.95 -15.07
CA LYS A 697 -2.95 -44.84 -15.63
C LYS A 697 -3.05 -43.69 -14.64
N PHE A 698 -3.24 -44.01 -13.37
CA PHE A 698 -3.40 -42.99 -12.34
C PHE A 698 -2.08 -42.32 -12.00
N GLU A 699 -1.01 -43.10 -11.94
CA GLU A 699 0.33 -42.58 -11.69
C GLU A 699 0.71 -41.56 -12.76
N GLY A 700 0.41 -41.90 -14.02
CA GLY A 700 0.74 -41.03 -15.14
C GLY A 700 -0.14 -39.80 -15.21
N ALA A 701 -1.40 -39.93 -14.80
CA ALA A 701 -2.34 -38.83 -14.85
C ALA A 701 -1.97 -37.75 -13.84
N ILE A 702 -1.40 -38.17 -12.71
CA ILE A 702 -0.94 -37.25 -11.69
C ILE A 702 0.14 -36.31 -12.24
N PHE A 703 1.12 -36.90 -12.92
CA PHE A 703 2.17 -36.11 -13.54
C PHE A 703 1.63 -35.24 -14.66
N GLY A 704 0.65 -35.77 -15.39
CA GLY A 704 0.02 -35.02 -16.47
C GLY A 704 -0.70 -33.79 -15.95
N LYS A 705 -1.34 -33.94 -14.80
CA LYS A 705 -2.05 -32.82 -14.19
C LYS A 705 -1.08 -31.74 -13.72
N ILE A 706 0.07 -32.16 -13.19
CA ILE A 706 1.11 -31.23 -12.79
C ILE A 706 1.58 -30.40 -13.99
N VAL A 707 2.09 -31.08 -15.01
CA VAL A 707 2.54 -30.43 -16.24
C VAL A 707 1.50 -29.48 -16.83
N GLN A 708 0.23 -29.88 -16.76
CA GLN A 708 -0.86 -29.11 -17.35
C GLN A 708 -1.15 -27.80 -16.61
N LYS A 709 -1.19 -27.86 -15.28
CA LYS A 709 -1.79 -26.80 -14.48
C LYS A 709 -0.78 -25.81 -13.89
N VAL A 710 0.45 -26.25 -13.65
CA VAL A 710 1.48 -25.32 -13.20
C VAL A 710 1.78 -24.40 -14.39
N GLY A 711 1.54 -23.11 -14.20
CA GLY A 711 1.45 -22.18 -15.32
C GLY A 711 2.66 -21.34 -15.64
N ASP A 712 2.78 -20.98 -16.91
CA ASP A 712 3.75 -20.00 -17.39
C ASP A 712 5.17 -20.27 -16.93
N ARG A 713 5.79 -21.31 -17.48
CA ARG A 713 7.20 -21.57 -17.27
C ARG A 713 8.00 -20.94 -18.41
N LYS A 714 8.61 -19.78 -18.13
CA LYS A 714 9.27 -19.00 -19.18
C LYS A 714 10.74 -18.76 -18.86
N TYR A 715 11.37 -19.69 -18.16
CA TYR A 715 12.73 -19.49 -17.68
C TYR A 715 13.73 -19.32 -18.81
N LEU A 716 13.56 -20.07 -19.90
CA LEU A 716 14.50 -19.97 -21.02
C LEU A 716 14.43 -18.61 -21.70
N GLU A 717 13.22 -18.14 -22.00
CA GLU A 717 13.06 -16.89 -22.73
C GLU A 717 13.23 -15.67 -21.83
N ASN A 718 13.20 -15.88 -20.52
CA ASN A 718 13.48 -14.81 -19.57
C ASN A 718 15.00 -14.60 -19.43
N TRP A 719 15.73 -15.70 -19.31
CA TRP A 719 17.18 -15.64 -19.19
C TRP A 719 17.83 -15.22 -20.51
N SER A 720 17.19 -15.55 -21.62
CA SER A 720 17.70 -15.19 -22.94
C SER A 720 17.87 -13.68 -23.06
N LYS A 721 17.01 -12.94 -22.36
CA LYS A 721 17.12 -11.49 -22.31
C LYS A 721 18.41 -11.09 -21.59
N ASP A 722 18.68 -11.76 -20.48
CA ASP A 722 19.89 -11.49 -19.72
C ASP A 722 21.14 -11.88 -20.52
N VAL A 723 21.03 -12.95 -21.28
CA VAL A 723 22.15 -13.44 -22.08
C VAL A 723 22.51 -12.45 -23.19
N ALA A 724 21.49 -11.94 -23.87
CA ALA A 724 21.69 -11.00 -24.97
C ALA A 724 22.41 -9.75 -24.51
N LYS A 725 22.10 -9.29 -23.29
CA LYS A 725 22.68 -8.08 -22.75
C LYS A 725 24.17 -8.26 -22.43
N ILE A 726 24.55 -9.47 -22.04
CA ILE A 726 25.95 -9.77 -21.77
C ILE A 726 26.74 -9.76 -23.08
N ALA A 727 26.16 -10.36 -24.11
CA ALA A 727 26.81 -10.41 -25.42
C ALA A 727 27.05 -9.00 -25.96
N GLU A 728 26.14 -8.09 -25.63
CA GLU A 728 26.27 -6.70 -26.06
C GLU A 728 27.46 -6.04 -25.37
N ARG A 729 27.64 -6.37 -24.10
CA ARG A 729 28.79 -5.88 -23.33
C ARG A 729 30.09 -6.42 -23.87
N GLN A 730 30.11 -7.73 -24.15
CA GLN A 730 31.30 -8.40 -24.63
C GLN A 730 31.76 -7.84 -25.98
N ILE A 731 30.80 -7.58 -26.86
CA ILE A 731 31.10 -7.08 -28.20
C ILE A 731 31.58 -5.64 -28.16
N ASN A 732 30.99 -4.82 -27.30
CA ASN A 732 31.44 -3.45 -27.10
C ASN A 732 32.87 -3.41 -26.55
N TRP A 733 33.14 -4.33 -25.63
CA TRP A 733 34.48 -4.44 -25.04
C TRP A 733 35.52 -4.70 -26.11
N ILE A 734 35.17 -5.52 -27.09
CA ILE A 734 36.07 -5.85 -28.18
C ILE A 734 36.32 -4.62 -29.05
N LYS A 735 35.25 -3.90 -29.37
CA LYS A 735 35.33 -2.71 -30.20
C LYS A 735 36.30 -1.69 -29.62
N ASN A 736 36.26 -1.53 -28.31
CA ASN A 736 37.14 -0.59 -27.62
C ASN A 736 38.61 -0.98 -27.74
N LYS A 737 38.89 -2.26 -27.52
CA LYS A 737 40.27 -2.73 -27.55
C LYS A 737 40.83 -2.79 -28.97
N LEU A 738 39.95 -2.93 -29.95
CA LEU A 738 40.36 -2.93 -31.34
C LEU A 738 40.70 -1.52 -31.82
N SER A 739 40.22 -0.52 -31.09
CA SER A 739 40.54 0.87 -31.43
C SER A 739 42.03 1.10 -31.32
N ASP A 740 42.65 0.47 -30.33
CA ASP A 740 44.10 0.46 -30.22
C ASP A 740 44.66 -0.57 -31.19
N LYS A 741 44.88 -0.14 -32.43
CA LYS A 741 45.40 -1.03 -33.47
C LYS A 741 46.74 -1.65 -33.05
N LYS A 742 47.46 -0.93 -32.20
CA LYS A 742 48.78 -1.37 -31.76
C LYS A 742 48.73 -2.33 -30.57
N ASP A 743 47.71 -2.18 -29.73
CA ASP A 743 47.56 -3.00 -28.52
C ASP A 743 47.82 -4.47 -28.80
N PRO A 744 48.57 -5.14 -27.91
CA PRO A 744 49.14 -6.45 -28.24
C PRO A 744 48.10 -7.55 -28.39
N ILE A 745 47.03 -7.48 -27.60
CA ILE A 745 45.97 -8.49 -27.68
C ILE A 745 45.17 -8.30 -28.96
N SER A 746 45.10 -7.06 -29.44
CA SER A 746 44.38 -6.75 -30.67
C SER A 746 45.06 -7.45 -31.85
N LEU A 747 46.39 -7.59 -31.78
CA LEU A 747 47.12 -8.31 -32.79
C LEU A 747 46.70 -9.78 -32.79
N GLU A 748 46.59 -10.35 -31.60
CA GLU A 748 46.19 -11.75 -31.46
C GLU A 748 44.77 -11.97 -31.95
N PHE A 749 43.92 -10.95 -31.81
CA PHE A 749 42.54 -11.04 -32.27
C PHE A 749 42.48 -10.89 -33.79
N LYS A 750 43.45 -10.17 -34.34
CA LYS A 750 43.55 -10.03 -35.80
C LYS A 750 43.90 -11.38 -36.42
N LYS A 751 44.75 -12.15 -35.76
CA LYS A 751 45.13 -13.47 -36.25
C LYS A 751 43.95 -14.43 -36.15
N PHE A 752 43.04 -14.14 -35.23
CA PHE A 752 41.86 -14.97 -35.05
C PHE A 752 40.88 -14.76 -36.20
N VAL A 753 40.70 -13.51 -36.60
CA VAL A 753 39.88 -13.19 -37.76
C VAL A 753 40.54 -13.73 -39.02
N SER A 754 41.86 -13.62 -39.07
CA SER A 754 42.64 -14.15 -40.18
C SER A 754 42.48 -15.66 -40.29
N SER A 755 42.33 -16.31 -39.14
CA SER A 755 42.14 -17.76 -39.09
C SER A 755 40.75 -18.15 -39.56
N LEU A 756 39.73 -17.42 -39.10
CA LEU A 756 38.37 -17.64 -39.57
C LEU A 756 38.30 -17.39 -41.06
N GLN A 757 38.99 -16.35 -41.52
CA GLN A 757 38.98 -15.98 -42.92
C GLN A 757 39.59 -17.08 -43.80
N HIS A 758 40.58 -17.78 -43.26
CA HIS A 758 41.25 -18.85 -43.98
C HIS A 758 40.34 -20.07 -44.11
N ASN A 759 39.59 -20.35 -43.05
CA ASN A 759 38.73 -21.53 -42.99
C ASN A 759 37.38 -21.31 -43.64
N ILE A 760 36.88 -20.07 -43.61
CA ILE A 760 35.54 -19.76 -44.10
C ILE A 760 35.59 -18.84 -45.33
N ASN A 761 35.58 -17.53 -45.11
CA ASN A 761 35.46 -16.56 -46.20
C ASN A 761 36.31 -15.31 -46.03
N ASP A 762 36.55 -14.61 -47.14
CA ASP A 762 37.16 -13.29 -47.08
C ASP A 762 36.18 -12.31 -46.46
N SER A 763 34.89 -12.58 -46.65
CA SER A 763 33.83 -11.68 -46.22
C SER A 763 33.75 -11.52 -44.71
N ILE A 764 34.29 -12.49 -43.97
CA ILE A 764 34.25 -12.45 -42.52
C ILE A 764 34.92 -11.19 -41.99
N ASP A 765 34.11 -10.29 -41.43
CA ASP A 765 34.60 -9.01 -40.92
C ASP A 765 35.12 -9.17 -39.49
N GLU A 766 35.71 -8.10 -38.97
CA GLU A 766 36.17 -8.10 -37.58
C GLU A 766 34.96 -8.14 -36.64
N LYS A 767 33.83 -7.64 -37.12
CA LYS A 767 32.60 -7.64 -36.35
C LYS A 767 32.02 -9.05 -36.27
N GLN A 768 31.88 -9.69 -37.42
CA GLN A 768 31.34 -11.04 -37.50
C GLN A 768 32.19 -12.03 -36.71
N ALA A 769 33.45 -11.70 -36.49
CA ALA A 769 34.32 -12.51 -35.67
C ALA A 769 33.91 -12.38 -34.20
N ALA A 770 33.62 -11.16 -33.79
CA ALA A 770 33.15 -10.90 -32.43
C ALA A 770 31.77 -11.51 -32.23
N GLU A 771 30.98 -11.54 -33.30
CA GLU A 771 29.66 -12.15 -33.25
C GLU A 771 29.77 -13.65 -33.01
N MET A 772 30.59 -14.32 -33.83
CA MET A 772 30.83 -15.76 -33.68
C MET A 772 31.37 -16.07 -32.28
N LEU A 773 32.30 -15.25 -31.82
CA LEU A 773 32.92 -15.45 -30.52
C LEU A 773 31.91 -15.37 -29.40
N SER A 774 31.02 -14.40 -29.49
CA SER A 774 29.98 -14.24 -28.49
C SER A 774 29.03 -15.43 -28.52
N GLN A 775 28.57 -15.79 -29.72
CA GLN A 775 27.67 -16.93 -29.89
C GLN A 775 28.25 -18.19 -29.28
N HIS A 776 29.57 -18.36 -29.39
CA HIS A 776 30.25 -19.51 -28.81
C HIS A 776 30.16 -19.50 -27.30
N LEU A 777 30.34 -18.32 -26.71
CA LEU A 777 30.31 -18.17 -25.25
C LEU A 777 28.93 -18.48 -24.69
N ILE A 778 27.90 -18.32 -25.52
CA ILE A 778 26.53 -18.63 -25.11
C ILE A 778 26.28 -20.14 -25.15
N THR A 779 26.68 -20.77 -26.25
CA THR A 779 26.34 -22.15 -26.52
C THR A 779 27.17 -23.16 -25.72
N LYS A 780 28.46 -22.89 -25.59
CA LYS A 780 29.39 -23.82 -24.94
C LYS A 780 28.92 -24.28 -23.55
N PRO A 781 28.60 -23.31 -22.66
CA PRO A 781 28.19 -23.74 -21.32
C PRO A 781 26.87 -24.52 -21.31
N ILE A 782 25.97 -24.16 -22.21
CA ILE A 782 24.67 -24.84 -22.30
C ILE A 782 24.85 -26.30 -22.73
N PHE A 783 25.75 -26.55 -23.67
CA PHE A 783 26.02 -27.90 -24.13
C PHE A 783 26.77 -28.71 -23.08
N GLU A 784 27.59 -28.02 -22.29
CA GLU A 784 28.27 -28.66 -21.16
C GLU A 784 27.24 -29.17 -20.16
N ALA A 785 26.21 -28.37 -19.93
CA ALA A 785 25.13 -28.73 -19.02
C ALA A 785 24.20 -29.77 -19.67
N LEU A 786 23.98 -29.63 -20.97
CA LEU A 786 23.06 -30.49 -21.69
C LEU A 786 23.62 -31.89 -21.86
N PHE A 787 24.95 -31.99 -21.94
CA PHE A 787 25.64 -33.27 -22.03
C PHE A 787 26.73 -33.34 -20.98
N SER A 788 26.31 -33.43 -19.72
CA SER A 788 27.23 -33.42 -18.59
C SER A 788 28.23 -34.57 -18.64
N GLU A 789 27.74 -35.79 -18.83
CA GLU A 789 28.57 -36.97 -18.76
C GLU A 789 29.16 -37.39 -20.11
N TYR A 790 30.15 -36.63 -20.56
CA TYR A 790 31.01 -37.04 -21.67
C TYR A 790 32.44 -36.81 -21.22
N SER A 791 33.40 -37.21 -22.05
CA SER A 791 34.81 -36.99 -21.75
C SER A 791 35.01 -35.54 -21.33
N PHE A 792 35.26 -35.35 -20.04
CA PHE A 792 35.24 -34.04 -19.39
C PHE A 792 35.75 -32.89 -20.26
N VAL A 793 37.01 -32.96 -20.66
CA VAL A 793 37.58 -31.93 -21.51
C VAL A 793 36.99 -32.01 -22.93
N ASN A 794 36.64 -30.85 -23.50
CA ASN A 794 36.01 -30.85 -24.81
C ASN A 794 37.01 -31.21 -25.90
N GLN A 795 36.63 -32.15 -26.76
CA GLN A 795 37.53 -32.66 -27.80
C GLN A 795 37.19 -32.07 -29.16
N ASN A 796 36.24 -31.14 -29.20
CA ASN A 796 35.86 -30.49 -30.45
C ASN A 796 36.92 -29.48 -30.89
N PRO A 797 37.49 -29.65 -32.09
CA PRO A 797 38.60 -28.79 -32.53
C PRO A 797 38.24 -27.31 -32.60
N VAL A 798 37.07 -27.00 -33.16
CA VAL A 798 36.62 -25.63 -33.27
C VAL A 798 36.41 -25.01 -31.89
N SER A 799 35.82 -25.77 -30.98
CA SER A 799 35.56 -25.31 -29.63
C SER A 799 36.85 -24.99 -28.89
N GLN A 800 37.87 -25.82 -29.09
CA GLN A 800 39.16 -25.63 -28.45
C GLN A 800 39.83 -24.34 -28.93
N ALA A 801 39.70 -24.07 -30.23
CA ALA A 801 40.30 -22.88 -30.82
C ALA A 801 39.58 -21.63 -30.33
N MET A 802 38.33 -21.78 -29.96
CA MET A 802 37.54 -20.66 -29.45
C MET A 802 37.93 -20.33 -28.00
N GLU A 803 38.35 -21.34 -27.26
CA GLU A 803 38.75 -21.13 -25.87
C GLU A 803 40.14 -20.50 -25.80
N SER A 804 40.95 -20.74 -26.84
CA SER A 804 42.29 -20.20 -26.88
C SER A 804 42.27 -18.67 -27.04
N ILE A 805 41.36 -18.17 -27.87
CA ILE A 805 41.27 -16.74 -28.11
C ILE A 805 40.63 -16.04 -26.92
N VAL A 806 39.70 -16.72 -26.26
CA VAL A 806 39.04 -16.16 -25.09
C VAL A 806 40.04 -16.00 -23.95
N SER A 807 40.81 -17.05 -23.69
CA SER A 807 41.83 -17.01 -22.65
C SER A 807 42.86 -15.93 -22.96
N GLU A 808 43.04 -15.66 -24.26
CA GLU A 808 43.94 -14.59 -24.69
C GLU A 808 43.39 -13.24 -24.27
N LEU A 809 42.07 -13.10 -24.34
CA LEU A 809 41.42 -11.85 -23.97
C LEU A 809 41.29 -11.71 -22.46
N GLU A 810 41.30 -12.83 -21.75
CA GLU A 810 41.17 -12.82 -20.30
C GLU A 810 42.39 -12.18 -19.65
N LYS A 811 43.51 -12.18 -20.36
CA LYS A 811 44.70 -11.50 -19.88
C LYS A 811 44.50 -9.98 -19.92
N ALA A 812 43.63 -9.53 -20.80
CA ALA A 812 43.42 -8.10 -21.03
C ALA A 812 42.26 -7.54 -20.19
N GLY A 813 41.71 -8.36 -19.31
CA GLY A 813 40.66 -7.92 -18.40
C GLY A 813 39.27 -8.38 -18.76
N PHE A 814 39.13 -9.00 -19.94
CA PHE A 814 37.84 -9.50 -20.39
C PHE A 814 37.40 -10.73 -19.61
N ALA A 815 36.14 -10.77 -19.22
CA ALA A 815 35.59 -11.92 -18.50
C ALA A 815 34.24 -12.33 -19.10
N LYS A 816 33.80 -13.53 -18.77
CA LYS A 816 32.63 -14.13 -19.42
C LYS A 816 31.32 -13.77 -18.74
N GLU A 817 31.39 -13.27 -17.51
CA GLU A 817 30.20 -12.93 -16.74
C GLU A 817 29.30 -14.16 -16.55
N GLN A 818 29.92 -15.29 -16.25
CA GLN A 818 29.21 -16.56 -16.13
C GLN A 818 28.48 -16.72 -14.80
N GLU A 819 28.88 -15.93 -13.81
CA GLU A 819 28.37 -16.08 -12.44
C GLU A 819 26.85 -15.96 -12.37
N ASN A 820 26.27 -15.08 -13.18
CA ASN A 820 24.85 -14.79 -13.10
C ASN A 820 23.99 -15.84 -13.79
N LEU A 821 24.53 -16.50 -14.81
CA LEU A 821 23.77 -17.45 -15.61
C LEU A 821 23.82 -18.86 -15.04
N GLU A 822 24.31 -19.01 -13.82
CA GLU A 822 24.41 -20.32 -13.20
C GLU A 822 23.01 -20.94 -12.99
N PRO A 823 22.04 -20.12 -12.53
CA PRO A 823 20.67 -20.66 -12.46
C PRO A 823 20.18 -21.22 -13.79
N LEU A 824 20.54 -20.57 -14.90
CA LEU A 824 20.12 -21.02 -16.23
C LEU A 824 20.79 -22.36 -16.56
N TYR A 825 22.09 -22.46 -16.33
CA TYR A 825 22.83 -23.67 -16.61
C TYR A 825 22.30 -24.82 -15.77
N GLU A 826 21.82 -24.50 -14.57
CA GLU A 826 21.28 -25.51 -13.66
C GLU A 826 19.95 -26.06 -14.19
N SER A 827 19.15 -25.16 -14.78
CA SER A 827 17.87 -25.54 -15.35
C SER A 827 18.06 -26.48 -16.53
N VAL A 828 18.95 -26.09 -17.45
CA VAL A 828 19.26 -26.90 -18.62
C VAL A 828 19.77 -28.28 -18.21
N ARG A 829 20.63 -28.29 -17.20
CA ARG A 829 21.23 -29.52 -16.70
C ARG A 829 20.18 -30.48 -16.16
N MET A 830 19.09 -29.94 -15.63
CA MET A 830 18.03 -30.76 -15.05
C MET A 830 17.15 -31.36 -16.15
N ARG A 831 17.00 -30.63 -17.26
CA ARG A 831 16.24 -31.15 -18.40
C ARG A 831 16.87 -32.42 -18.95
N ALA A 832 18.18 -32.55 -18.77
CA ALA A 832 18.95 -33.62 -19.40
C ALA A 832 19.37 -34.72 -18.44
N GLU A 833 19.18 -34.49 -17.15
CA GLU A 833 19.71 -35.37 -16.11
C GLU A 833 19.41 -36.85 -16.34
N GLY A 834 18.13 -37.22 -16.29
CA GLY A 834 17.74 -38.61 -16.39
C GLY A 834 17.60 -39.14 -17.82
N ILE A 835 17.70 -38.24 -18.79
CA ILE A 835 17.53 -38.61 -20.19
C ILE A 835 18.74 -39.39 -20.69
N GLU A 836 18.48 -40.48 -21.42
CA GLU A 836 19.54 -41.39 -21.86
C GLU A 836 19.42 -41.80 -23.32
N LYS A 837 18.64 -41.04 -24.09
CA LYS A 837 18.46 -41.31 -25.51
C LYS A 837 18.87 -40.10 -26.35
N ALA A 838 19.40 -40.38 -27.54
CA ALA A 838 19.84 -39.33 -28.45
C ALA A 838 18.65 -38.59 -29.04
N GLU A 839 17.60 -39.34 -29.37
CA GLU A 839 16.42 -38.74 -30.00
C GLU A 839 15.71 -37.80 -29.04
N ASP A 840 15.87 -38.04 -27.74
CA ASP A 840 15.28 -37.16 -26.72
C ASP A 840 16.14 -35.92 -26.50
N LYS A 841 17.46 -36.11 -26.54
CA LYS A 841 18.38 -34.99 -26.38
C LYS A 841 18.22 -34.01 -27.53
N GLN A 842 17.91 -34.52 -28.72
CA GLN A 842 17.69 -33.69 -29.88
C GLN A 842 16.45 -32.82 -29.70
N LYS A 843 15.42 -33.39 -29.07
CA LYS A 843 14.16 -32.68 -28.85
C LYS A 843 14.35 -31.50 -27.90
N ILE A 844 15.32 -31.61 -26.99
CA ILE A 844 15.60 -30.54 -26.05
C ILE A 844 16.28 -29.36 -26.76
N ILE A 845 17.20 -29.67 -27.67
CA ILE A 845 17.92 -28.65 -28.42
C ILE A 845 16.97 -27.87 -29.32
N VAL A 846 15.91 -28.53 -29.77
CA VAL A 846 14.89 -27.86 -30.58
C VAL A 846 14.13 -26.82 -29.76
N THR A 847 13.77 -27.19 -28.53
CA THR A 847 13.09 -26.27 -27.64
C THR A 847 14.03 -25.13 -27.24
N LEU A 848 15.31 -25.46 -27.07
CA LEU A 848 16.31 -24.44 -26.80
C LEU A 848 16.44 -23.50 -27.99
N TYR A 849 16.34 -24.03 -29.20
CA TYR A 849 16.39 -23.20 -30.39
C TYR A 849 15.18 -22.28 -30.45
N ASP A 850 14.02 -22.83 -30.11
CA ASP A 850 12.78 -22.06 -30.18
C ASP A 850 12.70 -20.99 -29.08
N LYS A 851 12.87 -21.41 -27.83
CA LYS A 851 12.63 -20.55 -26.69
C LYS A 851 13.82 -19.70 -26.27
N PHE A 852 15.04 -20.20 -26.49
CA PHE A 852 16.24 -19.54 -25.96
C PHE A 852 17.09 -18.86 -27.04
N PHE A 853 17.60 -19.64 -27.99
CA PHE A 853 18.65 -19.16 -28.88
C PHE A 853 18.26 -17.98 -29.78
N LYS A 854 17.04 -18.01 -30.31
CA LYS A 854 16.57 -16.90 -31.15
C LYS A 854 16.66 -15.57 -30.41
N THR A 855 16.23 -15.59 -29.15
CA THR A 855 16.19 -14.38 -28.34
C THR A 855 17.57 -14.04 -27.77
N ALA A 856 18.35 -15.08 -27.48
CA ALA A 856 19.66 -14.88 -26.88
C ALA A 856 20.67 -14.32 -27.88
N PHE A 857 20.49 -14.66 -29.15
CA PHE A 857 21.39 -14.19 -30.20
C PHE A 857 20.98 -12.83 -30.76
N LYS A 858 19.94 -12.23 -30.19
CA LYS A 858 19.37 -11.00 -30.72
C LYS A 858 20.38 -9.85 -30.74
N ALA A 859 21.36 -9.91 -29.84
CA ALA A 859 22.36 -8.87 -29.76
C ALA A 859 23.30 -8.90 -30.95
N THR A 860 23.68 -10.11 -31.36
CA THR A 860 24.59 -10.30 -32.48
C THR A 860 23.85 -10.11 -33.82
N THR A 861 22.74 -10.81 -33.97
CA THR A 861 21.92 -10.71 -35.17
C THR A 861 20.46 -11.01 -34.84
N GLU A 862 19.55 -10.21 -35.38
CA GLU A 862 18.15 -10.26 -34.97
C GLU A 862 17.37 -11.37 -35.67
N ARG A 863 17.97 -11.95 -36.72
CA ARG A 863 17.33 -13.03 -37.47
C ARG A 863 18.17 -14.30 -37.44
N LEU A 864 17.61 -15.36 -36.87
CA LEU A 864 18.27 -16.65 -36.79
C LEU A 864 17.47 -17.71 -37.53
N GLY A 865 18.11 -18.39 -38.47
CA GLY A 865 17.45 -19.38 -39.30
C GLY A 865 18.20 -20.70 -39.42
N ILE A 866 17.65 -21.74 -38.80
CA ILE A 866 18.14 -23.10 -38.96
C ILE A 866 17.00 -23.99 -39.42
N VAL A 867 17.20 -24.66 -40.54
CA VAL A 867 16.16 -25.50 -41.12
C VAL A 867 16.25 -26.93 -40.58
N PHE A 868 15.22 -27.34 -39.84
CA PHE A 868 15.11 -28.71 -39.37
C PHE A 868 14.37 -29.53 -40.42
N THR A 869 15.12 -30.15 -41.33
CA THR A 869 14.52 -30.90 -42.44
C THR A 869 13.62 -32.02 -41.91
N PRO A 870 12.39 -32.11 -42.44
CA PRO A 870 11.45 -33.17 -42.01
C PRO A 870 12.07 -34.56 -42.13
N ILE A 871 11.85 -35.39 -41.11
CA ILE A 871 12.53 -36.67 -41.01
C ILE A 871 12.05 -37.65 -42.08
N GLU A 872 10.80 -37.51 -42.51
CA GLU A 872 10.25 -38.37 -43.55
C GLU A 872 10.96 -38.15 -44.87
N VAL A 873 11.41 -36.93 -45.10
CA VAL A 873 12.13 -36.58 -46.33
C VAL A 873 13.56 -37.11 -46.29
N VAL A 874 14.21 -36.96 -45.14
CA VAL A 874 15.59 -37.39 -44.98
C VAL A 874 15.71 -38.91 -45.11
N ASP A 875 14.77 -39.63 -44.52
CA ASP A 875 14.76 -41.09 -44.60
C ASP A 875 14.59 -41.56 -46.04
N PHE A 876 13.68 -40.93 -46.77
CA PHE A 876 13.40 -41.30 -48.15
C PHE A 876 14.66 -41.20 -49.00
N ILE A 877 15.43 -40.14 -48.81
CA ILE A 877 16.65 -39.92 -49.57
C ILE A 877 17.73 -40.94 -49.20
N VAL A 878 17.94 -41.15 -47.91
CA VAL A 878 18.95 -42.10 -47.45
C VAL A 878 18.61 -43.53 -47.88
N HIS A 879 17.34 -43.90 -47.76
CA HIS A 879 16.87 -45.20 -48.22
C HIS A 879 17.18 -45.41 -49.70
N SER A 880 16.84 -44.42 -50.52
CA SER A 880 16.94 -44.54 -51.97
C SER A 880 18.38 -44.43 -52.49
N VAL A 881 19.23 -43.71 -51.76
CA VAL A 881 20.64 -43.63 -52.13
C VAL A 881 21.28 -45.01 -52.00
N ASP A 882 20.87 -45.75 -50.99
CA ASP A 882 21.33 -47.11 -50.79
C ASP A 882 20.82 -48.02 -51.90
N ASP A 883 19.57 -47.77 -52.32
CA ASP A 883 18.96 -48.52 -53.42
C ASP A 883 19.71 -48.29 -54.72
N VAL A 884 20.08 -47.04 -54.97
CA VAL A 884 20.75 -46.66 -56.20
C VAL A 884 22.16 -47.27 -56.28
N LEU A 885 22.87 -47.27 -55.16
CA LEU A 885 24.23 -47.77 -55.11
C LEU A 885 24.32 -49.25 -55.45
N LYS A 886 23.30 -50.00 -55.04
CA LYS A 886 23.28 -51.45 -55.27
C LYS A 886 22.94 -51.78 -56.71
N LYS A 887 21.90 -51.14 -57.25
CA LYS A 887 21.44 -51.44 -58.60
C LYS A 887 22.40 -50.92 -59.67
N HIS A 888 22.89 -49.70 -59.51
CA HIS A 888 23.67 -49.04 -60.55
C HIS A 888 25.18 -49.24 -60.40
N PHE A 889 25.67 -49.29 -59.16
CA PHE A 889 27.10 -49.34 -58.90
C PHE A 889 27.54 -50.63 -58.21
N GLY A 890 26.57 -51.46 -57.82
CA GLY A 890 26.88 -52.71 -57.16
C GLY A 890 27.56 -52.48 -55.82
N LYS A 891 27.05 -51.52 -55.06
CA LYS A 891 27.61 -51.18 -53.75
C LYS A 891 26.51 -50.75 -52.79
N SER A 892 26.91 -50.36 -51.58
CA SER A 892 25.97 -49.98 -50.54
C SER A 892 26.52 -48.81 -49.74
N LEU A 893 25.67 -48.22 -48.90
CA LEU A 893 26.12 -47.16 -48.01
C LEU A 893 27.14 -47.71 -47.01
N ALA A 894 26.97 -48.98 -46.65
CA ALA A 894 27.83 -49.64 -45.68
C ALA A 894 29.16 -50.06 -46.30
N SER A 895 29.19 -50.16 -47.63
CA SER A 895 30.35 -50.68 -48.34
C SER A 895 31.61 -49.87 -48.07
N LYS A 896 32.76 -50.50 -48.33
CA LYS A 896 34.06 -49.89 -48.06
C LYS A 896 34.44 -48.85 -49.12
N ASP A 897 35.07 -47.77 -48.67
CA ASP A 897 35.51 -46.69 -49.55
C ASP A 897 34.37 -46.08 -50.35
N VAL A 898 33.16 -46.10 -49.78
CA VAL A 898 32.04 -45.33 -50.30
C VAL A 898 31.82 -44.13 -49.40
N HIS A 899 32.45 -43.01 -49.74
CA HIS A 899 32.49 -41.84 -48.89
C HIS A 899 31.26 -40.94 -49.07
N ILE A 900 30.51 -40.75 -47.98
CA ILE A 900 29.31 -39.93 -47.99
C ILE A 900 29.64 -38.53 -47.46
N LEU A 901 28.95 -37.52 -48.00
CA LEU A 901 29.22 -36.12 -47.65
C LEU A 901 27.94 -35.30 -47.62
N ASP A 902 27.76 -34.54 -46.55
CA ASP A 902 26.72 -33.53 -46.49
C ASP A 902 27.37 -32.14 -46.44
N PRO A 903 27.40 -31.44 -47.59
CA PRO A 903 28.09 -30.15 -47.62
C PRO A 903 27.38 -29.07 -46.80
N PHE A 904 26.08 -29.27 -46.58
CA PHE A 904 25.26 -28.32 -45.83
C PHE A 904 24.45 -29.08 -44.78
N THR A 905 25.15 -29.54 -43.74
CA THR A 905 24.59 -30.51 -42.81
C THR A 905 23.57 -29.90 -41.87
N GLY A 906 23.75 -28.63 -41.53
CA GLY A 906 22.82 -27.96 -40.63
C GLY A 906 22.81 -28.60 -39.27
N THR A 907 21.73 -29.32 -38.96
CA THR A 907 21.58 -29.96 -37.65
C THR A 907 22.17 -31.36 -37.65
N GLY A 908 22.57 -31.85 -38.81
CA GLY A 908 23.20 -33.15 -38.92
C GLY A 908 22.24 -34.29 -39.19
N THR A 909 21.02 -33.95 -39.59
CA THR A 909 19.97 -34.95 -39.77
C THR A 909 20.35 -36.05 -40.76
N PHE A 910 20.89 -35.67 -41.91
CA PHE A 910 21.21 -36.62 -42.96
C PHE A 910 22.28 -37.62 -42.52
N ILE A 911 23.32 -37.15 -41.84
CA ILE A 911 24.36 -38.03 -41.34
C ILE A 911 23.82 -38.91 -40.22
N VAL A 912 22.94 -38.34 -39.39
CA VAL A 912 22.32 -39.09 -38.31
C VAL A 912 21.48 -40.25 -38.83
N ARG A 913 20.51 -39.94 -39.70
CA ARG A 913 19.61 -40.95 -40.22
C ARG A 913 20.31 -41.91 -41.17
N THR A 914 21.55 -41.58 -41.55
CA THR A 914 22.39 -42.53 -42.26
C THR A 914 22.88 -43.59 -41.28
N LEU A 915 23.26 -43.15 -40.09
CA LEU A 915 23.74 -44.05 -39.05
C LEU A 915 22.63 -44.95 -38.53
N THR A 916 21.41 -44.41 -38.42
CA THR A 916 20.28 -45.18 -37.92
C THR A 916 19.79 -46.16 -38.98
N TYR A 917 20.11 -45.88 -40.24
CA TYR A 917 19.78 -46.78 -41.33
C TYR A 917 20.73 -47.97 -41.29
N LEU A 918 22.01 -47.69 -41.10
CA LEU A 918 23.02 -48.74 -40.97
C LEU A 918 22.74 -49.60 -39.74
N LYS A 919 22.16 -48.98 -38.72
CA LYS A 919 21.78 -49.69 -37.50
C LYS A 919 20.70 -50.73 -37.78
N GLU A 920 19.65 -50.30 -38.47
CA GLU A 920 18.56 -51.19 -38.86
C GLU A 920 19.08 -52.36 -39.69
N GLN A 921 20.12 -52.11 -40.47
CA GLN A 921 20.74 -53.16 -41.27
C GLN A 921 21.55 -54.11 -40.38
N MET A 922 22.16 -53.55 -39.33
CA MET A 922 22.93 -54.36 -38.40
C MET A 922 22.01 -55.30 -37.63
N ASP A 923 20.80 -54.83 -37.34
CA ASP A 923 19.81 -55.64 -36.65
C ASP A 923 19.43 -56.85 -37.50
N ALA A 924 19.24 -56.62 -38.79
CA ALA A 924 18.90 -57.68 -39.73
C ALA A 924 20.06 -58.65 -39.88
N GLY A 925 21.26 -58.19 -39.53
CA GLY A 925 22.45 -59.01 -39.59
C GLY A 925 23.10 -58.98 -40.97
N GLU A 926 23.00 -57.83 -41.63
CA GLU A 926 23.57 -57.67 -42.96
C GLU A 926 25.01 -57.17 -42.89
N ILE A 927 25.29 -56.36 -41.86
CA ILE A 927 26.63 -55.83 -41.66
C ILE A 927 26.99 -55.82 -40.17
N SER A 928 28.27 -55.62 -39.89
CA SER A 928 28.77 -55.62 -38.52
C SER A 928 28.80 -54.22 -37.93
N LEU A 929 29.14 -54.12 -36.65
CA LEU A 929 29.34 -52.83 -36.00
C LEU A 929 30.72 -52.30 -36.39
N ALA A 930 31.59 -53.19 -36.86
CA ALA A 930 32.89 -52.80 -37.36
C ALA A 930 32.72 -52.01 -38.66
N ASP A 931 31.67 -52.31 -39.40
CA ASP A 931 31.36 -51.60 -40.64
C ASP A 931 30.87 -50.19 -40.35
N ILE A 932 29.90 -50.07 -39.43
CA ILE A 932 29.37 -48.78 -39.04
C ILE A 932 30.47 -47.92 -38.42
N THR A 933 31.30 -48.55 -37.60
CA THR A 933 32.42 -47.86 -36.97
C THR A 933 33.37 -47.30 -38.02
N ARG A 934 33.55 -48.02 -39.12
CA ARG A 934 34.42 -47.59 -40.19
C ARG A 934 33.87 -46.34 -40.87
N LYS A 935 32.57 -46.35 -41.14
CA LYS A 935 31.91 -45.23 -41.79
C LYS A 935 32.03 -43.97 -40.93
N PHE A 936 31.71 -44.12 -39.65
CA PHE A 936 31.75 -43.01 -38.70
C PHE A 936 33.17 -42.45 -38.57
N MET A 937 34.16 -43.33 -38.63
CA MET A 937 35.54 -42.95 -38.34
C MET A 937 36.32 -42.48 -39.57
N LYS A 938 35.88 -42.88 -40.76
CA LYS A 938 36.63 -42.61 -41.99
C LYS A 938 35.80 -42.04 -43.13
N GLU A 939 34.63 -42.63 -43.39
CA GLU A 939 33.92 -42.41 -44.65
C GLU A 939 32.64 -41.58 -44.55
N LEU A 940 32.43 -40.92 -43.41
CA LEU A 940 31.33 -39.96 -43.27
C LEU A 940 31.90 -38.55 -43.13
N HIS A 941 31.30 -37.59 -43.82
CA HIS A 941 31.77 -36.21 -43.82
C HIS A 941 30.61 -35.24 -43.73
N ALA A 942 30.89 -34.07 -43.14
CA ALA A 942 29.89 -33.03 -42.99
C ALA A 942 30.54 -31.66 -42.96
N ASN A 943 29.90 -30.69 -43.62
CA ASN A 943 30.36 -29.31 -43.62
C ASN A 943 29.26 -28.36 -43.19
N GLU A 944 29.61 -27.39 -42.34
CA GLU A 944 28.68 -26.36 -41.90
C GLU A 944 29.40 -25.03 -41.79
N ILE A 945 28.70 -23.95 -42.10
CA ILE A 945 29.29 -22.62 -42.07
C ILE A 945 28.85 -21.87 -40.82
N VAL A 946 27.68 -22.22 -40.29
CA VAL A 946 27.16 -21.60 -39.08
C VAL A 946 27.63 -22.36 -37.84
N LEU A 947 28.11 -21.61 -36.84
CA LEU A 947 28.75 -22.21 -35.67
C LEU A 947 27.77 -22.98 -34.79
N LEU A 948 26.57 -22.43 -34.59
CA LEU A 948 25.56 -23.10 -33.77
C LEU A 948 25.16 -24.43 -34.40
N SER A 949 24.89 -24.39 -35.70
CA SER A 949 24.58 -25.60 -36.46
C SER A 949 25.71 -26.62 -36.37
N TYR A 950 26.95 -26.12 -36.41
CA TYR A 950 28.13 -26.97 -36.32
C TYR A 950 28.17 -27.71 -34.98
N TYR A 951 27.94 -26.99 -33.89
CA TYR A 951 27.93 -27.59 -32.57
C TYR A 951 26.78 -28.59 -32.42
N ILE A 952 25.60 -28.20 -32.87
CA ILE A 952 24.45 -29.09 -32.85
C ILE A 952 24.72 -30.34 -33.69
N ALA A 953 25.28 -30.13 -34.88
CA ALA A 953 25.55 -31.23 -35.80
C ALA A 953 26.57 -32.21 -35.23
N ALA A 954 27.69 -31.68 -34.71
CA ALA A 954 28.74 -32.51 -34.15
C ALA A 954 28.23 -33.36 -33.00
N ILE A 955 27.54 -32.71 -32.07
CA ILE A 955 27.00 -33.39 -30.89
C ILE A 955 25.94 -34.41 -31.27
N ASN A 956 25.08 -34.05 -32.22
CA ASN A 956 23.99 -34.92 -32.66
C ASN A 956 24.51 -36.22 -33.28
N ILE A 957 25.58 -36.11 -34.05
CA ILE A 957 26.17 -37.26 -34.72
C ILE A 957 26.97 -38.11 -33.74
N GLU A 958 27.68 -37.45 -32.83
CA GLU A 958 28.45 -38.14 -31.80
C GLU A 958 27.52 -38.83 -30.80
N SER A 959 26.40 -38.19 -30.52
CA SER A 959 25.43 -38.71 -29.56
C SER A 959 24.70 -39.94 -30.10
N THR A 960 24.33 -39.90 -31.38
CA THR A 960 23.55 -40.98 -31.97
C THR A 960 24.40 -42.21 -32.23
N PHE A 961 25.69 -42.01 -32.46
CA PHE A 961 26.61 -43.12 -32.69
C PHE A 961 26.89 -43.86 -31.38
N ASP A 962 26.95 -43.11 -30.28
CA ASP A 962 27.25 -43.68 -28.98
C ASP A 962 26.11 -44.59 -28.51
N GLU A 963 24.91 -44.37 -29.06
CA GLU A 963 23.76 -45.20 -28.72
C GLU A 963 23.75 -46.47 -29.56
N ILE A 964 24.26 -46.35 -30.80
CA ILE A 964 24.28 -47.48 -31.71
C ILE A 964 25.24 -48.58 -31.24
N ASN A 965 26.39 -48.18 -30.69
CA ASN A 965 27.40 -49.14 -30.27
C ASN A 965 27.20 -49.64 -28.83
N GLY A 966 25.98 -49.50 -28.33
CA GLY A 966 25.60 -50.01 -27.03
C GLY A 966 26.62 -49.75 -25.94
N ASP A 967 27.06 -50.81 -25.27
CA ASP A 967 28.14 -50.72 -24.29
C ASP A 967 29.43 -51.28 -24.88
N GLU A 968 29.51 -51.32 -26.20
CA GLU A 968 30.68 -51.86 -26.88
C GLU A 968 31.87 -50.89 -26.73
N GLU A 969 31.56 -49.60 -26.72
CA GLU A 969 32.57 -48.58 -26.45
C GLU A 969 31.91 -47.26 -26.08
N GLY A 970 32.69 -46.35 -25.49
CA GLY A 970 32.16 -45.10 -24.99
C GLY A 970 32.03 -44.02 -26.04
N TYR A 971 32.06 -42.77 -25.60
CA TYR A 971 31.91 -41.62 -26.48
C TYR A 971 33.11 -41.46 -27.41
N VAL A 972 32.83 -41.33 -28.70
CA VAL A 972 33.87 -41.12 -29.71
C VAL A 972 33.57 -39.83 -30.49
N PRO A 973 34.57 -38.92 -30.58
CA PRO A 973 34.31 -37.69 -31.32
C PRO A 973 34.26 -37.91 -32.84
N PHE A 974 33.39 -37.18 -33.52
CA PHE A 974 33.24 -37.32 -34.96
C PHE A 974 34.22 -36.42 -35.71
N GLU A 975 35.15 -37.04 -36.43
CA GLU A 975 36.21 -36.30 -37.11
C GLU A 975 35.81 -35.86 -38.51
N GLY A 976 34.61 -36.24 -38.93
CA GLY A 976 34.15 -35.96 -40.29
C GLY A 976 33.55 -34.58 -40.48
N ILE A 977 33.17 -33.94 -39.38
CA ILE A 977 32.53 -32.62 -39.46
C ILE A 977 33.58 -31.51 -39.54
N VAL A 978 33.31 -30.49 -40.35
CA VAL A 978 34.26 -29.40 -40.57
C VAL A 978 33.53 -28.06 -40.67
N LEU A 979 34.15 -27.03 -40.10
CA LEU A 979 33.59 -25.68 -40.17
C LEU A 979 34.17 -24.92 -41.36
N THR A 980 33.42 -24.83 -42.45
CA THR A 980 33.92 -24.26 -43.68
C THR A 980 32.85 -23.60 -44.55
N ASP A 981 33.31 -22.88 -45.58
CA ASP A 981 32.49 -22.52 -46.72
C ASP A 981 32.85 -23.49 -47.84
N THR A 982 31.92 -24.39 -48.16
CA THR A 982 32.20 -25.50 -49.06
C THR A 982 32.47 -25.02 -50.49
N PHE A 983 31.79 -23.94 -50.88
CA PHE A 983 31.98 -23.36 -52.21
C PHE A 983 33.39 -22.76 -52.30
N GLU A 984 33.92 -22.35 -51.16
CA GLU A 984 35.25 -21.71 -51.10
C GLU A 984 36.36 -22.75 -50.96
N SER A 985 35.99 -23.96 -50.56
CA SER A 985 36.97 -25.01 -50.31
C SER A 985 37.73 -25.38 -51.58
N THR A 986 37.01 -25.50 -52.69
CA THR A 986 37.62 -25.89 -53.96
C THR A 986 38.23 -24.69 -54.69
N GLU A 987 38.14 -23.52 -54.08
CA GLU A 987 38.80 -22.33 -54.64
C GLU A 987 40.29 -22.38 -54.28
N THR A 988 41.08 -21.55 -54.97
CA THR A 988 42.51 -21.50 -54.71
C THR A 988 42.81 -20.95 -53.31
N GLU A 989 43.43 -21.78 -52.48
CA GLU A 989 43.80 -21.37 -51.13
C GLU A 989 44.80 -20.24 -51.15
N ASP A 990 44.70 -19.34 -50.17
CA ASP A 990 45.70 -18.30 -49.98
C ASP A 990 46.28 -18.43 -48.56
N THR A 991 47.15 -17.49 -48.19
CA THR A 991 48.08 -17.69 -47.09
C THR A 991 47.53 -17.61 -45.67
N LEU A 992 47.82 -18.65 -44.89
CA LEU A 992 47.86 -18.57 -43.44
C LEU A 992 48.62 -19.76 -42.88
N ASP A 993 49.58 -19.49 -42.01
CA ASP A 993 50.36 -20.53 -41.36
C ASP A 993 49.89 -20.74 -39.92
N ASP A 994 50.07 -19.71 -39.11
CA ASP A 994 49.63 -19.74 -37.72
C ASP A 994 48.11 -19.73 -37.66
N ASP A 995 47.52 -20.92 -37.62
CA ASP A 995 46.07 -21.07 -37.64
C ASP A 995 45.52 -21.56 -36.30
N TYR A 996 44.70 -20.73 -35.67
CA TYR A 996 43.97 -21.13 -34.47
C TYR A 996 43.16 -22.38 -34.77
N PHE A 997 42.64 -22.45 -36.00
CA PHE A 997 41.82 -23.56 -36.44
C PHE A 997 42.64 -24.50 -37.33
N GLY A 998 43.92 -24.62 -37.03
CA GLY A 998 44.82 -25.46 -37.80
C GLY A 998 44.39 -26.92 -37.80
N THR A 999 43.78 -27.35 -36.70
CA THR A 999 43.27 -28.71 -36.60
C THR A 999 41.99 -28.89 -37.39
N ASN A 1000 41.28 -27.79 -37.63
CA ASN A 1000 40.02 -27.84 -38.37
C ASN A 1000 40.20 -27.85 -39.88
N ASP A 1001 41.10 -27.00 -40.38
CA ASP A 1001 41.34 -26.96 -41.83
C ASP A 1001 42.18 -28.17 -42.23
N GLU A 1002 42.81 -28.81 -41.25
CA GLU A 1002 43.52 -30.06 -41.50
C GLU A 1002 42.49 -31.14 -41.83
N ARG A 1003 41.36 -31.12 -41.13
CA ARG A 1003 40.27 -32.05 -41.42
C ARG A 1003 39.73 -31.85 -42.83
N LEU A 1004 39.67 -30.59 -43.25
CA LEU A 1004 39.18 -30.25 -44.59
C LEU A 1004 40.10 -30.84 -45.66
N LYS A 1005 41.40 -30.70 -45.45
CA LYS A 1005 42.40 -31.16 -46.42
C LYS A 1005 42.34 -32.68 -46.57
N ARG A 1006 41.99 -33.38 -45.50
CA ARG A 1006 41.76 -34.82 -45.58
C ARG A 1006 40.53 -35.08 -46.45
N GLN A 1007 39.50 -34.25 -46.27
CA GLN A 1007 38.25 -34.41 -47.00
C GLN A 1007 38.43 -34.09 -48.48
N GLN A 1008 39.25 -33.08 -48.77
CA GLN A 1008 39.50 -32.65 -50.14
C GLN A 1008 40.06 -33.78 -51.00
N LYS A 1009 40.93 -34.59 -50.40
CA LYS A 1009 41.64 -35.63 -51.13
C LYS A 1009 40.83 -36.91 -51.22
N VAL A 1010 39.79 -37.00 -50.41
CA VAL A 1010 38.87 -38.15 -50.47
C VAL A 1010 38.02 -38.09 -51.73
N PRO A 1011 37.90 -39.21 -52.46
CA PRO A 1011 36.94 -39.25 -53.56
C PRO A 1011 35.50 -39.47 -53.07
N ILE A 1012 34.62 -38.51 -53.35
CA ILE A 1012 33.24 -38.58 -52.90
C ILE A 1012 32.36 -39.25 -53.94
N THR A 1013 31.61 -40.26 -53.51
CA THR A 1013 30.68 -40.98 -54.40
C THR A 1013 29.22 -40.76 -53.99
N VAL A 1014 29.02 -40.08 -52.87
CA VAL A 1014 27.67 -39.78 -52.39
C VAL A 1014 27.59 -38.38 -51.79
N ILE A 1015 26.58 -37.62 -52.20
CA ILE A 1015 26.33 -36.30 -51.62
C ILE A 1015 24.85 -36.16 -51.27
N MET A 1016 24.57 -35.93 -49.99
CA MET A 1016 23.21 -35.70 -49.50
C MET A 1016 23.10 -34.30 -48.93
N GLY A 1017 21.87 -33.86 -48.67
CA GLY A 1017 21.66 -32.61 -47.96
C GLY A 1017 20.46 -31.80 -48.40
N ASN A 1018 20.21 -30.72 -47.66
CA ASN A 1018 19.20 -29.74 -48.00
C ASN A 1018 19.86 -28.38 -48.14
N PRO A 1019 20.37 -28.07 -49.35
CA PRO A 1019 21.16 -26.84 -49.52
C PRO A 1019 20.33 -25.57 -49.28
N PRO A 1020 20.98 -24.48 -48.89
CA PRO A 1020 20.25 -23.21 -48.71
C PRO A 1020 19.74 -22.64 -50.03
N TYR A 1021 18.46 -22.23 -50.06
CA TYR A 1021 17.90 -21.58 -51.24
C TYR A 1021 18.01 -20.06 -51.07
N SER A 1022 18.66 -19.39 -52.01
CA SER A 1022 18.74 -17.94 -51.98
C SER A 1022 19.17 -17.39 -53.34
N ALA A 1023 18.21 -16.83 -54.07
CA ALA A 1023 18.47 -16.26 -55.38
C ALA A 1023 19.01 -14.84 -55.26
N LYS A 1024 18.51 -14.12 -54.25
CA LYS A 1024 18.85 -12.71 -54.08
C LYS A 1024 18.38 -12.21 -52.71
N GLN A 1025 18.96 -11.12 -52.23
CA GLN A 1025 18.48 -10.48 -51.02
C GLN A 1025 17.09 -9.93 -51.31
N LYS A 1026 16.24 -9.85 -50.30
CA LYS A 1026 14.85 -9.50 -50.53
C LYS A 1026 14.69 -8.04 -50.97
N ASN A 1027 15.45 -7.15 -50.35
CA ASN A 1027 15.40 -5.73 -50.68
C ASN A 1027 16.77 -5.09 -50.55
N GLU A 1028 17.06 -4.12 -51.43
CA GLU A 1028 18.37 -3.49 -51.48
C GLU A 1028 18.71 -2.76 -50.20
N ASP A 1029 17.70 -2.29 -49.48
CA ASP A 1029 17.91 -1.59 -48.22
C ASP A 1029 18.60 -2.47 -47.19
N GLY A 1030 18.50 -3.78 -47.37
CA GLY A 1030 19.13 -4.73 -46.47
C GLY A 1030 20.65 -4.64 -46.51
N ASN A 1031 21.18 -4.24 -47.66
CA ASN A 1031 22.61 -4.04 -47.84
C ASN A 1031 23.40 -5.34 -47.59
N GLN A 1032 23.00 -6.41 -48.26
CA GLN A 1032 23.72 -7.67 -48.21
C GLN A 1032 24.48 -7.91 -49.51
N ILE A 1033 25.79 -8.11 -49.40
CA ILE A 1033 26.61 -8.45 -50.56
C ILE A 1033 26.51 -9.95 -50.82
N ARG A 1034 26.19 -10.33 -52.06
CA ARG A 1034 26.13 -11.75 -52.40
C ARG A 1034 27.54 -12.28 -52.66
N THR A 1035 27.81 -13.46 -52.12
CA THR A 1035 29.16 -14.03 -52.12
C THR A 1035 29.60 -14.47 -53.51
N THR A 1036 30.89 -14.36 -53.77
CA THR A 1036 31.47 -14.69 -55.07
C THR A 1036 32.43 -15.87 -54.99
N TYR A 1037 32.25 -16.84 -55.89
CA TYR A 1037 33.15 -17.98 -56.00
C TYR A 1037 33.57 -18.16 -57.46
N GLU A 1038 34.77 -17.70 -57.77
CA GLU A 1038 35.27 -17.68 -59.14
C GLU A 1038 35.20 -19.04 -59.82
N LYS A 1039 35.86 -20.04 -59.24
CA LYS A 1039 35.98 -21.35 -59.86
C LYS A 1039 34.63 -22.02 -60.01
N LEU A 1040 33.75 -21.84 -59.03
CA LEU A 1040 32.42 -22.45 -59.07
C LEU A 1040 31.50 -21.72 -60.04
N ASP A 1041 31.40 -20.40 -59.89
CA ASP A 1041 30.54 -19.60 -60.75
C ASP A 1041 30.96 -19.69 -62.21
N ALA A 1042 32.26 -19.91 -62.43
CA ALA A 1042 32.77 -20.10 -63.77
C ALA A 1042 32.18 -21.38 -64.36
N SER A 1043 32.27 -22.47 -63.61
CA SER A 1043 31.70 -23.75 -64.04
C SER A 1043 30.21 -23.59 -64.27
N LEU A 1044 29.55 -22.85 -63.39
CA LEU A 1044 28.12 -22.64 -63.46
C LEU A 1044 27.76 -21.86 -64.72
N GLN A 1045 28.59 -20.87 -65.04
CA GLN A 1045 28.43 -20.11 -66.27
C GLN A 1045 28.54 -21.04 -67.47
N ASN A 1046 29.67 -21.74 -67.57
CA ASN A 1046 30.01 -22.51 -68.76
C ASN A 1046 29.03 -23.63 -69.11
N SER A 1047 28.19 -24.00 -68.16
CA SER A 1047 27.28 -25.12 -68.34
C SER A 1047 25.81 -24.72 -68.40
N TRP A 1048 25.35 -23.96 -67.40
CA TRP A 1048 23.92 -23.72 -67.24
C TRP A 1048 23.49 -22.29 -67.59
N VAL A 1049 24.44 -21.36 -67.63
CA VAL A 1049 24.12 -19.97 -67.93
C VAL A 1049 24.31 -19.67 -69.42
N GLU A 1050 25.44 -20.07 -69.98
CA GLU A 1050 25.74 -19.83 -71.39
C GLU A 1050 24.69 -20.50 -72.29
N THR A 1051 24.13 -21.61 -71.81
CA THR A 1051 23.20 -22.41 -72.60
C THR A 1051 21.76 -21.94 -72.46
N SER A 1052 21.49 -21.12 -71.44
CA SER A 1052 20.14 -20.62 -71.22
C SER A 1052 19.76 -19.57 -72.27
N THR A 1053 18.49 -19.59 -72.66
CA THR A 1053 17.99 -18.70 -73.71
C THR A 1053 17.29 -17.47 -73.12
N ALA A 1054 17.22 -17.39 -71.79
CA ALA A 1054 16.50 -16.32 -71.12
C ALA A 1054 17.24 -15.00 -71.19
N THR A 1055 16.48 -13.90 -71.18
CA THR A 1055 17.07 -12.56 -71.13
C THR A 1055 17.64 -12.32 -69.74
N ASN A 1056 16.87 -12.68 -68.72
CA ASN A 1056 17.32 -12.58 -67.34
C ASN A 1056 17.79 -13.93 -66.82
N LYS A 1057 19.06 -13.98 -66.41
CA LYS A 1057 19.65 -15.20 -65.87
C LYS A 1057 20.10 -14.98 -64.43
N ASN A 1058 19.31 -14.18 -63.70
CA ASN A 1058 19.60 -13.83 -62.31
C ASN A 1058 19.75 -15.05 -61.41
N ASN A 1059 18.70 -15.87 -61.38
CA ASN A 1059 18.59 -16.94 -60.39
C ASN A 1059 19.54 -18.10 -60.60
N LEU A 1060 20.28 -18.11 -61.70
CA LEU A 1060 21.17 -19.23 -61.99
C LEU A 1060 22.34 -19.29 -61.02
N PHE A 1061 22.59 -18.18 -60.32
CA PHE A 1061 23.62 -18.13 -59.29
C PHE A 1061 23.00 -18.29 -57.91
N ASP A 1062 21.76 -18.76 -57.88
CA ASP A 1062 21.11 -19.11 -56.62
C ASP A 1062 21.93 -20.17 -55.92
N SER A 1063 21.92 -20.14 -54.59
CA SER A 1063 22.74 -21.04 -53.78
C SER A 1063 22.41 -22.51 -54.02
N TYR A 1064 21.13 -22.82 -54.19
CA TYR A 1064 20.70 -24.21 -54.38
C TYR A 1064 21.14 -24.71 -55.76
N ILE A 1065 21.25 -23.80 -56.72
CA ILE A 1065 21.74 -24.14 -58.05
C ILE A 1065 23.28 -24.23 -58.02
N ARG A 1066 23.89 -23.38 -57.20
CA ARG A 1066 25.33 -23.46 -56.96
C ARG A 1066 25.70 -24.78 -56.29
N ALA A 1067 24.84 -25.22 -55.38
CA ALA A 1067 25.07 -26.46 -54.64
C ALA A 1067 25.06 -27.66 -55.57
N MET A 1068 24.12 -27.66 -56.51
CA MET A 1068 24.01 -28.73 -57.50
C MET A 1068 25.26 -28.80 -58.36
N ARG A 1069 25.70 -27.63 -58.84
CA ARG A 1069 26.87 -27.55 -59.71
C ARG A 1069 28.12 -27.98 -58.96
N TRP A 1070 28.23 -27.56 -57.70
CA TRP A 1070 29.37 -27.93 -56.87
C TRP A 1070 29.37 -29.43 -56.63
N SER A 1071 28.18 -29.99 -56.40
CA SER A 1071 28.05 -31.42 -56.15
C SER A 1071 28.39 -32.22 -57.42
N SER A 1072 27.96 -31.71 -58.57
CA SER A 1072 28.27 -32.35 -59.84
C SER A 1072 29.78 -32.44 -60.05
N ASP A 1073 30.47 -31.33 -59.84
CA ASP A 1073 31.91 -31.27 -59.98
C ASP A 1073 32.61 -32.21 -59.00
N ARG A 1074 32.11 -32.25 -57.77
CA ARG A 1074 32.78 -32.98 -56.70
C ARG A 1074 32.77 -34.48 -56.91
N ILE A 1075 31.67 -35.00 -57.45
CA ILE A 1075 31.55 -36.43 -57.70
C ILE A 1075 32.51 -36.88 -58.79
N SER A 1076 32.69 -36.03 -59.80
CA SER A 1076 33.52 -36.32 -60.97
C SER A 1076 32.88 -37.39 -61.87
N ASP A 1077 33.48 -38.56 -61.94
CA ASP A 1077 33.04 -39.57 -62.90
C ASP A 1077 31.86 -40.41 -62.41
N ASN A 1078 31.93 -40.88 -61.18
CA ASN A 1078 30.92 -41.81 -60.66
C ASN A 1078 30.43 -41.43 -59.26
N GLY A 1079 29.11 -41.44 -59.07
CA GLY A 1079 28.53 -41.20 -57.77
C GLY A 1079 27.04 -40.91 -57.79
N VAL A 1080 26.52 -40.42 -56.68
CA VAL A 1080 25.10 -40.12 -56.53
C VAL A 1080 24.90 -38.80 -55.81
N ILE A 1081 23.83 -38.10 -56.16
CA ILE A 1081 23.46 -36.87 -55.48
C ILE A 1081 21.97 -36.91 -55.14
N GLY A 1082 21.65 -36.62 -53.88
CA GLY A 1082 20.27 -36.61 -53.42
C GLY A 1082 19.97 -35.40 -52.57
N PHE A 1083 19.15 -34.50 -53.12
CA PHE A 1083 18.80 -33.25 -52.44
C PHE A 1083 17.30 -33.06 -52.31
N ILE A 1084 16.93 -32.12 -51.44
CA ILE A 1084 15.61 -31.51 -51.47
C ILE A 1084 15.82 -30.01 -51.74
N THR A 1085 15.36 -29.56 -52.90
CA THR A 1085 15.69 -28.22 -53.37
C THR A 1085 14.46 -27.43 -53.81
N ASN A 1086 14.71 -26.17 -54.17
CA ASN A 1086 13.69 -25.33 -54.76
C ASN A 1086 13.13 -25.96 -56.04
N ASN A 1087 11.84 -25.74 -56.28
CA ASN A 1087 11.14 -26.35 -57.41
C ASN A 1087 11.57 -25.81 -58.77
N SER A 1088 11.93 -24.53 -58.79
CA SER A 1088 12.01 -23.73 -60.01
C SER A 1088 12.70 -24.38 -61.21
N PHE A 1089 13.73 -25.17 -60.98
CA PHE A 1089 14.53 -25.69 -62.09
C PHE A 1089 13.73 -26.64 -62.99
N ILE A 1090 12.60 -27.14 -62.50
CA ILE A 1090 11.80 -28.08 -63.28
C ILE A 1090 11.11 -27.41 -64.47
N ASP A 1091 10.50 -26.25 -64.21
CA ASP A 1091 9.71 -25.56 -65.24
C ASP A 1091 10.07 -24.09 -65.36
N GLY A 1092 11.26 -23.72 -64.91
CA GLY A 1092 11.74 -22.35 -65.01
C GLY A 1092 12.25 -22.03 -66.40
N ASN A 1093 12.07 -20.78 -66.84
CA ASN A 1093 12.45 -20.39 -68.19
C ASN A 1093 13.97 -20.26 -68.37
N ALA A 1094 14.64 -19.75 -67.34
CA ALA A 1094 16.08 -19.53 -67.43
C ALA A 1094 16.87 -20.81 -67.19
N MET A 1095 16.15 -21.91 -66.93
CA MET A 1095 16.77 -23.18 -66.57
C MET A 1095 16.77 -24.16 -67.74
N ASP A 1096 16.24 -23.73 -68.88
CA ASP A 1096 16.13 -24.60 -70.05
C ASP A 1096 17.50 -25.14 -70.45
N GLY A 1097 18.52 -24.29 -70.33
CA GLY A 1097 19.89 -24.70 -70.60
C GLY A 1097 20.37 -25.71 -69.58
N MET A 1098 20.12 -25.41 -68.31
CA MET A 1098 20.44 -26.32 -67.21
C MET A 1098 19.76 -27.67 -67.41
N ARG A 1099 18.46 -27.61 -67.70
CA ARG A 1099 17.64 -28.80 -67.92
C ARG A 1099 18.24 -29.69 -69.00
N GLN A 1100 18.88 -29.06 -69.99
CA GLN A 1100 19.47 -29.80 -71.10
C GLN A 1100 20.81 -30.40 -70.70
N SER A 1101 21.56 -29.67 -69.88
CA SER A 1101 22.89 -30.10 -69.47
C SER A 1101 22.86 -31.28 -68.50
N LEU A 1102 21.81 -31.34 -67.68
CA LEU A 1102 21.66 -32.42 -66.71
C LEU A 1102 21.50 -33.76 -67.42
N LEU A 1103 20.80 -33.74 -68.55
CA LEU A 1103 20.60 -34.94 -69.36
C LEU A 1103 21.93 -35.46 -69.92
N GLU A 1104 22.85 -34.53 -70.18
CA GLU A 1104 24.13 -34.87 -70.78
C GLU A 1104 25.09 -35.47 -69.75
N GLU A 1105 25.00 -34.99 -68.52
CA GLU A 1105 25.90 -35.45 -67.45
C GLU A 1105 25.42 -36.74 -66.80
N PHE A 1106 24.14 -36.76 -66.44
CA PHE A 1106 23.59 -37.83 -65.61
C PHE A 1106 22.79 -38.85 -66.42
N SER A 1107 22.98 -40.12 -66.08
CA SER A 1107 22.28 -41.21 -66.74
C SER A 1107 20.83 -41.28 -66.29
N ASP A 1108 20.62 -41.03 -65.00
CA ASP A 1108 19.28 -41.06 -64.42
C ASP A 1108 19.01 -39.81 -63.58
N ILE A 1109 17.77 -39.33 -63.65
CA ILE A 1109 17.35 -38.17 -62.88
C ILE A 1109 15.94 -38.40 -62.34
N TYR A 1110 15.86 -38.87 -61.10
CA TYR A 1110 14.58 -39.09 -60.44
C TYR A 1110 14.10 -37.80 -59.80
N VAL A 1111 12.87 -37.42 -60.11
CA VAL A 1111 12.28 -36.19 -59.60
C VAL A 1111 10.94 -36.47 -58.92
N LEU A 1112 10.92 -36.30 -57.60
CA LEU A 1112 9.68 -36.38 -56.83
C LEU A 1112 9.30 -34.96 -56.42
N ASN A 1113 8.34 -34.38 -57.13
CA ASN A 1113 7.91 -33.02 -56.87
C ASN A 1113 6.91 -32.96 -55.72
N LEU A 1114 7.30 -32.29 -54.64
CA LEU A 1114 6.44 -32.14 -53.47
C LEU A 1114 5.58 -30.88 -53.58
N LYS A 1115 5.83 -30.07 -54.62
CA LYS A 1115 5.06 -28.86 -54.88
C LYS A 1115 5.09 -27.92 -53.67
N GLY A 1116 3.99 -27.20 -53.45
CA GLY A 1116 3.86 -26.33 -52.30
C GLY A 1116 4.15 -24.87 -52.62
N GLY A 1117 4.19 -24.54 -53.90
CA GLY A 1117 4.47 -23.17 -54.32
C GLY A 1117 3.24 -22.28 -54.21
N ILE A 1118 3.36 -21.20 -53.47
CA ILE A 1118 2.25 -20.26 -53.29
C ILE A 1118 2.42 -18.99 -54.12
N ARG A 1119 3.65 -18.46 -54.14
CA ARG A 1119 3.93 -17.19 -54.79
C ARG A 1119 3.52 -17.13 -56.26
N GLY A 1120 2.75 -16.10 -56.60
CA GLY A 1120 2.38 -15.86 -57.98
C GLY A 1120 1.48 -16.94 -58.55
N LYS A 1121 0.65 -17.52 -57.68
CA LYS A 1121 -0.30 -18.55 -58.08
C LYS A 1121 -1.72 -18.09 -57.82
N THR A 1122 -2.65 -18.52 -58.68
CA THR A 1122 -4.07 -18.27 -58.47
C THR A 1122 -4.59 -19.15 -57.34
N LYS A 1123 -5.83 -18.94 -56.94
CA LYS A 1123 -6.47 -19.80 -55.95
C LYS A 1123 -6.63 -21.20 -56.52
N ASP A 1124 -6.89 -21.27 -57.83
CA ASP A 1124 -7.05 -22.55 -58.52
C ASP A 1124 -5.72 -23.29 -58.62
N GLN A 1125 -4.65 -22.54 -58.83
CA GLN A 1125 -3.31 -23.12 -58.92
C GLN A 1125 -2.82 -23.55 -57.54
N SER A 1126 -3.02 -22.69 -56.55
CA SER A 1126 -2.51 -22.92 -55.20
C SER A 1126 -3.11 -24.17 -54.56
N ALA A 1127 -4.36 -24.46 -54.89
CA ALA A 1127 -5.05 -25.61 -54.33
C ALA A 1127 -4.37 -26.91 -54.73
N LEU A 1128 -3.94 -26.99 -55.99
CA LEU A 1128 -3.27 -28.18 -56.49
C LEU A 1128 -1.87 -28.30 -55.90
N GLU A 1129 -1.20 -27.17 -55.73
CA GLU A 1129 0.12 -27.14 -55.11
C GLU A 1129 0.05 -27.70 -53.69
N GLY A 1130 -1.05 -27.41 -53.00
CA GLY A 1130 -1.29 -27.93 -51.67
C GLY A 1130 -0.42 -27.28 -50.61
N GLY A 1131 -0.36 -27.91 -49.45
CA GLY A 1131 0.44 -27.40 -48.35
C GLY A 1131 1.93 -27.53 -48.63
N ASN A 1132 2.72 -26.70 -47.96
CA ASN A 1132 4.18 -26.71 -48.14
C ASN A 1132 4.87 -27.46 -47.00
N ILE A 1133 5.90 -28.22 -47.36
CA ILE A 1133 6.61 -29.06 -46.41
C ILE A 1133 7.36 -28.23 -45.37
N PHE A 1134 8.01 -27.15 -45.80
CA PHE A 1134 8.78 -26.31 -44.90
C PHE A 1134 7.99 -25.11 -44.40
N ASP A 1135 6.70 -25.07 -44.69
CA ASP A 1135 5.86 -23.92 -44.37
C ASP A 1135 6.43 -22.65 -45.00
N ILE A 1136 6.83 -22.75 -46.27
CA ILE A 1136 7.32 -21.60 -47.03
C ILE A 1136 6.49 -21.44 -48.30
N MET A 1137 6.82 -20.44 -49.11
CA MET A 1137 6.01 -20.11 -50.28
C MET A 1137 6.60 -20.64 -51.58
N THR A 1138 7.87 -21.05 -51.57
CA THR A 1138 8.48 -21.64 -52.75
C THR A 1138 8.19 -23.13 -52.81
N GLY A 1139 7.97 -23.64 -54.02
CA GLY A 1139 7.79 -25.07 -54.23
C GLY A 1139 9.06 -25.80 -53.88
N VAL A 1140 8.94 -27.10 -53.63
CA VAL A 1140 10.07 -27.92 -53.22
C VAL A 1140 10.00 -29.29 -53.90
N THR A 1141 11.17 -29.86 -54.19
CA THR A 1141 11.25 -31.16 -54.85
C THR A 1141 12.42 -31.99 -54.33
N ILE A 1142 12.20 -33.31 -54.25
CA ILE A 1142 13.28 -34.25 -54.04
C ILE A 1142 13.85 -34.64 -55.39
N ILE A 1143 15.16 -34.46 -55.58
CA ILE A 1143 15.80 -34.81 -56.84
C ILE A 1143 17.02 -35.69 -56.60
N MET A 1144 17.07 -36.81 -57.33
CA MET A 1144 18.15 -37.79 -57.21
C MET A 1144 18.92 -37.87 -58.52
N LEU A 1145 20.19 -37.46 -58.49
CA LEU A 1145 21.04 -37.49 -59.68
C LEU A 1145 22.01 -38.67 -59.66
N ILE A 1146 22.14 -39.33 -60.81
CA ILE A 1146 23.04 -40.47 -60.97
C ILE A 1146 23.83 -40.33 -62.26
N LYS A 1147 25.16 -40.32 -62.15
CA LYS A 1147 26.03 -40.31 -63.32
C LYS A 1147 26.92 -41.54 -63.34
N LYS A 1148 27.14 -42.07 -64.54
CA LYS A 1148 27.95 -43.26 -64.73
C LYS A 1148 28.93 -43.07 -65.87
N SER A 1149 30.18 -43.47 -65.64
CA SER A 1149 31.25 -43.24 -66.61
C SER A 1149 31.05 -44.05 -67.90
N ASP A 1150 30.31 -45.15 -67.80
CA ASP A 1150 30.09 -46.02 -68.96
C ASP A 1150 28.69 -45.82 -69.54
N TYR A 1151 28.14 -44.63 -69.33
CA TYR A 1151 26.83 -44.26 -69.87
C TYR A 1151 26.98 -43.02 -70.74
N THR A 1152 27.00 -43.22 -72.05
CA THR A 1152 27.41 -42.18 -72.99
C THR A 1152 26.25 -41.48 -73.71
N VAL A 1153 25.02 -41.91 -73.46
CA VAL A 1153 23.85 -41.31 -74.11
C VAL A 1153 23.11 -40.39 -73.16
N GLU A 1154 22.16 -39.63 -73.71
CA GLU A 1154 21.32 -38.76 -72.90
C GLU A 1154 20.53 -39.57 -71.89
N GLY A 1155 20.60 -39.16 -70.63
CA GLY A 1155 19.93 -39.88 -69.57
C GLY A 1155 18.42 -39.82 -69.70
N ARG A 1156 17.72 -40.61 -68.88
CA ARG A 1156 16.27 -40.61 -68.84
C ARG A 1156 15.78 -39.98 -67.55
N ILE A 1157 14.58 -39.42 -67.58
CA ILE A 1157 14.04 -38.67 -66.46
C ILE A 1157 12.80 -39.35 -65.89
N HIS A 1158 12.84 -39.60 -64.58
CA HIS A 1158 11.72 -40.20 -63.86
C HIS A 1158 11.05 -39.15 -62.98
N TYR A 1159 9.80 -38.84 -63.30
CA TYR A 1159 9.06 -37.79 -62.59
C TYR A 1159 7.86 -38.36 -61.85
N LEU A 1160 7.69 -37.92 -60.60
CA LEU A 1160 6.53 -38.29 -59.80
C LEU A 1160 5.93 -37.07 -59.10
N ASP A 1161 4.63 -36.88 -59.30
CA ASP A 1161 3.88 -35.82 -58.64
C ASP A 1161 3.24 -36.40 -57.38
N ILE A 1162 3.48 -35.76 -56.25
CA ILE A 1162 3.01 -36.27 -54.96
C ILE A 1162 1.48 -36.31 -54.90
N GLY A 1163 0.84 -35.32 -55.51
CA GLY A 1163 -0.61 -35.26 -55.55
C GLY A 1163 -1.16 -33.85 -55.49
N ASN A 1164 -2.48 -33.72 -55.46
CA ASN A 1164 -3.15 -32.42 -55.42
C ASN A 1164 -4.04 -32.27 -54.20
N ASN A 1165 -4.21 -31.02 -53.75
CA ASN A 1165 -5.07 -30.70 -52.61
C ASN A 1165 -4.65 -31.45 -51.36
N LEU A 1166 -3.33 -31.58 -51.17
CA LEU A 1166 -2.77 -32.23 -49.99
C LEU A 1166 -2.09 -31.22 -49.08
N ASP A 1167 -2.35 -31.31 -47.78
CA ASP A 1167 -1.60 -30.53 -46.80
C ASP A 1167 -0.26 -31.22 -46.59
N LYS A 1168 0.63 -30.59 -45.85
CA LYS A 1168 1.99 -31.11 -45.71
C LYS A 1168 2.02 -32.47 -45.03
N TYR A 1169 1.13 -32.68 -44.06
CA TYR A 1169 1.10 -33.92 -43.31
C TYR A 1169 0.73 -35.11 -44.20
N GLN A 1170 -0.15 -34.89 -45.16
CA GLN A 1170 -0.55 -35.93 -46.08
C GLN A 1170 0.58 -36.26 -47.06
N LYS A 1171 1.37 -35.25 -47.41
CA LYS A 1171 2.50 -35.44 -48.31
C LYS A 1171 3.59 -36.26 -47.65
N LEU A 1172 3.79 -36.05 -46.35
CA LEU A 1172 4.83 -36.76 -45.61
C LEU A 1172 4.44 -38.21 -45.35
N GLU A 1173 3.15 -38.45 -45.08
CA GLU A 1173 2.65 -39.80 -44.88
C GLU A 1173 2.88 -40.64 -46.13
N LYS A 1174 2.76 -40.02 -47.29
CA LYS A 1174 2.96 -40.70 -48.56
C LYS A 1174 4.42 -41.10 -48.76
N LEU A 1175 5.32 -40.22 -48.35
CA LEU A 1175 6.75 -40.51 -48.41
C LEU A 1175 7.11 -41.62 -47.43
N LYS A 1176 6.48 -41.58 -46.26
CA LYS A 1176 6.73 -42.59 -45.24
C LYS A 1176 6.24 -43.96 -45.70
N ASN A 1177 5.05 -44.00 -46.29
CA ASN A 1177 4.47 -45.24 -46.77
C ASN A 1177 5.31 -45.87 -47.87
N TRP A 1178 5.84 -45.03 -48.76
CA TRP A 1178 6.66 -45.49 -49.87
C TRP A 1178 8.03 -45.99 -49.40
N LYS A 1179 8.62 -45.25 -48.45
CA LYS A 1179 9.94 -45.55 -47.88
C LYS A 1179 11.10 -45.24 -48.83
N SER A 1180 10.91 -45.48 -50.13
CA SER A 1180 12.01 -45.31 -51.08
C SER A 1180 11.50 -45.09 -52.51
N LEU A 1181 12.43 -44.97 -53.45
CA LEU A 1181 12.10 -44.86 -54.86
C LEU A 1181 11.48 -46.16 -55.36
N ASN A 1182 12.04 -47.28 -54.91
CA ASN A 1182 11.54 -48.60 -55.29
C ASN A 1182 10.12 -48.84 -54.82
N GLY A 1183 9.78 -48.25 -53.68
CA GLY A 1183 8.45 -48.41 -53.12
C GLY A 1183 7.41 -47.59 -53.87
N ALA A 1184 7.86 -46.56 -54.57
CA ALA A 1184 6.97 -45.65 -55.29
C ALA A 1184 7.13 -45.78 -56.80
N THR A 1185 7.95 -46.72 -57.24
CA THR A 1185 8.27 -46.85 -58.66
C THR A 1185 7.03 -47.12 -59.51
N SER A 1186 6.00 -47.66 -58.89
CA SER A 1186 4.75 -47.95 -59.59
C SER A 1186 4.05 -46.68 -60.04
N GLU A 1187 4.04 -45.67 -59.18
CA GLU A 1187 3.36 -44.42 -59.47
C GLU A 1187 4.25 -43.46 -60.27
N PHE A 1188 5.52 -43.84 -60.44
CA PHE A 1188 6.45 -43.03 -61.23
C PHE A 1188 6.12 -43.12 -62.71
N GLN A 1189 6.45 -42.06 -63.45
CA GLN A 1189 6.26 -42.02 -64.90
C GLN A 1189 7.47 -41.38 -65.55
N ASN A 1190 7.89 -41.94 -66.68
CA ASN A 1190 9.04 -41.42 -67.40
C ASN A 1190 8.68 -40.15 -68.16
N ILE A 1191 9.68 -39.29 -68.37
CA ILE A 1191 9.47 -38.01 -69.05
C ILE A 1191 10.35 -37.90 -70.29
N ILE A 1192 9.73 -37.50 -71.40
CA ILE A 1192 10.44 -37.25 -72.65
C ILE A 1192 10.48 -35.75 -72.90
N PRO A 1193 11.67 -35.14 -72.76
CA PRO A 1193 11.73 -33.67 -72.95
C PRO A 1193 11.60 -33.29 -74.42
N ASN A 1194 10.87 -32.21 -74.70
CA ASN A 1194 10.66 -31.77 -76.08
C ASN A 1194 11.85 -30.99 -76.59
N GLU A 1195 11.70 -30.39 -77.77
CA GLU A 1195 12.78 -29.63 -78.39
C GLU A 1195 13.10 -28.38 -77.58
N LYS A 1196 12.07 -27.76 -77.02
CA LYS A 1196 12.25 -26.54 -76.24
C LYS A 1196 12.96 -26.84 -74.92
N GLY A 1197 12.78 -28.05 -74.41
CA GLY A 1197 13.44 -28.48 -73.19
C GLY A 1197 12.50 -28.58 -72.00
N ASP A 1198 11.20 -28.63 -72.27
CA ASP A 1198 10.20 -28.74 -71.22
C ASP A 1198 10.05 -30.17 -70.72
N TRP A 1199 9.80 -30.31 -69.42
CA TRP A 1199 9.52 -31.62 -68.83
C TRP A 1199 8.02 -31.78 -68.57
N ILE A 1200 7.45 -30.81 -67.86
CA ILE A 1200 6.00 -30.77 -67.61
C ILE A 1200 5.39 -29.58 -68.33
N ASN A 1201 4.09 -29.67 -68.62
CA ASN A 1201 3.38 -28.61 -69.32
C ASN A 1201 4.07 -28.27 -70.64
N GLN A 1202 4.27 -29.28 -71.48
CA GLN A 1202 5.05 -29.14 -72.70
C GLN A 1202 4.26 -28.46 -73.83
N ARG A 1203 4.89 -27.50 -74.49
CA ARG A 1203 4.27 -26.82 -75.62
C ARG A 1203 4.21 -27.74 -76.85
N ASN A 1204 3.14 -27.61 -77.63
CA ASN A 1204 2.89 -28.47 -78.79
C ASN A 1204 2.74 -27.73 -80.11
N SER A 1205 1.89 -26.71 -80.10
CA SER A 1205 1.26 -26.22 -81.32
C SER A 1205 2.16 -25.46 -82.29
N ASN A 1206 1.52 -24.88 -83.30
CA ASN A 1206 2.17 -24.15 -84.38
C ASN A 1206 2.61 -22.74 -84.00
N PHE A 1207 2.82 -22.52 -82.70
CA PHE A 1207 2.96 -21.17 -82.15
C PHE A 1207 4.04 -20.33 -82.82
N ASP A 1208 5.15 -20.94 -83.22
CA ASP A 1208 6.27 -20.20 -83.78
C ASP A 1208 6.03 -19.78 -85.23
N GLU A 1209 5.00 -20.35 -85.85
CA GLU A 1209 4.67 -19.99 -87.22
C GLU A 1209 3.90 -18.67 -87.27
N LEU A 1210 3.30 -18.31 -86.14
CA LEU A 1210 2.53 -17.08 -86.05
C LEU A 1210 3.46 -15.87 -86.10
N ILE A 1211 2.87 -14.69 -86.15
CA ILE A 1211 3.61 -13.45 -86.36
C ILE A 1211 3.99 -12.80 -85.03
N SER A 1212 5.26 -12.44 -84.89
CA SER A 1212 5.76 -11.82 -83.66
C SER A 1212 5.16 -10.42 -83.50
N LEU A 1213 4.70 -10.12 -82.29
CA LEU A 1213 4.21 -8.78 -81.96
C LEU A 1213 5.37 -7.92 -81.53
N GLY A 1214 6.33 -8.51 -80.84
CA GLY A 1214 7.51 -7.81 -80.38
C GLY A 1214 8.77 -8.66 -80.42
N ASN A 1215 9.89 -8.02 -80.74
CA ASN A 1215 11.19 -8.70 -80.78
C ASN A 1215 12.32 -7.69 -80.63
N LYS A 1216 13.05 -7.79 -79.52
CA LYS A 1216 14.10 -6.83 -79.21
C LYS A 1216 15.30 -7.00 -80.13
N LYS A 1217 15.56 -8.24 -80.55
CA LYS A 1217 16.62 -8.54 -81.50
C LYS A 1217 16.03 -9.05 -82.81
N GLY A 1218 15.86 -8.16 -83.77
CA GLY A 1218 15.28 -8.49 -85.06
C GLY A 1218 14.18 -7.53 -85.46
N SER A 1219 13.87 -7.51 -86.75
CA SER A 1219 12.83 -6.64 -87.30
C SER A 1219 11.67 -7.47 -87.86
N ASP A 1220 11.48 -8.65 -87.28
CA ASP A 1220 10.44 -9.58 -87.73
C ASP A 1220 9.07 -9.23 -87.17
N SER A 1221 9.06 -8.49 -86.06
CA SER A 1221 7.84 -8.28 -85.30
C SER A 1221 6.97 -7.13 -85.81
N LEU A 1222 5.67 -7.24 -85.56
CA LEU A 1222 4.68 -6.23 -85.97
C LEU A 1222 5.02 -4.84 -85.43
N PHE A 1223 5.30 -4.77 -84.13
CA PHE A 1223 5.67 -3.50 -83.50
C PHE A 1223 7.16 -3.25 -83.62
N ILE A 1224 7.52 -2.04 -84.04
CA ILE A 1224 8.92 -1.65 -84.19
C ILE A 1224 9.64 -1.73 -82.85
N ASP A 1225 8.93 -1.38 -81.79
CA ASP A 1225 9.47 -1.46 -80.44
C ASP A 1225 8.34 -1.51 -79.42
N TYR A 1226 8.62 -2.12 -78.27
CA TYR A 1226 7.67 -2.14 -77.16
C TYR A 1226 8.44 -1.86 -75.88
N THR A 1227 7.70 -1.61 -74.80
CA THR A 1227 8.32 -1.22 -73.52
C THR A 1227 7.73 -1.99 -72.34
N GLY A 1228 8.59 -2.31 -71.38
CA GLY A 1228 8.13 -2.85 -70.12
C GLY A 1228 7.58 -1.71 -69.28
N GLY A 1229 6.67 -2.03 -68.36
CA GLY A 1229 6.10 -1.01 -67.51
C GLY A 1229 7.14 -0.33 -66.65
N LEU A 1230 6.82 0.85 -66.16
CA LEU A 1230 7.75 1.60 -65.32
C LEU A 1230 8.05 0.87 -64.02
N LYS A 1231 9.33 0.69 -63.73
CA LYS A 1231 9.79 0.00 -62.52
C LYS A 1231 10.61 0.95 -61.66
N THR A 1232 10.04 1.35 -60.52
CA THR A 1232 10.66 2.33 -59.66
C THR A 1232 11.74 1.72 -58.76
N GLY A 1233 11.43 0.57 -58.17
CA GLY A 1233 12.30 -0.04 -57.18
C GLY A 1233 12.04 0.53 -55.80
N ARG A 1234 11.00 1.36 -55.69
CA ARG A 1234 10.64 1.98 -54.42
C ARG A 1234 9.20 2.49 -54.48
N ASP A 1235 8.26 1.55 -54.68
CA ASP A 1235 6.86 1.89 -54.95
C ASP A 1235 6.19 2.72 -53.86
N ASN A 1236 6.53 2.46 -52.60
CA ASN A 1236 5.92 3.18 -51.49
C ASN A 1236 6.26 4.67 -51.55
N TRP A 1237 7.44 4.99 -52.08
CA TRP A 1237 7.88 6.37 -52.21
C TRP A 1237 7.45 6.99 -53.53
N SER A 1238 7.48 6.20 -54.60
CA SER A 1238 7.23 6.71 -55.94
C SER A 1238 5.75 6.68 -56.31
N TRP A 1239 5.06 5.62 -55.95
CA TRP A 1239 3.64 5.46 -56.26
C TRP A 1239 2.75 5.81 -55.07
N ASN A 1240 1.71 6.61 -55.33
CA ASN A 1240 0.74 6.94 -54.29
C ASN A 1240 -0.51 7.55 -54.90
N PHE A 1241 -1.66 7.31 -54.25
CA PHE A 1241 -2.92 7.89 -54.68
C PHE A 1241 -2.82 9.41 -54.64
N SER A 1242 -2.15 9.92 -53.62
CA SER A 1242 -2.01 11.36 -53.43
C SER A 1242 -0.80 11.92 -54.17
N LYS A 1243 -1.06 12.85 -55.10
CA LYS A 1243 0.01 13.52 -55.83
C LYS A 1243 0.91 14.25 -54.85
N GLU A 1244 0.31 14.81 -53.80
CA GLU A 1244 1.05 15.55 -52.79
C GLU A 1244 1.97 14.63 -52.00
N GLN A 1245 1.48 13.44 -51.67
CA GLN A 1245 2.24 12.49 -50.87
C GLN A 1245 3.51 12.04 -51.58
N VAL A 1246 3.40 11.79 -52.88
CA VAL A 1246 4.56 11.43 -53.69
C VAL A 1246 5.63 12.50 -53.57
N GLU A 1247 5.24 13.73 -53.88
CA GLU A 1247 6.14 14.88 -53.81
C GLU A 1247 6.84 14.96 -52.46
N LEU A 1248 6.08 14.78 -51.38
CA LEU A 1248 6.64 14.82 -50.03
C LEU A 1248 7.62 13.68 -49.78
N SER A 1249 7.26 12.49 -50.24
CA SER A 1249 8.11 11.31 -50.06
C SER A 1249 9.41 11.46 -50.84
N MET A 1250 9.32 11.95 -52.06
CA MET A 1250 10.49 12.06 -52.93
C MET A 1250 11.39 13.23 -52.53
N LYS A 1251 10.80 14.35 -52.15
CA LYS A 1251 11.59 15.51 -51.72
C LYS A 1251 12.33 15.16 -50.43
N SER A 1252 11.74 14.30 -49.62
CA SER A 1252 12.40 13.79 -48.43
C SER A 1252 13.60 12.93 -48.81
N SER A 1253 13.41 12.10 -49.84
CA SER A 1253 14.47 11.22 -50.32
C SER A 1253 15.61 12.01 -50.96
N ILE A 1254 15.26 13.08 -51.67
CA ILE A 1254 16.26 13.93 -52.31
C ILE A 1254 17.09 14.67 -51.26
N ASP A 1255 16.42 15.27 -50.29
CA ASP A 1255 17.10 16.00 -49.22
C ASP A 1255 17.99 15.08 -48.40
N TYR A 1256 17.52 13.87 -48.15
CA TYR A 1256 18.33 12.88 -47.45
C TYR A 1256 19.51 12.45 -48.29
N TYR A 1257 19.24 12.18 -49.56
CA TYR A 1257 20.27 11.80 -50.53
C TYR A 1257 21.37 12.85 -50.62
N ASN A 1258 20.97 14.10 -50.79
CA ASN A 1258 21.92 15.20 -50.96
C ASN A 1258 22.70 15.53 -49.69
N GLN A 1259 22.05 15.34 -48.54
CA GLN A 1259 22.68 15.67 -47.27
C GLN A 1259 23.92 14.82 -47.02
N TYR A 1260 23.85 13.53 -47.35
CA TYR A 1260 24.92 12.58 -47.09
C TYR A 1260 25.59 12.07 -48.36
N LEU A 1261 25.45 12.77 -49.49
CA LEU A 1261 25.94 12.26 -50.76
C LEU A 1261 27.45 11.98 -50.70
N GLY A 1262 27.82 10.80 -51.21
CA GLY A 1262 29.20 10.34 -51.18
C GLY A 1262 29.49 9.43 -50.00
N ASP A 1263 28.77 9.60 -48.90
CA ASP A 1263 29.02 8.81 -47.69
C ASP A 1263 28.34 7.44 -47.76
N THR A 1264 29.15 6.41 -47.89
CA THR A 1264 28.66 5.04 -48.09
C THR A 1264 28.13 4.42 -46.79
N ASN A 1265 28.56 4.96 -45.66
CA ASN A 1265 28.25 4.37 -44.36
C ASN A 1265 26.78 4.33 -43.99
N ILE A 1266 25.99 5.26 -44.53
CA ILE A 1266 24.57 5.33 -44.19
C ILE A 1266 23.75 4.24 -44.89
N TYR A 1267 24.41 3.41 -45.70
CA TYR A 1267 23.76 2.23 -46.26
C TYR A 1267 23.36 1.28 -45.13
N LYS A 1268 24.11 1.31 -44.04
CA LYS A 1268 23.95 0.36 -42.95
C LYS A 1268 22.74 0.65 -42.06
N GLU A 1269 22.08 1.78 -42.28
CA GLU A 1269 21.04 2.25 -41.37
C GLU A 1269 19.64 1.73 -41.70
N ASP A 1270 19.24 1.87 -42.97
CA ASP A 1270 17.90 1.49 -43.41
C ASP A 1270 16.83 2.36 -42.75
N VAL A 1271 16.77 3.63 -43.14
CA VAL A 1271 15.79 4.57 -42.62
C VAL A 1271 14.52 4.58 -43.48
N PRO A 1272 13.43 5.15 -42.95
CA PRO A 1272 12.21 5.34 -43.75
C PRO A 1272 12.31 6.49 -44.73
N ASP A 1273 13.36 7.30 -44.61
CA ASP A 1273 13.54 8.47 -45.47
C ASP A 1273 13.71 8.10 -46.94
N ILE A 1274 14.47 7.04 -47.19
CA ILE A 1274 14.84 6.68 -48.55
C ILE A 1274 14.91 5.16 -48.75
N SER A 1275 14.53 4.73 -49.95
CA SER A 1275 14.68 3.33 -50.35
C SER A 1275 15.73 3.22 -51.43
N TRP A 1276 16.69 2.32 -51.24
CA TRP A 1276 17.83 2.22 -52.13
C TRP A 1276 17.61 1.27 -53.30
N THR A 1277 18.35 1.53 -54.38
CA THR A 1277 18.49 0.59 -55.47
C THR A 1277 19.94 0.61 -55.91
N ARG A 1278 20.38 -0.45 -56.58
CA ARG A 1278 21.74 -0.51 -57.07
C ARG A 1278 22.03 0.72 -57.94
N SER A 1279 21.07 1.05 -58.79
CA SER A 1279 21.17 2.20 -59.69
C SER A 1279 21.44 3.49 -58.93
N LEU A 1280 20.67 3.72 -57.86
CA LEU A 1280 20.78 4.94 -57.09
C LEU A 1280 22.10 5.00 -56.32
N LYS A 1281 22.52 3.86 -55.78
CA LYS A 1281 23.80 3.77 -55.06
C LYS A 1281 24.95 4.15 -55.96
N GLN A 1282 24.87 3.75 -57.23
CA GLN A 1282 25.92 4.07 -58.19
C GLN A 1282 25.98 5.57 -58.43
N ARG A 1283 24.81 6.20 -58.56
CA ARG A 1283 24.75 7.65 -58.70
C ARG A 1283 25.23 8.33 -57.42
N PHE A 1284 24.78 7.80 -56.29
CA PHE A 1284 25.15 8.29 -54.97
C PHE A 1284 26.67 8.30 -54.79
N GLU A 1285 27.30 7.19 -55.15
CA GLU A 1285 28.75 7.07 -55.08
C GLU A 1285 29.44 7.92 -56.13
N ARG A 1286 28.72 8.26 -57.18
CA ARG A 1286 29.26 9.05 -58.29
C ARG A 1286 29.09 10.56 -58.05
N ARG A 1287 28.63 10.91 -56.85
CA ARG A 1287 28.52 12.30 -56.41
C ARG A 1287 27.56 13.13 -57.26
N GLU A 1288 26.64 12.48 -57.95
CA GLU A 1288 25.60 13.20 -58.68
C GLU A 1288 24.57 13.78 -57.71
N THR A 1289 24.49 15.10 -57.65
CA THR A 1289 23.49 15.77 -56.82
C THR A 1289 22.13 15.67 -57.50
N GLN A 1290 21.07 15.64 -56.68
CA GLN A 1290 19.71 15.55 -57.18
C GLN A 1290 18.91 16.78 -56.80
N SER A 1291 17.86 17.06 -57.58
CA SER A 1291 16.97 18.17 -57.29
C SER A 1291 15.56 17.85 -57.79
N TRP A 1292 14.56 18.32 -57.07
CA TRP A 1292 13.16 18.02 -57.40
C TRP A 1292 12.76 18.62 -58.73
N GLN A 1293 12.04 17.82 -59.53
CA GLN A 1293 11.56 18.24 -60.85
C GLN A 1293 10.06 18.01 -60.93
N GLY A 1294 9.29 19.08 -60.71
CA GLY A 1294 7.84 18.99 -60.70
C GLY A 1294 7.25 18.53 -62.01
N GLU A 1295 7.98 18.74 -63.10
CA GLU A 1295 7.46 18.42 -64.42
C GLU A 1295 7.42 16.90 -64.65
N ARG A 1296 8.09 16.15 -63.79
CA ARG A 1296 8.25 14.71 -63.99
C ARG A 1296 7.21 13.88 -63.25
N MET A 1297 6.17 14.53 -62.73
CA MET A 1297 5.06 13.80 -62.11
C MET A 1297 4.08 13.31 -63.17
N TYR A 1298 3.88 12.00 -63.23
CA TYR A 1298 2.96 11.40 -64.19
C TYR A 1298 1.67 10.92 -63.53
N LEU A 1299 0.64 10.73 -64.34
CA LEU A 1299 -0.53 9.97 -63.96
C LEU A 1299 -0.42 8.60 -64.64
N GLY A 1300 -0.53 7.53 -63.85
CA GLY A 1300 -0.32 6.19 -64.35
C GLY A 1300 -1.20 5.15 -63.71
N MET A 1301 -1.26 3.97 -64.33
CA MET A 1301 -2.05 2.85 -63.80
C MET A 1301 -1.13 1.87 -63.10
N TYR A 1302 -1.30 1.76 -61.78
CA TYR A 1302 -0.46 0.91 -60.95
C TYR A 1302 -0.90 -0.55 -61.05
N ARG A 1303 -2.17 -0.79 -60.74
CA ARG A 1303 -2.80 -2.10 -60.94
C ARG A 1303 -4.01 -1.88 -61.85
N PRO A 1304 -4.59 -2.97 -62.38
CA PRO A 1304 -5.72 -2.83 -63.32
C PRO A 1304 -6.87 -1.99 -62.76
N PHE A 1305 -7.30 -0.99 -63.53
CA PHE A 1305 -8.37 -0.08 -63.12
C PHE A 1305 -8.03 0.67 -61.85
N THR A 1306 -6.75 0.98 -61.67
CA THR A 1306 -6.28 1.67 -60.47
C THR A 1306 -5.22 2.70 -60.83
N LYS A 1307 -5.64 3.96 -60.98
CA LYS A 1307 -4.72 5.03 -61.35
C LYS A 1307 -4.05 5.65 -60.12
N LYS A 1308 -2.77 5.96 -60.26
CA LYS A 1308 -1.99 6.59 -59.20
C LYS A 1308 -1.00 7.58 -59.79
N HIS A 1309 -0.36 8.35 -58.92
CA HIS A 1309 0.62 9.34 -59.37
C HIS A 1309 2.05 8.80 -59.19
N VAL A 1310 2.91 9.11 -60.15
CA VAL A 1310 4.29 8.65 -60.13
C VAL A 1310 5.27 9.80 -60.27
N TYR A 1311 6.35 9.74 -59.50
CA TYR A 1311 7.51 10.59 -59.74
C TYR A 1311 8.44 9.90 -60.71
N TYR A 1312 8.11 9.98 -61.99
CA TYR A 1312 8.89 9.34 -63.05
C TYR A 1312 10.05 10.26 -63.44
N ALA A 1313 11.09 10.26 -62.61
CA ALA A 1313 12.34 10.95 -62.92
C ALA A 1313 13.45 9.91 -63.03
N GLN A 1314 14.25 10.02 -64.09
CA GLN A 1314 15.25 9.00 -64.44
C GLN A 1314 16.12 8.56 -63.28
N ALA A 1315 16.59 9.51 -62.48
CA ALA A 1315 17.52 9.23 -61.39
C ALA A 1315 16.88 8.41 -60.27
N TRP A 1316 15.55 8.46 -60.18
CA TRP A 1316 14.82 7.79 -59.10
C TRP A 1316 13.97 6.64 -59.62
N ILE A 1317 14.31 6.16 -60.81
CA ILE A 1317 13.66 5.00 -61.41
C ILE A 1317 14.73 3.94 -61.68
N ASP A 1318 14.40 2.69 -61.36
CA ASP A 1318 15.32 1.58 -61.58
C ASP A 1318 15.37 1.25 -63.07
N ARG A 1319 14.20 1.04 -63.67
CA ARG A 1319 14.09 0.75 -65.09
C ARG A 1319 12.93 1.51 -65.72
N GLN A 1320 13.24 2.42 -66.63
CA GLN A 1320 12.21 3.08 -67.43
C GLN A 1320 12.05 2.34 -68.74
N TYR A 1321 13.01 1.47 -69.05
CA TYR A 1321 12.97 0.68 -70.28
C TYR A 1321 12.92 1.60 -71.49
N GLN A 1322 11.91 1.45 -72.35
CA GLN A 1322 11.78 2.28 -73.55
C GLN A 1322 10.68 3.33 -73.40
N MET A 1323 10.42 3.72 -72.16
CA MET A 1323 9.32 4.64 -71.86
C MET A 1323 9.60 6.05 -72.40
N THR A 1324 10.87 6.35 -72.64
CA THR A 1324 11.24 7.65 -73.19
C THR A 1324 10.76 7.80 -74.62
N LYS A 1325 10.54 6.67 -75.29
CA LYS A 1325 10.07 6.67 -76.67
C LYS A 1325 8.56 6.53 -76.75
N VAL A 1326 7.92 6.22 -75.63
CA VAL A 1326 6.48 6.02 -75.59
C VAL A 1326 5.78 7.22 -74.94
N LEU A 1327 6.26 7.61 -73.76
CA LEU A 1327 5.74 8.79 -73.06
C LEU A 1327 6.89 9.67 -72.58
N PRO A 1328 7.48 10.45 -73.51
CA PRO A 1328 8.61 11.33 -73.20
C PRO A 1328 8.36 12.27 -72.01
N SER A 1329 7.21 12.94 -72.01
CA SER A 1329 6.85 13.89 -70.96
C SER A 1329 5.54 13.49 -70.30
N SER A 1330 5.27 14.11 -69.14
CA SER A 1330 4.08 13.80 -68.36
C SER A 1330 2.81 14.02 -69.16
N THR A 1331 2.87 14.96 -70.11
CA THR A 1331 1.70 15.34 -70.89
C THR A 1331 1.62 14.60 -72.22
N SER A 1332 2.58 13.72 -72.47
CA SER A 1332 2.57 12.93 -73.69
C SER A 1332 1.33 12.04 -73.75
N SER A 1333 0.80 11.87 -74.95
CA SER A 1333 -0.35 11.00 -75.18
C SER A 1333 0.06 9.78 -75.99
N ASN A 1334 -0.55 8.64 -75.69
CA ASN A 1334 -0.24 7.40 -76.39
C ASN A 1334 -1.30 6.34 -76.10
N LEU A 1335 -1.25 5.25 -76.85
CA LEU A 1335 -2.15 4.12 -76.65
C LEU A 1335 -1.34 2.85 -76.66
N MET A 1336 -1.42 2.08 -75.57
CA MET A 1336 -0.61 0.88 -75.41
C MET A 1336 -1.39 -0.28 -74.81
N ILE A 1337 -1.34 -1.42 -75.49
CA ILE A 1337 -1.94 -2.66 -75.01
C ILE A 1337 -1.00 -3.32 -73.99
N SER A 1338 -1.44 -3.39 -72.73
CA SER A 1338 -0.62 -3.93 -71.66
C SER A 1338 -0.93 -5.40 -71.42
N LEU A 1339 0.08 -6.17 -71.04
CA LEU A 1339 -0.09 -7.59 -70.77
C LEU A 1339 1.16 -8.16 -70.12
N SER A 1340 1.02 -9.31 -69.47
CA SER A 1340 2.14 -9.97 -68.81
C SER A 1340 3.15 -10.51 -69.81
N ASN A 1341 4.42 -10.45 -69.43
CA ASN A 1341 5.49 -11.05 -70.22
C ASN A 1341 5.21 -12.53 -70.42
N LYS A 1342 4.77 -13.18 -69.34
CA LYS A 1342 4.40 -14.59 -69.37
C LYS A 1342 3.29 -14.82 -68.35
N THR A 1343 2.26 -15.56 -68.74
CA THR A 1343 1.11 -15.76 -67.86
C THR A 1343 1.47 -16.69 -66.70
N GLY A 1344 2.45 -17.56 -66.92
CA GLY A 1344 2.92 -18.47 -65.89
C GLY A 1344 1.86 -19.45 -65.43
N GLY A 1345 0.92 -19.76 -66.32
CA GLY A 1345 -0.15 -20.70 -66.03
C GLY A 1345 -1.50 -20.03 -65.89
N LYS A 1346 -1.50 -18.72 -65.68
CA LYS A 1346 -2.74 -17.96 -65.57
C LYS A 1346 -3.47 -17.96 -66.91
N GLN A 1347 -4.77 -17.65 -66.87
CA GLN A 1347 -5.53 -17.41 -68.09
C GLN A 1347 -5.06 -16.11 -68.72
N PHE A 1348 -4.87 -16.12 -70.03
CA PHE A 1348 -4.35 -14.94 -70.72
C PHE A 1348 -5.32 -13.77 -70.59
N SER A 1349 -4.77 -12.59 -70.30
CA SER A 1349 -5.57 -11.37 -70.17
C SER A 1349 -4.78 -10.18 -70.68
N THR A 1350 -5.49 -9.10 -70.99
CA THR A 1350 -4.85 -7.88 -71.45
C THR A 1350 -5.74 -6.68 -71.13
N LEU A 1351 -5.11 -5.51 -71.02
CA LEU A 1351 -5.82 -4.27 -70.77
C LEU A 1351 -5.19 -3.13 -71.55
N ILE A 1352 -5.98 -2.48 -72.40
CA ILE A 1352 -5.49 -1.33 -73.14
C ILE A 1352 -5.43 -0.14 -72.18
N VAL A 1353 -4.38 0.67 -72.32
CA VAL A 1353 -4.07 1.69 -71.33
C VAL A 1353 -3.72 3.03 -71.97
N ASP A 1354 -4.18 4.11 -71.34
CA ASP A 1354 -4.00 5.46 -71.87
C ASP A 1354 -2.92 6.22 -71.10
N VAL A 1355 -2.51 5.65 -69.96
CA VAL A 1355 -1.58 6.32 -69.05
C VAL A 1355 -0.32 5.47 -68.83
N LEU A 1356 0.58 5.97 -68.00
CA LEU A 1356 1.85 5.28 -67.74
C LEU A 1356 1.66 4.00 -66.92
N PRO A 1357 1.90 2.82 -67.53
CA PRO A 1357 1.68 1.57 -66.80
C PRO A 1357 2.86 1.13 -65.94
N ASP A 1358 2.58 0.68 -64.74
CA ASP A 1358 3.61 0.16 -63.85
C ASP A 1358 4.14 -1.19 -64.35
N VAL A 1359 5.36 -1.55 -63.92
CA VAL A 1359 5.97 -2.79 -64.37
C VAL A 1359 5.19 -4.01 -63.88
N ASN A 1360 4.62 -3.90 -62.69
CA ASN A 1360 3.86 -5.00 -62.08
C ASN A 1360 2.36 -4.82 -62.27
N LEU A 1361 1.97 -4.06 -63.29
CA LEU A 1361 0.58 -3.96 -63.69
C LEU A 1361 0.09 -5.33 -64.13
N PHE A 1362 1.02 -6.12 -64.66
CA PHE A 1362 0.79 -7.53 -64.94
C PHE A 1362 1.93 -8.34 -64.35
N THR A 1363 1.66 -9.57 -63.93
CA THR A 1363 2.67 -10.42 -63.33
C THR A 1363 3.77 -10.77 -64.33
N GLY A 1364 4.94 -11.14 -63.82
CA GLY A 1364 6.08 -11.45 -64.66
C GLY A 1364 6.58 -10.24 -65.42
N GLY A 1365 6.28 -9.05 -64.89
CA GLY A 1365 6.66 -7.81 -65.54
C GLY A 1365 5.75 -7.51 -66.71
N SER A 1366 5.11 -6.35 -66.67
CA SER A 1366 4.18 -5.96 -67.74
C SER A 1366 4.93 -5.65 -69.02
N GLN A 1367 4.26 -5.86 -70.15
CA GLN A 1367 4.80 -5.54 -71.46
C GLN A 1367 3.75 -4.77 -72.25
N ASN A 1368 4.15 -3.63 -72.81
CA ASN A 1368 3.21 -2.70 -73.41
C ASN A 1368 3.50 -2.40 -74.87
N LEU A 1369 2.50 -2.68 -75.71
CA LEU A 1369 2.62 -2.51 -77.16
C LEU A 1369 2.01 -1.17 -77.59
N PRO A 1370 2.87 -0.18 -77.92
CA PRO A 1370 2.38 1.19 -78.14
C PRO A 1370 1.79 1.44 -79.53
N LYS A 1371 0.93 2.45 -79.63
CA LYS A 1371 0.38 2.87 -80.91
C LYS A 1371 1.39 3.73 -81.66
N TYR A 1372 2.02 4.63 -80.92
CA TYR A 1372 3.00 5.56 -81.47
C TYR A 1372 4.36 5.41 -80.80
N LEU A 1373 5.37 5.98 -81.43
CA LEU A 1373 6.69 6.12 -80.82
C LEU A 1373 7.15 7.56 -81.01
N TYR A 1374 8.09 8.00 -80.18
CA TYR A 1374 8.53 9.39 -80.20
C TYR A 1374 10.00 9.53 -80.58
N ARG A 1375 10.26 10.43 -81.53
CA ARG A 1375 11.60 10.77 -81.96
C ARG A 1375 11.82 12.27 -81.76
N ASN A 1376 13.07 12.68 -81.56
CA ASN A 1376 13.39 14.09 -81.48
C ASN A 1376 13.05 14.79 -82.79
N ASN A 1377 12.29 15.88 -82.70
CA ASN A 1377 11.85 16.60 -83.88
C ASN A 1377 12.97 17.44 -84.49
N ASP A 1378 14.16 17.36 -83.89
CA ASP A 1378 15.35 18.03 -84.38
C ASP A 1378 15.17 19.55 -84.47
N THR A 1379 14.64 20.13 -83.39
CA THR A 1379 14.60 21.58 -83.24
C THR A 1379 14.86 21.94 -81.79
N GLY A 1380 15.76 22.91 -81.57
CA GLY A 1380 16.14 23.30 -80.23
C GLY A 1380 15.06 24.05 -79.48
N ASN A 1381 13.99 23.34 -79.13
CA ASN A 1381 12.93 23.91 -78.30
C ASN A 1381 12.47 22.88 -77.27
N LEU A 1382 12.92 23.06 -76.04
CA LEU A 1382 12.67 22.08 -74.98
C LEU A 1382 11.19 21.96 -74.64
N PHE A 1383 10.38 22.89 -75.11
CA PHE A 1383 8.94 22.86 -74.89
C PHE A 1383 8.26 22.00 -75.96
N ASP A 1384 8.89 21.90 -77.12
CA ASP A 1384 8.38 21.07 -78.21
C ASP A 1384 9.55 20.43 -78.95
N ASN A 1385 9.93 19.23 -78.50
CA ASN A 1385 11.11 18.55 -79.03
C ASN A 1385 10.86 17.09 -79.35
N SER A 1386 9.60 16.74 -79.64
CA SER A 1386 9.25 15.35 -79.89
C SER A 1386 8.19 15.20 -80.99
N GLU A 1387 8.59 14.55 -82.09
CA GLU A 1387 7.66 14.19 -83.16
C GLU A 1387 7.29 12.71 -83.02
N LYS A 1388 6.01 12.40 -83.24
CA LYS A 1388 5.53 11.03 -83.09
C LYS A 1388 5.34 10.34 -84.44
N TYR A 1389 5.37 9.01 -84.43
CA TYR A 1389 5.15 8.24 -85.65
C TYR A 1389 4.60 6.87 -85.30
N SER A 1390 3.98 6.22 -86.28
CA SER A 1390 3.38 4.90 -86.07
C SER A 1390 4.44 3.87 -85.70
N ALA A 1391 4.07 2.94 -84.82
CA ALA A 1391 4.99 1.92 -84.34
C ALA A 1391 4.85 0.62 -85.12
N ILE A 1392 3.89 0.58 -86.03
CA ILE A 1392 3.66 -0.62 -86.85
C ILE A 1392 4.70 -0.73 -87.97
N ARG A 1393 5.22 -1.94 -88.17
CA ARG A 1393 6.16 -2.20 -89.25
C ARG A 1393 5.39 -2.67 -90.49
N HIS A 1394 5.68 -2.05 -91.63
CA HIS A 1394 4.90 -2.29 -92.85
C HIS A 1394 5.10 -3.69 -93.42
N GLU A 1395 6.33 -4.17 -93.42
CA GLU A 1395 6.66 -5.48 -93.96
C GLU A 1395 5.81 -6.57 -93.33
N VAL A 1396 5.56 -6.43 -92.02
CA VAL A 1396 4.76 -7.39 -91.29
C VAL A 1396 3.28 -7.24 -91.63
N LEU A 1397 2.86 -6.01 -91.95
CA LEU A 1397 1.47 -5.77 -92.33
C LEU A 1397 1.13 -6.51 -93.61
N ASN A 1398 2.12 -6.65 -94.48
CA ASN A 1398 1.94 -7.44 -95.70
C ASN A 1398 1.73 -8.91 -95.34
N LYS A 1399 2.49 -9.38 -94.37
CA LYS A 1399 2.34 -10.74 -93.87
C LYS A 1399 1.00 -10.94 -93.17
N LEU A 1400 0.33 -9.82 -92.87
CA LEU A 1400 -1.04 -9.84 -92.36
C LEU A 1400 -1.97 -9.11 -93.32
N PRO A 1401 -2.25 -9.72 -94.48
CA PRO A 1401 -3.03 -9.05 -95.53
C PRO A 1401 -4.46 -8.73 -95.10
N ASN A 1402 -5.06 -7.74 -95.75
CA ASN A 1402 -6.41 -7.29 -95.47
C ASN A 1402 -6.52 -6.61 -94.11
N LEU A 1403 -5.40 -6.05 -93.64
CA LEU A 1403 -5.37 -5.29 -92.39
C LEU A 1403 -4.58 -4.01 -92.60
N SER A 1404 -5.25 -2.88 -92.44
CA SER A 1404 -4.61 -1.58 -92.58
C SER A 1404 -3.94 -1.15 -91.27
N GLU A 1405 -2.97 -0.26 -91.37
CA GLU A 1405 -2.18 0.19 -90.23
C GLU A 1405 -3.06 0.78 -89.12
N GLU A 1406 -4.13 1.45 -89.50
CA GLU A 1406 -5.01 2.13 -88.55
C GLU A 1406 -5.81 1.15 -87.69
N ASP A 1407 -5.90 -0.10 -88.13
CA ASP A 1407 -6.73 -1.09 -87.47
C ASP A 1407 -5.93 -2.17 -86.74
N ALA A 1408 -4.60 -2.05 -86.76
CA ALA A 1408 -3.73 -3.06 -86.18
C ALA A 1408 -3.99 -3.25 -84.69
N MET A 1409 -4.13 -2.14 -83.97
CA MET A 1409 -4.37 -2.19 -82.54
C MET A 1409 -5.69 -2.89 -82.23
N TYR A 1410 -6.73 -2.49 -82.93
CA TYR A 1410 -8.07 -3.05 -82.71
C TYR A 1410 -8.13 -4.52 -83.12
N TYR A 1411 -7.26 -4.92 -84.04
CA TYR A 1411 -7.20 -6.30 -84.47
C TYR A 1411 -6.49 -7.17 -83.43
N VAL A 1412 -5.33 -6.72 -82.99
CA VAL A 1412 -4.58 -7.43 -81.97
C VAL A 1412 -5.38 -7.51 -80.67
N TYR A 1413 -5.98 -6.39 -80.31
CA TYR A 1413 -6.69 -6.27 -79.03
C TYR A 1413 -7.98 -7.07 -79.06
N GLY A 1414 -8.64 -7.13 -80.22
CA GLY A 1414 -9.85 -7.90 -80.37
C GLY A 1414 -9.57 -9.39 -80.31
N LEU A 1415 -8.40 -9.77 -80.81
CA LEU A 1415 -8.02 -11.18 -80.88
C LEU A 1415 -7.65 -11.73 -79.50
N PHE A 1416 -7.07 -10.89 -78.65
CA PHE A 1416 -6.65 -11.30 -77.31
C PHE A 1416 -7.84 -11.70 -76.43
N HIS A 1417 -9.03 -11.23 -76.77
CA HIS A 1417 -10.21 -11.50 -75.96
C HIS A 1417 -10.96 -12.74 -76.41
N SER A 1418 -10.47 -13.38 -77.46
CA SER A 1418 -11.06 -14.64 -77.93
C SER A 1418 -10.71 -15.78 -76.99
N ILE A 1419 -11.73 -16.44 -76.46
CA ILE A 1419 -11.53 -17.56 -75.55
C ILE A 1419 -10.69 -18.66 -76.17
N GLN A 1420 -10.89 -18.90 -77.46
CA GLN A 1420 -10.19 -19.95 -78.18
C GLN A 1420 -8.67 -19.71 -78.23
N TYR A 1421 -8.29 -18.47 -78.49
CA TYR A 1421 -6.87 -18.11 -78.58
C TYR A 1421 -6.14 -18.43 -77.27
N GLY A 1422 -6.78 -18.12 -76.15
CA GLY A 1422 -6.21 -18.38 -74.85
C GLY A 1422 -6.15 -19.87 -74.54
N LYS A 1423 -7.16 -20.60 -75.02
CA LYS A 1423 -7.28 -22.02 -74.72
C LYS A 1423 -6.31 -22.87 -75.55
N VAL A 1424 -6.21 -22.57 -76.84
CA VAL A 1424 -5.38 -23.35 -77.75
C VAL A 1424 -3.90 -23.20 -77.42
N TYR A 1425 -3.46 -21.95 -77.22
CA TYR A 1425 -2.06 -21.66 -76.96
C TYR A 1425 -1.77 -21.40 -75.49
N TYR A 1426 -2.63 -21.92 -74.62
CA TYR A 1426 -2.51 -21.73 -73.18
C TYR A 1426 -1.11 -22.03 -72.65
N GLU A 1427 -0.54 -23.15 -73.09
CA GLU A 1427 0.77 -23.56 -72.60
C GLU A 1427 1.89 -22.74 -73.25
N ASP A 1428 1.68 -22.31 -74.48
CA ASP A 1428 2.63 -21.44 -75.16
C ASP A 1428 2.67 -20.06 -74.49
N LEU A 1429 1.49 -19.54 -74.17
CA LEU A 1429 1.38 -18.24 -73.55
C LEU A 1429 1.93 -18.25 -72.12
N ALA A 1430 1.99 -19.43 -71.53
CA ALA A 1430 2.46 -19.57 -70.16
C ALA A 1430 3.97 -19.38 -70.06
N LYS A 1431 4.68 -19.62 -71.17
CA LYS A 1431 6.14 -19.59 -71.20
C LYS A 1431 6.72 -18.68 -72.28
N SER A 1432 5.87 -17.86 -72.90
CA SER A 1432 6.36 -16.97 -73.96
C SER A 1432 5.48 -15.77 -74.28
N PHE A 1433 6.10 -14.79 -74.94
CA PHE A 1433 5.43 -13.57 -75.36
C PHE A 1433 4.41 -13.88 -76.46
N PRO A 1434 3.19 -13.31 -76.39
CA PRO A 1434 2.16 -13.69 -77.36
C PRO A 1434 2.52 -13.41 -78.81
N LYS A 1435 2.10 -14.33 -79.70
CA LYS A 1435 2.24 -14.17 -81.14
C LYS A 1435 0.85 -14.25 -81.78
N ILE A 1436 0.66 -13.53 -82.88
CA ILE A 1436 -0.67 -13.35 -83.46
C ILE A 1436 -0.83 -14.08 -84.81
N PRO A 1437 -1.97 -14.74 -85.03
CA PRO A 1437 -2.24 -15.41 -86.31
C PRO A 1437 -3.01 -14.53 -87.29
N ASN A 1438 -3.24 -15.06 -88.50
CA ASN A 1438 -4.04 -14.37 -89.52
C ASN A 1438 -5.37 -15.09 -89.72
N VAL A 1439 -6.44 -14.47 -89.25
CA VAL A 1439 -7.78 -15.05 -89.30
C VAL A 1439 -8.51 -14.64 -90.57
N LYS A 1440 -9.45 -15.47 -91.01
CA LYS A 1440 -10.20 -15.24 -92.24
C LYS A 1440 -10.87 -13.86 -92.27
N HIS A 1441 -11.81 -13.65 -91.37
CA HIS A 1441 -12.58 -12.41 -91.33
C HIS A 1441 -12.15 -11.54 -90.16
N LYS A 1442 -11.42 -10.48 -90.45
CA LYS A 1442 -10.86 -9.61 -89.42
C LYS A 1442 -11.84 -8.54 -88.98
N GLU A 1443 -12.66 -8.06 -89.91
CA GLU A 1443 -13.62 -6.99 -89.64
C GLU A 1443 -14.46 -7.27 -88.41
N LYS A 1444 -14.67 -8.55 -88.13
CA LYS A 1444 -15.39 -8.96 -86.93
C LYS A 1444 -14.57 -8.65 -85.69
N TYR A 1445 -13.26 -8.88 -85.77
CA TYR A 1445 -12.38 -8.63 -84.63
C TYR A 1445 -12.10 -7.14 -84.48
N ILE A 1446 -11.84 -6.47 -85.60
CA ILE A 1446 -11.56 -5.04 -85.59
C ILE A 1446 -12.73 -4.24 -84.99
N LYS A 1447 -13.94 -4.60 -85.39
CA LYS A 1447 -15.14 -3.93 -84.90
C LYS A 1447 -15.34 -4.18 -83.41
N ILE A 1448 -15.14 -5.42 -82.99
CA ILE A 1448 -15.28 -5.78 -81.58
C ILE A 1448 -14.16 -5.16 -80.75
N GLY A 1449 -12.96 -5.13 -81.29
CA GLY A 1449 -11.81 -4.58 -80.61
C GLY A 1449 -11.95 -3.10 -80.33
N LYS A 1450 -12.54 -2.38 -81.28
CA LYS A 1450 -12.73 -0.94 -81.14
C LYS A 1450 -13.70 -0.63 -80.01
N GLU A 1451 -14.80 -1.38 -79.94
CA GLU A 1451 -15.79 -1.20 -78.89
C GLU A 1451 -15.18 -1.43 -77.51
N LEU A 1452 -14.38 -2.49 -77.38
CA LEU A 1452 -13.73 -2.81 -76.12
C LEU A 1452 -12.70 -1.75 -75.75
N ALA A 1453 -11.92 -1.33 -76.74
CA ALA A 1453 -10.88 -0.32 -76.52
C ALA A 1453 -11.50 0.97 -75.98
N ASP A 1454 -12.59 1.42 -76.59
CA ASP A 1454 -13.27 2.62 -76.15
C ASP A 1454 -13.84 2.44 -74.75
N LEU A 1455 -14.41 1.26 -74.50
CA LEU A 1455 -15.00 0.95 -73.20
C LEU A 1455 -13.96 0.96 -72.09
N HIS A 1456 -12.83 0.31 -72.34
CA HIS A 1456 -11.82 0.11 -71.30
C HIS A 1456 -11.00 1.36 -71.02
N LEU A 1457 -10.94 2.26 -71.99
CA LEU A 1457 -10.28 3.54 -71.79
C LEU A 1457 -11.16 4.45 -70.93
N ASN A 1458 -12.47 4.28 -71.07
CA ASN A 1458 -13.45 5.06 -70.31
C ASN A 1458 -14.01 4.27 -69.14
N TYR A 1459 -13.19 3.38 -68.57
CA TYR A 1459 -13.66 2.49 -67.52
C TYR A 1459 -14.10 3.25 -66.28
N GLU A 1460 -13.56 4.45 -66.09
CA GLU A 1460 -13.92 5.27 -64.94
C GLU A 1460 -15.31 5.86 -65.10
N ASN A 1461 -15.62 6.34 -66.30
CA ASN A 1461 -16.89 6.98 -66.58
C ASN A 1461 -17.80 6.07 -67.40
N GLN A 1462 -18.79 5.49 -66.72
CA GLN A 1462 -19.73 4.59 -67.39
C GLN A 1462 -21.08 4.58 -66.65
N PRO A 1463 -22.20 4.59 -67.39
CA PRO A 1463 -23.53 4.49 -66.78
C PRO A 1463 -23.66 3.33 -65.79
N ILE A 1464 -24.55 3.48 -64.81
CA ILE A 1464 -24.80 2.41 -63.84
C ILE A 1464 -25.63 1.31 -64.49
N CYS A 1465 -25.45 0.07 -64.04
CA CYS A 1465 -26.15 -1.05 -64.63
C CYS A 1465 -27.64 -1.01 -64.29
N GLU A 1466 -28.41 -1.86 -64.95
CA GLU A 1466 -29.87 -1.82 -64.85
C GLU A 1466 -30.40 -2.13 -63.45
N GLY A 1467 -30.08 -3.33 -62.96
CA GLY A 1467 -30.71 -3.85 -61.75
C GLY A 1467 -29.97 -3.60 -60.44
N ILE A 1468 -29.02 -2.67 -60.44
CA ILE A 1468 -28.26 -2.37 -59.24
C ILE A 1468 -29.05 -1.46 -58.30
N ASP A 1469 -28.85 -1.65 -56.99
CA ASP A 1469 -29.53 -0.86 -55.98
C ASP A 1469 -28.51 -0.28 -55.00
N VAL A 1470 -28.33 1.03 -55.04
CA VAL A 1470 -27.39 1.71 -54.16
C VAL A 1470 -28.15 2.28 -52.96
N GLN A 1471 -27.69 1.94 -51.75
CA GLN A 1471 -28.31 2.39 -50.52
C GLN A 1471 -27.36 3.29 -49.73
N ILE A 1472 -27.82 4.50 -49.43
CA ILE A 1472 -27.05 5.47 -48.66
C ILE A 1472 -27.80 5.89 -47.41
N SER A 1473 -27.33 5.41 -46.26
CA SER A 1473 -27.95 5.76 -44.99
C SER A 1473 -27.60 7.19 -44.61
N GLU A 1474 -26.34 7.55 -44.80
CA GLU A 1474 -25.87 8.91 -44.54
C GLU A 1474 -24.82 9.28 -45.58
N LEU A 1475 -24.67 10.58 -45.84
CA LEU A 1475 -23.79 11.04 -46.91
C LEU A 1475 -22.33 11.12 -46.46
N ASN A 1476 -21.65 9.98 -46.52
CA ASN A 1476 -20.22 9.90 -46.25
C ASN A 1476 -19.57 8.90 -47.20
N TYR A 1477 -18.75 9.41 -48.11
CA TYR A 1477 -18.23 8.61 -49.22
C TYR A 1477 -16.79 8.14 -49.01
N ARG A 1478 -16.25 8.34 -47.81
CA ARG A 1478 -14.92 7.84 -47.51
C ARG A 1478 -14.94 6.31 -47.43
N VAL A 1479 -13.82 5.69 -47.80
CA VAL A 1479 -13.67 4.24 -47.74
C VAL A 1479 -12.46 3.84 -46.90
N LYS A 1480 -12.66 2.86 -46.03
CA LYS A 1480 -11.56 2.28 -45.26
C LYS A 1480 -11.15 0.97 -45.92
N LYS A 1481 -12.09 0.05 -46.01
CA LYS A 1481 -11.91 -1.19 -46.76
C LYS A 1481 -13.27 -1.72 -47.20
N MET A 1482 -13.44 -1.88 -48.51
CA MET A 1482 -14.65 -2.49 -49.05
C MET A 1482 -14.63 -3.99 -48.78
N LYS A 1483 -15.81 -4.59 -48.66
CA LYS A 1483 -15.92 -6.00 -48.32
C LYS A 1483 -17.24 -6.59 -48.79
N HIS A 1484 -17.26 -7.92 -48.90
CA HIS A 1484 -18.52 -8.65 -49.03
C HIS A 1484 -19.04 -8.89 -47.62
N PRO A 1485 -20.36 -8.94 -47.42
CA PRO A 1485 -20.91 -9.13 -46.07
C PRO A 1485 -20.40 -10.41 -45.43
N LYS A 1486 -20.55 -11.52 -46.15
CA LYS A 1486 -19.94 -12.78 -45.75
C LYS A 1486 -19.11 -13.30 -46.91
N LYS A 1487 -18.13 -14.14 -46.60
CA LYS A 1487 -17.22 -14.66 -47.63
C LYS A 1487 -17.97 -15.51 -48.66
N GLY A 1488 -17.92 -15.07 -49.91
CA GLY A 1488 -18.47 -15.83 -51.03
C GLY A 1488 -19.69 -15.19 -51.66
N VAL A 1489 -20.29 -14.22 -50.99
CA VAL A 1489 -21.48 -13.54 -51.51
C VAL A 1489 -21.08 -12.39 -52.42
N LEU A 1490 -21.40 -12.51 -53.71
CA LEU A 1490 -20.96 -11.55 -54.71
C LEU A 1490 -22.02 -10.51 -55.05
N ASP A 1491 -23.28 -10.84 -54.82
CA ASP A 1491 -24.39 -9.97 -55.22
C ASP A 1491 -24.48 -8.70 -54.37
N THR A 1492 -23.67 -8.62 -53.32
CA THR A 1492 -23.62 -7.43 -52.47
C THR A 1492 -22.20 -7.00 -52.14
N ILE A 1493 -22.02 -5.71 -51.94
CA ILE A 1493 -20.75 -5.15 -51.47
C ILE A 1493 -21.01 -4.03 -50.48
N ILE A 1494 -20.22 -4.01 -49.41
CA ILE A 1494 -20.32 -2.98 -48.38
C ILE A 1494 -19.23 -1.94 -48.58
N TYR A 1495 -19.60 -0.80 -49.15
CA TYR A 1495 -18.65 0.28 -49.38
C TYR A 1495 -18.12 0.80 -48.05
N ASN A 1496 -19.04 1.11 -47.14
CA ASN A 1496 -18.67 1.55 -45.81
C ASN A 1496 -19.86 1.46 -44.86
N GLU A 1497 -19.73 2.06 -43.68
CA GLU A 1497 -20.79 2.03 -42.68
C GLU A 1497 -22.11 2.58 -43.22
N SER A 1498 -22.01 3.66 -44.00
CA SER A 1498 -23.20 4.35 -44.48
C SER A 1498 -23.72 3.80 -45.81
N ILE A 1499 -22.81 3.41 -46.69
CA ILE A 1499 -23.18 3.00 -48.05
C ILE A 1499 -22.92 1.51 -48.29
N THR A 1500 -23.89 0.86 -48.92
CA THR A 1500 -23.75 -0.51 -49.38
C THR A 1500 -24.37 -0.65 -50.78
N ILE A 1501 -23.79 -1.54 -51.60
CA ILE A 1501 -24.34 -1.84 -52.92
C ILE A 1501 -25.06 -3.18 -52.86
N LYS A 1502 -26.15 -3.29 -53.60
CA LYS A 1502 -26.98 -4.50 -53.58
C LYS A 1502 -27.39 -4.96 -54.97
N ASN A 1503 -27.61 -6.26 -55.11
CA ASN A 1503 -28.10 -6.85 -56.35
C ASN A 1503 -27.18 -6.59 -57.54
N ILE A 1504 -25.89 -6.83 -57.36
CA ILE A 1504 -24.96 -6.83 -58.49
C ILE A 1504 -25.05 -8.17 -59.21
N PRO A 1505 -25.06 -8.16 -60.55
CA PRO A 1505 -25.09 -9.44 -61.27
C PRO A 1505 -23.82 -10.24 -61.03
N GLU A 1506 -23.97 -11.53 -60.73
CA GLU A 1506 -22.84 -12.38 -60.38
C GLU A 1506 -21.95 -12.67 -61.59
N LYS A 1507 -22.51 -12.51 -62.78
CA LYS A 1507 -21.78 -12.80 -64.01
C LYS A 1507 -20.66 -11.79 -64.25
N ALA A 1508 -20.77 -10.62 -63.63
CA ALA A 1508 -19.78 -9.56 -63.80
C ALA A 1508 -18.39 -10.00 -63.35
N TYR A 1509 -18.36 -10.96 -62.43
CA TYR A 1509 -17.10 -11.43 -61.86
C TYR A 1509 -16.36 -12.39 -62.79
N GLU A 1510 -16.97 -12.69 -63.95
CA GLU A 1510 -16.34 -13.55 -64.93
C GLU A 1510 -15.27 -12.80 -65.71
N TYR A 1511 -15.37 -11.47 -65.74
CA TYR A 1511 -14.38 -10.65 -66.40
C TYR A 1511 -13.12 -10.56 -65.55
N VAL A 1512 -12.06 -11.25 -65.99
CA VAL A 1512 -10.81 -11.32 -65.24
C VAL A 1512 -9.67 -10.70 -66.03
N VAL A 1513 -8.85 -9.91 -65.35
CA VAL A 1513 -7.63 -9.38 -65.92
C VAL A 1513 -6.49 -9.60 -64.93
N ASN A 1514 -5.33 -9.99 -65.43
CA ASN A 1514 -4.25 -10.50 -64.59
C ASN A 1514 -4.76 -11.79 -63.91
N GLY A 1515 -4.61 -11.89 -62.60
CA GLY A 1515 -5.09 -13.05 -61.86
C GLY A 1515 -6.17 -12.69 -60.85
N ARG A 1516 -7.11 -11.83 -61.26
CA ARG A 1516 -8.15 -11.36 -60.35
C ARG A 1516 -9.29 -10.71 -61.14
N PRO A 1517 -10.55 -10.94 -60.71
CA PRO A 1517 -11.69 -10.26 -61.36
C PRO A 1517 -11.57 -8.74 -61.34
N ALA A 1518 -12.16 -8.08 -62.33
CA ALA A 1518 -12.07 -6.63 -62.47
C ALA A 1518 -12.72 -5.93 -61.27
N ILE A 1519 -13.84 -6.46 -60.80
CA ILE A 1519 -14.52 -5.89 -59.64
C ILE A 1519 -13.65 -6.01 -58.40
N GLU A 1520 -13.00 -7.16 -58.25
CA GLU A 1520 -12.22 -7.45 -57.05
C GLU A 1520 -10.93 -6.62 -57.01
N TRP A 1521 -10.46 -6.21 -58.18
CA TRP A 1521 -9.28 -5.34 -58.25
C TRP A 1521 -9.56 -4.02 -57.55
N ILE A 1522 -10.77 -3.50 -57.73
CA ILE A 1522 -11.18 -2.26 -57.09
C ILE A 1522 -11.26 -2.45 -55.58
N ILE A 1523 -11.84 -3.56 -55.15
CA ILE A 1523 -11.94 -3.88 -53.73
C ILE A 1523 -10.55 -3.99 -53.11
N ASN A 1524 -9.65 -4.67 -53.81
CA ASN A 1524 -8.30 -4.91 -53.31
C ASN A 1524 -7.47 -3.64 -53.21
N GLN A 1525 -7.44 -2.85 -54.28
CA GLN A 1525 -6.56 -1.70 -54.35
C GLN A 1525 -7.07 -0.47 -53.60
N TYR A 1526 -8.38 -0.23 -53.66
CA TYR A 1526 -8.94 0.96 -53.03
C TYR A 1526 -9.31 0.71 -51.58
N GLN A 1527 -8.29 0.82 -50.72
CA GLN A 1527 -8.46 0.70 -49.28
C GLN A 1527 -7.31 1.43 -48.60
N VAL A 1528 -7.58 2.03 -47.45
CA VAL A 1528 -6.54 2.77 -46.73
C VAL A 1528 -5.56 1.80 -46.06
N LYS A 1529 -4.32 1.82 -46.51
CA LYS A 1529 -3.27 0.96 -45.97
C LYS A 1529 -2.03 1.78 -45.64
N THR A 1530 -1.26 1.32 -44.66
CA THR A 1530 -0.05 2.02 -44.23
C THR A 1530 1.09 1.03 -44.05
N ASP A 1531 2.18 1.27 -44.78
CA ASP A 1531 3.37 0.44 -44.64
C ASP A 1531 4.10 0.78 -43.34
N LYS A 1532 4.30 -0.23 -42.51
CA LYS A 1532 4.86 -0.02 -41.18
C LYS A 1532 6.30 0.47 -41.20
N LYS A 1533 7.14 -0.21 -41.97
CA LYS A 1533 8.57 0.12 -42.01
C LYS A 1533 8.83 1.53 -42.54
N SER A 1534 8.19 1.87 -43.66
CA SER A 1534 8.39 3.18 -44.27
C SER A 1534 7.59 4.25 -43.53
N GLY A 1535 6.40 3.89 -43.08
CA GLY A 1535 5.52 4.82 -42.38
C GLY A 1535 4.72 5.69 -43.32
N ILE A 1536 4.60 5.24 -44.56
CA ILE A 1536 3.85 5.97 -45.58
C ILE A 1536 2.46 5.36 -45.75
N THR A 1537 1.44 6.21 -45.83
CA THR A 1537 0.06 5.77 -46.00
C THR A 1537 -0.43 6.08 -47.40
N ASP A 1538 -1.21 5.16 -47.96
CA ASP A 1538 -1.78 5.35 -49.30
C ASP A 1538 -3.31 5.41 -49.21
N ASP A 1539 -3.82 6.63 -49.12
CA ASP A 1539 -5.25 6.86 -48.96
C ASP A 1539 -5.93 7.08 -50.32
N PRO A 1540 -6.83 6.17 -50.73
CA PRO A 1540 -7.48 6.34 -52.03
C PRO A 1540 -8.41 7.55 -52.10
N ASN A 1541 -8.82 8.05 -50.94
CA ASN A 1541 -9.70 9.22 -50.89
C ASN A 1541 -8.96 10.49 -51.26
N GLU A 1542 -7.63 10.42 -51.29
CA GLU A 1542 -6.80 11.58 -51.60
C GLU A 1542 -6.47 11.67 -53.10
N PHE A 1543 -7.00 10.74 -53.88
CA PHE A 1543 -6.70 10.70 -55.31
C PHE A 1543 -7.47 11.76 -56.08
N SER A 1544 -8.76 11.89 -55.79
CA SER A 1544 -9.64 12.76 -56.55
C SER A 1544 -10.27 13.86 -55.69
N ASP A 1545 -10.70 14.93 -56.35
CA ASP A 1545 -11.45 15.99 -55.67
C ASP A 1545 -12.83 15.46 -55.28
N ASP A 1546 -13.38 14.59 -56.12
CA ASP A 1546 -14.72 14.06 -55.91
C ASP A 1546 -14.74 12.99 -54.80
N PRO A 1547 -15.52 13.24 -53.74
CA PRO A 1547 -15.66 12.19 -52.72
C PRO A 1547 -16.34 10.94 -53.26
N LYS A 1548 -17.15 11.11 -54.30
CA LYS A 1548 -17.90 10.01 -54.89
C LYS A 1548 -17.11 9.27 -55.97
N TYR A 1549 -15.83 9.60 -56.11
CA TYR A 1549 -15.01 9.03 -57.17
C TYR A 1549 -14.93 7.51 -57.11
N ILE A 1550 -14.57 6.98 -55.95
CA ILE A 1550 -14.35 5.55 -55.80
C ILE A 1550 -15.65 4.77 -55.94
N LEU A 1551 -16.75 5.35 -55.46
CA LEU A 1551 -18.05 4.72 -55.59
C LEU A 1551 -18.46 4.62 -57.06
N ASN A 1552 -18.40 5.74 -57.76
CA ASN A 1552 -18.74 5.79 -59.17
C ASN A 1552 -17.77 4.96 -60.01
N LEU A 1553 -16.54 4.84 -59.55
CA LEU A 1553 -15.54 4.00 -60.20
C LEU A 1553 -16.00 2.56 -60.18
N LEU A 1554 -16.36 2.08 -58.99
CA LEU A 1554 -16.84 0.72 -58.81
C LEU A 1554 -18.07 0.45 -59.69
N LEU A 1555 -19.03 1.36 -59.63
CA LEU A 1555 -20.27 1.21 -60.39
C LEU A 1555 -19.99 1.18 -61.88
N SER A 1556 -18.99 1.94 -62.31
CA SER A 1556 -18.59 1.94 -63.71
C SER A 1556 -17.97 0.59 -64.10
N VAL A 1557 -17.06 0.11 -63.27
CA VAL A 1557 -16.38 -1.15 -63.52
C VAL A 1557 -17.36 -2.32 -63.60
N ILE A 1558 -18.43 -2.27 -62.81
CA ILE A 1558 -19.45 -3.31 -62.84
C ILE A 1558 -20.07 -3.43 -64.22
N THR A 1559 -20.38 -2.29 -64.84
CA THR A 1559 -20.95 -2.27 -66.18
C THR A 1559 -19.90 -2.51 -67.25
N VAL A 1560 -18.67 -2.06 -67.00
CA VAL A 1560 -17.56 -2.35 -67.89
C VAL A 1560 -17.34 -3.86 -67.98
N SER A 1561 -17.45 -4.52 -66.84
CA SER A 1561 -17.34 -5.98 -66.78
C SER A 1561 -18.39 -6.65 -67.65
N MET A 1562 -19.64 -6.23 -67.47
CA MET A 1562 -20.76 -6.84 -68.19
C MET A 1562 -20.65 -6.61 -69.70
N ARG A 1563 -20.36 -5.36 -70.09
CA ARG A 1563 -20.23 -5.01 -71.50
C ARG A 1563 -19.15 -5.84 -72.18
N THR A 1564 -18.03 -6.02 -71.48
CA THR A 1564 -16.92 -6.79 -72.02
C THR A 1564 -17.32 -8.23 -72.30
N LEU A 1565 -18.05 -8.83 -71.37
CA LEU A 1565 -18.49 -10.21 -71.50
C LEU A 1565 -19.46 -10.37 -72.68
N GLU A 1566 -20.35 -9.39 -72.84
CA GLU A 1566 -21.28 -9.41 -73.97
C GLU A 1566 -20.51 -9.37 -75.28
N LEU A 1567 -19.52 -8.49 -75.36
CA LEU A 1567 -18.74 -8.32 -76.58
C LEU A 1567 -17.86 -9.53 -76.89
N ILE A 1568 -17.46 -10.24 -75.83
CA ILE A 1568 -16.63 -11.43 -76.00
C ILE A 1568 -17.44 -12.56 -76.64
N ASP A 1569 -18.74 -12.59 -76.36
CA ASP A 1569 -19.62 -13.58 -76.96
C ASP A 1569 -19.77 -13.36 -78.45
N GLU A 1570 -19.81 -12.10 -78.88
CA GLU A 1570 -20.06 -11.78 -80.27
C GLU A 1570 -18.83 -12.00 -81.14
N LEU A 1571 -17.69 -12.30 -80.52
CA LEU A 1571 -16.49 -12.65 -81.27
C LEU A 1571 -16.74 -13.93 -82.06
N PRO A 1572 -16.21 -14.00 -83.30
CA PRO A 1572 -16.52 -15.12 -84.19
C PRO A 1572 -15.80 -16.41 -83.84
N GLU A 1573 -16.10 -17.48 -84.58
CA GLU A 1573 -15.40 -18.74 -84.41
C GLU A 1573 -13.96 -18.59 -84.89
N PHE A 1574 -13.02 -18.98 -84.05
CA PHE A 1574 -11.60 -18.81 -84.35
C PHE A 1574 -11.14 -19.73 -85.47
N GLU A 1575 -10.85 -19.13 -86.63
CA GLU A 1575 -10.41 -19.88 -87.81
C GLU A 1575 -9.08 -19.36 -88.34
N ILE A 1576 -8.25 -20.29 -88.80
CA ILE A 1576 -6.94 -19.94 -89.37
C ILE A 1576 -7.08 -19.63 -90.86
N GLN A 1577 -6.59 -18.47 -91.27
CA GLN A 1577 -6.66 -18.03 -92.66
C GLN A 1577 -8.09 -18.07 -93.20
N GLN B 13 -14.70 46.33 -27.67
CA GLN B 13 -13.26 46.16 -27.51
C GLN B 13 -12.96 44.77 -26.96
N THR B 14 -13.27 43.74 -27.75
CA THR B 14 -13.12 42.36 -27.29
C THR B 14 -12.62 41.44 -28.41
N PHE B 15 -12.37 40.19 -28.04
CA PHE B 15 -11.92 39.17 -28.98
C PHE B 15 -13.03 38.89 -30.00
N ASP B 16 -14.26 39.20 -29.61
CA ASP B 16 -15.40 39.07 -30.51
C ASP B 16 -15.27 39.96 -31.74
N ASP B 17 -15.03 41.24 -31.51
CA ASP B 17 -14.86 42.21 -32.58
C ASP B 17 -13.65 41.88 -33.45
N LEU B 18 -12.66 41.24 -32.84
CA LEU B 18 -11.37 41.01 -33.46
C LEU B 18 -11.44 39.99 -34.60
N ILE B 19 -12.16 38.90 -34.40
CA ILE B 19 -12.29 37.86 -35.42
C ILE B 19 -13.47 38.17 -36.35
N ASN B 20 -14.49 38.83 -35.80
CA ASN B 20 -15.60 39.31 -36.62
C ASN B 20 -15.08 40.24 -37.71
N GLN B 21 -13.99 40.94 -37.40
CA GLN B 21 -13.30 41.76 -38.39
C GLN B 21 -12.69 40.87 -39.48
N ILE B 22 -12.03 39.79 -39.07
CA ILE B 22 -11.44 38.85 -40.00
C ILE B 22 -12.52 38.15 -40.81
N GLY B 34 -5.80 35.54 -43.77
CA GLY B 34 -4.67 34.64 -43.71
C GLY B 34 -3.55 35.20 -42.87
N THR B 35 -2.87 36.22 -43.39
CA THR B 35 -1.79 36.87 -42.66
C THR B 35 -2.36 37.62 -41.46
N LEU B 36 -3.64 37.97 -41.55
CA LEU B 36 -4.35 38.60 -40.44
C LEU B 36 -4.27 37.73 -39.18
N PHE B 37 -4.89 36.56 -39.25
CA PHE B 37 -4.92 35.64 -38.12
C PHE B 37 -3.53 35.13 -37.79
N GLU B 38 -2.66 35.08 -38.80
CA GLU B 38 -1.29 34.66 -38.60
C GLU B 38 -0.53 35.71 -37.80
N LYS B 39 -0.95 36.97 -37.94
CA LYS B 39 -0.37 38.05 -37.15
C LYS B 39 -0.91 37.97 -35.73
N LEU B 40 -2.16 37.54 -35.62
CA LEU B 40 -2.78 37.32 -34.31
C LEU B 40 -1.95 36.31 -33.52
N THR B 41 -1.58 35.23 -34.21
CA THR B 41 -0.77 34.18 -33.61
C THR B 41 0.56 34.71 -33.12
N LEU B 42 1.19 35.54 -33.95
CA LEU B 42 2.49 36.12 -33.61
C LEU B 42 2.42 36.97 -32.34
N ALA B 43 1.30 37.67 -32.16
CA ALA B 43 1.10 38.42 -30.93
C ALA B 43 1.07 37.46 -29.75
N TYR B 44 0.31 36.37 -29.90
CA TYR B 44 0.17 35.38 -28.84
C TYR B 44 1.50 34.75 -28.44
N LEU B 45 2.22 34.19 -29.41
CA LEU B 45 3.45 33.46 -29.11
C LEU B 45 4.57 34.35 -28.57
N LYS B 46 4.50 35.64 -28.88
CA LYS B 46 5.57 36.56 -28.51
C LYS B 46 5.38 37.17 -27.11
N ASN B 47 4.12 37.28 -26.67
CA ASN B 47 3.81 38.02 -25.45
C ASN B 47 3.23 37.15 -24.34
N GLU B 48 2.44 36.15 -24.70
CA GLU B 48 1.88 35.23 -23.71
C GLU B 48 3.03 34.65 -22.84
N PRO B 49 3.12 35.08 -21.58
CA PRO B 49 4.29 34.83 -20.70
C PRO B 49 4.90 33.43 -20.82
N THR B 50 4.07 32.42 -21.03
CA THR B 50 4.57 31.05 -21.15
C THR B 50 5.43 30.87 -22.39
N TYR B 51 4.98 31.44 -23.51
CA TYR B 51 5.62 31.23 -24.80
C TYR B 51 6.77 32.20 -25.03
N LYS B 52 6.73 33.34 -24.35
CA LYS B 52 7.85 34.27 -24.38
C LYS B 52 9.06 33.63 -23.71
N ALA B 53 8.78 32.82 -22.70
CA ALA B 53 9.84 32.10 -21.97
C ALA B 53 10.31 30.89 -22.76
N LEU B 54 9.37 30.21 -23.40
CA LEU B 54 9.69 29.00 -24.16
C LEU B 54 10.43 29.33 -25.45
N TYR B 55 9.84 30.21 -26.26
CA TYR B 55 10.39 30.55 -27.57
C TYR B 55 11.22 31.83 -27.51
N GLN B 56 12.47 31.74 -27.98
CA GLN B 56 13.33 32.92 -28.08
C GLN B 56 12.69 33.99 -28.95
N ASN B 57 12.44 33.64 -30.21
CA ASN B 57 11.78 34.53 -31.15
C ASN B 57 11.04 33.73 -32.22
N VAL B 58 10.04 34.35 -32.82
CA VAL B 58 9.25 33.71 -33.85
C VAL B 58 9.10 34.63 -35.06
N TRP B 59 9.15 34.04 -36.26
CA TRP B 59 9.10 34.79 -37.49
C TRP B 59 8.51 33.98 -38.65
N LEU B 60 8.21 34.67 -39.75
CA LEU B 60 7.56 34.06 -40.92
C LEU B 60 8.21 34.57 -42.19
N LEU B 61 8.63 33.66 -43.06
CA LEU B 61 9.17 34.03 -44.36
C LEU B 61 10.39 34.98 -44.23
N SER B 62 10.78 35.27 -43.00
CA SER B 62 11.86 36.20 -42.68
C SER B 62 12.72 35.48 -41.65
N GLU B 63 12.61 34.16 -41.65
CA GLU B 63 13.25 33.31 -40.65
C GLU B 63 14.75 33.54 -40.68
N VAL B 64 15.32 33.41 -41.88
CA VAL B 64 16.72 33.70 -42.17
C VAL B 64 17.11 33.06 -43.50
N ASP B 78 2.19 28.64 -39.91
CA ASP B 78 3.22 28.88 -40.91
C ASP B 78 4.41 29.62 -40.32
N LEU B 79 4.70 29.34 -39.05
CA LEU B 79 5.80 29.98 -38.33
C LEU B 79 6.83 28.95 -37.89
N VAL B 80 8.01 29.43 -37.50
CA VAL B 80 9.00 28.61 -36.83
C VAL B 80 9.49 29.32 -35.58
N ALA B 81 9.76 28.54 -34.54
CA ALA B 81 10.20 29.09 -33.26
C ALA B 81 11.47 28.40 -32.79
N GLU B 82 12.46 29.20 -32.41
CA GLU B 82 13.67 28.67 -31.83
C GLU B 82 13.51 28.56 -30.32
N GLN B 83 13.23 27.35 -29.84
CA GLN B 83 13.20 27.13 -28.41
C GLN B 83 14.59 27.46 -27.87
N LYS B 84 14.63 28.11 -26.71
CA LYS B 84 15.87 28.62 -26.15
C LYS B 84 16.96 27.56 -26.17
N ASN B 85 16.67 26.39 -25.60
CA ASN B 85 17.57 25.25 -25.65
C ASN B 85 17.07 24.16 -26.58
N GLY B 86 16.67 24.54 -27.79
CA GLY B 86 16.12 23.60 -28.74
C GLY B 86 16.34 23.97 -30.20
N ASP B 87 15.65 23.27 -31.10
CA ASP B 87 15.72 23.52 -32.54
C ASP B 87 14.49 24.28 -33.02
N LEU B 88 14.39 24.46 -34.33
CA LEU B 88 13.22 25.09 -34.91
C LEU B 88 12.01 24.16 -34.81
N VAL B 89 10.89 24.67 -34.31
CA VAL B 89 9.65 23.90 -34.22
C VAL B 89 8.63 24.40 -35.23
N ALA B 90 7.90 23.48 -35.83
CA ALA B 90 6.88 23.82 -36.81
C ALA B 90 5.66 24.45 -36.13
N ILE B 91 5.07 25.43 -36.80
CA ILE B 91 3.84 26.07 -36.32
C ILE B 91 2.86 26.24 -37.47
N GLN B 92 1.72 25.57 -37.37
CA GLN B 92 0.65 25.73 -38.34
C GLN B 92 -0.45 26.60 -37.75
N ALA B 93 -0.55 27.82 -38.27
CA ALA B 93 -1.61 28.75 -37.88
C ALA B 93 -2.47 29.08 -39.10
N LYS B 94 -3.60 28.40 -39.21
CA LYS B 94 -4.48 28.54 -40.37
C LYS B 94 -5.92 28.82 -39.95
N PHE B 95 -6.58 29.69 -40.72
CA PHE B 95 -7.97 30.04 -40.46
C PHE B 95 -8.89 29.30 -41.43
N TYR B 96 -9.67 28.36 -40.89
CA TYR B 96 -10.58 27.54 -41.69
C TYR B 96 -11.94 27.37 -41.02
N THR B 97 -12.95 27.99 -41.61
CA THR B 97 -14.33 27.74 -41.20
C THR B 97 -14.76 26.42 -41.82
N ASN B 98 -14.27 25.32 -41.24
CA ASN B 98 -14.48 24.00 -41.79
C ASN B 98 -14.32 22.95 -40.69
N LYS B 99 -14.63 21.70 -41.02
CA LYS B 99 -14.51 20.59 -40.07
C LYS B 99 -13.94 19.36 -40.74
N LYS B 102 -8.15 20.84 -43.71
CA LYS B 102 -7.87 19.43 -43.97
C LYS B 102 -6.50 19.27 -44.62
N SER B 103 -6.34 19.84 -45.80
CA SER B 103 -5.09 19.73 -46.54
C SER B 103 -3.95 20.39 -45.77
N GLU B 104 -4.29 21.37 -44.94
CA GLU B 104 -3.31 22.02 -44.08
C GLU B 104 -2.76 21.03 -43.07
N ILE B 105 -3.64 20.21 -42.50
CA ILE B 105 -3.23 19.16 -41.59
C ILE B 105 -2.28 18.18 -42.28
N ASN B 106 -2.52 17.95 -43.56
CA ASN B 106 -1.81 16.91 -44.31
C ASN B 106 -0.45 17.33 -44.84
N SER B 107 -0.31 18.60 -45.20
CA SER B 107 0.89 19.07 -45.90
C SER B 107 2.01 19.47 -44.95
N PHE B 108 1.73 20.39 -44.04
CA PHE B 108 2.74 20.91 -43.14
C PHE B 108 3.31 19.82 -42.23
N VAL B 109 2.47 18.85 -41.88
CA VAL B 109 2.91 17.73 -41.05
C VAL B 109 3.86 16.82 -41.83
N ALA B 110 3.84 16.95 -43.16
CA ALA B 110 4.69 16.13 -44.00
C ALA B 110 5.93 16.92 -44.41
N GLU B 111 5.81 18.25 -44.44
CA GLU B 111 6.97 19.11 -44.60
C GLU B 111 7.86 18.95 -43.37
N LEU B 112 7.24 18.61 -42.25
CA LEU B 112 7.93 18.19 -41.04
C LEU B 112 8.73 16.92 -41.34
N GLY B 113 9.85 16.73 -40.65
CA GLY B 113 10.73 15.61 -40.91
C GLY B 113 12.09 16.09 -41.40
N LYS B 114 12.24 17.40 -41.54
CA LYS B 114 13.52 17.98 -41.93
C LYS B 114 14.53 17.82 -40.80
N SER B 115 15.76 18.29 -41.04
CA SER B 115 16.83 18.10 -40.09
C SER B 115 16.65 18.94 -38.82
N TYR B 116 16.31 20.21 -39.00
CA TYR B 116 16.15 21.13 -37.89
C TYR B 116 14.67 21.35 -37.56
N TYR B 117 13.79 20.96 -38.48
CA TYR B 117 12.36 21.03 -38.27
C TYR B 117 11.97 19.94 -37.25
N GLN B 118 12.08 20.28 -35.97
CA GLN B 118 11.98 19.27 -34.91
C GLN B 118 10.55 18.74 -34.70
N ARG B 119 9.63 19.62 -34.29
CA ARG B 119 8.28 19.20 -33.96
C ARG B 119 7.23 20.24 -34.36
N GLY B 120 5.97 19.88 -34.19
CA GLY B 120 4.86 20.71 -34.64
C GLY B 120 4.11 21.45 -33.55
N LEU B 121 3.26 22.37 -33.99
CA LEU B 121 2.43 23.16 -33.09
C LEU B 121 1.19 23.68 -33.81
N ILE B 122 0.09 22.94 -33.69
CA ILE B 122 -1.15 23.29 -34.37
C ILE B 122 -1.93 24.35 -33.60
N VAL B 123 -2.55 25.27 -34.34
CA VAL B 123 -3.43 26.28 -33.75
C VAL B 123 -4.81 26.19 -34.40
N SER B 124 -5.66 25.33 -33.83
CA SER B 124 -7.00 25.11 -34.37
C SER B 124 -7.90 26.32 -34.11
N THR B 125 -8.94 26.47 -34.92
CA THR B 125 -9.85 27.59 -34.80
C THR B 125 -11.29 27.21 -35.17
N MET B 126 -11.70 26.00 -34.80
CA MET B 126 -13.09 25.59 -34.98
C MET B 126 -13.40 24.39 -34.09
N ASP B 127 -14.66 24.29 -33.65
CA ASP B 127 -15.02 23.37 -32.58
C ASP B 127 -15.57 22.02 -33.04
N ASP B 128 -15.64 21.80 -34.35
CA ASP B 128 -16.17 20.56 -34.89
C ASP B 128 -15.07 19.66 -35.44
N TRP B 129 -14.84 18.54 -34.76
CA TRP B 129 -13.84 17.55 -35.16
C TRP B 129 -14.44 16.15 -35.20
N ASN B 130 -14.35 15.50 -36.36
CA ASN B 130 -14.92 14.17 -36.55
C ASN B 130 -14.12 13.09 -35.84
N SER B 131 -14.68 11.89 -35.79
CA SER B 131 -14.00 10.75 -35.18
C SER B 131 -12.69 10.46 -35.92
N ASN B 132 -12.70 10.73 -37.23
CA ASN B 132 -11.48 10.63 -38.04
C ASN B 132 -10.43 11.66 -37.67
N ALA B 133 -10.83 12.93 -37.77
CA ALA B 133 -9.95 14.06 -37.47
C ALA B 133 -9.25 13.92 -36.11
N ARG B 134 -10.02 13.59 -35.07
CA ARG B 134 -9.46 13.44 -33.74
C ARG B 134 -8.51 12.25 -33.65
N GLU B 135 -8.93 11.13 -34.24
CA GLU B 135 -8.14 9.91 -34.19
C GLU B 135 -6.86 10.03 -35.00
N THR B 136 -6.93 10.74 -36.12
CA THR B 136 -5.76 10.94 -36.97
C THR B 136 -4.66 11.70 -36.24
N ILE B 137 -5.05 12.78 -35.57
CA ILE B 137 -4.09 13.63 -34.87
C ILE B 137 -4.02 13.29 -33.38
N GLU B 145 0.76 19.45 -30.66
CA GLU B 145 0.31 20.45 -29.70
C GLU B 145 -0.89 21.20 -30.26
N ILE B 146 -1.78 21.64 -29.35
CA ILE B 146 -3.03 22.27 -29.75
C ILE B 146 -3.33 23.54 -28.94
N ILE B 147 -3.36 24.68 -29.64
CA ILE B 147 -3.92 25.91 -29.10
C ILE B 147 -5.25 26.13 -29.83
N GLY B 148 -6.23 26.68 -29.12
CA GLY B 148 -7.58 26.80 -29.65
C GLY B 148 -8.16 28.19 -29.63
N LEU B 149 -9.40 28.29 -30.11
CA LEU B 149 -10.14 29.55 -30.14
C LEU B 149 -10.22 30.16 -28.74
N SER B 150 -10.61 29.33 -27.77
CA SER B 150 -10.81 29.76 -26.40
C SER B 150 -9.50 30.19 -25.74
N ASP B 151 -8.46 29.38 -25.91
CA ASP B 151 -7.16 29.64 -25.30
C ASP B 151 -6.67 31.05 -25.63
N LEU B 152 -6.88 31.47 -26.87
CA LEU B 152 -6.54 32.83 -27.29
C LEU B 152 -7.55 33.83 -26.73
N ARG B 153 -8.81 33.40 -26.66
CA ARG B 153 -9.90 34.29 -26.27
C ARG B 153 -9.73 34.84 -24.86
N ASN B 154 -9.20 34.02 -23.94
CA ASN B 154 -8.88 34.48 -22.60
C ASN B 154 -7.43 34.18 -22.21
N SER B 155 -6.53 35.05 -22.68
CA SER B 155 -5.12 34.97 -22.37
C SER B 155 -4.68 36.19 -21.58
N GLN B 156 -3.42 36.22 -21.18
CA GLN B 156 -2.86 37.38 -20.48
C GLN B 156 -2.91 38.61 -21.36
N ILE B 157 -2.83 38.39 -22.67
CA ILE B 157 -2.91 39.47 -23.65
C ILE B 157 -4.28 40.14 -23.64
N ASP B 158 -4.29 41.46 -23.41
CA ASP B 158 -5.52 42.24 -23.44
C ASP B 158 -5.80 42.71 -24.86
N TRP B 159 -6.97 42.33 -25.38
CA TRP B 159 -7.33 42.67 -26.75
C TRP B 159 -8.05 44.02 -26.83
N SER B 160 -8.39 44.58 -25.68
CA SER B 160 -9.07 45.87 -25.62
C SER B 160 -8.20 46.98 -26.21
N GLN B 161 -6.89 46.86 -26.00
CA GLN B 161 -5.94 47.88 -26.45
C GLN B 161 -5.17 47.42 -27.69
N PHE B 162 -5.55 46.27 -28.26
CA PHE B 162 -4.87 45.73 -29.41
C PHE B 162 -5.54 46.12 -30.72
N ASN B 163 -4.72 46.38 -31.74
CA ASN B 163 -5.20 46.62 -33.08
C ASN B 163 -4.19 46.06 -34.08
N PHE B 164 -4.70 45.52 -35.20
CA PHE B 164 -3.83 44.91 -36.20
C PHE B 164 -2.78 45.90 -36.72
N PRO B 167 -0.43 48.43 -34.11
CA PRO B 167 -0.04 47.26 -34.90
C PRO B 167 1.23 46.59 -34.40
N GLU B 168 1.11 45.34 -33.96
CA GLU B 168 2.23 44.51 -33.53
C GLU B 168 2.75 44.90 -32.13
N ASN B 169 2.39 46.08 -31.66
CA ASN B 169 2.65 46.45 -30.27
C ASN B 169 1.58 45.82 -29.40
N VAL B 170 1.99 44.98 -28.45
CA VAL B 170 1.07 44.18 -27.65
C VAL B 170 1.23 44.47 -26.17
N VAL B 171 0.11 44.46 -25.45
CA VAL B 171 0.09 44.77 -24.02
C VAL B 171 -0.45 43.59 -23.21
N VAL B 172 0.30 43.19 -22.19
CA VAL B 172 -0.07 42.09 -21.33
C VAL B 172 -0.83 42.59 -20.11
N LYS B 173 -1.91 41.90 -19.76
CA LYS B 173 -2.64 42.21 -18.55
C LYS B 173 -1.75 41.91 -17.35
N LYS B 174 -1.57 42.89 -16.46
CA LYS B 174 -0.60 42.81 -15.39
C LYS B 174 -0.73 41.54 -14.54
N PRO B 175 0.39 41.08 -13.96
CA PRO B 175 0.40 39.86 -13.15
C PRO B 175 -0.32 40.04 -11.82
N LYS B 176 -0.56 38.95 -11.11
CA LYS B 176 -1.27 38.98 -9.84
C LYS B 176 -0.45 39.66 -8.76
N LYS B 177 -0.97 40.77 -8.23
CA LYS B 177 -0.37 41.43 -7.07
C LYS B 177 -0.76 40.66 -5.82
N LEU B 178 0.22 40.08 -5.13
CA LEU B 178 -0.07 39.22 -3.99
C LEU B 178 -0.65 40.02 -2.83
N ARG B 179 -1.05 39.32 -1.78
CA ARG B 179 -1.87 39.90 -0.73
C ARG B 179 -1.27 39.57 0.64
N ASP B 180 -1.78 40.21 1.69
CA ASP B 180 -1.21 40.09 3.03
C ASP B 180 -1.24 38.66 3.55
N TYR B 181 -2.36 37.95 3.34
CA TYR B 181 -2.48 36.60 3.83
C TYR B 181 -1.64 35.65 2.97
N GLN B 182 -1.48 35.99 1.70
CA GLN B 182 -0.58 35.25 0.82
C GLN B 182 0.86 35.54 1.20
N GLN B 183 1.12 36.79 1.58
CA GLN B 183 2.44 37.21 2.04
C GLN B 183 2.78 36.49 3.33
N THR B 184 1.82 36.42 4.24
CA THR B 184 2.01 35.75 5.52
C THR B 184 2.33 34.28 5.32
N ALA B 185 1.70 33.66 4.32
CA ALA B 185 1.96 32.28 3.98
C ALA B 185 3.41 32.09 3.53
N LYS B 186 3.89 33.05 2.74
CA LYS B 186 5.27 33.02 2.27
C LYS B 186 6.25 33.16 3.43
N GLU B 187 5.91 34.05 4.37
CA GLU B 187 6.74 34.27 5.55
C GLU B 187 6.86 33.02 6.40
N ASN B 188 5.73 32.35 6.63
CA ASN B 188 5.71 31.15 7.47
C ASN B 188 6.49 30.00 6.85
N ALA B 189 6.34 29.81 5.55
CA ALA B 189 6.99 28.71 4.85
C ALA B 189 8.51 28.82 4.96
N LEU B 190 9.03 30.03 4.77
CA LEU B 190 10.46 30.27 4.84
C LEU B 190 11.03 29.88 6.20
N ALA B 191 10.44 30.41 7.26
CA ALA B 191 10.91 30.15 8.61
C ALA B 191 10.76 28.68 8.99
N HIS B 192 9.67 28.06 8.54
CA HIS B 192 9.36 26.68 8.91
C HIS B 192 10.27 25.69 8.20
N PHE B 193 10.47 25.87 6.90
CA PHE B 193 11.27 24.94 6.12
C PHE B 193 12.75 25.04 6.47
N LYS B 194 13.15 26.14 7.11
CA LYS B 194 14.52 26.29 7.55
C LYS B 194 14.87 25.20 8.57
N GLU B 195 13.86 24.75 9.31
CA GLU B 195 14.04 23.72 10.32
C GLU B 195 13.64 22.34 9.80
N ASN B 196 12.56 22.29 9.02
CA ASN B 196 11.97 21.02 8.61
C ASN B 196 12.07 20.78 7.10
N ASP B 197 11.98 19.50 6.72
CA ASP B 197 12.04 19.10 5.33
C ASP B 197 10.65 18.83 4.76
N ARG B 198 9.66 18.84 5.65
CA ARG B 198 8.29 18.56 5.27
C ARG B 198 7.31 19.51 5.95
N GLY B 199 6.30 19.95 5.22
CA GLY B 199 5.28 20.82 5.75
C GLY B 199 4.10 20.86 4.80
N GLN B 200 2.94 21.27 5.30
CA GLN B 200 1.75 21.34 4.46
C GLN B 200 1.06 22.71 4.51
N LEU B 201 0.53 23.12 3.36
CA LEU B 201 -0.09 24.44 3.20
C LEU B 201 -1.59 24.32 2.97
N ILE B 202 -2.37 24.70 3.96
CA ILE B 202 -3.82 24.59 3.90
C ILE B 202 -4.44 25.94 3.53
N MET B 203 -5.12 26.00 2.38
CA MET B 203 -5.77 27.22 1.94
C MET B 203 -7.12 26.91 1.31
N ALA B 204 -8.14 27.66 1.73
CA ALA B 204 -9.50 27.46 1.23
C ALA B 204 -9.55 27.67 -0.28
N PRO B 205 -10.51 27.02 -0.96
CA PRO B 205 -10.61 27.13 -2.41
C PRO B 205 -10.87 28.55 -2.89
N GLY B 206 -10.08 29.01 -3.86
CA GLY B 206 -10.25 30.32 -4.44
C GLY B 206 -9.51 31.43 -3.71
N THR B 207 -8.51 31.04 -2.93
CA THR B 207 -7.71 32.01 -2.17
C THR B 207 -6.31 32.17 -2.74
N GLY B 208 -6.02 31.44 -3.82
CA GLY B 208 -4.75 31.56 -4.51
C GLY B 208 -3.70 30.56 -4.06
N LYS B 209 -4.13 29.31 -3.86
CA LYS B 209 -3.21 28.25 -3.45
C LYS B 209 -2.12 28.03 -4.49
N THR B 210 -2.53 27.97 -5.76
CA THR B 210 -1.57 27.74 -6.85
C THR B 210 -0.65 28.95 -7.03
N PHE B 211 -1.21 30.15 -6.84
CA PHE B 211 -0.44 31.38 -7.00
C PHE B 211 0.50 31.60 -5.83
N THR B 212 0.08 31.18 -4.63
CA THR B 212 0.88 31.35 -3.42
C THR B 212 2.11 30.46 -3.43
N SER B 213 1.96 29.25 -3.97
CA SER B 213 3.05 28.30 -4.03
C SER B 213 4.19 28.79 -4.93
N LEU B 214 3.83 29.58 -5.94
CA LEU B 214 4.83 30.17 -6.82
C LEU B 214 5.71 31.14 -6.04
N LYS B 215 5.09 31.99 -5.24
CA LYS B 215 5.82 32.99 -4.48
C LYS B 215 6.69 32.37 -3.39
N ILE B 216 6.24 31.24 -2.85
CA ILE B 216 7.04 30.48 -1.90
C ILE B 216 8.29 29.95 -2.60
N SER B 217 8.09 29.26 -3.72
CA SER B 217 9.19 28.72 -4.50
C SER B 217 10.21 29.79 -4.90
N GLU B 218 9.70 30.97 -5.28
CA GLU B 218 10.58 32.08 -5.64
C GLU B 218 11.40 32.54 -4.44
N ALA B 219 10.76 32.60 -3.28
CA ALA B 219 11.42 33.07 -2.06
C ALA B 219 12.51 32.11 -1.62
N LEU B 220 12.27 30.81 -1.79
CA LEU B 220 13.27 29.80 -1.46
C LEU B 220 14.43 29.86 -2.43
N SER B 221 14.14 30.13 -3.70
CA SER B 221 15.16 30.21 -4.72
C SER B 221 16.04 31.44 -4.54
N LYS B 222 15.40 32.59 -4.36
CA LYS B 222 16.11 33.85 -4.16
C LYS B 222 17.03 33.79 -2.94
N ASP B 223 16.59 33.08 -1.91
CA ASP B 223 17.37 32.89 -0.70
C ASP B 223 18.74 32.31 -1.02
N LYS B 224 18.76 31.13 -1.61
CA LYS B 224 19.98 30.47 -2.04
C LYS B 224 19.90 30.16 -3.53
N ASP B 225 20.24 31.15 -4.34
CA ASP B 225 20.02 31.05 -5.77
C ASP B 225 21.00 30.10 -6.46
N GLY B 226 21.11 30.22 -7.77
CA GLY B 226 21.56 29.13 -8.61
C GLY B 226 20.29 28.49 -9.11
N PRO B 227 20.39 27.58 -10.09
CA PRO B 227 19.15 27.02 -10.65
C PRO B 227 18.35 26.22 -9.63
N PHE B 228 17.12 26.64 -9.37
CA PHE B 228 16.28 26.01 -8.36
C PHE B 228 15.41 24.92 -8.96
N LYS B 229 15.77 23.67 -8.68
CA LYS B 229 15.05 22.52 -9.23
C LYS B 229 13.77 22.26 -8.42
N VAL B 230 12.64 22.22 -9.11
CA VAL B 230 11.35 22.05 -8.46
C VAL B 230 10.47 21.03 -9.19
N LEU B 231 9.65 20.32 -8.43
CA LEU B 231 8.69 19.37 -8.98
C LEU B 231 7.28 19.68 -8.47
N TYR B 232 6.35 19.88 -9.39
CA TYR B 232 4.96 20.19 -9.06
C TYR B 232 4.04 19.06 -9.52
N LEU B 233 3.51 18.31 -8.56
CA LEU B 233 2.67 17.16 -8.87
C LEU B 233 1.19 17.51 -8.79
N VAL B 234 0.37 16.84 -9.61
CA VAL B 234 -1.03 17.21 -9.75
C VAL B 234 -1.86 16.03 -10.30
N PRO B 235 -3.10 15.84 -9.80
CA PRO B 235 -3.86 14.67 -10.23
C PRO B 235 -4.30 14.66 -11.70
N SER B 236 -4.64 15.82 -12.25
CA SER B 236 -5.24 15.89 -13.60
C SER B 236 -4.37 16.65 -14.59
N ILE B 237 -4.61 16.40 -15.88
CA ILE B 237 -3.79 16.97 -16.94
C ILE B 237 -4.09 18.45 -17.19
N GLN B 238 -5.37 18.83 -17.23
CA GLN B 238 -5.72 20.23 -17.42
C GLN B 238 -5.22 21.04 -16.23
N LEU B 239 -5.30 20.45 -15.05
CA LEU B 239 -4.82 21.11 -13.83
C LEU B 239 -3.31 21.30 -13.90
N LEU B 240 -2.65 20.50 -14.74
CA LEU B 240 -1.21 20.67 -14.99
C LEU B 240 -1.00 21.86 -15.92
N THR B 241 -1.84 21.98 -16.95
CA THR B 241 -1.73 23.08 -17.90
C THR B 241 -1.96 24.41 -17.19
N GLN B 242 -3.04 24.47 -16.43
CA GLN B 242 -3.38 25.67 -15.66
C GLN B 242 -2.23 26.10 -14.77
N THR B 243 -1.67 25.13 -14.03
CA THR B 243 -0.57 25.41 -13.12
C THR B 243 0.63 25.94 -13.87
N LEU B 244 1.04 25.23 -14.91
CA LEU B 244 2.20 25.61 -15.71
C LEU B 244 2.04 27.01 -16.30
N ARG B 245 0.84 27.32 -16.77
CA ARG B 245 0.57 28.63 -17.34
C ARG B 245 0.47 29.71 -16.26
N GLY B 246 -0.34 29.42 -15.24
CA GLY B 246 -0.54 30.35 -14.14
C GLY B 246 0.76 30.73 -13.46
N TRP B 247 1.70 29.80 -13.41
CA TRP B 247 3.00 30.05 -12.79
C TRP B 247 3.83 31.01 -13.63
N ASN B 248 3.89 30.75 -14.94
CA ASN B 248 4.68 31.58 -15.83
C ASN B 248 4.09 32.98 -15.99
N ASN B 249 2.78 33.10 -15.89
CA ASN B 249 2.12 34.39 -15.98
C ASN B 249 2.51 35.31 -14.84
N ASP B 250 2.60 34.75 -13.65
CA ASP B 250 2.74 35.54 -12.43
C ASP B 250 4.14 35.52 -11.82
N THR B 251 5.07 34.81 -12.45
CA THR B 251 6.42 34.70 -11.90
C THR B 251 7.21 35.99 -12.04
N GLU B 252 7.95 36.34 -11.00
CA GLU B 252 8.79 37.54 -11.02
C GLU B 252 10.21 37.17 -11.44
N LEU B 253 10.49 35.88 -11.54
CA LEU B 253 11.78 35.38 -11.97
C LEU B 253 11.70 34.79 -13.37
N THR B 254 12.84 34.35 -13.89
CA THR B 254 12.88 33.59 -15.14
C THR B 254 12.69 32.11 -14.82
N MET B 255 12.09 31.38 -15.75
CA MET B 255 11.68 30.00 -15.48
C MET B 255 11.67 29.10 -16.71
N THR B 256 12.45 28.02 -16.63
CA THR B 256 12.34 26.92 -17.58
C THR B 256 11.36 25.91 -16.97
N SER B 257 10.64 25.18 -17.82
CA SER B 257 9.65 24.23 -17.31
C SER B 257 9.42 23.05 -18.26
N MET B 258 9.19 21.88 -17.67
CA MET B 258 8.87 20.67 -18.41
C MET B 258 7.44 20.23 -18.09
N ALA B 259 6.78 19.61 -19.08
CA ALA B 259 5.43 19.09 -18.90
C ALA B 259 5.42 17.57 -19.08
N VAL B 260 5.77 16.87 -18.01
CA VAL B 260 5.83 15.41 -18.02
C VAL B 260 4.42 14.80 -18.06
N THR B 261 4.29 13.67 -18.73
CA THR B 261 3.03 12.97 -18.82
C THR B 261 3.21 11.59 -19.44
N THR B 273 -11.08 9.68 -15.29
CA THR B 273 -11.72 9.65 -16.60
C THR B 273 -12.26 11.02 -16.98
N GLU B 274 -12.60 11.19 -18.25
CA GLU B 274 -13.17 12.43 -18.76
C GLU B 274 -12.15 13.56 -18.65
N ASP B 275 -10.88 13.20 -18.54
CA ASP B 275 -9.81 14.19 -18.47
C ASP B 275 -9.36 14.61 -19.87
N ILE B 276 -8.63 15.73 -19.95
CA ILE B 276 -8.13 16.23 -21.22
C ILE B 276 -6.86 15.50 -21.65
N LYS B 277 -6.73 15.27 -22.95
CA LYS B 277 -5.59 14.56 -23.49
C LYS B 277 -4.31 15.40 -23.42
N ALA B 278 -3.16 14.73 -23.50
CA ALA B 278 -1.88 15.39 -23.36
C ALA B 278 -1.54 16.28 -24.55
N SER B 279 -2.36 16.22 -25.59
CA SER B 279 -2.14 17.02 -26.79
C SER B 279 -2.54 18.47 -26.58
N ASP B 280 -3.49 18.70 -25.67
CA ASP B 280 -4.08 20.02 -25.48
C ASP B 280 -3.32 20.88 -24.47
N ILE B 281 -2.14 20.44 -24.07
CA ILE B 281 -1.32 21.20 -23.13
C ILE B 281 -0.83 22.49 -23.77
N GLY B 282 -0.42 22.39 -25.03
CA GLY B 282 0.17 23.53 -25.73
C GLY B 282 1.60 23.73 -25.24
N TYR B 283 2.35 22.64 -25.20
CA TYR B 283 3.70 22.65 -24.65
C TYR B 283 4.38 21.34 -25.04
N PRO B 284 5.70 21.36 -25.29
CA PRO B 284 6.35 20.10 -25.68
C PRO B 284 6.26 19.04 -24.57
N ALA B 285 5.36 18.08 -24.75
CA ALA B 285 5.10 17.07 -23.75
C ALA B 285 6.23 16.05 -23.68
N THR B 286 7.10 16.19 -22.69
CA THR B 286 8.19 15.25 -22.49
C THR B 286 7.69 13.95 -21.89
N THR B 287 7.27 13.03 -22.75
CA THR B 287 6.64 11.79 -22.31
C THR B 287 7.65 10.75 -21.80
N SER B 288 8.58 10.35 -22.65
CA SER B 288 9.50 9.26 -22.32
C SER B 288 10.46 9.68 -21.21
N SER B 289 11.00 8.69 -20.50
CA SER B 289 12.00 8.92 -19.47
C SER B 289 13.28 9.45 -20.09
N LYS B 290 13.48 9.15 -21.37
CA LYS B 290 14.65 9.61 -22.09
C LYS B 290 14.52 11.08 -22.45
N LYS B 291 13.29 11.52 -22.71
CA LYS B 291 13.03 12.92 -23.03
C LYS B 291 13.41 13.82 -21.85
N ILE B 292 13.14 13.35 -20.64
CA ILE B 292 13.55 14.06 -19.44
C ILE B 292 15.05 14.23 -19.41
N LEU B 293 15.77 13.15 -19.70
CA LEU B 293 17.21 13.14 -19.62
C LEU B 293 17.82 13.96 -20.75
N GLN B 294 17.06 14.19 -21.82
CA GLN B 294 17.49 15.09 -22.89
C GLN B 294 17.34 16.53 -22.40
N ASN B 295 16.16 16.85 -21.86
CA ASN B 295 15.81 18.22 -21.56
C ASN B 295 16.68 18.80 -20.45
N TRP B 296 17.22 17.92 -19.61
CA TRP B 296 18.15 18.35 -18.59
C TRP B 296 19.50 18.71 -19.22
N HIS B 297 19.87 17.97 -20.26
CA HIS B 297 21.13 18.21 -20.95
C HIS B 297 21.14 19.58 -21.62
N ASP B 298 20.00 19.96 -22.20
CA ASP B 298 19.88 21.25 -22.86
C ASP B 298 19.97 22.40 -21.84
N PHE B 299 19.27 22.24 -20.73
CA PHE B 299 19.29 23.24 -19.67
C PHE B 299 20.69 23.46 -19.12
N GLU B 300 21.46 22.37 -19.03
CA GLU B 300 22.80 22.42 -18.48
C GLU B 300 23.79 23.12 -19.42
N SER B 301 23.47 23.11 -20.72
CA SER B 301 24.39 23.61 -21.74
C SER B 301 24.08 25.04 -22.19
N LEU B 302 22.81 25.43 -22.10
CA LEU B 302 22.33 26.76 -22.51
C LEU B 302 23.25 27.88 -22.00
N PRO B 303 23.36 29.01 -22.74
CA PRO B 303 24.45 29.93 -22.40
C PRO B 303 24.30 30.55 -21.02
N LYS B 304 23.06 30.75 -20.58
CA LYS B 304 22.79 31.09 -19.18
C LYS B 304 21.58 30.32 -18.67
N GLN B 305 21.69 29.81 -17.45
CA GLN B 305 20.62 29.06 -16.83
C GLN B 305 19.65 30.01 -16.12
N THR B 306 18.36 29.73 -16.23
CA THR B 306 17.34 30.56 -15.61
C THR B 306 17.33 30.38 -14.10
N ASP B 307 16.59 31.23 -13.40
CA ASP B 307 16.55 31.20 -11.95
C ASP B 307 15.90 29.94 -11.40
N MET B 308 14.87 29.45 -12.08
CA MET B 308 14.12 28.30 -11.59
C MET B 308 13.79 27.28 -12.69
N LEU B 309 14.17 26.04 -12.45
CA LEU B 309 13.72 24.91 -13.27
C LEU B 309 12.64 24.16 -12.51
N VAL B 310 11.43 24.17 -13.04
CA VAL B 310 10.30 23.50 -12.40
C VAL B 310 9.59 22.56 -13.38
N VAL B 311 9.60 21.27 -13.05
CA VAL B 311 8.94 20.27 -13.88
C VAL B 311 7.54 20.03 -13.39
N PHE B 312 6.58 20.11 -14.30
CA PHE B 312 5.17 19.89 -13.97
C PHE B 312 4.76 18.51 -14.45
N SER B 313 4.22 17.71 -13.54
CA SER B 313 3.95 16.31 -13.82
C SER B 313 2.70 15.82 -13.11
N THR B 314 2.10 14.76 -13.64
CA THR B 314 1.01 14.10 -12.95
C THR B 314 1.58 13.12 -11.93
N TYR B 315 0.75 12.68 -10.99
CA TYR B 315 1.18 11.70 -10.01
C TYR B 315 1.45 10.35 -10.70
N GLN B 316 0.74 10.10 -11.79
CA GLN B 316 0.88 8.84 -12.51
C GLN B 316 2.23 8.70 -13.18
N SER B 317 2.98 9.80 -13.26
CA SER B 317 4.27 9.81 -13.96
C SER B 317 5.46 9.85 -13.01
N ILE B 318 5.22 9.60 -11.74
CA ILE B 318 6.31 9.51 -10.76
C ILE B 318 7.25 8.36 -11.11
N GLU B 319 6.72 7.37 -11.82
CA GLU B 319 7.54 6.28 -12.35
C GLU B 319 8.56 6.84 -13.33
N VAL B 320 8.10 7.76 -14.18
CA VAL B 320 8.94 8.32 -15.23
C VAL B 320 10.10 9.12 -14.66
N ILE B 321 9.80 10.04 -13.75
CA ILE B 321 10.85 10.86 -13.13
C ILE B 321 11.80 10.00 -12.31
N GLY B 322 11.24 9.05 -11.55
CA GLY B 322 12.03 8.19 -10.69
C GLY B 322 13.13 7.45 -11.44
N GLU B 323 12.87 7.13 -12.70
CA GLU B 323 13.85 6.46 -13.54
C GLU B 323 14.95 7.44 -13.95
N ALA B 324 14.57 8.69 -14.22
CA ALA B 324 15.52 9.70 -14.64
C ALA B 324 16.51 10.02 -13.52
N GLN B 325 16.02 10.05 -12.29
CA GLN B 325 16.87 10.34 -11.14
C GLN B 325 17.84 9.19 -10.91
N LYS B 326 17.42 7.99 -11.27
CA LYS B 326 18.32 6.84 -11.27
C LYS B 326 19.26 6.93 -12.46
N GLU B 327 18.75 7.50 -13.55
CA GLU B 327 19.52 7.64 -14.78
C GLU B 327 20.54 8.77 -14.69
N GLY B 328 20.39 9.64 -13.70
CA GLY B 328 21.34 10.71 -13.46
C GLY B 328 20.75 12.06 -13.15
N PHE B 329 19.45 12.23 -13.42
CA PHE B 329 18.77 13.49 -13.20
C PHE B 329 18.93 13.95 -11.74
N PRO B 330 19.35 15.21 -11.51
CA PRO B 330 19.61 15.66 -10.14
C PRO B 330 18.33 15.83 -9.31
N GLU B 331 18.43 15.55 -8.02
CA GLU B 331 17.28 15.66 -7.13
C GLU B 331 16.78 17.10 -7.05
N PHE B 332 15.50 17.27 -6.73
CA PHE B 332 14.90 18.60 -6.64
C PHE B 332 15.13 19.22 -5.27
N ASP B 333 15.24 20.54 -5.24
CA ASP B 333 15.35 21.26 -3.97
C ASP B 333 13.98 21.42 -3.32
N PHE B 334 12.92 21.25 -4.12
CA PHE B 334 11.56 21.51 -3.65
C PHE B 334 10.53 20.72 -4.45
N ILE B 335 9.82 19.83 -3.77
CA ILE B 335 8.73 19.07 -4.39
C ILE B 335 7.39 19.63 -3.90
N ILE B 336 6.39 19.64 -4.77
CA ILE B 336 5.08 20.17 -4.42
C ILE B 336 3.98 19.17 -4.75
N SER B 337 3.23 18.79 -3.71
CA SER B 337 2.09 17.90 -3.87
C SER B 337 0.78 18.67 -3.84
N ASP B 338 0.22 18.93 -5.03
CA ASP B 338 -1.07 19.59 -5.12
C ASP B 338 -2.18 18.55 -4.95
N GLU B 339 -3.28 18.96 -4.34
CA GLU B 339 -4.37 18.05 -4.01
C GLU B 339 -3.81 16.93 -3.12
N ALA B 340 -3.02 17.33 -2.12
CA ALA B 340 -2.30 16.39 -1.27
C ALA B 340 -3.21 15.43 -0.52
N HIS B 341 -4.49 15.79 -0.41
CA HIS B 341 -5.44 14.95 0.31
C HIS B 341 -5.69 13.63 -0.42
N ARG B 342 -5.23 13.56 -1.67
CA ARG B 342 -5.36 12.34 -2.48
C ARG B 342 -4.10 11.48 -2.43
N THR B 343 -3.06 11.98 -1.77
CA THR B 343 -1.79 11.27 -1.72
C THR B 343 -1.82 10.11 -0.72
N THR B 344 -2.97 9.90 -0.07
CA THR B 344 -3.15 8.74 0.79
C THR B 344 -3.37 7.50 -0.07
N GLY B 345 -3.93 7.72 -1.25
CA GLY B 345 -4.04 6.67 -2.26
C GLY B 345 -5.26 5.79 -2.13
N ALA B 346 -6.19 6.16 -1.24
CA ALA B 346 -7.37 5.35 -0.98
C ALA B 346 -8.57 5.80 -1.82
N HIS B 347 -8.46 6.98 -2.42
CA HIS B 347 -9.56 7.53 -3.21
C HIS B 347 -9.46 7.17 -4.69
N GLU B 348 -8.39 6.48 -5.06
CA GLU B 348 -8.13 6.14 -6.46
C GLU B 348 -8.54 4.70 -6.77
N ALA B 349 -8.10 4.22 -7.93
CA ALA B 349 -8.42 2.86 -8.38
C ALA B 349 -7.20 2.21 -9.05
N ALA B 350 -7.35 0.95 -9.41
CA ALA B 350 -6.33 0.21 -10.16
C ALA B 350 -4.93 0.42 -9.57
N LYS B 351 -3.96 0.75 -10.42
CA LYS B 351 -2.59 0.99 -9.98
C LYS B 351 -2.34 2.47 -9.73
N GLU B 352 -3.41 3.23 -9.50
CA GLU B 352 -3.28 4.65 -9.21
C GLU B 352 -2.86 4.86 -7.76
N ALA B 353 -3.35 3.99 -6.88
CA ALA B 353 -3.07 4.08 -5.45
C ALA B 353 -1.57 4.08 -5.17
N SER B 354 -0.82 3.32 -5.96
CA SER B 354 0.63 3.26 -5.79
C SER B 354 1.28 4.58 -6.16
N ALA B 355 0.78 5.20 -7.22
CA ALA B 355 1.34 6.46 -7.71
C ALA B 355 1.21 7.59 -6.70
N PHE B 356 0.01 7.78 -6.19
CA PHE B 356 -0.28 8.88 -5.27
C PHE B 356 0.41 8.72 -3.93
N SER B 357 0.81 7.49 -3.59
CA SER B 357 1.42 7.20 -2.29
C SER B 357 2.92 6.98 -2.41
N LYS B 358 3.48 7.24 -3.59
CA LYS B 358 4.90 7.02 -3.83
C LYS B 358 5.72 8.30 -3.62
N VAL B 359 5.03 9.42 -3.51
CA VAL B 359 5.69 10.73 -3.45
C VAL B 359 6.39 11.00 -2.13
N HIS B 360 5.93 10.36 -1.06
CA HIS B 360 6.38 10.70 0.29
C HIS B 360 7.80 10.22 0.60
N SER B 361 8.34 9.32 -0.22
CA SER B 361 9.61 8.68 0.08
C SER B 361 10.69 9.03 -0.94
N ASN B 362 11.93 9.18 -0.47
CA ASN B 362 13.03 9.60 -1.33
C ASN B 362 13.57 8.52 -2.25
N ASN B 363 13.26 7.26 -1.94
CA ASN B 363 13.71 6.17 -2.79
C ASN B 363 12.93 6.13 -4.11
N ASN B 364 11.69 6.61 -4.07
CA ASN B 364 10.86 6.74 -5.27
C ASN B 364 11.25 7.99 -6.06
N VAL B 365 11.22 9.14 -5.39
CA VAL B 365 11.61 10.40 -5.98
C VAL B 365 12.41 11.23 -4.98
N LYS B 366 13.61 11.62 -5.37
CA LYS B 366 14.55 12.28 -4.47
C LYS B 366 14.26 13.78 -4.37
N GLY B 367 14.34 14.32 -3.15
CA GLY B 367 14.11 15.73 -2.92
C GLY B 367 14.53 16.17 -1.53
N LEU B 368 15.03 17.41 -1.43
CA LEU B 368 15.52 17.93 -0.16
C LEU B 368 14.36 18.44 0.69
N LYS B 369 13.37 19.04 0.05
CA LYS B 369 12.20 19.57 0.74
C LYS B 369 10.94 19.30 -0.08
N ARG B 370 9.82 19.12 0.62
CA ARG B 370 8.55 18.91 -0.06
C ARG B 370 7.38 19.56 0.68
N MET B 371 6.56 20.28 -0.07
CA MET B 371 5.43 21.02 0.48
C MET B 371 4.12 20.44 -0.05
N TYR B 372 3.29 19.95 0.87
CA TYR B 372 1.97 19.44 0.53
C TYR B 372 0.95 20.57 0.61
N GLN B 373 0.12 20.71 -0.42
CA GLN B 373 -0.91 21.75 -0.42
C GLN B 373 -2.26 21.19 -0.82
N THR B 374 -3.29 21.67 -0.13
CA THR B 374 -4.65 21.20 -0.31
C THR B 374 -5.62 22.13 0.39
N ALA B 375 -6.89 22.05 0.02
CA ALA B 375 -7.93 22.85 0.67
C ALA B 375 -8.72 22.00 1.65
N THR B 376 -8.49 20.68 1.62
CA THR B 376 -9.26 19.73 2.40
C THR B 376 -8.37 18.59 2.88
N PRO B 377 -7.55 18.84 3.91
CA PRO B 377 -6.63 17.81 4.42
C PRO B 377 -7.37 16.59 4.95
N LYS B 378 -8.52 16.81 5.57
CA LYS B 378 -9.35 15.74 6.09
C LYS B 378 -10.58 15.52 5.21
N ILE B 379 -10.62 14.37 4.54
CA ILE B 379 -11.77 14.01 3.71
C ILE B 379 -12.77 13.20 4.51
N TYR B 380 -14.03 13.64 4.48
CA TYR B 380 -15.12 12.94 5.15
C TYR B 380 -16.04 12.31 4.11
N GLY B 381 -16.72 11.23 4.49
CA GLY B 381 -17.62 10.55 3.58
C GLY B 381 -18.50 9.54 4.30
N GLU B 382 -19.40 8.92 3.56
CA GLU B 382 -20.31 7.94 4.12
C GLU B 382 -19.62 6.59 4.32
N SER B 383 -20.19 5.76 5.19
CA SER B 383 -19.61 4.46 5.50
C SER B 383 -19.90 3.44 4.40
N ALA B 384 -19.12 2.36 4.39
CA ALA B 384 -19.33 1.28 3.43
C ALA B 384 -20.68 0.61 3.68
N LYS B 385 -20.96 0.31 4.95
CA LYS B 385 -22.24 -0.26 5.34
C LYS B 385 -23.33 0.79 5.21
N LYS B 386 -24.39 0.44 4.47
CA LYS B 386 -25.46 1.39 4.18
C LYS B 386 -26.33 1.66 5.40
N ASN B 387 -26.47 0.66 6.28
CA ASN B 387 -27.32 0.79 7.45
C ASN B 387 -26.56 1.24 8.68
N ALA B 388 -25.36 1.78 8.49
CA ALA B 388 -24.57 2.29 9.59
C ALA B 388 -25.18 3.59 10.13
N LYS B 389 -25.03 3.82 11.42
CA LYS B 389 -25.61 5.01 12.06
C LYS B 389 -24.87 6.27 11.64
N ASP B 390 -23.58 6.34 11.96
CA ASP B 390 -22.78 7.51 11.62
C ASP B 390 -22.55 7.63 10.12
N LYS B 391 -23.14 8.65 9.51
CA LYS B 391 -23.10 8.84 8.07
C LYS B 391 -22.04 9.86 7.66
N SER B 392 -21.08 10.10 8.54
CA SER B 392 -20.00 11.04 8.24
C SER B 392 -18.72 10.65 8.98
N ILE B 393 -17.92 9.80 8.35
CA ILE B 393 -16.70 9.28 8.95
C ILE B 393 -15.47 9.78 8.20
N LEU B 394 -14.37 9.93 8.93
CA LEU B 394 -13.10 10.34 8.36
C LEU B 394 -12.54 9.25 7.43
N LEU B 395 -12.39 9.57 6.15
CA LEU B 395 -11.85 8.63 5.18
C LEU B 395 -10.34 8.80 5.07
N SER B 396 -9.90 10.04 4.88
CA SER B 396 -8.49 10.35 4.70
C SER B 396 -8.08 11.52 5.58
N SER B 397 -6.80 11.54 5.96
CA SER B 397 -6.25 12.64 6.76
C SER B 397 -4.74 12.75 6.57
N MET B 398 -4.27 13.99 6.51
CA MET B 398 -2.84 14.28 6.40
C MET B 398 -2.26 14.55 7.78
N ASP B 399 -2.75 13.79 8.77
CA ASP B 399 -2.37 14.00 10.16
C ASP B 399 -1.20 13.11 10.58
N ASP B 400 -0.51 12.53 9.60
CA ASP B 400 0.73 11.81 9.85
C ASP B 400 1.90 12.77 9.75
N GLU B 401 2.42 13.19 10.90
CA GLU B 401 3.48 14.20 10.95
C GLU B 401 4.80 13.69 10.38
N SER B 402 4.89 12.39 10.13
CA SER B 402 6.12 11.79 9.65
C SER B 402 6.33 12.02 8.15
N LYS B 403 5.25 11.94 7.38
CA LYS B 403 5.36 11.99 5.92
C LYS B 403 4.81 13.30 5.32
N TYR B 404 3.90 13.94 6.05
CA TYR B 404 3.31 15.20 5.58
C TYR B 404 3.92 16.41 6.28
N GLY B 405 4.75 16.18 7.28
CA GLY B 405 5.31 17.26 8.07
C GLY B 405 4.22 17.92 8.91
N GLU B 406 4.35 19.22 9.12
CA GLU B 406 3.38 19.98 9.92
C GLU B 406 2.80 21.15 9.13
N VAL B 407 1.77 21.77 9.69
CA VAL B 407 1.10 22.90 9.05
C VAL B 407 1.78 24.20 9.45
N PHE B 408 2.22 24.97 8.45
CA PHE B 408 2.89 26.25 8.72
C PHE B 408 1.96 27.44 8.43
N PHE B 409 1.07 27.28 7.46
CA PHE B 409 0.07 28.31 7.17
C PHE B 409 -1.29 27.68 6.92
N ARG B 410 -2.32 28.26 7.53
CA ARG B 410 -3.69 27.78 7.36
C ARG B 410 -4.66 28.94 7.12
N MET B 411 -5.28 28.93 5.93
CA MET B 411 -6.31 29.90 5.60
C MET B 411 -7.65 29.19 5.41
N GLY B 412 -8.44 29.12 6.46
CA GLY B 412 -9.70 28.43 6.42
C GLY B 412 -10.73 29.16 5.58
N PHE B 413 -11.77 28.45 5.17
CA PHE B 413 -12.86 29.06 4.40
C PHE B 413 -13.53 30.15 5.22
N GLY B 414 -13.88 29.82 6.46
CA GLY B 414 -14.53 30.74 7.36
C GLY B 414 -13.76 32.03 7.55
N GLN B 415 -12.45 31.89 7.76
CA GLN B 415 -11.58 33.05 7.93
C GLN B 415 -11.60 33.94 6.68
N ALA B 416 -11.64 33.32 5.52
CA ALA B 416 -11.63 34.04 4.25
C ALA B 416 -12.92 34.81 4.03
N VAL B 417 -14.04 34.24 4.47
CA VAL B 417 -15.33 34.90 4.33
C VAL B 417 -15.41 36.12 5.25
N SER B 418 -14.80 36.01 6.42
CA SER B 418 -14.79 37.11 7.38
C SER B 418 -14.03 38.32 6.84
N ARG B 419 -12.96 38.07 6.09
CA ARG B 419 -12.14 39.14 5.54
C ARG B 419 -12.56 39.53 4.13
N ASP B 420 -13.75 39.08 3.72
CA ASP B 420 -14.32 39.45 2.43
C ASP B 420 -13.44 39.01 1.26
N ILE B 421 -12.75 37.90 1.42
CA ILE B 421 -11.94 37.34 0.35
C ILE B 421 -12.77 36.36 -0.47
N LEU B 422 -13.62 35.60 0.21
CA LEU B 422 -14.55 34.67 -0.43
C LEU B 422 -15.99 35.03 -0.08
N THR B 423 -16.93 34.63 -0.94
CA THR B 423 -18.35 34.78 -0.64
C THR B 423 -18.85 33.55 0.10
N ASP B 424 -19.61 33.78 1.16
CA ASP B 424 -20.20 32.69 1.91
C ASP B 424 -21.18 31.92 1.03
N TYR B 425 -21.31 30.62 1.25
CA TYR B 425 -22.20 29.80 0.44
C TYR B 425 -23.59 29.69 1.08
N LYS B 426 -24.53 29.10 0.34
CA LYS B 426 -25.88 28.90 0.85
C LYS B 426 -26.47 27.60 0.30
N VAL B 427 -26.49 26.58 1.15
CA VAL B 427 -27.00 25.27 0.78
C VAL B 427 -28.52 25.28 0.68
N MET B 428 -29.03 25.07 -0.52
CA MET B 428 -30.47 24.95 -0.74
C MET B 428 -30.87 23.49 -0.92
N VAL B 429 -31.40 22.90 0.15
CA VAL B 429 -31.97 21.56 0.07
C VAL B 429 -33.47 21.68 -0.17
N LEU B 430 -33.85 22.03 -1.40
CA LEU B 430 -35.26 22.07 -1.75
C LEU B 430 -35.75 20.65 -2.05
N ALA B 431 -36.72 20.22 -1.25
CA ALA B 431 -37.27 18.87 -1.37
C ALA B 431 -38.59 18.93 -2.10
N VAL B 432 -38.66 18.33 -3.28
CA VAL B 432 -39.86 18.41 -4.11
C VAL B 432 -40.82 17.29 -3.72
N ASP B 433 -42.11 17.58 -3.81
CA ASP B 433 -43.14 16.64 -3.38
C ASP B 433 -43.63 15.78 -4.53
N GLU B 434 -43.34 14.48 -4.46
CA GLU B 434 -43.78 13.54 -5.49
C GLU B 434 -45.30 13.45 -5.53
N ALA B 435 -45.93 13.53 -4.37
CA ALA B 435 -47.37 13.48 -4.26
C ALA B 435 -48.04 14.51 -5.15
N ALA B 436 -47.47 15.72 -5.16
CA ALA B 436 -48.02 16.82 -5.96
C ALA B 436 -47.55 16.76 -7.40
N ILE B 437 -46.28 16.42 -7.60
CA ILE B 437 -45.68 16.36 -8.93
C ILE B 437 -46.39 15.31 -9.80
N GLN B 438 -46.85 14.22 -9.18
CA GLN B 438 -47.59 13.19 -9.88
C GLN B 438 -48.83 13.78 -10.57
N LYS B 439 -49.49 14.69 -9.88
CA LYS B 439 -50.71 15.31 -10.40
C LYS B 439 -50.42 16.29 -11.53
N ASP B 440 -49.42 17.15 -11.34
CA ASP B 440 -49.16 18.24 -12.26
C ASP B 440 -48.43 17.79 -13.54
N MET B 441 -47.56 16.80 -13.41
CA MET B 441 -46.68 16.39 -14.51
C MET B 441 -47.12 15.07 -15.14
N GLN B 442 -48.41 14.76 -15.03
CA GLN B 442 -48.96 13.54 -15.60
C GLN B 442 -48.55 13.32 -17.06
N ARG B 443 -48.56 14.39 -17.85
CA ARG B 443 -48.31 14.28 -19.28
C ARG B 443 -46.86 13.92 -19.60
N THR B 444 -45.92 14.60 -18.96
CA THR B 444 -44.50 14.39 -19.24
C THR B 444 -44.03 12.98 -18.89
N LEU B 445 -44.49 12.47 -17.75
CA LEU B 445 -44.08 11.14 -17.30
C LEU B 445 -44.69 10.03 -18.14
N ALA B 446 -45.99 10.14 -18.41
CA ALA B 446 -46.73 9.09 -19.11
C ALA B 446 -46.18 8.86 -20.52
N ASP B 447 -46.15 9.92 -21.31
CA ASP B 447 -45.56 9.89 -22.65
C ASP B 447 -44.14 9.35 -22.58
N PRO B 448 -43.77 8.41 -23.48
CA PRO B 448 -42.36 8.07 -23.51
C PRO B 448 -41.52 9.24 -24.03
N GLU B 449 -41.52 10.33 -23.26
CA GLU B 449 -40.86 11.56 -23.66
C GLU B 449 -39.40 11.51 -23.22
N ASN B 450 -38.60 10.76 -23.97
CA ASN B 450 -37.20 10.51 -23.62
C ASN B 450 -37.12 9.67 -22.34
N GLY B 451 -38.22 8.99 -22.02
CA GLY B 451 -38.27 8.11 -20.86
C GLY B 451 -37.93 8.79 -19.55
N LEU B 452 -38.68 9.83 -19.21
CA LEU B 452 -38.45 10.56 -17.96
C LEU B 452 -39.16 9.86 -16.80
N ASN B 453 -38.63 10.07 -15.59
CA ASN B 453 -39.13 9.40 -14.40
C ASN B 453 -39.76 10.39 -13.43
N ILE B 454 -40.40 9.89 -12.38
CA ILE B 454 -40.85 10.74 -11.28
C ILE B 454 -39.64 11.50 -10.75
N ASP B 455 -38.55 10.77 -10.53
CA ASP B 455 -37.32 11.34 -10.03
C ASP B 455 -36.77 12.39 -10.99
N ASP B 456 -36.70 12.04 -12.27
CA ASP B 456 -36.09 12.90 -13.27
C ASP B 456 -36.85 14.23 -13.42
N VAL B 457 -38.17 14.17 -13.33
CA VAL B 457 -38.99 15.37 -13.40
C VAL B 457 -38.80 16.20 -12.14
N GLY B 458 -38.65 15.51 -11.02
CA GLY B 458 -38.42 16.18 -9.75
C GLY B 458 -37.12 16.95 -9.74
N ARG B 459 -36.20 16.54 -10.61
CA ARG B 459 -34.92 17.23 -10.74
C ARG B 459 -35.11 18.56 -11.46
N ILE B 460 -35.71 18.50 -12.66
CA ILE B 460 -35.91 19.69 -13.47
C ILE B 460 -36.68 20.79 -12.73
N VAL B 461 -37.80 20.42 -12.11
CA VAL B 461 -38.56 21.38 -11.32
C VAL B 461 -37.70 21.85 -10.15
N GLY B 462 -36.73 21.04 -9.78
CA GLY B 462 -35.81 21.38 -8.70
C GLY B 462 -34.82 22.44 -9.13
N ILE B 463 -34.30 22.32 -10.35
CA ILE B 463 -33.47 23.38 -10.91
C ILE B 463 -34.24 24.68 -10.94
N TRP B 464 -35.37 24.66 -11.62
CA TRP B 464 -36.20 25.84 -11.82
C TRP B 464 -36.46 26.59 -10.51
N ASN B 465 -37.13 25.94 -9.57
CA ASN B 465 -37.41 26.57 -8.28
C ASN B 465 -36.12 26.93 -7.54
N GLY B 466 -35.07 26.15 -7.77
CA GLY B 466 -33.77 26.44 -7.19
C GLY B 466 -33.18 27.71 -7.80
N MET B 467 -33.35 27.85 -9.11
CA MET B 467 -32.88 29.04 -9.80
C MET B 467 -33.74 30.25 -9.45
N MET B 468 -35.03 30.00 -9.20
CA MET B 468 -35.97 31.07 -8.85
C MET B 468 -35.86 31.44 -7.37
N ARG B 469 -35.21 30.58 -6.59
CA ARG B 469 -35.04 30.81 -5.16
C ARG B 469 -36.39 30.91 -4.45
N ARG B 470 -37.27 29.95 -4.72
CA ARG B 470 -38.61 29.94 -4.16
C ARG B 470 -38.63 29.38 -2.74
N ASN B 471 -39.58 29.84 -1.93
CA ASN B 471 -39.75 29.36 -0.57
C ASN B 471 -41.20 28.99 -0.29
N GLY B 472 -41.53 27.72 -0.52
CA GLY B 472 -42.88 27.23 -0.34
C GLY B 472 -43.12 26.65 1.03
N TYR B 473 -44.40 26.48 1.36
CA TYR B 473 -44.83 25.81 2.59
C TYR B 473 -44.42 26.65 3.81
N PRO B 481 -43.58 35.84 -2.47
CA PRO B 481 -43.39 34.95 -3.62
C PRO B 481 -42.03 34.24 -3.59
N TYR B 482 -40.97 34.93 -3.98
CA TYR B 482 -39.63 34.36 -3.96
C TYR B 482 -38.80 35.00 -2.86
N ASP B 483 -37.59 34.49 -2.66
CA ASP B 483 -36.67 35.06 -1.68
C ASP B 483 -35.90 36.23 -2.28
N GLY B 484 -35.74 36.22 -3.60
CA GLY B 484 -35.03 37.28 -4.28
C GLY B 484 -34.97 37.08 -5.79
N ALA B 485 -34.04 37.78 -6.43
CA ALA B 485 -33.87 37.70 -7.88
C ALA B 485 -33.29 36.36 -8.28
N PRO B 486 -33.52 35.94 -9.55
CA PRO B 486 -33.03 34.63 -10.00
C PRO B 486 -31.53 34.62 -10.30
N LEU B 487 -30.95 33.42 -10.38
CA LEU B 487 -29.54 33.27 -10.68
C LEU B 487 -29.33 33.22 -12.19
N GLU B 488 -28.11 33.51 -12.63
CA GLU B 488 -27.79 33.60 -14.05
C GLU B 488 -26.98 32.40 -14.56
N ARG B 489 -25.91 32.07 -13.86
CA ARG B 489 -25.01 30.99 -14.28
C ARG B 489 -24.99 29.83 -13.29
N ALA B 490 -24.86 28.62 -13.82
CA ALA B 490 -24.85 27.42 -13.00
C ALA B 490 -24.17 26.26 -13.72
N ILE B 491 -23.83 25.22 -12.96
CA ILE B 491 -23.26 24.00 -13.53
C ILE B 491 -23.89 22.79 -12.84
N ALA B 492 -24.71 22.06 -13.58
CA ALA B 492 -25.38 20.89 -13.04
C ALA B 492 -24.46 19.67 -13.02
N PHE B 493 -24.53 18.90 -11.94
CA PHE B 493 -23.71 17.71 -11.77
C PHE B 493 -24.58 16.47 -11.57
N THR B 494 -24.35 15.45 -12.40
CA THR B 494 -25.06 14.19 -12.29
C THR B 494 -24.08 13.01 -12.34
N ARG B 495 -24.59 11.83 -12.04
CA ARG B 495 -23.78 10.62 -11.99
C ARG B 495 -23.63 10.00 -13.38
N THR B 496 -24.74 9.95 -14.10
CA THR B 496 -24.80 9.27 -15.39
C THR B 496 -24.52 10.23 -16.54
N ILE B 497 -23.67 9.79 -17.47
CA ILE B 497 -23.34 10.59 -18.65
C ILE B 497 -24.60 10.91 -19.44
N GLU B 498 -25.47 9.91 -19.58
CA GLU B 498 -26.71 10.06 -20.33
C GLU B 498 -27.70 10.97 -19.61
N GLU B 499 -27.68 10.97 -18.28
CA GLU B 499 -28.63 11.75 -17.50
C GLU B 499 -28.48 13.24 -17.75
N SER B 500 -27.25 13.69 -17.92
CA SER B 500 -26.99 15.09 -18.23
C SER B 500 -27.57 15.44 -19.60
N LYS B 501 -27.43 14.51 -20.53
CA LYS B 501 -27.99 14.68 -21.88
C LYS B 501 -29.51 14.59 -21.85
N LYS B 502 -30.02 13.75 -20.96
CA LYS B 502 -31.46 13.53 -20.84
C LYS B 502 -32.20 14.80 -20.46
N VAL B 503 -31.80 15.41 -19.35
CA VAL B 503 -32.46 16.60 -18.84
C VAL B 503 -32.31 17.79 -19.79
N SER B 504 -31.07 18.17 -20.06
CA SER B 504 -30.77 19.38 -20.84
C SER B 504 -31.50 19.40 -22.19
N SER B 505 -31.64 18.24 -22.81
CA SER B 505 -32.34 18.15 -24.08
C SER B 505 -33.84 18.38 -23.91
N GLN B 506 -34.41 17.76 -22.89
CA GLN B 506 -35.85 17.84 -22.65
C GLN B 506 -36.22 18.97 -21.71
N PHE B 507 -35.22 19.67 -21.18
CA PHE B 507 -35.46 20.62 -20.09
C PHE B 507 -36.48 21.71 -20.44
N GLU B 508 -36.18 22.51 -21.46
CA GLU B 508 -37.05 23.61 -21.85
C GLU B 508 -38.48 23.12 -22.12
N GLU B 509 -38.60 21.86 -22.54
CA GLU B 509 -39.88 21.25 -22.79
C GLU B 509 -40.65 21.00 -21.50
N VAL B 510 -39.99 20.35 -20.54
CA VAL B 510 -40.63 19.99 -19.28
C VAL B 510 -40.92 21.22 -18.42
N VAL B 511 -40.05 22.21 -18.49
CA VAL B 511 -40.25 23.46 -17.75
C VAL B 511 -41.54 24.15 -18.20
N ASN B 512 -41.72 24.23 -19.52
CA ASN B 512 -42.91 24.85 -20.08
C ASN B 512 -44.17 24.04 -19.77
N GLU B 513 -44.02 22.73 -19.65
CA GLU B 513 -45.14 21.86 -19.36
C GLU B 513 -45.48 21.89 -17.87
N SER B 523 -41.03 37.71 -16.33
CA SER B 523 -40.43 36.44 -15.95
C SER B 523 -39.04 36.30 -16.57
N ILE B 524 -38.37 35.21 -16.22
CA ILE B 524 -37.02 34.94 -16.72
C ILE B 524 -36.97 33.58 -17.42
N HIS B 525 -36.21 33.51 -18.51
CA HIS B 525 -36.01 32.27 -19.24
C HIS B 525 -34.63 31.71 -18.93
N LEU B 526 -34.48 30.40 -19.07
CA LEU B 526 -33.19 29.76 -18.82
C LEU B 526 -33.09 28.44 -19.59
N SER B 527 -31.88 28.13 -20.07
CA SER B 527 -31.64 26.95 -20.88
C SER B 527 -30.34 26.26 -20.48
N MET B 528 -30.30 24.95 -20.63
CA MET B 528 -29.12 24.17 -20.24
C MET B 528 -28.35 23.65 -21.46
N ARG B 529 -27.34 22.84 -21.19
CA ARG B 529 -26.52 22.23 -22.23
C ARG B 529 -25.73 21.05 -21.64
N HIS B 530 -25.36 20.10 -22.50
CA HIS B 530 -24.59 18.93 -22.08
C HIS B 530 -23.15 19.03 -22.54
N ALA B 531 -22.25 18.42 -21.76
CA ALA B 531 -20.83 18.37 -22.09
C ALA B 531 -20.18 17.16 -21.42
N ASP B 532 -19.29 16.48 -22.13
CA ASP B 532 -18.62 15.30 -21.58
C ASP B 532 -17.27 15.04 -22.23
N GLY B 533 -16.66 13.91 -21.89
CA GLY B 533 -15.31 13.58 -22.31
C GLY B 533 -15.17 13.28 -23.78
N GLN B 534 -16.28 13.15 -24.50
CA GLN B 534 -16.24 12.95 -25.94
C GLN B 534 -15.65 14.18 -26.62
N MET B 535 -15.75 15.31 -25.93
CA MET B 535 -15.30 16.59 -26.47
C MET B 535 -13.78 16.75 -26.41
N ASN B 536 -13.29 17.77 -27.11
CA ASN B 536 -11.90 18.18 -27.02
C ASN B 536 -11.78 19.35 -26.05
N ALA B 537 -10.54 19.75 -25.75
CA ALA B 537 -10.32 20.89 -24.87
C ALA B 537 -10.81 22.18 -25.50
N LEU B 538 -11.03 22.15 -26.81
CA LEU B 538 -11.44 23.34 -27.54
C LEU B 538 -12.95 23.55 -27.42
N GLN B 539 -13.71 22.45 -27.44
CA GLN B 539 -15.14 22.50 -27.17
C GLN B 539 -15.40 22.89 -25.73
N LYS B 540 -14.76 22.17 -24.82
CA LYS B 540 -14.84 22.45 -23.38
C LYS B 540 -14.59 23.91 -23.08
N GLY B 541 -13.54 24.47 -23.68
CA GLY B 541 -13.25 25.88 -23.53
C GLY B 541 -14.36 26.73 -24.11
N GLU B 542 -15.07 26.18 -25.09
CA GLU B 542 -16.17 26.89 -25.73
C GLU B 542 -17.42 26.87 -24.87
N VAL B 543 -17.66 25.76 -24.17
CA VAL B 543 -18.83 25.65 -23.31
C VAL B 543 -18.67 26.57 -22.11
N LEU B 544 -17.47 26.61 -21.57
CA LEU B 544 -17.18 27.44 -20.40
C LEU B 544 -17.25 28.93 -20.75
N ASP B 545 -16.74 29.29 -21.91
CA ASP B 545 -16.81 30.68 -22.37
C ASP B 545 -18.26 31.04 -22.70
N TRP B 546 -19.00 30.08 -23.23
CA TRP B 546 -20.41 30.29 -23.51
C TRP B 546 -21.18 30.57 -22.23
N LEU B 547 -20.84 29.83 -21.18
CA LEU B 547 -21.48 29.99 -19.88
C LEU B 547 -21.08 31.32 -19.23
N ALA B 548 -19.78 31.59 -19.22
CA ALA B 548 -19.24 32.72 -18.49
C ALA B 548 -19.34 34.04 -19.26
N ASN B 549 -19.81 33.97 -20.50
CA ASN B 549 -19.84 35.15 -21.37
C ASN B 549 -20.50 36.36 -20.69
N PRO B 550 -19.76 37.48 -20.60
CA PRO B 550 -20.27 38.63 -19.83
C PRO B 550 -21.65 39.13 -20.31
N ASN B 551 -21.82 39.24 -21.63
CA ASN B 551 -23.07 39.70 -22.21
C ASN B 551 -24.03 38.54 -22.49
N LYS B 552 -25.17 38.57 -21.80
CA LYS B 552 -26.31 37.74 -22.14
C LYS B 552 -27.52 38.48 -21.61
N PRO B 553 -28.66 38.40 -22.30
CA PRO B 553 -29.79 39.24 -21.88
C PRO B 553 -30.25 38.91 -20.47
N ALA B 554 -30.55 39.94 -19.69
CA ALA B 554 -30.91 39.78 -18.28
C ALA B 554 -32.04 38.78 -18.10
N ASP B 555 -32.85 38.61 -19.14
CA ASP B 555 -33.95 37.65 -19.11
C ASP B 555 -33.41 36.22 -19.17
N GLU B 556 -32.25 36.04 -19.79
CA GLU B 556 -31.68 34.72 -20.00
C GLU B 556 -30.81 34.24 -18.85
N ALA B 557 -30.62 32.93 -18.78
CA ALA B 557 -29.66 32.32 -17.86
C ALA B 557 -28.96 31.19 -18.61
N ARG B 558 -27.96 30.58 -17.97
CA ARG B 558 -27.20 29.52 -18.61
C ARG B 558 -26.81 28.42 -17.62
N ILE B 559 -26.93 27.18 -18.07
CA ILE B 559 -26.56 26.02 -17.26
C ILE B 559 -25.86 24.99 -18.15
N VAL B 560 -24.95 24.22 -17.56
CA VAL B 560 -24.22 23.19 -18.29
C VAL B 560 -24.20 21.88 -17.49
N SER B 561 -24.89 20.88 -18.01
CA SER B 561 -24.95 19.57 -17.37
C SER B 561 -23.70 18.76 -17.72
N ASN B 562 -23.22 17.97 -16.78
CA ASN B 562 -22.01 17.17 -16.96
C ASN B 562 -21.86 16.13 -15.86
N VAL B 563 -20.69 15.50 -15.83
CA VAL B 563 -20.38 14.49 -14.82
C VAL B 563 -19.06 14.80 -14.12
N ARG B 564 -17.97 14.75 -14.89
CA ARG B 564 -16.63 14.93 -14.32
C ARG B 564 -15.75 15.70 -15.29
N PHE B 565 -16.37 16.50 -16.15
CA PHE B 565 -15.67 17.18 -17.24
C PHE B 565 -15.39 18.64 -16.91
N LEU B 566 -16.21 19.22 -16.03
CA LEU B 566 -16.15 20.65 -15.74
C LEU B 566 -15.67 20.95 -14.32
N THR B 567 -15.52 19.93 -13.49
CA THR B 567 -14.99 20.12 -12.14
C THR B 567 -13.64 20.83 -12.21
N GLU B 568 -12.66 20.16 -12.81
CA GLU B 568 -11.40 20.78 -13.14
C GLU B 568 -11.58 21.62 -14.40
N GLY B 569 -11.51 22.94 -14.25
CA GLY B 569 -11.72 23.84 -15.37
C GLY B 569 -11.29 25.26 -15.08
N ILE B 570 -11.80 26.19 -15.87
CA ILE B 570 -11.43 27.60 -15.75
C ILE B 570 -12.28 28.29 -14.68
N ASP B 571 -11.61 29.03 -13.81
CA ASP B 571 -12.30 29.79 -12.78
C ASP B 571 -13.13 30.91 -13.38
N ILE B 572 -14.44 30.85 -13.19
CA ILE B 572 -15.34 31.91 -13.62
C ILE B 572 -16.03 32.47 -12.36
N PRO B 573 -15.65 33.68 -11.94
CA PRO B 573 -16.18 34.24 -10.69
C PRO B 573 -17.70 34.43 -10.69
N THR B 574 -18.26 34.64 -11.88
CA THR B 574 -19.68 34.97 -12.00
C THR B 574 -20.60 33.77 -11.78
N LEU B 575 -20.02 32.58 -11.68
CA LEU B 575 -20.82 31.37 -11.48
C LEU B 575 -21.58 31.44 -10.17
N ASP B 576 -22.91 31.42 -10.27
CA ASP B 576 -23.77 31.64 -9.11
C ASP B 576 -24.05 30.37 -8.31
N ALA B 577 -24.14 29.23 -9.00
CA ALA B 577 -24.60 28.01 -8.33
C ALA B 577 -23.97 26.72 -8.89
N VAL B 578 -24.02 25.69 -8.07
CA VAL B 578 -23.68 24.32 -8.47
C VAL B 578 -24.81 23.41 -8.01
N ILE B 579 -25.24 22.51 -8.89
CA ILE B 579 -26.40 21.67 -8.63
C ILE B 579 -26.05 20.20 -8.74
N PHE B 580 -26.23 19.47 -7.63
CA PHE B 580 -26.00 18.02 -7.60
C PHE B 580 -27.33 17.29 -7.73
N LEU B 581 -27.46 16.51 -8.81
CA LEU B 581 -28.73 15.88 -9.16
C LEU B 581 -28.75 14.41 -8.76
N SER B 582 -27.59 13.77 -8.76
CA SER B 582 -27.49 12.36 -8.45
C SER B 582 -26.23 12.06 -7.65
N PRO B 583 -26.26 10.97 -6.85
CA PRO B 583 -25.08 10.56 -6.08
C PRO B 583 -23.88 10.27 -6.97
N LYS B 584 -22.79 11.00 -6.75
CA LYS B 584 -21.58 10.82 -7.55
C LYS B 584 -20.79 9.61 -7.09
N LYS B 585 -19.89 9.14 -7.94
CA LYS B 585 -19.07 7.97 -7.64
C LYS B 585 -18.09 8.25 -6.50
N SER B 586 -17.14 9.14 -6.77
CA SER B 586 -16.10 9.46 -5.81
C SER B 586 -16.46 10.70 -4.98
N GLN B 587 -16.00 10.71 -3.73
CA GLN B 587 -16.29 11.82 -2.83
C GLN B 587 -15.43 13.04 -3.16
N VAL B 588 -14.20 12.80 -3.59
CA VAL B 588 -13.26 13.87 -3.89
C VAL B 588 -13.77 14.78 -5.01
N ASP B 589 -14.61 14.23 -5.89
CA ASP B 589 -15.13 15.00 -7.01
C ASP B 589 -16.17 16.01 -6.52
N ILE B 590 -16.87 15.67 -5.44
CA ILE B 590 -17.83 16.59 -4.82
C ILE B 590 -17.09 17.79 -4.24
N VAL B 591 -15.94 17.52 -3.62
CA VAL B 591 -15.13 18.55 -2.98
C VAL B 591 -14.69 19.61 -3.99
N GLN B 592 -14.15 19.17 -5.12
CA GLN B 592 -13.72 20.08 -6.18
C GLN B 592 -14.91 20.83 -6.77
N ALA B 593 -16.05 20.16 -6.87
CA ALA B 593 -17.25 20.76 -7.44
C ALA B 593 -17.72 21.95 -6.60
N VAL B 594 -17.62 21.81 -5.28
CA VAL B 594 -18.02 22.87 -4.35
C VAL B 594 -17.05 24.04 -4.40
N GLY B 595 -15.80 23.76 -4.76
CA GLY B 595 -14.77 24.78 -4.81
C GLY B 595 -14.92 25.75 -5.96
N ARG B 596 -15.66 25.35 -6.99
CA ARG B 596 -15.77 26.14 -8.21
C ARG B 596 -16.74 27.32 -8.11
N ILE B 597 -17.45 27.42 -6.99
CA ILE B 597 -18.45 28.47 -6.79
C ILE B 597 -18.08 29.43 -5.67
N MET B 598 -16.83 29.39 -5.23
CA MET B 598 -16.40 30.15 -4.06
C MET B 598 -16.00 31.59 -4.37
N ARG B 599 -15.44 31.80 -5.56
CA ARG B 599 -14.80 33.07 -5.90
C ARG B 599 -15.73 34.28 -5.82
N LYS B 600 -15.13 35.43 -5.57
CA LYS B 600 -15.86 36.69 -5.46
C LYS B 600 -16.09 37.34 -6.83
N ALA B 601 -17.30 37.86 -7.03
CA ALA B 601 -17.62 38.66 -8.21
C ALA B 601 -18.47 39.84 -7.81
N GLU B 602 -18.64 40.80 -8.72
CA GLU B 602 -19.27 42.08 -8.42
C GLU B 602 -20.69 41.92 -7.87
N GLY B 603 -21.60 41.40 -8.68
CA GLY B 603 -22.98 41.26 -8.28
C GLY B 603 -23.24 39.92 -7.59
N LYS B 604 -22.19 39.34 -7.04
CA LYS B 604 -22.27 38.03 -6.40
C LYS B 604 -22.46 38.17 -4.89
N ASP B 605 -23.69 38.02 -4.44
CA ASP B 605 -24.02 38.20 -3.03
C ASP B 605 -23.81 36.93 -2.21
N TYR B 606 -24.02 35.79 -2.85
CA TYR B 606 -23.92 34.50 -2.17
C TYR B 606 -23.59 33.36 -3.11
N GLY B 607 -22.95 32.33 -2.57
CA GLY B 607 -22.74 31.07 -3.27
C GLY B 607 -23.92 30.16 -2.99
N TYR B 608 -24.32 29.39 -3.99
CA TYR B 608 -25.51 28.56 -3.88
C TYR B 608 -25.26 27.09 -4.27
N ILE B 609 -25.53 26.21 -3.31
CA ILE B 609 -25.46 24.76 -3.54
C ILE B 609 -26.86 24.19 -3.47
N ILE B 610 -27.40 23.84 -4.64
CA ILE B 610 -28.78 23.40 -4.76
C ILE B 610 -28.87 21.88 -4.79
N LEU B 611 -29.73 21.32 -3.95
CA LEU B 611 -29.88 19.87 -3.83
C LEU B 611 -31.34 19.44 -4.01
N PRO B 612 -31.78 19.31 -5.27
CA PRO B 612 -33.12 18.78 -5.56
C PRO B 612 -33.22 17.29 -5.25
N ILE B 613 -34.15 16.93 -4.37
CA ILE B 613 -34.41 15.54 -4.03
C ILE B 613 -35.91 15.27 -4.02
N VAL B 614 -36.30 14.11 -4.55
CA VAL B 614 -37.70 13.71 -4.55
C VAL B 614 -38.03 12.90 -3.31
N ILE B 615 -39.01 13.38 -2.54
CA ILE B 615 -39.49 12.65 -1.37
C ILE B 615 -40.58 11.66 -1.80
N PRO B 616 -40.37 10.36 -1.53
CA PRO B 616 -41.44 9.40 -1.84
C PRO B 616 -42.72 9.69 -1.07
N THR B 617 -43.86 9.46 -1.70
CA THR B 617 -45.14 9.57 -1.02
C THR B 617 -45.23 8.50 0.05
N GLY B 618 -45.38 8.93 1.30
CA GLY B 618 -45.43 8.02 2.44
C GLY B 618 -44.13 7.96 3.21
N GLU B 619 -43.28 8.96 3.00
CA GLU B 619 -42.07 9.09 3.80
C GLU B 619 -42.46 9.57 5.20
N LYS B 620 -41.72 9.12 6.21
CA LYS B 620 -42.00 9.47 7.60
C LYS B 620 -40.89 10.35 8.17
N PRO B 621 -41.22 11.14 9.20
CA PRO B 621 -40.20 12.01 9.82
C PRO B 621 -39.06 11.21 10.41
N GLU B 622 -39.38 10.03 10.97
CA GLU B 622 -38.38 9.18 11.59
C GLU B 622 -37.47 8.52 10.54
N THR B 623 -37.98 8.34 9.33
CA THR B 623 -37.29 7.57 8.30
C THR B 623 -36.65 8.43 7.21
N ILE B 624 -36.94 9.73 7.21
CA ILE B 624 -36.46 10.59 6.13
C ILE B 624 -34.94 10.68 6.15
N LEU B 625 -34.35 10.87 4.98
CA LEU B 625 -32.89 10.88 4.79
C LEU B 625 -32.28 9.56 5.25
N ASP B 626 -32.82 8.45 4.76
CA ASP B 626 -32.28 7.12 5.06
C ASP B 626 -32.70 6.08 4.02
N ASN B 627 -31.87 5.04 3.87
CA ASN B 627 -32.18 3.90 3.01
C ASN B 627 -32.69 4.27 1.62
N ASN B 628 -31.99 5.20 0.97
CA ASN B 628 -32.34 5.62 -0.37
C ASN B 628 -31.12 6.14 -1.11
N LYS B 629 -31.04 5.86 -2.41
CA LYS B 629 -29.92 6.32 -3.21
C LYS B 629 -29.95 7.84 -3.35
N ASN B 630 -31.13 8.39 -3.59
CA ASN B 630 -31.29 9.83 -3.80
C ASN B 630 -30.75 10.65 -2.62
N TYR B 631 -30.78 10.08 -1.43
CA TYR B 631 -30.36 10.79 -0.23
C TYR B 631 -28.85 10.78 -0.04
N GLU B 632 -28.14 9.96 -0.83
CA GLU B 632 -26.69 9.95 -0.77
C GLU B 632 -26.11 11.31 -1.12
N THR B 633 -26.72 11.97 -2.11
CA THR B 633 -26.21 13.24 -2.61
C THR B 633 -26.25 14.31 -1.53
N VAL B 634 -27.17 14.18 -0.59
CA VAL B 634 -27.28 15.14 0.51
C VAL B 634 -26.05 15.08 1.40
N TRP B 635 -25.65 13.88 1.82
CA TRP B 635 -24.51 13.73 2.71
C TRP B 635 -23.18 13.87 1.99
N GLN B 636 -23.17 13.63 0.68
CA GLN B 636 -22.00 13.87 -0.13
C GLN B 636 -21.60 15.35 -0.07
N VAL B 637 -22.61 16.21 -0.11
CA VAL B 637 -22.40 17.65 0.02
C VAL B 637 -22.04 18.02 1.45
N ILE B 638 -22.79 17.46 2.41
CA ILE B 638 -22.54 17.70 3.82
C ILE B 638 -21.12 17.31 4.21
N ASN B 639 -20.68 16.14 3.74
CA ASN B 639 -19.32 15.67 4.01
C ASN B 639 -18.27 16.51 3.29
N ALA B 640 -18.66 17.11 2.17
CA ALA B 640 -17.77 18.00 1.44
C ALA B 640 -17.56 19.30 2.22
N LEU B 641 -18.65 19.86 2.72
CA LEU B 641 -18.59 21.09 3.49
C LEU B 641 -17.84 20.87 4.79
N ARG B 642 -17.97 19.68 5.36
CA ARG B 642 -17.28 19.37 6.61
C ARG B 642 -15.76 19.30 6.37
N SER B 643 -15.39 18.92 5.15
CA SER B 643 -13.98 18.83 4.78
C SER B 643 -13.42 20.21 4.46
N VAL B 644 -14.22 21.02 3.78
CA VAL B 644 -13.80 22.36 3.36
C VAL B 644 -13.96 23.37 4.49
N ASP B 645 -15.13 23.38 5.11
CA ASP B 645 -15.51 24.43 6.05
C ASP B 645 -15.28 24.04 7.51
N GLU B 646 -14.46 24.81 8.20
CA GLU B 646 -14.19 24.56 9.62
C GLU B 646 -15.38 24.97 10.47
N ARG B 647 -16.20 25.88 9.96
CA ARG B 647 -17.40 26.35 10.65
C ARG B 647 -18.48 25.29 10.71
N PHE B 648 -18.36 24.27 9.87
CA PHE B 648 -19.47 23.35 9.60
C PHE B 648 -19.91 22.54 10.82
N GLU B 649 -18.96 22.05 11.61
CA GLU B 649 -19.30 21.29 12.80
C GLU B 649 -19.98 22.19 13.83
N ALA B 650 -19.51 23.42 13.93
CA ALA B 650 -20.12 24.42 14.81
C ALA B 650 -21.50 24.80 14.31
N MET B 651 -21.67 24.76 12.99
CA MET B 651 -22.91 25.15 12.35
C MET B 651 -24.02 24.13 12.64
N ILE B 652 -23.63 22.88 12.86
CA ILE B 652 -24.59 21.81 13.17
C ILE B 652 -24.88 21.75 14.66
N ASP B 653 -23.89 22.12 15.47
CA ASP B 653 -24.11 22.24 16.91
C ASP B 653 -25.12 23.33 17.21
N LYS B 654 -25.23 24.29 16.29
CA LYS B 654 -26.19 25.38 16.45
C LYS B 654 -27.60 24.97 16.00
N LEU B 655 -27.68 24.01 15.08
CA LEU B 655 -28.96 23.54 14.55
C LEU B 655 -29.92 23.14 15.66
N ASN B 656 -29.37 22.65 16.76
CA ASN B 656 -30.17 22.23 17.90
C ASN B 656 -31.06 23.35 18.45
N MET B 657 -30.55 24.58 18.40
CA MET B 657 -31.20 25.71 19.07
C MET B 657 -31.63 26.81 18.10
N ALA B 658 -31.03 26.85 16.92
CA ALA B 658 -31.38 27.85 15.92
C ALA B 658 -31.11 27.31 14.52
N LYS B 659 -31.68 27.97 13.52
CA LYS B 659 -31.53 27.54 12.13
C LYS B 659 -30.57 28.46 11.36
N PRO B 660 -29.34 27.97 11.07
CA PRO B 660 -28.32 28.79 10.39
C PRO B 660 -28.77 29.38 9.04
N LYS B 661 -28.08 30.44 8.62
CA LYS B 661 -28.28 31.05 7.32
C LYS B 661 -27.99 30.08 6.18
N GLN B 662 -26.78 29.51 6.24
CA GLN B 662 -26.20 28.78 5.10
C GLN B 662 -27.07 27.61 4.64
N LEU B 663 -27.93 27.11 5.52
CA LEU B 663 -28.75 25.95 5.22
C LEU B 663 -30.23 26.33 5.14
N LYS B 664 -30.80 26.18 3.95
CA LYS B 664 -32.21 26.47 3.71
C LYS B 664 -32.95 25.24 3.18
N VAL B 665 -33.92 24.78 3.96
CA VAL B 665 -34.75 23.64 3.58
C VAL B 665 -36.06 24.15 2.99
N ILE B 666 -36.45 23.61 1.84
CA ILE B 666 -37.58 24.15 1.08
C ILE B 666 -38.49 23.05 0.53
N GLY B 667 -39.79 23.23 0.70
CA GLY B 667 -40.79 22.32 0.15
C GLY B 667 -41.30 22.86 -1.17
N VAL B 668 -41.38 21.99 -2.17
CA VAL B 668 -41.76 22.40 -3.52
C VAL B 668 -42.92 21.56 -4.04
N GLY B 669 -43.76 22.18 -4.86
CA GLY B 669 -44.90 21.50 -5.45
C GLY B 669 -45.38 22.23 -6.70
N SER B 670 -46.66 22.60 -6.71
CA SER B 670 -47.24 23.31 -7.83
C SER B 670 -46.85 24.78 -7.81
N SER B 671 -47.31 25.52 -8.82
CA SER B 671 -47.02 26.95 -8.92
C SER B 671 -48.29 27.77 -8.68
N THR B 689 -52.84 20.45 -0.71
CA THR B 689 -51.94 20.25 0.41
C THR B 689 -51.86 18.77 0.77
N GLU B 690 -50.66 18.20 0.65
CA GLU B 690 -50.43 16.80 0.98
C GLU B 690 -49.52 16.69 2.20
N LEU B 691 -48.25 17.03 2.04
CA LEU B 691 -47.34 17.13 3.18
C LEU B 691 -47.03 18.60 3.43
N GLU B 692 -47.71 19.48 2.72
CA GLU B 692 -47.73 20.90 3.04
C GLU B 692 -48.17 21.10 4.49
N PHE B 693 -49.12 20.27 4.92
CA PHE B 693 -49.69 20.37 6.24
C PHE B 693 -48.67 20.09 7.34
N GLU B 694 -47.76 19.15 7.08
CA GLU B 694 -46.80 18.70 8.09
C GLU B 694 -45.38 19.13 7.76
N TRP B 695 -45.22 20.18 6.97
CA TRP B 695 -43.89 20.61 6.55
C TRP B 695 -43.04 21.03 7.75
N ASP B 696 -43.67 21.66 8.74
CA ASP B 696 -42.97 22.04 9.96
C ASP B 696 -42.42 20.82 10.67
N LYS B 697 -43.21 19.74 10.66
CA LYS B 697 -42.80 18.50 11.30
C LYS B 697 -41.67 17.82 10.54
N PHE B 698 -41.68 17.97 9.21
CA PHE B 698 -40.64 17.39 8.38
C PHE B 698 -39.37 18.24 8.42
N GLU B 699 -39.51 19.53 8.15
CA GLU B 699 -38.40 20.47 8.14
C GLU B 699 -37.46 20.27 9.33
N GLY B 700 -38.04 20.14 10.52
CA GLY B 700 -37.26 19.89 11.72
C GLY B 700 -36.65 18.51 11.73
N ALA B 701 -37.35 17.54 11.15
CA ALA B 701 -36.87 16.17 11.12
C ALA B 701 -35.63 16.03 10.23
N ILE B 702 -35.62 16.74 9.12
CA ILE B 702 -34.44 16.80 8.28
C ILE B 702 -33.27 17.35 9.11
N PHE B 703 -33.42 18.58 9.60
CA PHE B 703 -32.41 19.21 10.43
C PHE B 703 -32.03 18.35 11.63
N GLY B 704 -33.01 17.62 12.17
CA GLY B 704 -32.77 16.74 13.30
C GLY B 704 -31.90 15.56 12.90
N LYS B 705 -32.20 14.95 11.77
CA LYS B 705 -31.43 13.81 11.28
C LYS B 705 -29.98 14.21 11.00
N ILE B 706 -29.78 15.46 10.59
CA ILE B 706 -28.44 15.97 10.34
C ILE B 706 -27.62 16.00 11.63
N VAL B 707 -28.17 16.61 12.67
CA VAL B 707 -27.51 16.69 13.96
C VAL B 707 -27.18 15.30 14.50
N GLN B 708 -28.05 14.34 14.22
CA GLN B 708 -27.89 12.98 14.71
C GLN B 708 -26.82 12.21 13.96
N LYS B 709 -26.83 12.29 12.63
CA LYS B 709 -26.05 11.38 11.79
C LYS B 709 -24.63 11.86 11.50
N VAL B 710 -24.37 13.14 11.69
CA VAL B 710 -23.02 13.67 11.54
C VAL B 710 -22.32 13.68 12.89
N GLY B 711 -21.55 12.62 13.15
CA GLY B 711 -20.98 12.41 14.47
C GLY B 711 -19.52 12.80 14.63
N ASP B 712 -19.04 12.72 15.86
CA ASP B 712 -17.66 13.05 16.22
C ASP B 712 -17.32 14.49 15.84
N ARG B 713 -18.10 15.43 16.35
CA ARG B 713 -17.80 16.84 16.19
C ARG B 713 -16.97 17.32 17.38
N LYS B 714 -15.66 17.06 17.33
CA LYS B 714 -14.79 17.29 18.48
C LYS B 714 -13.80 18.41 18.22
N TYR B 715 -14.28 19.48 17.58
CA TYR B 715 -13.40 20.59 17.21
C TYR B 715 -12.91 21.37 18.42
N LEU B 716 -13.74 21.48 19.45
CA LEU B 716 -13.36 22.22 20.64
C LEU B 716 -12.22 21.52 21.40
N GLU B 717 -12.38 20.23 21.65
CA GLU B 717 -11.37 19.48 22.40
C GLU B 717 -10.10 19.27 21.58
N ASN B 718 -10.20 19.42 20.27
CA ASN B 718 -9.02 19.34 19.41
C ASN B 718 -8.19 20.61 19.46
N TRP B 719 -8.87 21.76 19.38
CA TRP B 719 -8.20 23.05 19.45
C TRP B 719 -7.63 23.31 20.84
N SER B 720 -8.31 22.78 21.84
CA SER B 720 -7.91 22.96 23.22
C SER B 720 -6.49 22.46 23.47
N LYS B 721 -6.16 21.32 22.86
CA LYS B 721 -4.83 20.76 22.96
C LYS B 721 -3.81 21.67 22.31
N ASP B 722 -4.22 22.32 21.23
CA ASP B 722 -3.35 23.27 20.54
C ASP B 722 -3.17 24.54 21.37
N VAL B 723 -4.27 25.03 21.93
CA VAL B 723 -4.23 26.23 22.76
C VAL B 723 -3.38 26.01 24.00
N ALA B 724 -3.41 24.80 24.54
CA ALA B 724 -2.63 24.44 25.72
C ALA B 724 -1.14 24.59 25.45
N LYS B 725 -0.70 24.12 24.28
CA LYS B 725 0.70 24.20 23.89
C LYS B 725 1.17 25.66 23.81
N ILE B 726 0.28 26.53 23.35
CA ILE B 726 0.58 27.96 23.23
C ILE B 726 0.75 28.57 24.62
N ALA B 727 -0.19 28.28 25.51
CA ALA B 727 -0.11 28.76 26.88
C ALA B 727 1.19 28.29 27.54
N GLU B 728 1.59 27.07 27.22
CA GLU B 728 2.83 26.50 27.71
C GLU B 728 4.02 27.36 27.28
N ARG B 729 3.99 27.79 26.02
CA ARG B 729 5.04 28.64 25.46
C ARG B 729 5.02 30.03 26.06
N GLN B 730 3.83 30.62 26.17
CA GLN B 730 3.69 31.97 26.69
C GLN B 730 4.21 32.09 28.11
N ILE B 731 4.04 31.02 28.89
CA ILE B 731 4.48 31.02 30.28
C ILE B 731 6.00 30.84 30.39
N ASN B 732 6.56 30.01 29.52
CA ASN B 732 8.00 29.79 29.50
C ASN B 732 8.73 31.06 29.05
N TRP B 733 8.13 31.79 28.13
CA TRP B 733 8.69 33.06 27.66
C TRP B 733 8.78 34.05 28.81
N ILE B 734 7.80 34.02 29.70
CA ILE B 734 7.82 34.86 30.89
C ILE B 734 8.97 34.47 31.81
N LYS B 735 9.06 33.18 32.12
CA LYS B 735 10.10 32.65 33.00
C LYS B 735 11.50 33.08 32.58
N ASN B 736 11.77 32.98 31.27
CA ASN B 736 13.07 33.37 30.74
C ASN B 736 13.35 34.85 30.91
N LYS B 737 12.36 35.68 30.61
CA LYS B 737 12.52 37.12 30.68
C LYS B 737 12.64 37.61 32.13
N LEU B 738 12.08 36.84 33.05
CA LEU B 738 12.11 37.19 34.47
C LEU B 738 13.44 36.82 35.12
N SER B 739 14.22 35.97 34.47
CA SER B 739 15.50 35.53 35.00
C SER B 739 16.46 36.71 35.10
N ASP B 740 16.45 37.57 34.09
CA ASP B 740 17.25 38.79 34.11
C ASP B 740 16.50 39.87 34.88
N LYS B 741 16.81 39.99 36.17
CA LYS B 741 16.14 40.93 37.06
C LYS B 741 16.01 42.34 36.47
N LYS B 742 17.12 42.86 35.96
CA LYS B 742 17.15 44.22 35.42
C LYS B 742 16.68 44.29 33.97
N ASP B 743 15.47 44.81 33.79
CA ASP B 743 14.89 45.05 32.47
C ASP B 743 13.55 45.74 32.66
N PRO B 744 13.23 46.76 31.84
CA PRO B 744 11.95 47.46 32.05
C PRO B 744 10.74 46.54 31.95
N ILE B 745 10.83 45.53 31.09
CA ILE B 745 9.75 44.56 30.93
C ILE B 745 9.64 43.70 32.18
N SER B 746 10.77 43.14 32.61
CA SER B 746 10.82 42.34 33.84
C SER B 746 10.33 43.17 35.02
N LEU B 747 10.75 44.42 35.08
CA LEU B 747 10.32 45.34 36.14
C LEU B 747 8.82 45.62 36.05
N GLU B 748 8.34 45.86 34.82
CA GLU B 748 6.94 46.15 34.60
C GLU B 748 6.06 44.97 35.03
N PHE B 749 6.61 43.76 34.94
CA PHE B 749 5.88 42.57 35.34
C PHE B 749 5.84 42.46 36.85
N LYS B 750 6.87 42.96 37.53
CA LYS B 750 6.88 43.00 38.98
C LYS B 750 5.82 43.97 39.48
N LYS B 751 5.63 45.06 38.74
CA LYS B 751 4.59 46.02 39.06
C LYS B 751 3.21 45.40 38.88
N PHE B 752 3.11 44.44 37.97
CA PHE B 752 1.84 43.77 37.70
C PHE B 752 1.47 42.79 38.80
N VAL B 753 2.43 41.97 39.22
CA VAL B 753 2.19 41.00 40.27
C VAL B 753 1.98 41.74 41.60
N SER B 754 2.64 42.88 41.73
CA SER B 754 2.44 43.74 42.89
C SER B 754 1.03 44.31 42.85
N SER B 755 0.54 44.58 41.65
CA SER B 755 -0.81 45.10 41.46
C SER B 755 -1.85 44.02 41.75
N LEU B 756 -1.61 42.82 41.22
CA LEU B 756 -2.51 41.69 41.45
C LEU B 756 -2.55 41.34 42.93
N GLN B 757 -1.39 41.39 43.58
CA GLN B 757 -1.29 41.05 44.98
C GLN B 757 -2.11 42.02 45.84
N HIS B 758 -2.17 43.28 45.41
CA HIS B 758 -2.89 44.31 46.14
C HIS B 758 -4.40 44.09 46.05
N ASN B 759 -4.87 43.68 44.88
CA ASN B 759 -6.30 43.52 44.63
C ASN B 759 -6.84 42.17 45.13
N ILE B 760 -6.01 41.14 45.07
CA ILE B 760 -6.44 39.78 45.40
C ILE B 760 -5.81 39.24 46.68
N ASN B 761 -4.57 38.77 46.58
CA ASN B 761 -3.92 38.07 47.68
C ASN B 761 -2.44 38.38 47.82
N ASP B 762 -1.95 38.37 49.06
CA ASP B 762 -0.52 38.46 49.31
C ASP B 762 0.17 37.21 48.78
N SER B 763 -0.60 36.14 48.61
CA SER B 763 -0.06 34.84 48.21
C SER B 763 0.12 34.69 46.70
N ILE B 764 -0.29 35.69 45.93
CA ILE B 764 -0.16 35.61 44.48
C ILE B 764 1.31 35.56 44.06
N ASP B 765 1.72 34.40 43.57
CA ASP B 765 3.09 34.19 43.14
C ASP B 765 3.31 34.75 41.74
N GLU B 766 4.56 35.05 41.40
CA GLU B 766 4.88 35.56 40.08
C GLU B 766 4.57 34.50 39.03
N LYS B 767 4.61 33.23 39.43
CA LYS B 767 4.34 32.12 38.53
C LYS B 767 2.87 32.10 38.11
N GLN B 768 1.97 32.23 39.08
CA GLN B 768 0.54 32.14 38.80
C GLN B 768 -0.02 33.47 38.31
N ALA B 769 0.83 34.48 38.22
CA ALA B 769 0.46 35.72 37.54
C ALA B 769 0.57 35.49 36.04
N ALA B 770 1.55 34.69 35.64
CA ALA B 770 1.70 34.27 34.26
C ALA B 770 0.57 33.32 33.90
N GLU B 771 0.14 32.53 34.88
CA GLU B 771 -0.97 31.61 34.69
C GLU B 771 -2.26 32.38 34.35
N MET B 772 -2.54 33.41 35.13
CA MET B 772 -3.72 34.24 34.90
C MET B 772 -3.62 34.99 33.57
N LEU B 773 -2.42 35.47 33.26
CA LEU B 773 -2.19 36.20 32.02
C LEU B 773 -2.47 35.32 30.81
N SER B 774 -2.06 34.07 30.89
CA SER B 774 -2.29 33.12 29.81
C SER B 774 -3.78 32.82 29.68
N GLN B 775 -4.46 32.69 30.81
CA GLN B 775 -5.89 32.43 30.82
C GLN B 775 -6.66 33.57 30.14
N HIS B 776 -6.25 34.81 30.42
CA HIS B 776 -6.86 35.97 29.81
C HIS B 776 -6.75 35.93 28.30
N LEU B 777 -5.55 35.65 27.80
CA LEU B 777 -5.28 35.62 26.37
C LEU B 777 -6.11 34.57 25.66
N ILE B 778 -6.49 33.51 26.39
CA ILE B 778 -7.30 32.45 25.81
C ILE B 778 -8.78 32.83 25.77
N THR B 779 -9.27 33.40 26.87
CA THR B 779 -10.70 33.69 27.02
C THR B 779 -11.15 34.93 26.25
N LYS B 780 -10.29 35.96 26.22
CA LYS B 780 -10.64 37.25 25.63
C LYS B 780 -11.12 37.12 24.17
N PRO B 781 -10.35 36.44 23.31
CA PRO B 781 -10.79 36.36 21.92
C PRO B 781 -12.02 35.49 21.70
N ILE B 782 -12.28 34.55 22.61
CA ILE B 782 -13.43 33.66 22.48
C ILE B 782 -14.72 34.40 22.85
N PHE B 783 -14.67 35.21 23.89
CA PHE B 783 -15.83 36.00 24.31
C PHE B 783 -16.08 37.14 23.33
N GLU B 784 -15.02 37.58 22.64
CA GLU B 784 -15.18 38.52 21.55
C GLU B 784 -16.05 37.92 20.46
N ALA B 785 -15.74 36.68 20.10
CA ALA B 785 -16.46 35.96 19.06
C ALA B 785 -17.87 35.60 19.52
N LEU B 786 -18.00 35.23 20.79
CA LEU B 786 -19.26 34.76 21.34
C LEU B 786 -20.25 35.90 21.54
N PHE B 787 -19.72 37.11 21.77
CA PHE B 787 -20.54 38.29 21.97
C PHE B 787 -20.09 39.43 21.07
N SER B 788 -19.85 39.13 19.80
CA SER B 788 -19.38 40.14 18.84
C SER B 788 -20.42 41.23 18.61
N GLU B 789 -21.68 40.92 18.91
CA GLU B 789 -22.76 41.90 18.79
C GLU B 789 -22.47 43.12 19.65
N TYR B 790 -21.87 42.89 20.81
CA TYR B 790 -21.48 43.96 21.71
C TYR B 790 -20.24 44.66 21.15
N SER B 791 -20.48 45.79 20.50
CA SER B 791 -19.45 46.49 19.73
C SER B 791 -18.69 47.55 20.53
N PHE B 792 -17.45 47.23 20.90
CA PHE B 792 -16.58 48.15 21.62
C PHE B 792 -15.25 47.49 21.95
N VAL B 793 -14.28 48.29 22.37
CA VAL B 793 -13.11 47.74 23.03
C VAL B 793 -13.58 47.36 24.43
N ASN B 794 -13.22 46.16 24.87
CA ASN B 794 -13.73 45.62 26.14
C ASN B 794 -13.78 46.63 27.28
N GLN B 795 -14.99 47.06 27.62
CA GLN B 795 -15.19 48.09 28.62
C GLN B 795 -14.89 47.55 30.02
N ASN B 796 -14.75 46.23 30.12
CA ASN B 796 -14.38 45.59 31.37
C ASN B 796 -13.03 46.10 31.87
N PRO B 797 -12.99 46.59 33.13
CA PRO B 797 -11.76 47.21 33.64
C PRO B 797 -10.61 46.23 33.83
N VAL B 798 -10.92 45.01 34.26
CA VAL B 798 -9.90 44.00 34.51
C VAL B 798 -9.22 43.60 33.20
N SER B 799 -10.02 43.33 32.17
CA SER B 799 -9.48 42.93 30.87
C SER B 799 -8.69 44.06 30.23
N GLN B 800 -9.09 45.30 30.52
CA GLN B 800 -8.36 46.47 30.04
C GLN B 800 -6.95 46.48 30.63
N ALA B 801 -6.86 46.23 31.93
CA ALA B 801 -5.58 46.23 32.62
C ALA B 801 -4.74 45.02 32.21
N MET B 802 -5.41 43.97 31.73
CA MET B 802 -4.72 42.80 31.23
C MET B 802 -4.07 43.10 29.89
N GLU B 803 -4.81 43.79 29.02
CA GLU B 803 -4.31 44.14 27.69
C GLU B 803 -3.10 45.04 27.77
N SER B 804 -3.01 45.83 28.83
CA SER B 804 -1.91 46.78 29.00
C SER B 804 -0.57 46.07 29.16
N ILE B 805 -0.52 45.08 30.05
CA ILE B 805 0.70 44.33 30.29
C ILE B 805 1.16 43.64 29.03
N VAL B 806 0.22 43.05 28.31
CA VAL B 806 0.53 42.33 27.07
C VAL B 806 1.20 43.27 26.07
N SER B 807 0.74 44.51 26.03
CA SER B 807 1.31 45.50 25.13
C SER B 807 2.70 45.92 25.59
N GLU B 808 3.00 45.73 26.87
CA GLU B 808 4.35 45.94 27.38
C GLU B 808 5.23 44.78 26.92
N LEU B 809 4.65 43.58 26.91
CA LEU B 809 5.38 42.40 26.46
C LEU B 809 5.47 42.38 24.94
N GLU B 810 4.48 42.96 24.26
CA GLU B 810 4.47 42.98 22.81
C GLU B 810 5.57 43.90 22.28
N LYS B 811 6.01 44.84 23.12
CA LYS B 811 7.10 45.72 22.75
C LYS B 811 8.42 44.98 22.94
N ALA B 812 8.36 43.88 23.68
CA ALA B 812 9.42 42.88 23.66
C ALA B 812 9.07 41.85 22.59
N GLY B 813 9.60 40.65 22.70
CA GLY B 813 9.39 39.63 21.69
C GLY B 813 8.18 38.74 21.94
N PHE B 814 7.31 39.16 22.86
CA PHE B 814 6.11 38.36 23.17
C PHE B 814 5.11 38.40 22.03
N ALA B 815 4.55 37.25 21.70
CA ALA B 815 3.61 37.13 20.59
C ALA B 815 2.36 36.35 20.97
N LYS B 816 1.19 36.94 20.70
CA LYS B 816 -0.07 36.22 20.80
C LYS B 816 -0.23 35.37 19.55
N GLU B 817 -0.67 34.12 19.72
CA GLU B 817 -0.95 33.24 18.59
C GLU B 817 -2.40 33.45 18.14
N GLN B 818 -2.84 34.70 18.15
CA GLN B 818 -4.22 35.06 17.81
C GLN B 818 -4.57 34.64 16.39
N GLU B 819 -3.80 35.10 15.42
CA GLU B 819 -4.08 34.83 14.01
C GLU B 819 -3.73 33.40 13.62
N ASN B 820 -3.10 32.66 14.53
CA ASN B 820 -2.62 31.31 14.22
C ASN B 820 -3.74 30.26 14.32
N LEU B 821 -4.70 30.49 15.21
CA LEU B 821 -5.83 29.56 15.39
C LEU B 821 -7.16 30.25 15.09
N GLU B 822 -7.21 30.96 13.97
CA GLU B 822 -8.43 31.65 13.55
C GLU B 822 -9.64 30.74 13.40
N PRO B 823 -9.45 29.50 12.90
CA PRO B 823 -10.61 28.61 12.76
C PRO B 823 -11.43 28.43 14.04
N LEU B 824 -10.75 28.41 15.18
CA LEU B 824 -11.43 28.25 16.47
C LEU B 824 -12.38 29.42 16.71
N TYR B 825 -11.86 30.64 16.63
CA TYR B 825 -12.66 31.84 16.83
C TYR B 825 -13.81 31.90 15.83
N GLU B 826 -13.54 31.46 14.61
CA GLU B 826 -14.53 31.50 13.54
C GLU B 826 -15.64 30.50 13.81
N SER B 827 -15.30 29.40 14.48
CA SER B 827 -16.28 28.39 14.84
C SER B 827 -17.14 28.87 16.01
N VAL B 828 -16.51 29.57 16.95
CA VAL B 828 -17.25 30.14 18.08
C VAL B 828 -18.21 31.21 17.58
N ARG B 829 -17.74 32.03 16.65
CA ARG B 829 -18.56 33.07 16.06
C ARG B 829 -19.76 32.45 15.33
N MET B 830 -19.57 31.22 14.84
CA MET B 830 -20.62 30.51 14.13
C MET B 830 -21.69 29.99 15.08
N ARG B 831 -21.26 29.46 16.23
CA ARG B 831 -22.20 28.95 17.23
C ARG B 831 -23.15 30.02 17.71
N ALA B 832 -22.67 31.26 17.73
CA ALA B 832 -23.40 32.36 18.36
C ALA B 832 -24.14 33.22 17.35
N GLU B 833 -23.82 33.06 16.07
CA GLU B 833 -24.47 33.83 15.02
C GLU B 833 -25.96 33.52 14.97
N GLY B 834 -26.78 34.56 15.15
CA GLY B 834 -28.22 34.43 15.08
C GLY B 834 -28.89 34.15 16.41
N ILE B 835 -28.09 34.02 17.47
CA ILE B 835 -28.61 33.76 18.80
C ILE B 835 -28.87 35.08 19.53
N GLU B 836 -30.14 35.36 19.83
CA GLU B 836 -30.54 36.61 20.45
C GLU B 836 -30.70 36.47 21.96
N LYS B 837 -31.22 35.33 22.39
CA LYS B 837 -31.46 35.09 23.80
C LYS B 837 -30.17 35.02 24.59
N ALA B 838 -30.15 35.67 25.76
CA ALA B 838 -28.99 35.66 26.63
C ALA B 838 -28.87 34.32 27.34
N GLU B 839 -30.00 33.70 27.62
CA GLU B 839 -30.02 32.41 28.30
C GLU B 839 -29.54 31.32 27.35
N ASP B 840 -29.66 31.57 26.05
CA ASP B 840 -29.14 30.65 25.04
C ASP B 840 -27.62 30.72 24.95
N LYS B 841 -27.07 31.91 25.15
CA LYS B 841 -25.63 32.10 25.09
C LYS B 841 -24.96 31.58 26.36
N GLN B 842 -25.72 31.55 27.45
CA GLN B 842 -25.23 30.95 28.68
C GLN B 842 -24.98 29.47 28.48
N LYS B 843 -25.89 28.82 27.75
CA LYS B 843 -25.76 27.40 27.45
C LYS B 843 -24.50 27.10 26.64
N ILE B 844 -24.18 28.00 25.71
CA ILE B 844 -23.00 27.84 24.87
C ILE B 844 -21.74 27.89 25.73
N ILE B 845 -21.76 28.72 26.77
CA ILE B 845 -20.60 28.85 27.65
C ILE B 845 -20.39 27.60 28.49
N VAL B 846 -21.48 26.89 28.82
CA VAL B 846 -21.38 25.66 29.58
C VAL B 846 -20.71 24.57 28.75
N THR B 847 -21.04 24.50 27.47
CA THR B 847 -20.45 23.52 26.57
C THR B 847 -18.99 23.88 26.27
N LEU B 848 -18.69 25.17 26.21
CA LEU B 848 -17.31 25.62 26.09
C LEU B 848 -16.53 25.19 27.31
N TYR B 849 -17.12 25.39 28.49
CA TYR B 849 -16.48 25.01 29.75
C TYR B 849 -16.18 23.51 29.79
N ASP B 850 -17.18 22.70 29.47
CA ASP B 850 -17.05 21.25 29.53
C ASP B 850 -16.02 20.71 28.55
N LYS B 851 -16.08 21.20 27.30
CA LYS B 851 -15.27 20.64 26.23
C LYS B 851 -13.94 21.37 26.05
N PHE B 852 -13.95 22.69 26.12
CA PHE B 852 -12.78 23.48 25.74
C PHE B 852 -11.91 23.91 26.91
N PHE B 853 -12.48 24.66 27.85
CA PHE B 853 -11.67 25.39 28.83
C PHE B 853 -10.89 24.52 29.80
N LYS B 854 -11.35 23.30 30.07
CA LYS B 854 -10.67 22.45 31.04
C LYS B 854 -9.30 22.01 30.55
N THR B 855 -9.22 21.52 29.33
CA THR B 855 -7.97 20.97 28.80
C THR B 855 -7.10 22.10 28.22
N ALA B 856 -7.73 23.24 27.95
CA ALA B 856 -6.98 24.42 27.50
C ALA B 856 -6.20 25.01 28.66
N PHE B 857 -6.84 25.06 29.83
CA PHE B 857 -6.19 25.56 31.03
C PHE B 857 -5.35 24.47 31.70
N LYS B 858 -5.37 23.27 31.13
CA LYS B 858 -4.56 22.17 31.64
C LYS B 858 -3.08 22.52 31.52
N ALA B 859 -2.77 23.38 30.56
CA ALA B 859 -1.42 23.92 30.42
C ALA B 859 -1.07 24.70 31.68
N THR B 860 -2.07 25.40 32.21
CA THR B 860 -1.89 26.20 33.42
C THR B 860 -2.00 25.33 34.67
N THR B 861 -3.16 24.75 34.90
CA THR B 861 -3.40 23.89 36.06
C THR B 861 -4.36 22.76 35.69
N GLU B 862 -4.12 21.60 36.29
CA GLU B 862 -4.91 20.41 35.99
C GLU B 862 -6.39 20.58 36.35
N ARG B 863 -6.64 20.89 37.62
CA ARG B 863 -8.01 20.96 38.14
C ARG B 863 -8.52 22.39 38.28
N LEU B 864 -9.62 22.67 37.59
CA LEU B 864 -10.40 23.88 37.83
C LEU B 864 -11.85 23.49 38.01
N GLY B 865 -12.50 24.07 39.01
CA GLY B 865 -13.86 23.69 39.36
C GLY B 865 -14.81 24.88 39.46
N ILE B 866 -15.55 25.11 38.38
CA ILE B 866 -16.60 26.13 38.37
C ILE B 866 -17.94 25.45 38.63
N VAL B 867 -18.54 25.77 39.78
CA VAL B 867 -19.82 25.20 40.15
C VAL B 867 -20.98 25.94 39.50
N PHE B 868 -21.71 25.25 38.63
CA PHE B 868 -22.90 25.80 38.01
C PHE B 868 -24.12 25.44 38.85
N THR B 869 -24.43 26.31 39.81
CA THR B 869 -25.50 26.06 40.77
C THR B 869 -26.83 25.80 40.07
N PRO B 870 -27.56 24.74 40.49
CA PRO B 870 -28.86 24.44 39.87
C PRO B 870 -29.83 25.62 39.91
N ILE B 871 -30.51 25.87 38.80
CA ILE B 871 -31.39 27.03 38.66
C ILE B 871 -32.53 27.01 39.67
N GLU B 872 -33.00 25.82 40.02
CA GLU B 872 -34.11 25.68 40.96
C GLU B 872 -33.71 26.15 42.36
N VAL B 873 -32.48 25.83 42.75
CA VAL B 873 -31.97 26.22 44.07
C VAL B 873 -31.76 27.73 44.17
N VAL B 874 -31.27 28.31 43.08
CA VAL B 874 -31.00 29.75 43.04
C VAL B 874 -32.30 30.55 43.09
N ASP B 875 -33.30 30.10 42.35
CA ASP B 875 -34.61 30.76 42.36
C ASP B 875 -35.25 30.70 43.73
N PHE B 876 -35.20 29.54 44.36
CA PHE B 876 -35.80 29.34 45.68
C PHE B 876 -35.24 30.33 46.70
N ILE B 877 -33.94 30.56 46.64
CA ILE B 877 -33.28 31.49 47.53
C ILE B 877 -33.72 32.92 47.22
N VAL B 878 -33.61 33.33 45.95
CA VAL B 878 -33.94 34.68 45.55
C VAL B 878 -35.40 35.02 45.84
N HIS B 879 -36.29 34.06 45.59
CA HIS B 879 -37.70 34.22 45.93
C HIS B 879 -37.88 34.41 47.44
N SER B 880 -37.13 33.63 48.21
CA SER B 880 -37.27 33.61 49.66
C SER B 880 -36.68 34.87 50.32
N VAL B 881 -35.58 35.38 49.77
CA VAL B 881 -34.98 36.60 50.31
C VAL B 881 -35.95 37.77 50.14
N ASP B 882 -36.75 37.72 49.09
CA ASP B 882 -37.76 38.74 48.86
C ASP B 882 -38.93 38.58 49.83
N ASP B 883 -39.31 37.33 50.08
CA ASP B 883 -40.34 37.02 51.07
C ASP B 883 -39.95 37.58 52.44
N VAL B 884 -38.74 37.25 52.86
CA VAL B 884 -38.22 37.70 54.14
C VAL B 884 -38.20 39.22 54.27
N LEU B 885 -37.63 39.87 53.26
CA LEU B 885 -37.48 41.33 53.27
C LEU B 885 -38.81 42.05 53.46
N LYS B 886 -39.87 41.51 52.87
CA LYS B 886 -41.19 42.13 52.95
C LYS B 886 -41.82 41.94 54.32
N LYS B 887 -41.72 40.73 54.87
CA LYS B 887 -42.35 40.43 56.15
C LYS B 887 -41.57 40.99 57.34
N HIS B 888 -40.25 40.84 57.31
CA HIS B 888 -39.42 41.13 58.47
C HIS B 888 -38.89 42.58 58.52
N PHE B 889 -38.64 43.16 57.36
CA PHE B 889 -38.03 44.50 57.29
C PHE B 889 -38.92 45.50 56.55
N GLY B 890 -40.08 45.04 56.07
CA GLY B 890 -40.99 45.91 55.36
C GLY B 890 -40.38 46.47 54.09
N LYS B 891 -39.42 45.72 53.52
CA LYS B 891 -38.73 46.13 52.30
C LYS B 891 -38.83 45.06 51.23
N SER B 892 -38.14 45.27 50.12
CA SER B 892 -38.20 44.35 48.99
C SER B 892 -36.84 44.29 48.32
N LEU B 893 -36.69 43.36 47.36
CA LEU B 893 -35.50 43.35 46.54
C LEU B 893 -35.44 44.63 45.72
N ALA B 894 -36.58 45.02 45.15
CA ALA B 894 -36.66 46.20 44.30
C ALA B 894 -36.56 47.50 45.08
N SER B 895 -36.66 47.42 46.39
CA SER B 895 -36.70 48.62 47.24
C SER B 895 -35.43 49.45 47.12
N LYS B 896 -35.54 50.73 47.47
CA LYS B 896 -34.41 51.66 47.41
C LYS B 896 -33.41 51.42 48.53
N ASP B 897 -32.13 51.61 48.22
CA ASP B 897 -31.05 51.50 49.20
C ASP B 897 -30.99 50.13 49.86
N VAL B 898 -31.42 49.11 49.14
CA VAL B 898 -31.22 47.71 49.55
C VAL B 898 -30.11 47.10 48.71
N HIS B 899 -28.90 47.12 49.22
CA HIS B 899 -27.73 46.66 48.46
C HIS B 899 -27.51 45.16 48.62
N ILE B 900 -27.57 44.44 47.51
CA ILE B 900 -27.38 42.99 47.49
C ILE B 900 -25.95 42.64 47.09
N LEU B 901 -25.42 41.56 47.66
CA LEU B 901 -24.03 41.16 47.42
C LEU B 901 -23.91 39.65 47.27
N ASP B 902 -23.14 39.23 46.27
CA ASP B 902 -22.72 37.84 46.17
C ASP B 902 -21.19 37.79 46.23
N PRO B 903 -20.63 37.41 47.40
CA PRO B 903 -19.18 37.47 47.52
C PRO B 903 -18.47 36.41 46.67
N PHE B 904 -19.22 35.38 46.29
CA PHE B 904 -18.69 34.27 45.50
C PHE B 904 -19.68 33.97 44.37
N THR B 905 -19.65 34.83 43.35
CA THR B 905 -20.70 34.87 42.34
C THR B 905 -20.62 33.71 41.36
N GLY B 906 -19.45 33.11 41.23
CA GLY B 906 -19.25 32.00 40.32
C GLY B 906 -19.54 32.40 38.89
N THR B 907 -20.64 31.90 38.35
CA THR B 907 -21.03 32.20 36.97
C THR B 907 -21.96 33.39 36.90
N GLY B 908 -22.31 33.94 38.07
CA GLY B 908 -23.15 35.12 38.14
C GLY B 908 -24.63 34.81 38.29
N THR B 909 -24.95 33.54 38.49
CA THR B 909 -26.33 33.07 38.50
C THR B 909 -27.23 33.84 39.47
N PHE B 910 -26.76 34.07 40.69
CA PHE B 910 -27.58 34.69 41.72
C PHE B 910 -27.96 36.13 41.37
N ILE B 911 -27.02 36.88 40.78
CA ILE B 911 -27.32 38.23 40.32
C ILE B 911 -28.28 38.17 39.15
N VAL B 912 -28.07 37.20 38.25
CA VAL B 912 -28.88 37.06 37.06
C VAL B 912 -30.33 36.72 37.40
N ARG B 913 -30.53 35.85 38.39
CA ARG B 913 -31.87 35.44 38.78
C ARG B 913 -32.48 36.44 39.77
N THR B 914 -31.66 37.35 40.27
CA THR B 914 -32.17 38.51 40.98
C THR B 914 -32.76 39.46 39.95
N LEU B 915 -32.07 39.60 38.82
CA LEU B 915 -32.52 40.50 37.75
C LEU B 915 -33.79 40.00 37.07
N THR B 916 -33.84 38.70 36.75
CA THR B 916 -35.00 38.14 36.07
C THR B 916 -36.20 38.04 37.02
N TYR B 917 -35.92 38.02 38.32
CA TYR B 917 -36.99 38.05 39.31
C TYR B 917 -37.63 39.44 39.33
N LEU B 918 -36.79 40.46 39.23
CA LEU B 918 -37.27 41.84 39.18
C LEU B 918 -38.07 42.06 37.89
N LYS B 919 -37.73 41.33 36.84
CA LYS B 919 -38.46 41.42 35.59
C LYS B 919 -39.87 40.88 35.74
N GLU B 920 -40.00 39.75 36.43
CA GLU B 920 -41.31 39.17 36.70
C GLU B 920 -42.18 40.14 37.49
N GLN B 921 -41.54 40.93 38.35
CA GLN B 921 -42.25 41.94 39.12
C GLN B 921 -42.57 43.15 38.26
N MET B 922 -41.68 43.47 37.32
CA MET B 922 -41.92 44.58 36.40
C MET B 922 -43.04 44.23 35.43
N ASP B 923 -43.15 42.95 35.09
CA ASP B 923 -44.21 42.49 34.21
C ASP B 923 -45.56 42.59 34.91
N ALA B 924 -45.59 42.24 36.19
CA ALA B 924 -46.82 42.27 36.97
C ALA B 924 -47.25 43.70 37.28
N GLY B 925 -46.33 44.64 37.08
CA GLY B 925 -46.61 46.05 37.30
C GLY B 925 -46.42 46.47 38.74
N GLU B 926 -45.54 45.77 39.45
CA GLU B 926 -45.26 46.08 40.84
C GLU B 926 -44.18 47.14 40.96
N ILE B 927 -43.31 47.20 39.96
CA ILE B 927 -42.25 48.20 39.91
C ILE B 927 -41.98 48.64 38.47
N SER B 928 -41.12 49.65 38.31
CA SER B 928 -40.77 50.17 37.01
C SER B 928 -39.42 49.64 36.53
N LEU B 929 -39.02 50.05 35.32
CA LEU B 929 -37.71 49.71 34.80
C LEU B 929 -36.66 50.61 35.43
N ALA B 930 -37.08 51.81 35.85
CA ALA B 930 -36.21 52.74 36.54
C ALA B 930 -35.75 52.14 37.87
N ASP B 931 -36.59 51.27 38.43
CA ASP B 931 -36.27 50.60 39.68
C ASP B 931 -35.22 49.50 39.45
N ILE B 932 -35.41 48.73 38.39
CA ILE B 932 -34.45 47.69 38.04
C ILE B 932 -33.13 48.32 37.62
N THR B 933 -33.22 49.42 36.87
CA THR B 933 -32.04 50.12 36.40
C THR B 933 -31.21 50.63 37.57
N ARG B 934 -31.89 51.15 38.60
CA ARG B 934 -31.22 51.66 39.78
C ARG B 934 -30.40 50.56 40.45
N LYS B 935 -30.97 49.37 40.52
CA LYS B 935 -30.31 48.24 41.16
C LYS B 935 -29.08 47.79 40.37
N PHE B 936 -29.25 47.64 39.06
CA PHE B 936 -28.16 47.22 38.19
C PHE B 936 -26.97 48.18 38.29
N MET B 937 -27.27 49.46 38.48
CA MET B 937 -26.23 50.50 38.47
C MET B 937 -25.52 50.64 39.81
N LYS B 938 -26.29 50.80 40.89
CA LYS B 938 -25.74 51.28 42.17
C LYS B 938 -25.90 50.33 43.36
N GLU B 939 -26.76 49.32 43.25
CA GLU B 939 -27.13 48.52 44.42
C GLU B 939 -27.00 47.00 44.25
N LEU B 940 -26.39 46.57 43.15
CA LEU B 940 -26.04 45.16 42.98
C LEU B 940 -24.53 44.99 42.98
N HIS B 941 -24.05 43.99 43.70
CA HIS B 941 -22.62 43.77 43.87
C HIS B 941 -22.25 42.28 43.74
N ALA B 942 -21.07 42.02 43.20
CA ALA B 942 -20.60 40.67 42.98
C ALA B 942 -19.08 40.59 43.05
N ASN B 943 -18.57 39.59 43.75
CA ASN B 943 -17.13 39.39 43.87
C ASN B 943 -16.72 37.99 43.41
N GLU B 944 -15.57 37.91 42.74
CA GLU B 944 -15.02 36.62 42.32
C GLU B 944 -13.50 36.67 42.35
N ILE B 945 -12.87 35.54 42.62
CA ILE B 945 -11.42 35.47 42.74
C ILE B 945 -10.81 34.81 41.51
N VAL B 946 -11.57 33.97 40.84
CA VAL B 946 -11.14 33.32 39.61
C VAL B 946 -11.43 34.20 38.40
N LEU B 947 -10.49 34.27 37.48
CA LEU B 947 -10.60 35.17 36.33
C LEU B 947 -11.64 34.71 35.31
N LEU B 948 -11.64 33.41 35.00
CA LEU B 948 -12.60 32.87 34.05
C LEU B 948 -14.03 33.06 34.55
N SER B 949 -14.23 32.80 35.84
CA SER B 949 -15.52 33.00 36.48
C SER B 949 -15.92 34.48 36.42
N TYR B 950 -14.95 35.36 36.61
CA TYR B 950 -15.17 36.80 36.59
C TYR B 950 -15.68 37.27 35.23
N TYR B 951 -15.11 36.74 34.16
CA TYR B 951 -15.52 37.12 32.81
C TYR B 951 -16.89 36.55 32.46
N ILE B 952 -17.12 35.29 32.83
CA ILE B 952 -18.41 34.66 32.60
C ILE B 952 -19.52 35.39 33.35
N ALA B 953 -19.24 35.76 34.60
CA ALA B 953 -20.22 36.44 35.43
C ALA B 953 -20.55 37.85 34.91
N ALA B 954 -19.51 38.57 34.49
CA ALA B 954 -19.68 39.94 34.01
C ALA B 954 -20.56 39.99 32.75
N ILE B 955 -20.27 39.12 31.79
CA ILE B 955 -21.00 39.12 30.54
C ILE B 955 -22.41 38.57 30.70
N ASN B 956 -22.55 37.60 31.62
CA ASN B 956 -23.84 36.99 31.90
C ASN B 956 -24.81 38.01 32.51
N ILE B 957 -24.32 38.79 33.46
CA ILE B 957 -25.12 39.81 34.12
C ILE B 957 -25.44 40.96 33.18
N GLU B 958 -24.45 41.36 32.37
CA GLU B 958 -24.62 42.46 31.43
C GLU B 958 -25.56 42.06 30.29
N SER B 959 -25.49 40.80 29.88
CA SER B 959 -26.32 40.32 28.78
C SER B 959 -27.78 40.18 29.19
N THR B 960 -28.02 39.73 30.42
CA THR B 960 -29.38 39.50 30.88
C THR B 960 -30.09 40.81 31.21
N PHE B 961 -29.33 41.83 31.57
CA PHE B 961 -29.91 43.16 31.79
C PHE B 961 -30.19 43.83 30.45
N ASP B 962 -29.39 43.50 29.44
CA ASP B 962 -29.55 44.06 28.11
C ASP B 962 -30.81 43.50 27.45
N GLU B 963 -31.27 42.35 27.94
CA GLU B 963 -32.51 41.75 27.44
C GLU B 963 -33.70 42.27 28.23
N ILE B 964 -33.46 42.63 29.48
CA ILE B 964 -34.52 43.15 30.34
C ILE B 964 -34.95 44.54 29.91
N ASN B 965 -33.99 45.39 29.55
CA ASN B 965 -34.31 46.76 29.14
C ASN B 965 -34.79 46.85 27.70
N GLY B 966 -34.84 45.70 27.03
CA GLY B 966 -35.35 45.61 25.67
C GLY B 966 -34.68 46.59 24.73
N ASP B 967 -35.46 47.20 23.85
CA ASP B 967 -34.94 48.18 22.90
C ASP B 967 -34.87 49.57 23.53
N GLU B 968 -35.17 49.65 24.82
CA GLU B 968 -35.18 50.93 25.51
C GLU B 968 -33.75 51.46 25.73
N GLU B 969 -32.77 50.57 25.67
CA GLU B 969 -31.38 50.95 25.85
C GLU B 969 -30.44 49.89 25.26
N GLY B 970 -29.22 50.29 24.96
CA GLY B 970 -28.23 49.37 24.40
C GLY B 970 -27.42 48.69 25.48
N TYR B 971 -26.19 48.30 25.14
CA TYR B 971 -25.31 47.62 26.08
C TYR B 971 -24.93 48.52 27.24
N VAL B 972 -24.95 47.96 28.45
CA VAL B 972 -24.58 48.68 29.66
C VAL B 972 -23.70 47.79 30.54
N PRO B 973 -22.44 48.19 30.77
CA PRO B 973 -21.56 47.33 31.57
C PRO B 973 -21.89 47.36 33.06
N PHE B 974 -21.62 46.25 33.75
CA PHE B 974 -21.95 46.12 35.16
C PHE B 974 -20.84 46.64 36.05
N GLU B 975 -21.11 47.73 36.76
CA GLU B 975 -20.11 48.40 37.58
C GLU B 975 -20.01 47.78 38.98
N GLY B 976 -20.82 46.76 39.23
CA GLY B 976 -20.91 46.17 40.56
C GLY B 976 -19.99 44.98 40.79
N ILE B 977 -19.45 44.42 39.71
CA ILE B 977 -18.62 43.22 39.83
C ILE B 977 -17.16 43.61 40.12
N VAL B 978 -16.50 42.81 40.95
CA VAL B 978 -15.12 43.10 41.36
C VAL B 978 -14.28 41.82 41.40
N LEU B 979 -13.03 41.94 40.97
CA LEU B 979 -12.07 40.86 41.06
C LEU B 979 -11.26 40.98 42.34
N THR B 980 -11.55 40.13 43.32
CA THR B 980 -10.91 40.23 44.62
C THR B 980 -11.15 39.03 45.52
N ASP B 981 -10.28 38.86 46.51
CA ASP B 981 -10.53 37.94 47.61
C ASP B 981 -11.37 38.67 48.65
N THR B 982 -12.59 38.18 48.87
CA THR B 982 -13.53 38.87 49.72
C THR B 982 -13.09 38.86 51.18
N PHE B 983 -12.47 37.76 51.60
CA PHE B 983 -11.99 37.63 52.97
C PHE B 983 -10.84 38.60 53.24
N GLU B 984 -10.09 38.92 52.18
CA GLU B 984 -8.95 39.82 52.29
C GLU B 984 -9.40 41.28 52.20
N SER B 985 -10.61 41.50 51.67
CA SER B 985 -11.13 42.85 51.47
C SER B 985 -11.25 43.61 52.79
N THR B 986 -11.85 42.97 53.79
CA THR B 986 -12.09 43.62 55.08
C THR B 986 -10.91 43.45 56.03
N GLU B 987 -9.75 43.11 55.48
CA GLU B 987 -8.51 43.07 56.25
C GLU B 987 -7.72 44.36 56.04
N THR B 988 -6.60 44.51 56.72
CA THR B 988 -5.76 45.69 56.54
C THR B 988 -5.07 45.64 55.18
N GLU B 989 -4.98 46.78 54.51
CA GLU B 989 -4.46 46.85 53.15
C GLU B 989 -3.16 47.64 53.06
N ASP B 990 -2.38 47.34 52.03
CA ASP B 990 -1.13 48.05 51.76
C ASP B 990 -1.36 49.18 50.76
N THR B 991 -0.50 50.19 50.80
CA THR B 991 -0.59 51.31 49.86
C THR B 991 0.04 50.95 48.52
N LEU B 992 -0.59 51.39 47.44
CA LEU B 992 -0.03 51.22 46.11
C LEU B 992 -0.53 52.33 45.19
N ASP B 993 0.40 53.17 44.73
CA ASP B 993 0.05 54.38 43.99
C ASP B 993 0.14 54.22 42.49
N ASP B 994 0.58 53.04 42.04
CA ASP B 994 0.72 52.76 40.61
C ASP B 994 0.04 51.44 40.25
N ASP B 995 -1.10 51.19 40.89
CA ASP B 995 -1.85 49.96 40.69
C ASP B 995 -2.41 49.84 39.27
N TYR B 996 -2.03 48.77 38.59
CA TYR B 996 -2.53 48.50 37.25
C TYR B 996 -4.04 48.34 37.25
N PHE B 997 -4.58 47.81 38.34
CA PHE B 997 -6.01 47.60 38.49
C PHE B 997 -6.63 48.71 39.33
N GLY B 998 -6.23 49.94 39.06
CA GLY B 998 -6.69 51.09 39.80
C GLY B 998 -8.20 51.25 39.78
N THR B 999 -8.81 50.93 38.64
CA THR B 999 -10.25 51.04 38.49
C THR B 999 -10.99 49.86 39.11
N ASN B 1000 -10.25 48.78 39.38
CA ASN B 1000 -10.85 47.59 39.99
C ASN B 1000 -11.05 47.75 41.49
N ASP B 1001 -10.00 48.16 42.20
CA ASP B 1001 -10.10 48.36 43.64
C ASP B 1001 -10.88 49.64 43.92
N GLU B 1002 -11.00 50.49 42.91
CA GLU B 1002 -11.88 51.65 43.00
C GLU B 1002 -13.30 51.13 43.25
N ARG B 1003 -13.74 50.19 42.42
CA ARG B 1003 -15.03 49.56 42.59
C ARG B 1003 -15.14 48.90 43.96
N LEU B 1004 -14.05 48.30 44.42
CA LEU B 1004 -14.04 47.60 45.70
C LEU B 1004 -14.26 48.59 46.84
N LYS B 1005 -13.55 49.70 46.80
CA LYS B 1005 -13.68 50.73 47.82
C LYS B 1005 -15.10 51.28 47.84
N ARG B 1006 -15.69 51.48 46.66
CA ARG B 1006 -17.09 51.89 46.56
C ARG B 1006 -17.97 50.89 47.30
N GLN B 1007 -17.65 49.61 47.15
CA GLN B 1007 -18.43 48.53 47.76
C GLN B 1007 -18.23 48.47 49.27
N GLN B 1008 -17.00 48.69 49.71
CA GLN B 1008 -16.65 48.63 51.13
C GLN B 1008 -17.48 49.60 51.96
N LYS B 1009 -17.77 50.76 51.39
CA LYS B 1009 -18.46 51.82 52.11
C LYS B 1009 -19.97 51.58 52.15
N VAL B 1010 -20.44 50.61 51.38
CA VAL B 1010 -21.88 50.33 51.28
C VAL B 1010 -22.38 49.53 52.49
N PRO B 1011 -23.58 49.89 53.00
CA PRO B 1011 -24.23 49.01 53.98
C PRO B 1011 -25.00 47.87 53.30
N ILE B 1012 -24.46 46.66 53.39
CA ILE B 1012 -25.06 45.50 52.73
C ILE B 1012 -26.24 44.97 53.54
N THR B 1013 -27.36 44.78 52.85
CA THR B 1013 -28.60 44.34 53.48
C THR B 1013 -28.90 42.87 53.16
N VAL B 1014 -28.33 42.40 52.04
CA VAL B 1014 -28.54 41.02 51.60
C VAL B 1014 -27.23 40.41 51.13
N ILE B 1015 -27.03 39.13 51.48
CA ILE B 1015 -25.89 38.38 50.98
C ILE B 1015 -26.34 37.00 50.49
N MET B 1016 -26.17 36.76 49.19
CA MET B 1016 -26.51 35.48 48.59
C MET B 1016 -25.26 34.77 48.08
N GLY B 1017 -25.42 33.54 47.64
CA GLY B 1017 -24.33 32.84 46.96
C GLY B 1017 -24.23 31.36 47.30
N ASN B 1018 -23.31 30.71 46.59
CA ASN B 1018 -22.94 29.33 46.87
C ASN B 1018 -21.45 29.27 47.16
N PRO B 1019 -21.07 29.48 48.43
CA PRO B 1019 -19.64 29.66 48.76
C PRO B 1019 -18.84 28.38 48.52
N PRO B 1020 -17.51 28.51 48.33
CA PRO B 1020 -16.67 27.31 48.17
C PRO B 1020 -16.56 26.50 49.46
N TYR B 1021 -16.72 25.18 49.35
CA TYR B 1021 -16.51 24.30 50.50
C TYR B 1021 -15.08 23.74 50.43
N SER B 1022 -14.31 23.95 51.50
CA SER B 1022 -12.96 23.39 51.55
C SER B 1022 -12.42 23.43 52.97
N ALA B 1023 -12.41 22.27 53.62
CA ALA B 1023 -11.92 22.15 54.99
C ALA B 1023 -10.41 21.92 54.99
N LYS B 1024 -9.90 21.32 53.93
CA LYS B 1024 -8.51 20.89 53.87
C LYS B 1024 -8.16 20.36 52.48
N GLN B 1025 -6.87 20.31 52.18
CA GLN B 1025 -6.40 19.66 50.97
C GLN B 1025 -6.59 18.15 51.14
N LYS B 1026 -6.61 17.42 50.03
CA LYS B 1026 -6.88 15.98 50.10
C LYS B 1026 -5.68 15.22 50.66
N ASN B 1027 -4.48 15.59 50.20
CA ASN B 1027 -3.25 14.96 50.65
C ASN B 1027 -2.14 15.98 50.80
N GLU B 1028 -1.23 15.74 51.74
CA GLU B 1028 -0.12 16.66 51.98
C GLU B 1028 0.80 16.75 50.76
N ASP B 1029 0.78 15.69 49.93
CA ASP B 1029 1.61 15.64 48.74
C ASP B 1029 1.24 16.72 47.72
N GLY B 1030 0.05 17.30 47.89
CA GLY B 1030 -0.41 18.36 47.01
C GLY B 1030 0.34 19.66 47.22
N ASN B 1031 0.90 19.82 48.42
CA ASN B 1031 1.70 20.99 48.76
C ASN B 1031 0.89 22.28 48.71
N GLN B 1032 -0.35 22.22 49.22
CA GLN B 1032 -1.19 23.41 49.34
C GLN B 1032 -1.01 24.05 50.70
N ILE B 1033 -1.10 25.38 50.74
CA ILE B 1033 -1.07 26.13 51.98
C ILE B 1033 -2.41 26.83 52.20
N ARG B 1034 -3.06 26.49 53.31
CA ARG B 1034 -4.34 27.10 53.66
C ARG B 1034 -4.19 28.61 53.83
N THR B 1035 -4.90 29.37 53.00
CA THR B 1035 -4.87 30.83 53.08
C THR B 1035 -5.31 31.28 54.47
N THR B 1036 -4.76 32.40 54.92
CA THR B 1036 -5.00 32.88 56.29
C THR B 1036 -5.49 34.33 56.30
N TYR B 1037 -6.49 34.59 57.13
CA TYR B 1037 -7.04 35.93 57.32
C TYR B 1037 -7.18 36.22 58.81
N GLU B 1038 -6.31 37.10 59.31
CA GLU B 1038 -6.21 37.37 60.74
C GLU B 1038 -7.55 37.74 61.39
N LYS B 1039 -8.16 38.82 60.92
CA LYS B 1039 -9.35 39.36 61.56
C LYS B 1039 -10.57 38.45 61.41
N LEU B 1040 -10.70 37.79 60.26
CA LEU B 1040 -11.81 36.88 60.04
C LEU B 1040 -11.64 35.61 60.88
N ASP B 1041 -10.46 35.00 60.80
CA ASP B 1041 -10.18 33.80 61.58
C ASP B 1041 -10.24 34.09 63.07
N ALA B 1042 -9.96 35.34 63.43
CA ALA B 1042 -10.07 35.76 64.82
C ALA B 1042 -11.54 35.79 65.25
N SER B 1043 -12.37 36.46 64.45
CA SER B 1043 -13.81 36.52 64.71
C SER B 1043 -14.38 35.12 64.80
N LEU B 1044 -13.85 34.24 63.94
CA LEU B 1044 -14.25 32.85 63.88
C LEU B 1044 -13.83 32.12 65.15
N GLN B 1045 -12.58 32.34 65.56
CA GLN B 1045 -12.05 31.74 66.79
C GLN B 1045 -12.92 32.08 68.00
N ASN B 1046 -13.29 33.34 68.11
CA ASN B 1046 -14.05 33.81 69.27
C ASN B 1046 -15.49 33.31 69.26
N SER B 1047 -16.08 33.29 68.07
CA SER B 1047 -17.50 32.99 67.94
C SER B 1047 -17.82 31.49 68.01
N TRP B 1048 -17.23 30.72 67.10
CA TRP B 1048 -17.66 29.35 66.88
C TRP B 1048 -16.63 28.29 67.28
N VAL B 1049 -15.37 28.69 67.42
CA VAL B 1049 -14.30 27.74 67.79
C VAL B 1049 -14.15 27.63 69.30
N GLU B 1050 -14.00 28.76 69.97
CA GLU B 1050 -13.86 28.81 71.42
C GLU B 1050 -14.99 28.06 72.12
N THR B 1051 -16.20 28.23 71.58
CA THR B 1051 -17.41 27.68 72.20
C THR B 1051 -17.62 26.20 71.87
N SER B 1052 -16.75 25.63 71.04
CA SER B 1052 -16.86 24.23 70.67
C SER B 1052 -16.25 23.32 71.73
N THR B 1053 -16.89 22.18 71.96
CA THR B 1053 -16.44 21.22 72.96
C THR B 1053 -15.43 20.23 72.38
N ALA B 1054 -15.50 20.03 71.06
CA ALA B 1054 -14.72 19.00 70.38
C ALA B 1054 -13.22 19.10 70.64
N THR B 1055 -12.55 17.94 70.58
CA THR B 1055 -11.10 17.89 70.72
C THR B 1055 -10.45 18.35 69.41
N ASN B 1056 -11.10 18.05 68.30
CA ASN B 1056 -10.65 18.48 66.98
C ASN B 1056 -11.56 19.55 66.41
N LYS B 1057 -10.99 20.71 66.10
CA LYS B 1057 -11.75 21.85 65.59
C LYS B 1057 -11.21 22.31 64.24
N ASN B 1058 -10.59 21.38 63.51
CA ASN B 1058 -10.06 21.64 62.18
C ASN B 1058 -11.07 22.30 61.25
N ASN B 1059 -12.17 21.59 61.00
CA ASN B 1059 -13.12 21.95 59.96
C ASN B 1059 -13.80 23.30 60.13
N LEU B 1060 -13.70 23.89 61.32
CA LEU B 1060 -14.36 25.16 61.59
C LEU B 1060 -13.76 26.32 60.79
N PHE B 1061 -12.53 26.12 60.33
CA PHE B 1061 -11.87 27.09 59.45
C PHE B 1061 -12.10 26.74 57.98
N ASP B 1062 -13.13 25.95 57.71
CA ASP B 1062 -13.51 25.61 56.34
C ASP B 1062 -13.92 26.88 55.59
N SER B 1063 -13.72 26.87 54.28
CA SER B 1063 -14.06 28.00 53.43
C SER B 1063 -15.51 28.42 53.58
N TYR B 1064 -16.41 27.44 53.65
CA TYR B 1064 -17.84 27.74 53.69
C TYR B 1064 -18.27 28.28 55.05
N ILE B 1065 -17.52 27.91 56.09
CA ILE B 1065 -17.80 28.40 57.44
C ILE B 1065 -17.22 29.80 57.60
N ARG B 1066 -16.08 30.04 56.97
CA ARG B 1066 -15.50 31.39 56.90
C ARG B 1066 -16.47 32.33 56.21
N ALA B 1067 -17.13 31.83 55.18
CA ALA B 1067 -18.05 32.63 54.38
C ALA B 1067 -19.26 33.06 55.20
N MET B 1068 -19.73 32.17 56.07
CA MET B 1068 -20.83 32.48 56.97
C MET B 1068 -20.42 33.54 57.98
N ARG B 1069 -19.24 33.34 58.57
CA ARG B 1069 -18.71 34.26 59.57
C ARG B 1069 -18.49 35.65 58.96
N TRP B 1070 -17.99 35.66 57.73
CA TRP B 1070 -17.70 36.91 57.03
C TRP B 1070 -18.98 37.66 56.69
N SER B 1071 -20.02 36.91 56.33
CA SER B 1071 -21.30 37.49 55.94
C SER B 1071 -22.01 38.12 57.14
N SER B 1072 -21.90 37.47 58.29
CA SER B 1072 -22.51 37.96 59.52
C SER B 1072 -21.83 39.24 60.00
N ASP B 1073 -20.53 39.34 59.75
CA ASP B 1073 -19.78 40.54 60.10
C ASP B 1073 -20.10 41.68 59.15
N ARG B 1074 -20.16 41.37 57.86
CA ARG B 1074 -20.38 42.38 56.85
C ARG B 1074 -21.77 43.00 56.94
N ILE B 1075 -22.75 42.17 57.24
CA ILE B 1075 -24.15 42.58 57.21
C ILE B 1075 -24.51 43.49 58.37
N SER B 1076 -23.77 43.39 59.47
CA SER B 1076 -24.01 44.19 60.66
C SER B 1076 -25.44 44.03 61.16
N ASP B 1077 -26.02 45.11 61.67
CA ASP B 1077 -27.24 45.04 62.47
C ASP B 1077 -28.42 44.29 61.83
N ASN B 1078 -28.75 44.60 60.58
CA ASN B 1078 -29.97 44.06 59.97
C ASN B 1078 -29.75 43.53 58.55
N GLY B 1079 -30.55 42.52 58.18
CA GLY B 1079 -30.55 42.00 56.82
C GLY B 1079 -30.73 40.50 56.69
N VAL B 1080 -30.41 39.98 55.52
CA VAL B 1080 -30.60 38.58 55.20
C VAL B 1080 -29.34 37.93 54.66
N ILE B 1081 -29.15 36.65 54.99
CA ILE B 1081 -28.11 35.82 54.41
C ILE B 1081 -28.74 34.52 53.93
N GLY B 1082 -28.55 34.22 52.64
CA GLY B 1082 -29.12 33.03 52.03
C GLY B 1082 -28.10 32.26 51.20
N PHE B 1083 -27.75 31.06 51.67
CA PHE B 1083 -26.75 30.23 51.03
C PHE B 1083 -27.23 28.83 50.74
N ILE B 1084 -26.44 28.11 49.95
CA ILE B 1084 -26.46 26.65 49.93
C ILE B 1084 -25.05 26.17 50.27
N THR B 1085 -24.93 25.44 51.38
CA THR B 1085 -23.61 25.06 51.88
C THR B 1085 -23.53 23.60 52.26
N ASN B 1086 -22.38 23.20 52.81
CA ASN B 1086 -22.18 21.85 53.30
C ASN B 1086 -23.16 21.51 54.42
N ASN B 1087 -23.57 20.25 54.47
CA ASN B 1087 -24.57 19.77 55.43
C ASN B 1087 -24.04 19.70 56.87
N SER B 1088 -22.72 19.75 57.01
CA SER B 1088 -22.04 19.39 58.25
C SER B 1088 -22.46 20.17 59.50
N PHE B 1089 -22.67 21.48 59.38
CA PHE B 1089 -22.88 22.31 60.56
C PHE B 1089 -24.17 21.98 61.31
N ILE B 1090 -25.01 21.14 60.72
CA ILE B 1090 -26.27 20.76 61.34
C ILE B 1090 -26.07 19.71 62.44
N ASP B 1091 -25.38 18.63 62.10
CA ASP B 1091 -25.22 17.49 63.02
C ASP B 1091 -23.79 17.28 63.47
N GLY B 1092 -22.87 18.11 62.98
CA GLY B 1092 -21.47 17.99 63.30
C GLY B 1092 -21.17 18.20 64.78
N ASN B 1093 -20.22 17.43 65.30
CA ASN B 1093 -19.86 17.50 66.71
C ASN B 1093 -19.06 18.76 67.06
N ALA B 1094 -18.21 19.20 66.14
CA ALA B 1094 -17.33 20.34 66.38
C ALA B 1094 -18.06 21.67 66.23
N MET B 1095 -19.34 21.62 65.90
CA MET B 1095 -20.12 22.82 65.59
C MET B 1095 -21.21 23.07 66.62
N ASP B 1096 -21.12 22.37 67.76
CA ASP B 1096 -22.10 22.57 68.82
C ASP B 1096 -22.01 23.99 69.36
N GLY B 1097 -20.81 24.56 69.34
CA GLY B 1097 -20.60 25.94 69.74
C GLY B 1097 -21.12 26.89 68.67
N MET B 1098 -21.06 26.47 67.42
CA MET B 1098 -21.55 27.27 66.31
C MET B 1098 -23.07 27.35 66.31
N ARG B 1099 -23.72 26.19 66.44
CA ARG B 1099 -25.17 26.14 66.48
C ARG B 1099 -25.75 26.96 67.62
N GLN B 1100 -24.95 27.17 68.66
CA GLN B 1100 -25.38 27.94 69.82
C GLN B 1100 -25.27 29.43 69.56
N SER B 1101 -24.22 29.84 68.87
CA SER B 1101 -23.98 31.24 68.56
C SER B 1101 -25.01 31.78 67.56
N LEU B 1102 -25.38 30.95 66.59
CA LEU B 1102 -26.33 31.35 65.56
C LEU B 1102 -27.69 31.67 66.17
N LEU B 1103 -28.05 30.94 67.22
CA LEU B 1103 -29.30 31.20 67.93
C LEU B 1103 -29.25 32.53 68.68
N GLU B 1104 -28.05 32.92 69.08
CA GLU B 1104 -27.85 34.18 69.79
C GLU B 1104 -27.59 35.32 68.82
N GLU B 1105 -27.14 34.98 67.61
CA GLU B 1105 -26.80 35.99 66.62
C GLU B 1105 -28.00 36.42 65.79
N PHE B 1106 -28.85 35.46 65.43
CA PHE B 1106 -29.95 35.71 64.49
C PHE B 1106 -31.33 35.53 65.09
N SER B 1107 -32.30 36.26 64.56
CA SER B 1107 -33.67 36.21 65.04
C SER B 1107 -34.38 34.95 64.56
N ASP B 1108 -34.16 34.58 63.30
CA ASP B 1108 -34.75 33.37 62.74
C ASP B 1108 -33.74 32.60 61.90
N ILE B 1109 -33.98 31.30 61.77
CA ILE B 1109 -33.10 30.41 61.02
C ILE B 1109 -33.91 29.37 60.28
N TYR B 1110 -33.94 29.47 58.96
CA TYR B 1110 -34.62 28.48 58.12
C TYR B 1110 -33.59 27.53 57.54
N VAL B 1111 -33.90 26.23 57.61
CA VAL B 1111 -32.98 25.20 57.16
C VAL B 1111 -33.70 24.14 56.33
N LEU B 1112 -33.51 24.20 55.02
CA LEU B 1112 -34.06 23.21 54.10
C LEU B 1112 -32.96 22.24 53.71
N ASN B 1113 -32.92 21.10 54.37
CA ASN B 1113 -31.85 20.12 54.16
C ASN B 1113 -32.10 19.27 52.92
N LEU B 1114 -31.20 19.39 51.95
CA LEU B 1114 -31.31 18.62 50.70
C LEU B 1114 -30.62 17.27 50.84
N LYS B 1115 -30.03 17.00 51.99
CA LYS B 1115 -29.34 15.73 52.25
C LYS B 1115 -28.29 15.47 51.15
N GLY B 1116 -28.15 14.22 50.73
CA GLY B 1116 -27.23 13.86 49.67
C GLY B 1116 -25.85 13.45 50.16
N GLY B 1117 -25.73 13.19 51.45
CA GLY B 1117 -24.48 12.74 52.03
C GLY B 1117 -24.22 11.29 51.70
N ILE B 1118 -22.99 11.00 51.26
CA ILE B 1118 -22.63 9.64 50.84
C ILE B 1118 -21.39 9.13 51.57
N ARG B 1119 -20.44 10.02 51.85
CA ARG B 1119 -19.22 9.62 52.55
C ARG B 1119 -19.51 9.09 53.94
N GLY B 1120 -18.88 7.95 54.27
CA GLY B 1120 -19.00 7.36 55.59
C GLY B 1120 -20.42 6.99 55.96
N LYS B 1121 -21.24 6.70 54.96
CA LYS B 1121 -22.63 6.30 55.16
C LYS B 1121 -22.81 4.82 54.85
N THR B 1122 -23.76 4.17 55.53
CA THR B 1122 -24.09 2.78 55.23
C THR B 1122 -24.95 2.72 53.97
N LYS B 1123 -25.25 1.52 53.51
CA LYS B 1123 -26.11 1.34 52.35
C LYS B 1123 -27.54 1.75 52.68
N ASP B 1124 -27.98 1.44 53.90
CA ASP B 1124 -29.32 1.79 54.34
C ASP B 1124 -29.40 3.26 54.73
N GLN B 1125 -28.30 3.80 55.25
CA GLN B 1125 -28.22 5.22 55.54
C GLN B 1125 -28.26 6.03 54.25
N SER B 1126 -27.50 5.57 53.25
CA SER B 1126 -27.33 6.29 52.00
C SER B 1126 -28.62 6.34 51.19
N ALA B 1127 -29.45 5.30 51.31
CA ALA B 1127 -30.71 5.25 50.58
C ALA B 1127 -31.65 6.37 51.03
N LEU B 1128 -31.54 6.74 52.31
CA LEU B 1128 -32.36 7.82 52.84
C LEU B 1128 -31.83 9.18 52.42
N GLU B 1129 -30.50 9.32 52.45
CA GLU B 1129 -29.86 10.57 52.03
C GLU B 1129 -30.18 10.88 50.57
N GLY B 1130 -30.41 9.82 49.78
CA GLY B 1130 -30.82 9.97 48.40
C GLY B 1130 -29.71 10.48 47.51
N GLY B 1131 -30.09 11.01 46.34
CA GLY B 1131 -29.14 11.53 45.38
C GLY B 1131 -28.66 12.92 45.76
N ASN B 1132 -27.43 13.25 45.39
CA ASN B 1132 -26.86 14.55 45.68
C ASN B 1132 -27.13 15.53 44.55
N ILE B 1133 -27.34 16.80 44.91
CA ILE B 1133 -27.76 17.82 43.96
C ILE B 1133 -26.59 18.32 43.10
N PHE B 1134 -25.39 18.34 43.68
CA PHE B 1134 -24.19 18.77 42.94
C PHE B 1134 -23.39 17.59 42.42
N ASP B 1135 -23.94 16.38 42.56
CA ASP B 1135 -23.23 15.17 42.18
C ASP B 1135 -21.91 15.05 42.95
N ILE B 1136 -21.97 15.33 44.25
CA ILE B 1136 -20.82 15.18 45.14
C ILE B 1136 -21.19 14.25 46.29
N MET B 1137 -20.25 14.00 47.19
CA MET B 1137 -20.45 13.02 48.26
C MET B 1137 -20.79 13.66 49.61
N THR B 1138 -20.64 14.97 49.72
CA THR B 1138 -21.02 15.67 50.94
C THR B 1138 -22.47 16.14 50.85
N GLY B 1139 -23.18 16.06 51.97
CA GLY B 1139 -24.55 16.54 52.02
C GLY B 1139 -24.60 18.03 51.72
N VAL B 1140 -25.80 18.54 51.46
CA VAL B 1140 -25.98 19.93 51.09
C VAL B 1140 -27.30 20.46 51.65
N THR B 1141 -27.32 21.76 51.95
CA THR B 1141 -28.45 22.36 52.66
C THR B 1141 -28.63 23.84 52.34
N ILE B 1142 -29.88 24.25 52.17
CA ILE B 1142 -30.21 25.67 52.03
C ILE B 1142 -30.38 26.27 53.42
N ILE B 1143 -29.78 27.43 53.65
CA ILE B 1143 -29.88 28.09 54.95
C ILE B 1143 -30.34 29.54 54.77
N MET B 1144 -31.13 30.02 55.72
CA MET B 1144 -31.62 31.40 55.70
C MET B 1144 -31.40 32.05 57.06
N LEU B 1145 -30.41 32.93 57.13
CA LEU B 1145 -30.08 33.65 58.35
C LEU B 1145 -30.55 35.09 58.25
N ILE B 1146 -31.45 35.48 59.13
CA ILE B 1146 -31.96 36.85 59.16
C ILE B 1146 -31.73 37.46 60.54
N LYS B 1147 -31.15 38.66 60.55
CA LYS B 1147 -30.74 39.32 61.79
C LYS B 1147 -31.53 40.61 61.99
N LYS B 1148 -31.94 40.86 63.22
CA LYS B 1148 -32.73 42.04 63.55
C LYS B 1148 -32.24 42.67 64.85
N SER B 1149 -32.10 43.99 64.84
CA SER B 1149 -31.54 44.72 65.97
C SER B 1149 -32.53 44.88 67.12
N ASP B 1150 -33.82 44.70 66.83
CA ASP B 1150 -34.87 44.87 67.83
C ASP B 1150 -35.30 43.52 68.41
N TYR B 1151 -34.52 42.49 68.14
CA TYR B 1151 -34.84 41.13 68.56
C TYR B 1151 -33.71 40.55 69.42
N THR B 1152 -33.94 40.47 70.73
CA THR B 1152 -32.92 40.06 71.69
C THR B 1152 -33.34 38.83 72.48
N VAL B 1153 -33.22 37.66 71.86
CA VAL B 1153 -33.57 36.40 72.48
C VAL B 1153 -33.14 35.27 71.55
N GLU B 1154 -33.05 34.06 72.08
CA GLU B 1154 -32.78 32.88 71.24
C GLU B 1154 -33.72 32.84 70.05
N GLY B 1155 -33.16 32.93 68.85
CA GLY B 1155 -33.96 32.84 67.64
C GLY B 1155 -34.60 31.46 67.56
N ARG B 1156 -35.58 31.31 66.67
CA ARG B 1156 -36.21 30.02 66.46
C ARG B 1156 -35.76 29.39 65.16
N ILE B 1157 -35.81 28.06 65.11
CA ILE B 1157 -35.26 27.29 64.01
C ILE B 1157 -36.35 26.58 63.22
N HIS B 1158 -36.47 26.94 61.94
CA HIS B 1158 -37.41 26.30 61.05
C HIS B 1158 -36.68 25.31 60.14
N TYR B 1159 -36.86 24.03 60.41
CA TYR B 1159 -36.14 22.97 59.72
C TYR B 1159 -37.08 22.16 58.82
N LEU B 1160 -36.64 21.90 57.60
CA LEU B 1160 -37.39 21.07 56.68
C LEU B 1160 -36.49 20.06 55.98
N ASP B 1161 -36.84 18.79 56.12
CA ASP B 1161 -36.13 17.71 55.43
C ASP B 1161 -36.76 17.50 54.05
N ILE B 1162 -35.93 17.51 53.02
CA ILE B 1162 -36.41 17.42 51.64
C ILE B 1162 -37.18 16.14 51.40
N GLY B 1163 -36.73 15.04 52.01
CA GLY B 1163 -37.38 13.75 51.89
C GLY B 1163 -36.39 12.60 51.78
N ASN B 1164 -36.90 11.38 51.83
CA ASN B 1164 -36.06 10.19 51.78
C ASN B 1164 -36.19 9.44 50.46
N ASN B 1165 -35.11 8.76 50.06
CA ASN B 1165 -35.08 7.99 48.82
C ASN B 1165 -35.46 8.84 47.61
N LEU B 1166 -34.84 10.01 47.52
CA LEU B 1166 -35.06 10.93 46.40
C LEU B 1166 -33.77 11.13 45.61
N ASP B 1167 -33.86 11.07 44.28
CA ASP B 1167 -32.73 11.39 43.43
C ASP B 1167 -32.71 12.90 43.20
N LYS B 1168 -31.63 13.41 42.62
CA LYS B 1168 -31.44 14.85 42.49
C LYS B 1168 -32.57 15.52 41.71
N TYR B 1169 -33.09 14.81 40.71
CA TYR B 1169 -34.12 15.37 39.84
C TYR B 1169 -35.45 15.52 40.57
N GLN B 1170 -35.76 14.58 41.45
CA GLN B 1170 -36.99 14.65 42.24
C GLN B 1170 -36.92 15.79 43.26
N LYS B 1171 -35.73 16.01 43.82
CA LYS B 1171 -35.53 16.98 44.88
C LYS B 1171 -35.58 18.41 44.34
N LEU B 1172 -35.28 18.57 43.05
CA LEU B 1172 -35.34 19.88 42.40
C LEU B 1172 -36.76 20.20 41.95
N GLU B 1173 -37.48 19.17 41.52
CA GLU B 1173 -38.91 19.30 41.21
C GLU B 1173 -39.64 19.85 42.42
N LYS B 1174 -39.31 19.29 43.58
CA LYS B 1174 -39.92 19.70 44.85
C LYS B 1174 -39.65 21.17 45.14
N LEU B 1175 -38.45 21.64 44.78
CA LEU B 1175 -38.06 23.01 45.08
C LEU B 1175 -38.82 24.02 44.22
N LYS B 1176 -38.83 23.81 42.90
CA LYS B 1176 -39.52 24.74 42.03
C LYS B 1176 -41.03 24.59 42.19
N ASN B 1177 -41.45 23.47 42.78
CA ASN B 1177 -42.85 23.27 43.14
C ASN B 1177 -43.23 24.11 44.34
N TRP B 1178 -42.35 24.12 45.35
CA TRP B 1178 -42.56 24.95 46.54
C TRP B 1178 -42.49 26.43 46.20
N LYS B 1179 -41.68 26.77 45.20
CA LYS B 1179 -41.49 28.16 44.76
C LYS B 1179 -40.63 28.94 45.76
N SER B 1180 -40.96 28.87 47.05
CA SER B 1180 -40.18 29.58 48.07
C SER B 1180 -40.48 29.05 49.47
N LEU B 1181 -39.96 29.72 50.49
CA LEU B 1181 -40.18 29.33 51.87
C LEU B 1181 -41.67 29.32 52.23
N ASN B 1182 -42.34 30.43 51.93
CA ASN B 1182 -43.75 30.57 52.26
C ASN B 1182 -44.60 29.49 51.58
N GLY B 1183 -44.16 29.05 50.42
CA GLY B 1183 -44.86 28.02 49.68
C GLY B 1183 -44.69 26.64 50.30
N ALA B 1184 -43.72 26.52 51.20
CA ALA B 1184 -43.41 25.24 51.84
C ALA B 1184 -43.58 25.31 53.36
N THR B 1185 -44.07 26.44 53.84
CA THR B 1185 -44.29 26.63 55.28
C THR B 1185 -45.18 25.55 55.86
N SER B 1186 -46.09 25.03 55.04
CA SER B 1186 -46.99 23.96 55.45
C SER B 1186 -46.22 22.73 55.92
N GLU B 1187 -45.15 22.41 55.22
CA GLU B 1187 -44.38 21.21 55.49
C GLU B 1187 -43.23 21.47 56.46
N PHE B 1188 -42.93 22.76 56.69
CA PHE B 1188 -41.87 23.14 57.63
C PHE B 1188 -42.26 22.78 59.05
N GLN B 1189 -41.25 22.42 59.85
CA GLN B 1189 -41.46 22.09 61.26
C GLN B 1189 -40.41 22.81 62.09
N ASN B 1190 -40.85 23.43 63.19
CA ASN B 1190 -39.94 24.13 64.08
C ASN B 1190 -39.08 23.14 64.85
N ILE B 1191 -37.89 23.58 65.25
CA ILE B 1191 -36.94 22.76 65.99
C ILE B 1191 -36.61 23.40 67.33
N ILE B 1192 -36.54 22.57 68.38
CA ILE B 1192 -36.19 23.02 69.72
C ILE B 1192 -34.89 22.35 70.16
N PRO B 1193 -33.80 23.13 70.30
CA PRO B 1193 -32.52 22.54 70.69
C PRO B 1193 -32.53 21.86 72.07
N ASN B 1194 -31.39 21.29 72.44
CA ASN B 1194 -31.22 20.69 73.77
C ASN B 1194 -29.99 21.25 74.46
N GLU B 1195 -29.66 20.70 75.61
CA GLU B 1195 -28.49 21.16 76.38
C GLU B 1195 -27.20 20.91 75.61
N LYS B 1196 -27.12 19.76 74.95
CA LYS B 1196 -25.92 19.39 74.19
C LYS B 1196 -25.69 20.34 73.02
N GLY B 1197 -26.78 20.80 72.42
CA GLY B 1197 -26.72 21.70 71.28
C GLY B 1197 -27.20 21.04 70.00
N ASP B 1198 -27.85 19.89 70.14
CA ASP B 1198 -28.36 19.17 68.98
C ASP B 1198 -29.63 19.79 68.43
N TRP B 1199 -29.85 19.62 67.12
CA TRP B 1199 -31.10 20.03 66.48
C TRP B 1199 -31.87 18.79 66.03
N ILE B 1200 -31.20 17.92 65.27
CA ILE B 1200 -31.78 16.67 64.81
C ILE B 1200 -31.07 15.49 65.45
N ASN B 1201 -31.76 14.36 65.54
CA ASN B 1201 -31.21 13.16 66.18
C ASN B 1201 -30.74 13.46 67.60
N GLN B 1202 -31.63 14.01 68.41
CA GLN B 1202 -31.29 14.43 69.77
C GLN B 1202 -31.18 13.24 70.72
N ARG B 1203 -30.47 13.45 71.82
CA ARG B 1203 -30.18 12.38 72.77
C ARG B 1203 -31.08 12.44 74.01
N ASN B 1204 -31.41 11.26 74.53
CA ASN B 1204 -32.05 11.14 75.85
C ASN B 1204 -30.98 10.79 76.87
N SER B 1205 -30.91 11.58 77.93
CA SER B 1205 -29.69 11.67 78.75
C SER B 1205 -29.56 10.63 79.85
N ASN B 1206 -30.09 9.43 79.63
CA ASN B 1206 -29.81 8.32 80.54
C ASN B 1206 -28.33 7.96 80.44
N PHE B 1207 -27.81 8.09 79.22
CA PHE B 1207 -26.42 7.80 78.89
C PHE B 1207 -25.42 8.58 79.74
N ASP B 1208 -25.66 9.87 79.93
CA ASP B 1208 -24.72 10.74 80.59
C ASP B 1208 -24.43 10.34 82.04
N GLU B 1209 -25.28 9.47 82.60
CA GLU B 1209 -25.19 9.10 84.00
C GLU B 1209 -24.33 7.87 84.27
N LEU B 1210 -24.09 7.06 83.25
CA LEU B 1210 -23.34 5.81 83.45
C LEU B 1210 -21.86 6.12 83.72
N ILE B 1211 -21.07 5.07 83.89
CA ILE B 1211 -19.65 5.20 84.21
C ILE B 1211 -18.79 5.26 82.94
N SER B 1212 -17.92 6.26 82.89
CA SER B 1212 -17.03 6.44 81.75
C SER B 1212 -15.95 5.37 81.67
N LEU B 1213 -15.65 4.91 80.47
CA LEU B 1213 -14.60 3.92 80.25
C LEU B 1213 -13.24 4.59 80.15
N GLY B 1214 -13.20 5.69 79.39
CA GLY B 1214 -11.96 6.45 79.21
C GLY B 1214 -12.23 7.94 79.13
N ASN B 1215 -11.32 8.72 79.70
CA ASN B 1215 -11.40 10.17 79.66
C ASN B 1215 -10.02 10.80 79.83
N LYS B 1216 -9.60 11.56 78.83
CA LYS B 1216 -8.24 12.10 78.78
C LYS B 1216 -7.94 13.07 79.93
N LYS B 1217 -8.91 13.93 80.25
CA LYS B 1217 -8.75 14.89 81.34
C LYS B 1217 -9.69 14.54 82.48
N GLY B 1218 -9.27 13.57 83.29
CA GLY B 1218 -10.06 13.13 84.43
C GLY B 1218 -9.48 11.87 85.05
N SER B 1219 -9.97 11.53 86.23
CA SER B 1219 -9.55 10.31 86.93
C SER B 1219 -10.79 9.55 87.37
N ASP B 1220 -11.85 9.65 86.57
CA ASP B 1220 -13.13 9.06 86.90
C ASP B 1220 -13.49 7.91 85.96
N SER B 1221 -12.57 7.55 85.08
CA SER B 1221 -12.82 6.55 84.05
C SER B 1221 -12.28 5.18 84.45
N LEU B 1222 -12.99 4.13 84.02
CA LEU B 1222 -12.63 2.76 84.36
C LEU B 1222 -11.20 2.43 83.96
N PHE B 1223 -10.77 2.96 82.82
CA PHE B 1223 -9.41 2.75 82.32
C PHE B 1223 -8.53 3.95 82.64
N ILE B 1224 -7.33 3.68 83.11
CA ILE B 1224 -6.38 4.72 83.47
C ILE B 1224 -5.97 5.52 82.24
N ASP B 1225 -5.93 4.84 81.10
CA ASP B 1225 -5.64 5.49 79.84
C ASP B 1225 -6.05 4.59 78.68
N TYR B 1226 -6.19 5.19 77.50
CA TYR B 1226 -6.47 4.43 76.28
C TYR B 1226 -5.73 5.06 75.12
N THR B 1227 -5.84 4.46 73.94
CA THR B 1227 -5.09 4.93 72.78
C THR B 1227 -5.92 4.88 71.51
N GLY B 1228 -5.62 5.80 70.60
CA GLY B 1228 -6.17 5.75 69.26
C GLY B 1228 -5.32 4.79 68.44
N GLY B 1229 -5.90 4.25 67.37
CA GLY B 1229 -5.16 3.35 66.52
C GLY B 1229 -4.00 4.05 65.83
N LEU B 1230 -3.01 3.27 65.42
CA LEU B 1230 -1.85 3.80 64.72
C LEU B 1230 -2.24 4.51 63.43
N LYS B 1231 -1.81 5.76 63.29
CA LYS B 1231 -2.07 6.55 62.07
C LYS B 1231 -0.76 6.92 61.39
N THR B 1232 -0.51 6.30 60.24
CA THR B 1232 0.74 6.49 59.50
C THR B 1232 0.72 7.77 58.67
N GLY B 1233 -0.38 7.99 57.95
CA GLY B 1233 -0.47 9.10 57.02
C GLY B 1233 0.12 8.74 55.67
N ARG B 1234 0.38 7.45 55.47
CA ARG B 1234 0.96 6.96 54.22
C ARG B 1234 0.81 5.44 54.17
N ASP B 1235 -0.44 4.98 54.18
CA ASP B 1235 -0.75 3.55 54.31
C ASP B 1235 -0.16 2.70 53.19
N ASN B 1236 -0.25 3.18 51.95
CA ASN B 1236 0.27 2.45 50.81
C ASN B 1236 1.76 2.13 50.98
N TRP B 1237 2.45 2.97 51.74
CA TRP B 1237 3.86 2.77 52.03
C TRP B 1237 4.06 1.96 53.32
N SER B 1238 3.30 2.29 54.35
CA SER B 1238 3.49 1.69 55.67
C SER B 1238 2.79 0.34 55.82
N TRP B 1239 1.53 0.27 55.42
CA TRP B 1239 0.73 -0.95 55.56
C TRP B 1239 0.80 -1.82 54.32
N ASN B 1240 1.07 -3.12 54.52
CA ASN B 1240 1.07 -4.07 53.42
C ASN B 1240 1.00 -5.51 53.91
N PHE B 1241 0.35 -6.37 53.14
CA PHE B 1241 0.29 -7.80 53.43
C PHE B 1241 1.71 -8.36 53.47
N SER B 1242 2.50 -8.01 52.47
CA SER B 1242 3.88 -8.46 52.40
C SER B 1242 4.77 -7.68 53.35
N LYS B 1243 5.43 -8.39 54.26
CA LYS B 1243 6.43 -7.76 55.12
C LYS B 1243 7.58 -7.25 54.27
N GLU B 1244 7.83 -7.95 53.17
CA GLU B 1244 8.93 -7.62 52.28
C GLU B 1244 8.67 -6.30 51.58
N GLN B 1245 7.42 -6.05 51.21
CA GLN B 1245 7.07 -4.84 50.46
C GLN B 1245 7.16 -3.60 51.32
N VAL B 1246 6.72 -3.69 52.57
CA VAL B 1246 6.82 -2.57 53.51
C VAL B 1246 8.26 -2.09 53.58
N GLU B 1247 9.18 -3.04 53.76
CA GLU B 1247 10.61 -2.75 53.83
C GLU B 1247 11.06 -1.94 52.62
N LEU B 1248 10.83 -2.48 51.42
CA LEU B 1248 11.21 -1.81 50.18
C LEU B 1248 10.65 -0.40 50.08
N SER B 1249 9.36 -0.26 50.38
CA SER B 1249 8.68 1.03 50.26
C SER B 1249 9.26 2.08 51.19
N MET B 1250 9.57 1.68 52.42
CA MET B 1250 10.06 2.63 53.42
C MET B 1250 11.54 2.94 53.20
N LYS B 1251 12.33 1.95 52.78
CA LYS B 1251 13.73 2.19 52.50
C LYS B 1251 13.89 3.16 51.33
N SER B 1252 12.94 3.09 50.40
CA SER B 1252 12.91 4.04 49.28
C SER B 1252 12.59 5.44 49.81
N SER B 1253 11.64 5.51 50.73
CA SER B 1253 11.24 6.77 51.34
C SER B 1253 12.37 7.37 52.17
N ILE B 1254 13.10 6.51 52.87
CA ILE B 1254 14.23 6.95 53.68
C ILE B 1254 15.37 7.46 52.81
N ASP B 1255 15.66 6.73 51.73
CA ASP B 1255 16.73 7.11 50.81
C ASP B 1255 16.40 8.40 50.07
N TYR B 1256 15.14 8.53 49.67
CA TYR B 1256 14.65 9.75 49.02
C TYR B 1256 14.72 10.92 49.99
N TYR B 1257 14.25 10.67 51.22
CA TYR B 1257 14.25 11.66 52.29
C TYR B 1257 15.66 12.18 52.58
N ASN B 1258 16.60 11.26 52.73
CA ASN B 1258 17.98 11.62 53.08
C ASN B 1258 18.73 12.32 51.95
N GLN B 1259 18.47 11.90 50.72
CA GLN B 1259 19.17 12.45 49.57
C GLN B 1259 18.95 13.95 49.42
N TYR B 1260 17.69 14.36 49.41
CA TYR B 1260 17.34 15.77 49.22
C TYR B 1260 17.11 16.49 50.55
N LEU B 1261 17.67 15.94 51.63
CA LEU B 1261 17.40 16.43 52.98
C LEU B 1261 17.63 17.93 53.13
N GLY B 1262 16.58 18.65 53.52
CA GLY B 1262 16.65 20.08 53.72
C GLY B 1262 15.99 20.85 52.57
N ASP B 1263 16.24 20.40 51.35
CA ASP B 1263 15.69 21.06 50.17
C ASP B 1263 14.17 20.98 50.16
N THR B 1264 13.52 22.12 50.35
CA THR B 1264 12.06 22.18 50.42
C THR B 1264 11.43 22.29 49.03
N ASN B 1265 12.25 22.42 48.00
CA ASN B 1265 11.74 22.58 46.64
C ASN B 1265 11.13 21.30 46.08
N ILE B 1266 11.50 20.16 46.65
CA ILE B 1266 11.01 18.88 46.13
C ILE B 1266 9.59 18.57 46.62
N TYR B 1267 9.04 19.44 47.45
CA TYR B 1267 7.63 19.34 47.83
C TYR B 1267 6.77 19.55 46.60
N LYS B 1268 7.23 20.43 45.71
CA LYS B 1268 6.53 20.72 44.46
C LYS B 1268 6.48 19.49 43.56
N GLU B 1269 7.37 18.54 43.82
CA GLU B 1269 7.43 17.31 43.04
C GLU B 1269 6.69 16.18 43.74
N ASP B 1270 5.62 15.70 43.12
CA ASP B 1270 4.83 14.60 43.66
C ASP B 1270 5.22 13.29 42.98
N VAL B 1271 5.84 12.39 43.73
CA VAL B 1271 6.36 11.14 43.18
C VAL B 1271 6.06 9.93 44.06
N PRO B 1272 6.07 8.71 43.48
CA PRO B 1272 5.79 7.48 44.24
C PRO B 1272 6.84 7.15 45.29
N ASP B 1273 7.99 7.82 45.24
CA ASP B 1273 9.09 7.52 46.16
C ASP B 1273 8.70 7.73 47.62
N ILE B 1274 7.94 8.80 47.88
CA ILE B 1274 7.63 9.17 49.25
C ILE B 1274 6.23 9.78 49.36
N SER B 1275 5.66 9.70 50.55
CA SER B 1275 4.41 10.37 50.87
C SER B 1275 4.62 11.29 52.05
N TRP B 1276 4.29 12.57 51.87
CA TRP B 1276 4.61 13.58 52.87
C TRP B 1276 3.55 13.71 53.97
N THR B 1277 4.00 14.20 55.11
CA THR B 1277 3.11 14.64 56.18
C THR B 1277 3.70 15.90 56.80
N ARG B 1278 2.88 16.66 57.50
CA ARG B 1278 3.35 17.86 58.19
C ARG B 1278 4.46 17.51 59.15
N SER B 1279 4.32 16.36 59.80
CA SER B 1279 5.32 15.88 60.76
C SER B 1279 6.67 15.65 60.09
N LEU B 1280 6.68 14.83 59.04
CA LEU B 1280 7.91 14.49 58.35
C LEU B 1280 8.55 15.72 57.73
N LYS B 1281 7.73 16.62 57.20
CA LYS B 1281 8.22 17.87 56.62
C LYS B 1281 8.99 18.68 57.66
N GLN B 1282 8.50 18.67 58.90
CA GLN B 1282 9.15 19.40 59.97
C GLN B 1282 10.46 18.74 60.38
N ARG B 1283 10.47 17.40 60.39
CA ARG B 1283 11.69 16.65 60.64
C ARG B 1283 12.65 16.83 59.48
N PHE B 1284 12.08 16.86 58.27
CA PHE B 1284 12.84 17.05 57.04
C PHE B 1284 13.50 18.42 57.03
N GLU B 1285 12.77 19.43 57.48
CA GLU B 1285 13.28 20.80 57.51
C GLU B 1285 14.25 21.03 58.66
N ARG B 1286 14.21 20.15 59.65
CA ARG B 1286 15.14 20.20 60.78
C ARG B 1286 16.40 19.39 60.46
N ARG B 1287 16.44 18.81 59.27
CA ARG B 1287 17.60 18.05 58.81
C ARG B 1287 17.92 16.88 59.74
N GLU B 1288 16.89 16.30 60.34
CA GLU B 1288 17.04 15.05 61.07
C GLU B 1288 17.20 13.90 60.07
N THR B 1289 18.38 13.30 60.03
CA THR B 1289 18.62 12.17 59.15
C THR B 1289 17.77 10.99 59.59
N GLN B 1290 17.53 10.05 58.68
CA GLN B 1290 16.68 8.90 58.96
C GLN B 1290 17.33 7.61 58.51
N SER B 1291 17.14 6.55 59.29
CA SER B 1291 17.70 5.25 59.00
C SER B 1291 16.70 4.14 59.25
N TRP B 1292 16.83 3.03 58.53
CA TRP B 1292 15.94 1.90 58.66
C TRP B 1292 16.13 1.18 60.00
N GLN B 1293 15.01 0.83 60.63
CA GLN B 1293 15.02 0.06 61.87
C GLN B 1293 14.13 -1.16 61.73
N GLY B 1294 14.74 -2.33 61.60
CA GLY B 1294 14.01 -3.56 61.39
C GLY B 1294 13.23 -3.99 62.63
N GLU B 1295 13.65 -3.52 63.79
CA GLU B 1295 13.00 -3.90 65.05
C GLU B 1295 11.63 -3.25 65.20
N ARG B 1296 11.33 -2.29 64.33
CA ARG B 1296 10.11 -1.50 64.44
C ARG B 1296 8.99 -2.02 63.52
N MET B 1297 9.19 -3.20 62.94
CA MET B 1297 8.14 -3.84 62.15
C MET B 1297 7.18 -4.60 63.05
N TYR B 1298 5.93 -4.14 63.11
CA TYR B 1298 4.89 -4.80 63.91
C TYR B 1298 3.99 -5.66 63.04
N LEU B 1299 3.35 -6.64 63.67
CA LEU B 1299 2.19 -7.30 63.10
C LEU B 1299 0.97 -6.55 63.60
N GLY B 1300 0.07 -6.19 62.69
CA GLY B 1300 -1.08 -5.37 63.05
C GLY B 1300 -2.31 -5.67 62.23
N MET B 1301 -3.46 -5.26 62.76
CA MET B 1301 -4.75 -5.44 62.09
C MET B 1301 -5.17 -4.13 61.43
N TYR B 1302 -5.20 -4.12 60.11
CA TYR B 1302 -5.53 -2.92 59.34
C TYR B 1302 -7.03 -2.68 59.31
N ARG B 1303 -7.78 -3.68 58.85
CA ARG B 1303 -9.24 -3.67 58.92
C ARG B 1303 -9.66 -4.95 59.66
N PRO B 1304 -10.93 -5.02 60.11
CA PRO B 1304 -11.37 -6.17 60.91
C PRO B 1304 -11.10 -7.52 60.26
N PHE B 1305 -10.47 -8.42 61.01
CA PHE B 1305 -10.15 -9.76 60.54
C PHE B 1305 -9.18 -9.75 59.36
N THR B 1306 -8.30 -8.75 59.32
CA THR B 1306 -7.32 -8.63 58.25
C THR B 1306 -6.00 -8.09 58.79
N LYS B 1307 -5.02 -8.97 58.94
CA LYS B 1307 -3.72 -8.59 59.48
C LYS B 1307 -2.77 -8.14 58.37
N LYS B 1308 -1.93 -7.17 58.69
CA LYS B 1308 -0.90 -6.68 57.78
C LYS B 1308 0.32 -6.26 58.57
N HIS B 1309 1.44 -6.10 57.88
CA HIS B 1309 2.68 -5.66 58.51
C HIS B 1309 2.81 -4.14 58.40
N VAL B 1310 3.29 -3.53 59.48
CA VAL B 1310 3.46 -2.07 59.53
C VAL B 1310 4.89 -1.69 59.83
N TYR B 1311 5.33 -0.56 59.30
CA TYR B 1311 6.57 0.05 59.74
C TYR B 1311 6.26 1.13 60.78
N TYR B 1312 6.03 0.67 62.01
CA TYR B 1312 5.69 1.55 63.11
C TYR B 1312 6.96 2.16 63.71
N ALA B 1313 7.47 3.20 63.06
CA ALA B 1313 8.62 3.95 63.57
C ALA B 1313 8.23 5.42 63.67
N GLN B 1314 8.41 5.99 64.85
CA GLN B 1314 7.90 7.32 65.21
C GLN B 1314 8.04 8.38 64.11
N ALA B 1315 9.22 8.47 63.52
CA ALA B 1315 9.49 9.50 62.51
C ALA B 1315 8.62 9.35 61.28
N TRP B 1316 8.13 8.13 61.04
CA TRP B 1316 7.34 7.85 59.85
C TRP B 1316 5.87 7.61 60.19
N ILE B 1317 5.49 7.96 61.41
CA ILE B 1317 4.10 7.86 61.83
C ILE B 1317 3.57 9.26 62.14
N ASP B 1318 2.39 9.57 61.61
CA ASP B 1318 1.78 10.88 61.83
C ASP B 1318 1.32 10.99 63.28
N ARG B 1319 0.54 10.01 63.72
CA ARG B 1319 0.08 9.95 65.11
C ARG B 1319 0.16 8.52 65.65
N GLN B 1320 0.98 8.32 66.67
CA GLN B 1320 1.03 7.04 67.37
C GLN B 1320 0.15 7.10 68.61
N TYR B 1321 -0.27 8.31 68.97
CA TYR B 1321 -1.14 8.52 70.13
C TYR B 1321 -0.49 7.96 71.40
N GLN B 1322 -1.16 7.01 72.05
CA GLN B 1322 -0.67 6.45 73.31
C GLN B 1322 -0.24 4.99 73.10
N MET B 1323 0.26 4.70 71.90
CA MET B 1323 0.64 3.35 71.53
C MET B 1323 1.92 2.91 72.22
N THR B 1324 2.77 3.87 72.59
CA THR B 1324 4.03 3.58 73.27
C THR B 1324 3.79 3.01 74.65
N LYS B 1325 2.65 3.35 75.24
CA LYS B 1325 2.29 2.87 76.57
C LYS B 1325 1.69 1.47 76.50
N VAL B 1326 1.12 1.15 75.34
CA VAL B 1326 0.38 -0.10 75.17
C VAL B 1326 1.24 -1.17 74.50
N LEU B 1327 1.99 -0.77 73.48
CA LEU B 1327 2.88 -1.69 72.75
C LEU B 1327 4.24 -1.05 72.50
N PRO B 1328 5.10 -1.01 73.53
CA PRO B 1328 6.43 -0.40 73.44
C PRO B 1328 7.29 -0.96 72.31
N SER B 1329 7.22 -2.27 72.09
CA SER B 1329 8.01 -2.93 71.05
C SER B 1329 7.13 -3.90 70.25
N SER B 1330 7.64 -4.30 69.08
CA SER B 1330 6.88 -5.15 68.16
C SER B 1330 6.49 -6.47 68.79
N THR B 1331 7.28 -6.90 69.78
CA THR B 1331 7.07 -8.20 70.42
C THR B 1331 6.22 -8.08 71.67
N SER B 1332 5.97 -6.85 72.12
CA SER B 1332 5.16 -6.62 73.31
C SER B 1332 3.79 -7.27 73.18
N SER B 1333 3.30 -7.83 74.29
CA SER B 1333 2.00 -8.48 74.32
C SER B 1333 1.00 -7.64 75.10
N ASN B 1334 -0.21 -7.52 74.56
CA ASN B 1334 -1.26 -6.76 75.22
C ASN B 1334 -2.63 -7.11 74.65
N LEU B 1335 -3.68 -6.69 75.33
CA LEU B 1335 -5.05 -6.94 74.89
C LEU B 1335 -5.83 -5.65 74.89
N MET B 1336 -6.63 -5.43 73.85
CA MET B 1336 -7.37 -4.19 73.71
C MET B 1336 -8.68 -4.35 72.95
N ILE B 1337 -9.74 -3.81 73.54
CA ILE B 1337 -11.06 -3.77 72.90
C ILE B 1337 -11.14 -2.57 71.98
N SER B 1338 -11.26 -2.82 70.67
CA SER B 1338 -11.25 -1.75 69.68
C SER B 1338 -12.68 -1.35 69.29
N LEU B 1339 -12.86 -0.06 69.04
CA LEU B 1339 -14.18 0.47 68.68
C LEU B 1339 -14.09 1.91 68.20
N SER B 1340 -15.12 2.37 67.50
CA SER B 1340 -15.16 3.74 66.97
C SER B 1340 -15.16 4.79 68.08
N ASN B 1341 -14.53 5.93 67.80
CA ASN B 1341 -14.68 7.10 68.66
C ASN B 1341 -16.14 7.51 68.69
N LYS B 1342 -16.77 7.42 67.52
CA LYS B 1342 -18.20 7.69 67.37
C LYS B 1342 -18.73 6.83 66.22
N THR B 1343 -19.89 6.21 66.41
CA THR B 1343 -20.45 5.36 65.37
C THR B 1343 -20.91 6.20 64.20
N GLY B 1344 -21.28 7.44 64.47
CA GLY B 1344 -21.70 8.37 63.44
C GLY B 1344 -23.05 8.03 62.84
N GLY B 1345 -23.80 7.17 63.54
CA GLY B 1345 -25.11 6.73 63.08
C GLY B 1345 -25.13 5.24 62.81
N LYS B 1346 -23.95 4.64 62.73
CA LYS B 1346 -23.82 3.20 62.52
C LYS B 1346 -24.42 2.42 63.68
N GLN B 1347 -24.74 1.15 63.42
CA GLN B 1347 -25.07 0.21 64.49
C GLN B 1347 -23.79 -0.04 65.28
N PHE B 1348 -23.86 0.14 66.60
CA PHE B 1348 -22.67 0.01 67.44
C PHE B 1348 -22.05 -1.37 67.32
N SER B 1349 -20.72 -1.42 67.34
CA SER B 1349 -20.00 -2.67 67.19
C SER B 1349 -18.61 -2.57 67.84
N THR B 1350 -17.99 -3.72 68.07
CA THR B 1350 -16.69 -3.76 68.73
C THR B 1350 -15.91 -5.01 68.30
N LEU B 1351 -14.61 -4.98 68.53
CA LEU B 1351 -13.76 -6.14 68.24
C LEU B 1351 -12.51 -6.10 69.12
N ILE B 1352 -12.30 -7.18 69.87
CA ILE B 1352 -11.11 -7.29 70.71
C ILE B 1352 -9.94 -7.71 69.82
N VAL B 1353 -8.76 -7.19 70.13
CA VAL B 1353 -7.60 -7.33 69.24
C VAL B 1353 -6.33 -7.71 70.01
N ASP B 1354 -5.49 -8.52 69.37
CA ASP B 1354 -4.26 -9.00 69.99
C ASP B 1354 -3.04 -8.26 69.45
N VAL B 1355 -3.19 -7.65 68.28
CA VAL B 1355 -2.08 -7.00 67.59
C VAL B 1355 -2.24 -5.48 67.60
N LEU B 1356 -1.38 -4.79 66.85
CA LEU B 1356 -1.45 -3.33 66.75
C LEU B 1356 -2.60 -2.89 65.85
N PRO B 1357 -3.55 -2.11 66.39
CA PRO B 1357 -4.70 -1.68 65.58
C PRO B 1357 -4.46 -0.38 64.81
N ASP B 1358 -4.98 -0.31 63.58
CA ASP B 1358 -4.86 0.89 62.76
C ASP B 1358 -5.87 1.94 63.23
N VAL B 1359 -5.58 3.20 62.93
CA VAL B 1359 -6.46 4.30 63.34
C VAL B 1359 -7.83 4.16 62.70
N ASN B 1360 -7.86 3.59 61.49
CA ASN B 1360 -9.12 3.43 60.77
C ASN B 1360 -9.58 1.97 60.76
N LEU B 1361 -9.30 1.25 61.85
CA LEU B 1361 -9.86 -0.08 62.05
C LEU B 1361 -11.37 0.08 62.19
N PHE B 1362 -11.77 1.17 62.82
CA PHE B 1362 -13.16 1.57 62.91
C PHE B 1362 -13.31 3.00 62.41
N THR B 1363 -14.50 3.36 61.96
CA THR B 1363 -14.75 4.69 61.41
C THR B 1363 -14.63 5.77 62.48
N GLY B 1364 -14.33 6.99 62.06
CA GLY B 1364 -14.20 8.11 62.98
C GLY B 1364 -12.98 7.99 63.86
N GLY B 1365 -11.99 7.22 63.40
CA GLY B 1365 -10.79 6.97 64.17
C GLY B 1365 -11.04 5.90 65.21
N SER B 1366 -10.18 4.89 65.23
CA SER B 1366 -10.36 3.76 66.14
C SER B 1366 -9.88 4.14 67.54
N GLN B 1367 -10.56 3.58 68.55
CA GLN B 1367 -10.20 3.80 69.95
C GLN B 1367 -10.10 2.45 70.65
N ASN B 1368 -9.00 2.25 71.37
CA ASN B 1368 -8.67 0.93 71.91
C ASN B 1368 -8.42 0.95 73.41
N LEU B 1369 -9.26 0.23 74.15
CA LEU B 1369 -9.19 0.15 75.60
C LEU B 1369 -8.25 -0.99 76.04
N PRO B 1370 -7.05 -0.65 76.56
CA PRO B 1370 -6.04 -1.68 76.81
C PRO B 1370 -6.21 -2.43 78.13
N LYS B 1371 -5.74 -3.67 78.17
CA LYS B 1371 -5.75 -4.46 79.41
C LYS B 1371 -4.57 -4.03 80.29
N TYR B 1372 -3.42 -3.81 79.67
CA TYR B 1372 -2.20 -3.44 80.38
C TYR B 1372 -1.65 -2.10 79.91
N LEU B 1373 -0.75 -1.53 80.72
CA LEU B 1373 -0.02 -0.32 80.36
C LEU B 1373 1.44 -0.51 80.72
N TYR B 1374 2.34 0.08 79.94
CA TYR B 1374 3.77 -0.06 80.18
C TYR B 1374 4.40 1.26 80.63
N ARG B 1375 5.31 1.17 81.58
CA ARG B 1375 6.07 2.31 82.06
C ARG B 1375 7.56 1.97 82.02
N ASN B 1376 8.39 2.99 81.82
CA ASN B 1376 9.83 2.80 81.78
C ASN B 1376 10.39 2.39 83.13
N ASN B 1377 10.87 1.15 83.25
CA ASN B 1377 11.53 0.72 84.48
C ASN B 1377 12.94 1.27 84.51
N ASP B 1378 13.54 1.30 85.70
CA ASP B 1378 14.82 1.98 85.87
C ASP B 1378 16.02 1.13 85.46
N THR B 1379 15.76 -0.07 84.95
CA THR B 1379 16.84 -0.94 84.47
C THR B 1379 16.95 -0.82 82.95
N GLY B 1380 17.84 0.07 82.51
CA GLY B 1380 17.94 0.41 81.11
C GLY B 1380 18.66 -0.63 80.25
N ASN B 1381 18.03 -1.78 80.08
CA ASN B 1381 18.51 -2.81 79.15
C ASN B 1381 17.42 -3.21 78.17
N LEU B 1382 17.50 -2.68 76.96
CA LEU B 1382 16.51 -2.95 75.94
C LEU B 1382 16.62 -4.38 75.41
N ASN B 1385 13.79 -0.40 78.67
CA ASN B 1385 13.07 -1.53 79.22
C ASN B 1385 11.84 -1.04 80.01
N SER B 1386 10.82 -1.88 80.10
CA SER B 1386 9.55 -1.46 80.70
C SER B 1386 8.88 -2.56 81.52
N GLU B 1387 8.19 -2.13 82.59
CA GLU B 1387 7.35 -3.03 83.38
C GLU B 1387 5.88 -2.72 83.08
N LYS B 1388 5.04 -3.75 83.13
CA LYS B 1388 3.62 -3.58 82.83
C LYS B 1388 2.78 -3.50 84.10
N TYR B 1389 1.58 -2.97 83.99
CA TYR B 1389 0.64 -2.92 85.11
C TYR B 1389 -0.79 -2.81 84.59
N SER B 1390 -1.75 -3.11 85.45
CA SER B 1390 -3.16 -3.13 85.05
C SER B 1390 -3.65 -1.72 84.71
N ALA B 1391 -4.49 -1.62 83.68
CA ALA B 1391 -5.00 -0.34 83.20
C ALA B 1391 -6.29 0.05 83.91
N ILE B 1392 -6.83 -0.86 84.73
CA ILE B 1392 -8.07 -0.61 85.43
C ILE B 1392 -7.84 0.24 86.67
N ARG B 1393 -8.56 1.36 86.79
CA ARG B 1393 -8.49 2.21 87.97
C ARG B 1393 -9.45 1.66 89.03
N HIS B 1394 -8.96 1.53 90.25
CA HIS B 1394 -9.69 0.83 91.31
C HIS B 1394 -10.88 1.60 91.86
N GLU B 1395 -10.73 2.91 92.01
CA GLU B 1395 -11.82 3.74 92.52
C GLU B 1395 -13.08 3.57 91.69
N VAL B 1396 -12.91 3.59 90.37
CA VAL B 1396 -14.03 3.35 89.46
C VAL B 1396 -14.50 1.90 89.57
N LEU B 1397 -13.56 0.97 89.63
CA LEU B 1397 -13.88 -0.45 89.75
C LEU B 1397 -14.79 -0.71 90.94
N ASN B 1398 -14.59 0.05 92.01
CA ASN B 1398 -15.43 -0.08 93.20
C ASN B 1398 -16.86 0.34 92.93
N LYS B 1399 -17.04 1.29 92.02
CA LYS B 1399 -18.38 1.77 91.68
C LYS B 1399 -19.19 0.68 90.99
N LEU B 1400 -18.52 -0.42 90.64
CA LEU B 1400 -19.19 -1.60 90.09
C LEU B 1400 -19.19 -2.75 91.09
N PRO B 1401 -20.15 -2.76 92.02
CA PRO B 1401 -20.31 -3.83 93.01
C PRO B 1401 -20.11 -5.24 92.46
N ASN B 1402 -19.25 -6.00 93.14
CA ASN B 1402 -18.99 -7.39 92.80
C ASN B 1402 -18.51 -7.59 91.37
N LEU B 1403 -17.56 -6.74 90.96
CA LEU B 1403 -16.83 -6.96 89.72
C LEU B 1403 -15.34 -6.73 89.99
N SER B 1404 -14.54 -7.77 89.80
CA SER B 1404 -13.13 -7.72 90.13
C SER B 1404 -12.29 -7.30 88.92
N GLU B 1405 -11.03 -6.98 89.18
CA GLU B 1405 -10.13 -6.43 88.17
C GLU B 1405 -9.83 -7.42 87.05
N GLU B 1406 -9.87 -8.71 87.36
CA GLU B 1406 -9.42 -9.73 86.41
C GLU B 1406 -10.40 -10.00 85.27
N ASP B 1407 -11.63 -9.49 85.39
CA ASP B 1407 -12.67 -9.75 84.39
C ASP B 1407 -13.49 -8.51 84.06
N ALA B 1408 -12.92 -7.33 84.27
CA ALA B 1408 -13.54 -6.09 83.84
C ALA B 1408 -13.65 -6.06 82.33
N MET B 1409 -12.58 -6.53 81.67
CA MET B 1409 -12.54 -6.60 80.21
C MET B 1409 -13.71 -7.41 79.65
N TYR B 1410 -13.86 -8.62 80.17
CA TYR B 1410 -14.89 -9.54 79.68
C TYR B 1410 -16.28 -8.96 79.90
N TYR B 1411 -16.44 -8.17 80.97
CA TYR B 1411 -17.71 -7.55 81.28
C TYR B 1411 -18.05 -6.47 80.27
N VAL B 1412 -17.10 -5.57 80.02
CA VAL B 1412 -17.27 -4.52 79.04
C VAL B 1412 -17.57 -5.12 77.67
N TYR B 1413 -16.82 -6.16 77.34
CA TYR B 1413 -16.89 -6.77 76.01
C TYR B 1413 -18.19 -7.54 75.84
N GLY B 1414 -18.69 -8.15 76.92
CA GLY B 1414 -19.96 -8.87 76.86
C GLY B 1414 -21.13 -7.92 76.70
N LEU B 1415 -21.03 -6.75 77.34
CA LEU B 1415 -22.08 -5.74 77.28
C LEU B 1415 -22.21 -5.14 75.89
N PHE B 1416 -21.08 -4.85 75.25
CA PHE B 1416 -21.06 -4.24 73.92
C PHE B 1416 -21.82 -5.08 72.89
N HIS B 1417 -21.94 -6.38 73.15
CA HIS B 1417 -22.57 -7.29 72.21
C HIS B 1417 -24.07 -7.45 72.46
N SER B 1418 -24.55 -6.93 73.60
CA SER B 1418 -25.98 -6.95 73.89
C SER B 1418 -26.68 -5.99 72.94
N ILE B 1419 -27.80 -6.43 72.38
CA ILE B 1419 -28.51 -5.64 71.37
C ILE B 1419 -29.24 -4.47 72.01
N GLN B 1420 -29.76 -4.68 73.22
CA GLN B 1420 -30.50 -3.65 73.93
C GLN B 1420 -29.61 -2.43 74.21
N TYR B 1421 -28.32 -2.68 74.44
CA TYR B 1421 -27.38 -1.61 74.70
C TYR B 1421 -27.20 -0.72 73.46
N GLY B 1422 -26.93 -1.35 72.33
CA GLY B 1422 -26.74 -0.63 71.08
C GLY B 1422 -28.03 -0.03 70.54
N LYS B 1423 -29.16 -0.46 71.10
CA LYS B 1423 -30.47 0.03 70.66
C LYS B 1423 -30.94 1.20 71.53
N VAL B 1424 -30.82 1.04 72.83
CA VAL B 1424 -31.24 2.07 73.77
C VAL B 1424 -30.39 3.33 73.64
N TYR B 1425 -29.11 3.14 73.35
CA TYR B 1425 -28.15 4.25 73.27
C TYR B 1425 -27.64 4.47 71.86
N TYR B 1426 -28.44 4.07 70.87
CA TYR B 1426 -28.09 4.25 69.47
C TYR B 1426 -27.70 5.69 69.14
N GLU B 1427 -28.50 6.63 69.62
CA GLU B 1427 -28.29 8.04 69.30
C GLU B 1427 -27.18 8.67 70.15
N ASP B 1428 -26.99 8.16 71.36
CA ASP B 1428 -25.94 8.66 72.24
C ASP B 1428 -24.58 8.17 71.80
N LEU B 1429 -24.52 6.92 71.33
CA LEU B 1429 -23.28 6.33 70.86
C LEU B 1429 -22.88 6.91 69.51
N ALA B 1430 -23.82 7.52 68.82
CA ALA B 1430 -23.57 8.10 67.51
C ALA B 1430 -22.71 9.36 67.61
N LYS B 1431 -22.73 10.01 68.77
CA LYS B 1431 -22.01 11.27 68.97
C LYS B 1431 -21.04 11.24 70.15
N SER B 1432 -20.77 10.06 70.69
CA SER B 1432 -19.91 9.98 71.87
C SER B 1432 -19.25 8.63 72.13
N PHE B 1433 -18.17 8.69 72.90
CA PHE B 1433 -17.42 7.50 73.33
C PHE B 1433 -18.26 6.73 74.35
N PRO B 1434 -18.38 5.39 74.19
CA PRO B 1434 -19.33 4.68 75.05
C PRO B 1434 -19.03 4.71 76.55
N LYS B 1435 -20.07 4.93 77.34
CA LYS B 1435 -20.03 4.68 78.77
C LYS B 1435 -20.86 3.43 79.02
N ILE B 1436 -20.69 2.79 80.16
CA ILE B 1436 -21.41 1.54 80.45
C ILE B 1436 -22.14 1.57 81.80
N PRO B 1437 -23.27 0.84 81.89
CA PRO B 1437 -24.07 0.73 83.12
C PRO B 1437 -23.61 -0.36 84.07
N ASN B 1438 -23.99 -0.24 85.34
CA ASN B 1438 -23.92 -1.34 86.29
C ASN B 1438 -25.18 -2.19 86.13
N VAL B 1439 -24.98 -3.44 85.73
CA VAL B 1439 -26.06 -4.29 85.26
C VAL B 1439 -26.24 -5.54 86.13
N LYS B 1440 -27.44 -6.10 86.09
CA LYS B 1440 -27.82 -7.21 86.96
C LYS B 1440 -26.86 -8.39 86.93
N HIS B 1441 -26.96 -9.22 85.89
CA HIS B 1441 -26.26 -10.49 85.85
C HIS B 1441 -24.85 -10.36 85.26
N LYS B 1442 -23.93 -9.80 86.04
CA LYS B 1442 -22.55 -9.63 85.60
C LYS B 1442 -21.91 -10.97 85.25
N GLU B 1443 -21.88 -11.88 86.21
CA GLU B 1443 -21.28 -13.20 86.03
C GLU B 1443 -21.75 -13.88 84.74
N LYS B 1444 -22.98 -13.57 84.33
CA LYS B 1444 -23.52 -14.08 83.09
C LYS B 1444 -22.86 -13.37 81.90
N TYR B 1445 -22.63 -12.07 82.04
CA TYR B 1445 -21.97 -11.31 80.99
C TYR B 1445 -20.50 -11.69 80.87
N ILE B 1446 -19.85 -11.88 82.02
CA ILE B 1446 -18.42 -12.17 82.06
C ILE B 1446 -18.09 -13.50 81.38
N LYS B 1447 -18.93 -14.50 81.63
CA LYS B 1447 -18.73 -15.82 81.05
C LYS B 1447 -18.84 -15.77 79.52
N ILE B 1448 -19.83 -15.04 79.03
CA ILE B 1448 -20.05 -14.91 77.60
C ILE B 1448 -18.93 -14.10 76.95
N GLY B 1449 -18.59 -12.98 77.58
CA GLY B 1449 -17.56 -12.09 77.06
C GLY B 1449 -16.22 -12.76 76.90
N LYS B 1450 -15.90 -13.65 77.83
CA LYS B 1450 -14.64 -14.37 77.79
C LYS B 1450 -14.64 -15.41 76.68
N GLU B 1451 -15.80 -15.99 76.41
CA GLU B 1451 -15.93 -16.99 75.35
C GLU B 1451 -15.88 -16.31 73.99
N LEU B 1452 -16.41 -15.09 73.93
CA LEU B 1452 -16.33 -14.29 72.72
C LEU B 1452 -14.91 -13.84 72.46
N ALA B 1453 -14.29 -13.26 73.48
CA ALA B 1453 -12.93 -12.76 73.39
C ALA B 1453 -11.96 -13.89 73.04
N ASP B 1454 -12.27 -15.10 73.48
CA ASP B 1454 -11.44 -16.25 73.17
C ASP B 1454 -11.60 -16.64 71.71
N LEU B 1455 -12.82 -16.51 71.19
CA LEU B 1455 -13.12 -16.86 69.82
C LEU B 1455 -12.53 -15.85 68.85
N HIS B 1456 -12.66 -14.56 69.17
CA HIS B 1456 -12.31 -13.50 68.24
C HIS B 1456 -10.82 -13.24 68.15
N LEU B 1457 -10.07 -13.67 69.16
CA LEU B 1457 -8.62 -13.56 69.13
C LEU B 1457 -8.03 -14.64 68.22
N ASN B 1458 -8.69 -15.79 68.20
CA ASN B 1458 -8.25 -16.93 67.39
C ASN B 1458 -9.18 -17.12 66.20
N TYR B 1459 -9.63 -16.02 65.63
CA TYR B 1459 -10.56 -16.04 64.50
C TYR B 1459 -9.94 -16.73 63.29
N GLU B 1460 -8.62 -16.67 63.19
CA GLU B 1460 -7.91 -17.26 62.07
C GLU B 1460 -8.03 -18.79 62.07
N ASN B 1461 -7.79 -19.40 63.23
CA ASN B 1461 -7.80 -20.85 63.35
C ASN B 1461 -9.07 -21.36 64.03
N GLN B 1462 -10.04 -21.78 63.23
CA GLN B 1462 -11.26 -22.39 63.75
C GLN B 1462 -11.74 -23.52 62.84
N PRO B 1463 -12.33 -24.58 63.42
CA PRO B 1463 -12.86 -25.68 62.61
C PRO B 1463 -13.90 -25.22 61.59
N ILE B 1464 -13.93 -25.87 60.42
CA ILE B 1464 -14.91 -25.57 59.39
C ILE B 1464 -16.32 -25.95 59.87
N CYS B 1465 -17.34 -25.31 59.31
CA CYS B 1465 -18.71 -25.53 59.75
C CYS B 1465 -19.24 -26.88 59.27
N GLU B 1466 -20.53 -27.12 59.49
CA GLU B 1466 -21.16 -28.38 59.14
C GLU B 1466 -21.66 -28.41 57.69
N GLY B 1467 -22.66 -27.59 57.39
CA GLY B 1467 -23.34 -27.63 56.11
C GLY B 1467 -22.54 -27.12 54.93
N ILE B 1468 -21.34 -26.63 55.19
CA ILE B 1468 -20.50 -26.05 54.14
C ILE B 1468 -19.88 -27.12 53.26
N ASP B 1469 -19.72 -26.79 51.97
CA ASP B 1469 -19.07 -27.68 51.02
C ASP B 1469 -18.02 -26.91 50.22
N VAL B 1470 -16.81 -27.47 50.13
CA VAL B 1470 -15.73 -26.85 49.38
C VAL B 1470 -15.43 -27.64 48.12
N GLN B 1471 -15.71 -27.03 46.97
CA GLN B 1471 -15.46 -27.66 45.68
C GLN B 1471 -14.15 -27.17 45.07
N ILE B 1472 -13.18 -28.07 44.98
CA ILE B 1472 -11.86 -27.76 44.42
C ILE B 1472 -11.64 -28.55 43.13
N SER B 1473 -11.83 -27.89 42.00
CA SER B 1473 -11.68 -28.53 40.70
C SER B 1473 -10.20 -28.63 40.30
N GLU B 1474 -9.42 -27.64 40.71
CA GLU B 1474 -7.98 -27.63 40.46
C GLU B 1474 -7.25 -27.16 41.72
N LEU B 1475 -6.01 -27.60 41.88
CA LEU B 1475 -5.27 -27.35 43.11
C LEU B 1475 -4.44 -26.06 43.03
N ASN B 1476 -5.12 -24.93 43.22
CA ASN B 1476 -4.46 -23.63 43.27
C ASN B 1476 -5.23 -22.68 44.20
N TYR B 1477 -4.54 -22.18 45.21
CA TYR B 1477 -5.18 -21.36 46.24
C TYR B 1477 -4.91 -19.87 46.07
N ARG B 1478 -4.22 -19.50 44.99
CA ARG B 1478 -3.95 -18.09 44.72
C ARG B 1478 -5.24 -17.35 44.41
N VAL B 1479 -5.48 -16.25 45.12
CA VAL B 1479 -6.68 -15.45 44.96
C VAL B 1479 -6.41 -14.16 44.20
N LYS B 1480 -7.38 -13.74 43.39
CA LYS B 1480 -7.31 -12.47 42.68
C LYS B 1480 -8.35 -11.53 43.26
N LYS B 1481 -9.60 -11.99 43.26
CA LYS B 1481 -10.69 -11.22 43.85
C LYS B 1481 -11.90 -12.13 44.10
N MET B 1482 -12.29 -12.24 45.36
CA MET B 1482 -13.44 -13.06 45.73
C MET B 1482 -14.74 -12.34 45.42
N LYS B 1483 -15.80 -13.12 45.18
CA LYS B 1483 -17.09 -12.54 44.81
C LYS B 1483 -18.21 -13.57 44.90
N HIS B 1484 -19.45 -13.07 44.93
CA HIS B 1484 -20.61 -13.94 44.78
C HIS B 1484 -20.86 -14.13 43.29
N PRO B 1485 -21.37 -15.30 42.88
CA PRO B 1485 -21.55 -15.57 41.45
C PRO B 1485 -22.46 -14.55 40.78
N LYS B 1486 -23.41 -14.02 41.55
CA LYS B 1486 -24.24 -12.90 41.10
C LYS B 1486 -24.55 -12.02 42.32
N LYS B 1487 -25.00 -10.80 42.06
CA LYS B 1487 -25.32 -9.89 43.15
C LYS B 1487 -26.47 -10.42 43.99
N GLY B 1488 -26.22 -10.55 45.29
CA GLY B 1488 -27.27 -10.90 46.24
C GLY B 1488 -27.13 -12.25 46.90
N VAL B 1489 -26.73 -13.26 46.13
CA VAL B 1489 -26.66 -14.62 46.67
C VAL B 1489 -25.50 -14.73 47.66
N LEU B 1490 -25.84 -15.14 48.89
CA LEU B 1490 -24.89 -15.16 49.99
C LEU B 1490 -24.41 -16.56 50.33
N ASP B 1491 -25.07 -17.58 49.77
CA ASP B 1491 -24.73 -18.96 50.06
C ASP B 1491 -23.57 -19.46 49.20
N THR B 1492 -23.12 -18.63 48.26
CA THR B 1492 -22.06 -19.01 47.35
C THR B 1492 -20.98 -17.92 47.28
N ILE B 1493 -19.73 -18.34 47.41
CA ILE B 1493 -18.58 -17.45 47.26
C ILE B 1493 -17.57 -18.05 46.29
N ILE B 1494 -17.31 -17.33 45.20
CA ILE B 1494 -16.31 -17.75 44.22
C ILE B 1494 -14.94 -17.30 44.68
N TYR B 1495 -14.09 -18.27 45.02
CA TYR B 1495 -12.74 -17.97 45.48
C TYR B 1495 -11.85 -17.62 44.29
N ASN B 1496 -11.78 -18.53 43.33
CA ASN B 1496 -11.07 -18.29 42.08
C ASN B 1496 -11.61 -19.23 41.00
N GLU B 1497 -10.88 -19.36 39.91
CA GLU B 1497 -11.28 -20.24 38.81
C GLU B 1497 -11.43 -21.69 39.26
N SER B 1498 -10.56 -22.11 40.17
CA SER B 1498 -10.48 -23.51 40.57
C SER B 1498 -11.31 -23.86 41.80
N ILE B 1499 -11.69 -22.84 42.58
CA ILE B 1499 -12.34 -23.07 43.86
C ILE B 1499 -13.62 -22.25 44.04
N THR B 1500 -14.63 -22.88 44.62
CA THR B 1500 -15.87 -22.21 45.00
C THR B 1500 -16.36 -22.77 46.34
N ILE B 1501 -16.98 -21.92 47.14
CA ILE B 1501 -17.55 -22.34 48.42
C ILE B 1501 -19.07 -22.23 48.39
N LYS B 1502 -19.73 -23.38 48.44
CA LYS B 1502 -21.19 -23.44 48.29
C LYS B 1502 -21.89 -23.82 49.59
N ASN B 1503 -23.17 -23.46 49.69
CA ASN B 1503 -24.02 -23.87 50.80
C ASN B 1503 -23.53 -23.40 52.16
N ILE B 1504 -23.29 -22.11 52.30
CA ILE B 1504 -22.94 -21.52 53.59
C ILE B 1504 -24.18 -20.83 54.17
N PRO B 1505 -24.32 -20.81 55.51
CA PRO B 1505 -25.51 -20.22 56.13
C PRO B 1505 -25.63 -18.72 55.88
N GLU B 1506 -26.82 -18.27 55.50
CA GLU B 1506 -27.06 -16.88 55.20
C GLU B 1506 -27.02 -16.01 56.45
N LYS B 1507 -27.29 -16.62 57.59
CA LYS B 1507 -27.36 -15.88 58.86
C LYS B 1507 -25.99 -15.38 59.30
N ALA B 1508 -24.93 -15.99 58.78
CA ALA B 1508 -23.57 -15.60 59.14
C ALA B 1508 -23.31 -14.13 58.85
N TYR B 1509 -24.00 -13.59 57.86
CA TYR B 1509 -23.83 -12.19 57.46
C TYR B 1509 -24.53 -11.24 58.42
N GLU B 1510 -25.18 -11.79 59.43
CA GLU B 1510 -25.84 -10.97 60.46
C GLU B 1510 -24.80 -10.39 61.41
N TYR B 1511 -23.69 -11.09 61.59
CA TYR B 1511 -22.61 -10.61 62.44
C TYR B 1511 -21.89 -9.46 61.74
N VAL B 1512 -22.19 -8.24 62.19
CA VAL B 1512 -21.62 -7.04 61.58
C VAL B 1512 -20.68 -6.32 62.55
N VAL B 1513 -19.44 -6.14 62.12
CA VAL B 1513 -18.47 -5.31 62.83
C VAL B 1513 -18.11 -4.13 61.93
N ASN B 1514 -17.99 -2.96 62.52
CA ASN B 1514 -17.97 -1.72 61.76
C ASN B 1514 -19.26 -1.64 60.93
N GLY B 1515 -19.18 -1.17 59.69
CA GLY B 1515 -20.34 -1.04 58.83
C GLY B 1515 -20.43 -2.14 57.78
N ARG B 1516 -19.86 -3.31 58.07
CA ARG B 1516 -19.83 -4.40 57.10
C ARG B 1516 -19.81 -5.77 57.79
N PRO B 1517 -20.49 -6.77 57.19
CA PRO B 1517 -20.44 -8.14 57.74
C PRO B 1517 -19.01 -8.67 57.86
N ALA B 1518 -18.78 -9.55 58.83
CA ALA B 1518 -17.46 -10.13 59.06
C ALA B 1518 -16.95 -10.88 57.83
N ILE B 1519 -17.86 -11.53 57.12
CA ILE B 1519 -17.49 -12.31 55.94
C ILE B 1519 -17.10 -11.41 54.77
N GLU B 1520 -17.86 -10.34 54.56
CA GLU B 1520 -17.62 -9.44 53.43
C GLU B 1520 -16.39 -8.57 53.67
N TRP B 1521 -15.96 -8.45 54.92
CA TRP B 1521 -14.70 -7.78 55.23
C TRP B 1521 -13.55 -8.54 54.59
N ILE B 1522 -13.64 -9.86 54.62
CA ILE B 1522 -12.62 -10.73 54.05
C ILE B 1522 -12.64 -10.64 52.52
N ILE B 1523 -13.84 -10.58 51.95
CA ILE B 1523 -13.98 -10.43 50.50
C ILE B 1523 -13.41 -9.10 50.04
N ASN B 1524 -13.68 -8.05 50.80
CA ASN B 1524 -13.27 -6.70 50.43
C ASN B 1524 -11.76 -6.48 50.54
N GLN B 1525 -11.17 -6.96 51.61
CA GLN B 1525 -9.76 -6.68 51.89
C GLN B 1525 -8.81 -7.63 51.16
N TYR B 1526 -9.11 -8.92 51.18
CA TYR B 1526 -8.23 -9.91 50.57
C TYR B 1526 -8.46 -10.01 49.07
N GLN B 1527 -7.79 -9.11 48.33
CA GLN B 1527 -7.83 -9.10 46.89
C GLN B 1527 -6.61 -8.35 46.37
N VAL B 1528 -6.14 -8.72 45.19
CA VAL B 1528 -4.98 -8.06 44.59
C VAL B 1528 -5.35 -6.65 44.15
N LYS B 1529 -4.67 -5.66 44.71
CA LYS B 1529 -4.87 -4.27 44.34
C LYS B 1529 -3.53 -3.57 44.15
N THR B 1530 -3.53 -2.51 43.35
CA THR B 1530 -2.35 -1.71 43.11
C THR B 1530 -2.72 -0.23 43.02
N ASP B 1531 -2.12 0.58 43.88
CA ASP B 1531 -2.34 2.02 43.83
C ASP B 1531 -1.68 2.57 42.56
N LYS B 1532 -2.50 3.11 41.67
CA LYS B 1532 -2.02 3.52 40.35
C LYS B 1532 -1.06 4.71 40.45
N LYS B 1533 -1.20 5.50 41.49
CA LYS B 1533 -0.35 6.68 41.68
C LYS B 1533 1.03 6.28 42.19
N SER B 1534 1.07 5.53 43.29
CA SER B 1534 2.33 5.12 43.89
C SER B 1534 2.93 3.93 43.17
N GLY B 1535 2.08 3.10 42.57
CA GLY B 1535 2.53 1.91 41.86
C GLY B 1535 2.83 0.76 42.80
N ILE B 1536 2.42 0.89 44.06
CA ILE B 1536 2.63 -0.16 45.05
C ILE B 1536 1.46 -1.14 45.05
N THR B 1537 1.78 -2.43 45.06
CA THR B 1537 0.77 -3.49 45.05
C THR B 1537 0.59 -4.08 46.44
N ASP B 1538 -0.64 -4.47 46.76
CA ASP B 1538 -0.92 -5.16 48.02
C ASP B 1538 -1.47 -6.55 47.73
N ASP B 1539 -0.58 -7.54 47.75
CA ASP B 1539 -0.93 -8.91 47.41
C ASP B 1539 -1.19 -9.73 48.66
N PRO B 1540 -2.43 -10.20 48.87
CA PRO B 1540 -2.72 -10.97 50.09
C PRO B 1540 -2.04 -12.33 50.13
N ASN B 1541 -1.55 -12.80 48.99
CA ASN B 1541 -0.87 -14.09 48.93
C ASN B 1541 0.52 -14.05 49.56
N GLU B 1542 1.04 -12.84 49.74
CA GLU B 1542 2.41 -12.67 50.24
C GLU B 1542 2.46 -12.59 51.76
N PHE B 1543 1.35 -12.22 52.39
CA PHE B 1543 1.23 -12.35 53.84
C PHE B 1543 1.12 -13.82 54.21
N SER B 1544 0.37 -14.54 53.38
CA SER B 1544 -0.05 -15.91 53.66
C SER B 1544 1.08 -16.85 54.07
N ASP B 1545 2.09 -16.98 53.20
CA ASP B 1545 3.15 -17.96 53.35
C ASP B 1545 2.57 -19.37 53.17
N ASP B 1546 1.50 -19.68 53.90
CA ASP B 1546 0.72 -20.89 53.65
C ASP B 1546 -0.30 -20.58 52.56
N PRO B 1547 -0.24 -21.31 51.44
CA PRO B 1547 -1.15 -20.97 50.33
C PRO B 1547 -2.63 -21.08 50.69
N LYS B 1548 -2.96 -21.84 51.74
CA LYS B 1548 -4.35 -22.05 52.12
C LYS B 1548 -4.84 -21.01 53.14
N TYR B 1549 -3.97 -20.10 53.55
CA TYR B 1549 -4.28 -19.15 54.62
C TYR B 1549 -5.57 -18.38 54.37
N ILE B 1550 -5.67 -17.77 53.20
CA ILE B 1550 -6.81 -16.92 52.86
C ILE B 1550 -8.10 -17.75 52.81
N LEU B 1551 -8.01 -18.96 52.26
CA LEU B 1551 -9.16 -19.85 52.18
C LEU B 1551 -9.57 -20.33 53.58
N ASN B 1552 -8.60 -20.82 54.34
CA ASN B 1552 -8.87 -21.27 55.71
C ASN B 1552 -9.36 -20.14 56.59
N LEU B 1553 -8.85 -18.93 56.34
CA LEU B 1553 -9.28 -17.75 57.08
C LEU B 1553 -10.77 -17.52 56.89
N LEU B 1554 -11.20 -17.46 55.63
CA LEU B 1554 -12.60 -17.25 55.29
C LEU B 1554 -13.48 -18.30 55.96
N LEU B 1555 -13.15 -19.57 55.75
CA LEU B 1555 -13.91 -20.68 56.32
C LEU B 1555 -14.06 -20.56 57.83
N SER B 1556 -12.98 -20.21 58.50
CA SER B 1556 -12.99 -20.05 59.95
C SER B 1556 -13.83 -18.85 60.38
N VAL B 1557 -13.79 -17.79 59.58
CA VAL B 1557 -14.57 -16.59 59.85
C VAL B 1557 -16.07 -16.89 59.78
N ILE B 1558 -16.45 -17.81 58.89
CA ILE B 1558 -17.85 -18.19 58.75
C ILE B 1558 -18.40 -18.78 60.05
N THR B 1559 -17.58 -19.58 60.72
CA THR B 1559 -18.00 -20.24 61.94
C THR B 1559 -17.87 -19.31 63.14
N VAL B 1560 -16.94 -18.38 63.07
CA VAL B 1560 -16.80 -17.36 64.11
C VAL B 1560 -18.04 -16.47 64.12
N SER B 1561 -18.58 -16.23 62.93
CA SER B 1561 -19.83 -15.48 62.80
C SER B 1561 -20.97 -16.26 63.45
N MET B 1562 -21.05 -17.55 63.15
CA MET B 1562 -22.10 -18.41 63.69
C MET B 1562 -22.08 -18.45 65.22
N ARG B 1563 -20.93 -18.82 65.79
CA ARG B 1563 -20.79 -18.91 67.25
C ARG B 1563 -21.09 -17.58 67.92
N THR B 1564 -20.66 -16.50 67.29
CA THR B 1564 -20.88 -15.16 67.84
C THR B 1564 -22.36 -14.85 67.96
N LEU B 1565 -23.12 -15.17 66.92
CA LEU B 1565 -24.56 -14.95 66.93
C LEU B 1565 -25.24 -15.85 67.95
N GLU B 1566 -24.74 -17.07 68.08
CA GLU B 1566 -25.27 -18.01 69.07
C GLU B 1566 -24.97 -17.51 70.47
N LEU B 1567 -23.80 -16.90 70.66
CA LEU B 1567 -23.41 -16.41 71.97
C LEU B 1567 -24.13 -15.11 72.32
N ILE B 1568 -24.69 -14.45 71.32
CA ILE B 1568 -25.54 -13.28 71.55
C ILE B 1568 -26.94 -13.75 71.91
N ASP B 1569 -27.30 -14.94 71.46
CA ASP B 1569 -28.55 -15.56 71.87
C ASP B 1569 -28.51 -15.92 73.35
N GLU B 1570 -27.39 -16.49 73.80
CA GLU B 1570 -27.27 -16.90 75.19
C GLU B 1570 -27.00 -15.72 76.11
N LEU B 1571 -26.74 -14.54 75.56
CA LEU B 1571 -26.59 -13.35 76.38
C LEU B 1571 -27.87 -13.12 77.17
N PRO B 1572 -27.76 -12.54 78.37
CA PRO B 1572 -28.92 -12.39 79.26
C PRO B 1572 -29.83 -11.25 78.83
N GLU B 1573 -30.90 -11.04 79.60
CA GLU B 1573 -31.76 -9.87 79.39
C GLU B 1573 -31.00 -8.63 79.85
N PHE B 1574 -31.55 -7.46 79.58
CA PHE B 1574 -30.87 -6.20 79.90
C PHE B 1574 -31.57 -5.44 81.01
N GLU B 1575 -31.38 -5.90 82.24
CA GLU B 1575 -31.83 -5.17 83.41
C GLU B 1575 -30.73 -4.19 83.84
N ILE B 1576 -30.95 -3.53 84.96
CA ILE B 1576 -29.97 -2.58 85.51
C ILE B 1576 -29.99 -2.69 87.03
N GLN B 1577 -29.04 -2.02 87.68
CA GLN B 1577 -28.99 -1.93 89.14
C GLN B 1577 -28.46 -3.24 89.72
#